data_8IOG
#
_entry.id   8IOG
#
loop_
_entity.id
_entity.type
_entity.pdbx_description
1 polymer 'Cytochrome b'
2 polymer 'Cytochrome c1, heme protein, mitochondrial'
3 polymer 'Cytochrome b-c1 complex subunit Rieske, mitochondrial'
4 polymer 'Cytochrome b-c1 complex subunit 1, mitochondrial'
5 polymer 'Cytochrome b-c1 complex subunit 2, mitochondrial'
6 polymer 'Cytochrome b-c1 complex subunit 6'
7 polymer 'Cytochrome b-c1 complex subunit 7'
8 polymer 'Cytochrome b-c1 complex subunit 8'
9 polymer 'Complex III subunit 9'
10 polymer 'Cytochrome b-c1 complex subunit 10'
11 polymer 'Cytochrome b-c1 complex subunit Rieske, mitochondrial'
12 non-polymer 'PROTOPORPHYRIN IX CONTAINING FE'
13 non-polymer 1,2-dioleoyl-sn-glycero-3-phosphoethanolamine
14 non-polymer 'HEME C'
15 non-polymer 'FE2/S2 (INORGANIC) CLUSTER'
16 non-polymer CARDIOLIPIN
#
loop_
_entity_poly.entity_id
_entity_poly.type
_entity_poly.pdbx_seq_one_letter_code
_entity_poly.pdbx_strand_id
1 'polypeptide(L)'
;MTNIRKSHPLMKIINNAFIDLPAPSNISSWWNFGSLLGICLILQILTGLFLAMHYTSDTTTAFSSVTHICRDVNYGWVIR
YLHANGASMFFICLFIHVGRGLYYGSYMFLETWNIGVVLLFTVMATAFMGYVLPWGQMSFWGATVITNLLSAIPYIGTDL
VEWIWGGFSVDKATLTRFFAFHFILPFIITALAAVHLLFLHETGSNNPTGISSDMDKIPFHPYYTIKDILGALFMMLILL
ILVLFSPDLLGDPDNYTPANPLNTPPHIKPEWYFLFAYAILRSIPNKLGGVLALVASILILILMPMLHTSKQRSMMFRPL
SQCLFWMLVADLITLTWIGGQPVEHPFIIIGQLASILYFLIILVLMPITSIIENNLLKW
;
A,a
2 'polypeptide(L)'
;MSAAAAASLRGAVLGPRGAGLPGARARGLLCGPRPGQLPLRTPQALSLSSKSGLSRGRKVILSALGMLAAGGAGLAVALH
SAVSATDLELHAPSYPWSHRGLLSSLDHTSIRRGFQVYKQVCSSCHSMDYVAYRHLVGVCYTEEEAKALAEEVEVQDGPN
EDGEMFMRPGKLSDYFPKPYPNPEAARAANNGALPPDLSYIVRARHGGEDYVFSLLTGYCEPPTGVSLREGLYFNPYFPG
QAIAMAPPIYNEVLEFDDGTPATMSQVAKDVCTFLRWASEPEHDHRKRMGLKMLMMMGLLLPLVYAMKRHKWSVLKSRKL
AYRPPK
;
B,b
3 'polypeptide(L)'
;SHTDIRVPDFSDYRRAEVLDSTKSSKESSDARKGFSYLITATTTVGVAYAAKNAVSQFVSSMSASADVLAMSKIEIKLSD
IPEGKNMAFKWRGKPLFVRHRTKKEIDQEAAVEVSQLRDPQHDLERVKKPEWVILIGVCTHLGCVPIANAGDFGGYYCPC
HGSHYDASGRIRKGPAPLNLEVPTYEFTSDDLVIVG
;
C,c
4 'polypeptide(L)'
;MAASAVCRVAGTGSRVLLRTCRSPALLRSPALRGTATYAQALQSVPETQVSQLDNGLRVASEQSSQPTCTVGVWIDAGSR
YENEKNNGAGYFVEHLAFKGTKNRPGSALEKEVESMGAHLNAYSTREHTAYYIKALSKDLPKAVELLADIVQNCSLEDSQ
IEKERDVILQELQENDSSMRDVVFDYLHATAFQGTPLAQSVEGPSENVRKLSRADLTEYVSQHYKAPRMVLAAAGGVEHR
QLLDLAQKHFSSLSGTYVEDAVPAFTPCRFTGSEIRHRDDALPLAHVAIAVEGPGWANPDNVPLQVANAIIGHYDSTYGG
GTHMSSTLASVAATRKLCQSFQTFNICYAETGLLGAHFVCDNMSIDDMMFFLQGQWMRLCTSATESEVVRGKNILRNALV
SHLDGTTPVCEDIGRSLLTYGRRIPLAEWESRIAEVDASVVREVCSKYFYDQCPAVAGLGPIEQLPDYNRIRSGMFWLRF
;
D,d
5 'polypeptide(L)'
;MKLITRAGSFSRFYSLKVAPKALASAAPAGVPLQPQDLEFTRLPNGLVIASLENYAPASRIGLFIKAGSRYEDSNNLGTS
HLLRLASSLTTKGASSFKITRGIEAVGGKLSVTSTRESMAYTVECLRDDIEILMEFLLNVTAAPEFRRWEVAALQSQLRI
DKAVAFQNPQAQVLENLHAAAYRNALANSLYCPDYRIGKVTPDQLHYYVQNHFTSARMALIGLGVSHPVLKQVAERFLNM
RGGLGLSGAKAKYRGGEIRDQNGDSLVHAALVAESAATGSAEANAFSVLQHVLGAGPHVKRGSNATSSLYQAVAKGVHQP
FDVSAFNASYSDSGLFGIYTISQAASAGDVIKSAYDQVKAIAQGNLSNTDVQAAKNKLKAGYLMSVESSEGFLDEVGSQA
LVAGSYMQPSTVLQQIDSVADADVINAAKKFVSGRKSMAASGNLGHTPFVDEL
;
E,e
6 'polypeptide(L)'
;MGLEDEQRMLTGSGDPKEEEEEEEELVDPLTTVREQCEQIEKCIKARERLELCDQRVSSRSQTEEDCTEELFDFLHARDH
CVAHKLFNSLK
;
F,f
7 'polypeptide(L)'
;MASRPAVAASSKWLEGIRKWYYNAAGFNKLGLMRDDTIYEDDDVKEAIRRLPENLYNDRVFRIKRALDLTMRQQILPKEQ
WTKYEEDKFYLEPYLKEVIRERKEREEWAKK
;
G,g
8 'polypeptide(L)'
;MGREFGHLTRMRHVITYSLSPFEQRAFPHYFTKGIPNVLRRTRACILRVAPPFVVFYLVYTWGTQEFEKSKRKNPAAYEN
DK
;
H,h
9 'polypeptide(L)' MAAPTLTARLYSLLFRRTSTFALTIAVGALFFERAFDQGADAIYEHINQGKLWKHIKHKYENKE I,i
10 'polypeptide(L)' MLSRFLGPRYRELARNWIPTASMWGAVGAVGLVWATDWRLILDWVPYINGKFKKED J,j
11 'polypeptide(L)' MLSVASRSGPFAPVLSATSRGVAGALRPLVQAALPATSESPVLDAKRSFLCRESLSGQAAGRPLVASVGLNVPASVRY K,k
#
# COMPACT_ATOMS: atom_id res chain seq x y z
N THR A 2 18.86 -8.00 -3.26
CA THR A 2 18.52 -6.99 -2.28
C THR A 2 17.88 -7.60 -1.05
N ASN A 3 17.21 -6.78 -0.26
CA ASN A 3 16.46 -7.31 0.88
C ASN A 3 15.16 -7.93 0.39
N ILE A 4 15.02 -9.23 0.62
CA ILE A 4 13.90 -10.01 0.09
C ILE A 4 12.53 -9.60 0.64
N ARG A 5 12.45 -9.35 1.95
CA ARG A 5 11.18 -9.02 2.57
C ARG A 5 10.61 -7.70 2.05
N LYS A 6 11.49 -6.73 1.87
CA LYS A 6 11.09 -5.40 1.40
C LYS A 6 10.52 -5.40 -0.01
N SER A 7 11.12 -6.20 -0.90
CA SER A 7 10.82 -6.10 -2.31
C SER A 7 9.84 -7.14 -2.82
N HIS A 8 9.68 -8.27 -2.14
CA HIS A 8 8.67 -9.24 -2.51
C HIS A 8 7.29 -8.63 -2.35
N PRO A 9 6.35 -8.90 -3.25
CA PRO A 9 5.02 -8.29 -3.14
C PRO A 9 4.15 -8.84 -2.04
N LEU A 10 4.48 -9.99 -1.48
CA LEU A 10 3.64 -10.62 -0.45
C LEU A 10 4.26 -10.50 0.94
N MET A 11 5.56 -10.76 1.07
CA MET A 11 6.23 -10.58 2.36
C MET A 11 6.22 -9.13 2.78
N LYS A 12 6.10 -8.22 1.83
CA LYS A 12 6.08 -6.79 2.09
C LYS A 12 4.92 -6.40 3.01
N ILE A 13 3.89 -7.23 3.06
CA ILE A 13 2.71 -6.93 3.86
C ILE A 13 2.82 -7.41 5.29
N ILE A 14 3.45 -8.56 5.56
CA ILE A 14 3.58 -9.01 6.93
C ILE A 14 4.72 -8.30 7.65
N ASN A 15 5.64 -7.71 6.90
CA ASN A 15 6.77 -7.00 7.45
C ASN A 15 6.37 -5.66 8.05
N ASN A 16 5.38 -4.99 7.47
CA ASN A 16 4.87 -3.73 7.99
C ASN A 16 3.84 -3.92 9.08
N ALA A 17 3.32 -5.12 9.26
CA ALA A 17 2.23 -5.36 10.21
C ALA A 17 2.70 -5.80 11.59
N PHE A 18 3.57 -6.81 11.71
CA PHE A 18 4.05 -7.17 13.03
C PHE A 18 5.54 -7.39 13.16
N ILE A 19 6.33 -7.53 12.09
CA ILE A 19 7.76 -7.61 12.30
C ILE A 19 8.33 -6.22 12.63
N ASP A 20 7.96 -5.22 11.86
CA ASP A 20 8.61 -3.92 11.93
C ASP A 20 7.57 -2.81 11.95
N LEU A 21 7.07 -2.50 13.14
CA LEU A 21 6.30 -1.27 13.31
C LEU A 21 6.73 -0.65 14.64
N PRO A 22 6.69 0.67 14.73
CA PRO A 22 7.02 1.29 16.01
C PRO A 22 6.04 0.88 17.10
N ALA A 23 6.57 0.62 18.29
CA ALA A 23 5.77 0.28 19.44
C ALA A 23 6.35 1.00 20.65
N PRO A 24 5.50 1.36 21.60
CA PRO A 24 5.90 2.09 22.82
C PRO A 24 6.71 1.24 23.83
N SER A 25 7.49 1.89 24.69
CA SER A 25 8.39 1.19 25.60
C SER A 25 7.72 0.66 26.85
N ASN A 26 6.79 1.40 27.40
CA ASN A 26 6.21 1.06 28.59
C ASN A 26 4.87 0.28 28.61
N ILE A 27 4.45 -0.34 27.53
CA ILE A 27 3.27 -1.17 27.42
C ILE A 27 3.35 -2.23 28.52
N SER A 28 2.31 -2.45 29.35
CA SER A 28 2.13 -3.32 30.55
C SER A 28 1.67 -4.66 30.11
N SER A 29 1.16 -5.53 30.99
CA SER A 29 0.57 -6.81 30.64
C SER A 29 -0.94 -6.76 30.45
N TRP A 30 -1.57 -5.64 30.79
CA TRP A 30 -2.99 -5.45 30.48
C TRP A 30 -3.25 -5.31 28.99
N TRP A 31 -2.21 -5.01 28.20
CA TRP A 31 -2.21 -5.05 26.75
C TRP A 31 -1.95 -6.42 26.16
N ASN A 32 -2.03 -7.49 26.95
CA ASN A 32 -1.86 -8.82 26.39
C ASN A 32 -3.18 -9.50 26.03
N PHE A 33 -4.32 -9.01 26.51
CA PHE A 33 -5.61 -9.61 26.27
C PHE A 33 -6.21 -9.58 24.90
N GLY A 34 -5.79 -8.71 24.03
CA GLY A 34 -6.27 -8.68 22.70
C GLY A 34 -5.79 -9.83 21.94
N SER A 35 -4.54 -10.16 22.00
CA SER A 35 -4.04 -11.40 21.45
C SER A 35 -4.55 -12.75 22.08
N LEU A 36 -4.85 -12.75 23.36
CA LEU A 36 -5.52 -13.85 23.98
C LEU A 36 -6.83 -13.97 23.31
N LEU A 37 -7.69 -12.94 23.24
CA LEU A 37 -8.94 -13.09 22.49
C LEU A 37 -8.69 -13.65 21.11
N GLY A 38 -7.61 -13.24 20.46
CA GLY A 38 -7.32 -13.75 19.14
C GLY A 38 -7.11 -15.25 19.20
N ILE A 39 -6.38 -15.70 20.21
CA ILE A 39 -6.21 -17.12 20.46
C ILE A 39 -7.53 -17.79 20.85
N CYS A 40 -8.31 -17.10 21.68
CA CYS A 40 -9.56 -17.64 22.19
C CYS A 40 -10.60 -17.90 21.09
N LEU A 41 -10.70 -16.96 20.16
CA LEU A 41 -11.66 -17.09 19.06
C LEU A 41 -11.33 -18.30 18.21
N ILE A 42 -10.04 -18.52 17.98
CA ILE A 42 -9.53 -19.66 17.13
C ILE A 42 -9.70 -21.12 17.58
N LEU A 43 -9.85 -21.41 18.86
CA LEU A 43 -10.10 -22.72 19.37
C LEU A 43 -11.48 -23.08 18.97
N GLN A 44 -12.44 -22.20 19.20
CA GLN A 44 -13.88 -22.40 19.14
C GLN A 44 -14.37 -22.79 17.76
N ILE A 45 -13.58 -22.56 16.72
CA ILE A 45 -13.99 -22.96 15.37
C ILE A 45 -13.46 -24.34 15.02
N LEU A 46 -12.29 -24.71 15.55
CA LEU A 46 -11.78 -26.05 15.34
C LEU A 46 -12.49 -27.07 16.24
N THR A 47 -12.90 -26.69 17.43
CA THR A 47 -13.67 -27.57 18.23
C THR A 47 -14.99 -27.81 17.58
N GLY A 48 -15.65 -26.74 17.22
CA GLY A 48 -17.04 -26.70 16.84
C GLY A 48 -17.24 -27.34 15.52
N LEU A 49 -16.18 -27.65 14.84
CA LEU A 49 -16.22 -28.49 13.68
C LEU A 49 -16.59 -29.93 13.96
N PHE A 50 -15.98 -30.58 14.92
CA PHE A 50 -16.37 -31.97 15.14
C PHE A 50 -17.72 -32.09 15.83
N LEU A 51 -18.23 -31.02 16.43
CA LEU A 51 -19.50 -31.10 17.14
C LEU A 51 -20.69 -30.98 16.21
N ALA A 52 -20.46 -30.81 14.91
CA ALA A 52 -21.49 -30.91 13.89
C ALA A 52 -21.21 -32.04 12.91
N MET A 53 -19.95 -32.43 12.77
CA MET A 53 -19.58 -33.51 11.88
C MET A 53 -20.19 -34.83 12.34
N HIS A 54 -20.10 -35.09 13.64
CA HIS A 54 -20.74 -36.25 14.24
C HIS A 54 -22.12 -35.87 14.74
N TYR A 55 -22.39 -34.56 14.75
CA TYR A 55 -23.67 -34.04 15.22
C TYR A 55 -24.80 -34.42 14.28
N THR A 56 -25.96 -34.71 14.86
CA THR A 56 -27.14 -35.02 14.07
C THR A 56 -28.21 -33.97 14.34
N SER A 57 -28.74 -33.38 13.27
CA SER A 57 -29.78 -32.36 13.41
C SER A 57 -31.14 -33.02 13.21
N ASP A 58 -31.75 -33.43 14.32
CA ASP A 58 -33.11 -33.97 14.34
C ASP A 58 -33.79 -33.66 15.68
N THR A 59 -35.09 -33.43 15.65
CA THR A 59 -35.83 -33.15 16.88
C THR A 59 -35.91 -34.30 17.89
N THR A 60 -36.17 -35.50 17.40
CA THR A 60 -36.36 -36.68 18.26
C THR A 60 -35.12 -37.09 19.06
N THR A 61 -33.95 -36.91 18.45
CA THR A 61 -32.68 -37.29 19.06
C THR A 61 -31.95 -36.15 19.80
N ALA A 62 -32.63 -35.03 20.00
CA ALA A 62 -31.97 -33.80 20.46
C ALA A 62 -31.24 -33.87 21.81
N PHE A 63 -31.92 -34.41 22.82
CA PHE A 63 -31.31 -34.76 24.10
C PHE A 63 -30.30 -35.90 24.00
N SER A 64 -30.62 -36.90 23.19
CA SER A 64 -29.89 -38.16 23.16
C SER A 64 -28.62 -38.05 22.34
N SER A 65 -28.56 -37.09 21.42
CA SER A 65 -27.34 -36.92 20.63
C SER A 65 -26.20 -36.43 21.49
N VAL A 66 -26.51 -35.63 22.51
CA VAL A 66 -25.46 -35.09 23.37
C VAL A 66 -24.89 -36.18 24.27
N THR A 67 -25.76 -36.85 25.05
CA THR A 67 -25.28 -37.89 25.96
C THR A 67 -24.62 -39.02 25.19
N HIS A 68 -25.06 -39.25 23.95
CA HIS A 68 -24.41 -40.26 23.12
C HIS A 68 -22.94 -39.94 22.88
N ILE A 69 -22.66 -38.72 22.43
CA ILE A 69 -21.34 -38.40 21.89
C ILE A 69 -20.31 -38.41 23.00
N CYS A 70 -20.76 -38.27 24.24
CA CYS A 70 -19.84 -38.22 25.37
C CYS A 70 -19.04 -39.50 25.62
N ARG A 71 -19.70 -40.65 25.53
CA ARG A 71 -19.04 -41.92 25.82
C ARG A 71 -18.62 -42.76 24.62
N ASP A 72 -19.52 -42.90 23.65
CA ASP A 72 -19.31 -43.78 22.51
C ASP A 72 -18.14 -43.36 21.62
N VAL A 73 -18.01 -42.06 21.40
CA VAL A 73 -17.05 -41.51 20.47
C VAL A 73 -15.66 -41.50 21.09
N ASN A 74 -14.67 -42.01 20.36
CA ASN A 74 -13.30 -41.91 20.81
C ASN A 74 -12.92 -40.45 21.05
N TYR A 75 -12.35 -40.17 22.22
CA TYR A 75 -11.86 -38.83 22.54
C TYR A 75 -12.97 -37.79 22.44
N GLY A 76 -14.18 -38.17 22.80
CA GLY A 76 -15.29 -37.25 22.70
C GLY A 76 -15.57 -36.57 24.02
N TRP A 77 -15.27 -37.26 25.10
CA TRP A 77 -15.42 -36.67 26.43
C TRP A 77 -14.45 -35.52 26.66
N VAL A 78 -13.30 -35.54 25.99
CA VAL A 78 -12.36 -34.43 26.09
C VAL A 78 -12.89 -33.21 25.36
N ILE A 79 -13.34 -33.41 24.12
CA ILE A 79 -13.59 -32.31 23.21
C ILE A 79 -14.91 -31.61 23.52
N ARG A 80 -15.84 -32.33 24.16
CA ARG A 80 -17.13 -31.70 24.46
C ARG A 80 -16.99 -30.65 25.53
N TYR A 81 -16.23 -30.93 26.58
CA TYR A 81 -16.06 -29.97 27.68
C TYR A 81 -15.09 -28.86 27.32
N LEU A 82 -14.41 -28.96 26.18
CA LEU A 82 -13.64 -27.83 25.68
C LEU A 82 -14.56 -26.75 25.11
N HIS A 83 -15.61 -27.17 24.40
CA HIS A 83 -16.51 -26.19 23.78
C HIS A 83 -17.27 -25.42 24.84
N ALA A 84 -17.55 -26.03 25.98
CA ALA A 84 -18.35 -25.37 26.99
C ALA A 84 -17.50 -24.58 27.98
N ASN A 85 -16.22 -24.93 28.12
CA ASN A 85 -15.32 -24.27 29.06
C ASN A 85 -14.42 -23.24 28.38
N GLY A 86 -14.08 -23.46 27.12
CA GLY A 86 -13.41 -22.49 26.29
C GLY A 86 -14.29 -21.35 25.84
N ALA A 87 -15.57 -21.36 26.22
CA ALA A 87 -16.49 -20.28 25.97
C ALA A 87 -16.85 -19.49 27.22
N SER A 88 -16.47 -19.98 28.39
CA SER A 88 -16.47 -19.17 29.59
C SER A 88 -15.14 -18.46 29.81
N MET A 89 -14.06 -18.98 29.22
CA MET A 89 -12.82 -18.24 29.09
C MET A 89 -13.01 -17.02 28.19
N PHE A 90 -13.62 -17.23 27.03
CA PHE A 90 -13.76 -16.19 26.02
C PHE A 90 -14.44 -14.95 26.57
N PHE A 91 -15.29 -15.11 27.58
CA PHE A 91 -16.05 -14.02 28.19
C PHE A 91 -15.38 -13.42 29.41
N ILE A 92 -14.20 -13.89 29.79
CA ILE A 92 -13.44 -13.26 30.86
C ILE A 92 -12.21 -12.54 30.34
N CYS A 93 -11.78 -12.84 29.13
CA CYS A 93 -10.83 -12.01 28.40
C CYS A 93 -11.51 -10.88 27.64
N LEU A 94 -12.83 -10.78 27.69
CA LEU A 94 -13.58 -9.74 26.99
C LEU A 94 -14.12 -8.67 27.91
N PHE A 95 -14.37 -8.96 29.18
CA PHE A 95 -14.68 -7.92 30.14
C PHE A 95 -13.44 -7.27 30.72
N ILE A 96 -12.27 -7.88 30.49
CA ILE A 96 -11.01 -7.32 30.91
C ILE A 96 -10.48 -6.35 29.86
N HIS A 97 -10.64 -6.72 28.59
CA HIS A 97 -10.25 -5.91 27.45
C HIS A 97 -11.06 -4.62 27.39
N VAL A 98 -12.38 -4.71 27.56
CA VAL A 98 -13.26 -3.56 27.41
C VAL A 98 -13.11 -2.59 28.57
N GLY A 99 -12.89 -3.14 29.76
CA GLY A 99 -12.63 -2.35 30.95
C GLY A 99 -11.34 -1.54 30.86
N ARG A 100 -10.30 -2.17 30.32
CA ARG A 100 -8.97 -1.57 30.27
C ARG A 100 -8.92 -0.31 29.41
N GLY A 101 -9.62 -0.32 28.28
CA GLY A 101 -9.62 0.81 27.37
C GLY A 101 -10.18 2.07 28.00
N LEU A 102 -11.26 1.91 28.77
CA LEU A 102 -11.92 3.04 29.41
C LEU A 102 -11.00 3.74 30.42
N TYR A 103 -10.24 2.96 31.17
CA TYR A 103 -9.40 3.50 32.23
C TYR A 103 -8.31 4.42 31.67
N TYR A 104 -7.71 4.02 30.56
CA TYR A 104 -6.60 4.74 29.95
C TYR A 104 -7.05 5.64 28.81
N GLY A 105 -8.34 5.91 28.70
CA GLY A 105 -8.86 6.83 27.70
C GLY A 105 -8.73 6.39 26.26
N SER A 106 -8.92 5.11 25.98
CA SER A 106 -8.66 4.57 24.65
C SER A 106 -9.81 4.73 23.68
N TYR A 107 -10.90 5.39 24.04
CA TYR A 107 -12.05 5.53 23.16
C TYR A 107 -11.99 6.77 22.28
N MET A 108 -10.91 7.54 22.35
CA MET A 108 -10.67 8.66 21.44
C MET A 108 -10.17 8.20 20.08
N PHE A 109 -10.25 6.91 19.82
CA PHE A 109 -10.15 6.44 18.45
C PHE A 109 -11.59 6.27 17.99
N LEU A 110 -12.09 7.21 17.20
CA LEU A 110 -13.48 7.20 16.77
C LEU A 110 -13.78 5.99 15.91
N GLU A 111 -12.84 5.67 15.03
CA GLU A 111 -13.01 4.57 14.10
C GLU A 111 -13.12 3.20 14.75
N THR A 112 -12.34 2.96 15.79
CA THR A 112 -12.18 1.59 16.29
C THR A 112 -13.00 1.32 17.53
N TRP A 113 -13.31 2.32 18.33
CA TRP A 113 -14.22 2.14 19.45
C TRP A 113 -15.66 2.00 19.01
N ASN A 114 -15.98 2.30 17.75
CA ASN A 114 -17.32 2.10 17.22
C ASN A 114 -17.48 0.82 16.44
N ILE A 115 -16.41 0.29 15.85
CA ILE A 115 -16.46 -1.03 15.25
C ILE A 115 -16.42 -2.12 16.30
N GLY A 116 -16.09 -1.76 17.53
CA GLY A 116 -15.99 -2.74 18.58
C GLY A 116 -17.29 -3.00 19.31
N VAL A 117 -18.13 -1.96 19.45
CA VAL A 117 -19.44 -2.13 20.06
C VAL A 117 -20.38 -2.95 19.18
N VAL A 118 -20.09 -3.07 17.89
CA VAL A 118 -20.85 -3.97 17.05
C VAL A 118 -20.44 -5.42 17.27
N LEU A 119 -19.13 -5.66 17.48
CA LEU A 119 -18.65 -6.99 17.84
C LEU A 119 -19.18 -7.48 19.18
N LEU A 120 -19.62 -6.57 20.06
CA LEU A 120 -20.10 -7.00 21.36
C LEU A 120 -21.51 -7.55 21.32
N PHE A 121 -22.36 -7.03 20.43
CA PHE A 121 -23.68 -7.62 20.23
C PHE A 121 -23.59 -8.95 19.50
N THR A 122 -22.63 -9.09 18.60
CA THR A 122 -22.63 -10.27 17.73
C THR A 122 -22.27 -11.54 18.49
N VAL A 123 -21.43 -11.45 19.51
CA VAL A 123 -21.01 -12.64 20.24
C VAL A 123 -21.95 -12.98 21.40
N MET A 124 -22.78 -12.03 21.80
CA MET A 124 -23.83 -12.30 22.76
C MET A 124 -24.86 -13.25 22.16
N ALA A 125 -25.20 -13.00 20.89
CA ALA A 125 -26.18 -13.80 20.17
C ALA A 125 -25.75 -15.25 19.95
N THR A 126 -24.49 -15.44 19.58
CA THR A 126 -23.98 -16.77 19.29
C THR A 126 -24.04 -17.65 20.53
N ALA A 127 -23.68 -17.07 21.67
CA ALA A 127 -23.72 -17.79 22.94
C ALA A 127 -25.14 -18.20 23.32
N PHE A 128 -26.10 -17.33 23.06
CA PHE A 128 -27.48 -17.54 23.53
C PHE A 128 -28.23 -18.52 22.65
N MET A 129 -27.89 -18.69 21.38
CA MET A 129 -28.37 -19.92 20.68
C MET A 129 -27.82 -21.29 21.24
N GLY A 130 -26.53 -21.27 21.57
CA GLY A 130 -25.80 -22.47 21.95
C GLY A 130 -26.33 -23.16 23.18
N TYR A 131 -26.73 -22.36 24.18
CA TYR A 131 -27.34 -22.90 25.38
C TYR A 131 -28.61 -23.61 24.93
N VAL A 132 -29.28 -23.12 23.91
CA VAL A 132 -30.56 -23.69 23.48
C VAL A 132 -30.45 -24.87 22.53
N LEU A 133 -29.26 -25.27 22.12
CA LEU A 133 -29.19 -26.59 21.41
C LEU A 133 -29.35 -27.99 22.13
N PRO A 134 -28.71 -28.20 23.28
CA PRO A 134 -28.75 -29.41 24.13
C PRO A 134 -30.16 -29.84 24.50
N TRP A 135 -31.06 -28.87 24.64
CA TRP A 135 -32.51 -29.04 24.65
C TRP A 135 -33.07 -29.34 26.03
N GLY A 136 -32.22 -29.68 27.00
CA GLY A 136 -32.77 -30.31 28.19
C GLY A 136 -33.18 -29.43 29.34
N GLN A 137 -34.46 -29.08 29.39
CA GLN A 137 -35.17 -28.65 30.59
C GLN A 137 -34.58 -27.45 31.32
N MET A 138 -33.52 -26.93 30.66
CA MET A 138 -33.14 -25.50 30.68
C MET A 138 -32.98 -24.79 29.29
N SER A 139 -32.55 -25.52 28.27
CA SER A 139 -32.51 -24.92 26.95
C SER A 139 -33.92 -24.53 26.51
N PHE A 140 -34.89 -25.40 26.76
CA PHE A 140 -36.30 -25.12 26.46
C PHE A 140 -36.90 -23.98 27.27
N TRP A 141 -36.57 -23.94 28.57
CA TRP A 141 -37.09 -22.93 29.51
C TRP A 141 -36.40 -21.59 29.76
N GLY A 142 -35.31 -21.33 29.03
CA GLY A 142 -34.84 -20.04 28.56
C GLY A 142 -35.57 -19.66 27.28
N ALA A 143 -35.67 -20.59 26.35
CA ALA A 143 -36.14 -20.25 25.01
C ALA A 143 -37.55 -19.65 25.03
N THR A 144 -38.42 -20.19 25.87
CA THR A 144 -39.77 -19.67 26.00
C THR A 144 -39.80 -18.22 26.54
N VAL A 145 -38.93 -17.94 27.50
CA VAL A 145 -38.94 -16.65 28.20
C VAL A 145 -38.67 -15.42 27.34
N ILE A 146 -37.52 -15.47 26.66
CA ILE A 146 -37.09 -14.45 25.70
C ILE A 146 -37.89 -14.41 24.41
N THR A 147 -38.17 -15.60 23.87
CA THR A 147 -38.85 -15.71 22.57
C THR A 147 -40.22 -15.10 22.68
N ASN A 148 -40.87 -15.37 23.82
CA ASN A 148 -42.18 -14.83 24.10
C ASN A 148 -42.15 -13.31 24.21
N LEU A 149 -41.09 -12.78 24.81
CA LEU A 149 -41.11 -11.36 25.19
C LEU A 149 -40.83 -10.45 24.00
N LEU A 150 -40.18 -10.96 22.96
CA LEU A 150 -40.11 -10.12 21.77
C LEU A 150 -41.42 -10.10 20.99
N SER A 151 -42.48 -10.63 21.59
CA SER A 151 -43.83 -10.49 21.08
C SER A 151 -44.55 -9.26 21.62
N ALA A 152 -43.86 -8.45 22.41
CA ALA A 152 -44.40 -7.18 22.89
C ALA A 152 -43.85 -5.98 22.11
N ILE A 153 -43.33 -6.22 20.90
CA ILE A 153 -43.01 -5.12 19.98
C ILE A 153 -44.31 -4.42 19.61
N PRO A 154 -44.33 -3.10 19.44
CA PRO A 154 -45.62 -2.41 19.24
C PRO A 154 -46.45 -2.91 18.07
N TYR A 155 -45.84 -3.19 16.90
CA TYR A 155 -46.61 -3.54 15.72
C TYR A 155 -46.14 -4.79 14.98
N ILE A 156 -45.00 -5.37 15.34
CA ILE A 156 -44.45 -6.49 14.58
C ILE A 156 -44.23 -7.75 15.42
N GLY A 157 -44.28 -7.66 16.75
CA GLY A 157 -43.87 -8.77 17.59
C GLY A 157 -44.62 -10.07 17.34
N THR A 158 -45.90 -9.97 16.97
CA THR A 158 -46.68 -11.17 16.74
C THR A 158 -46.16 -11.95 15.54
N ASP A 159 -45.67 -11.25 14.51
CA ASP A 159 -45.29 -11.87 13.25
C ASP A 159 -43.94 -12.56 13.32
N LEU A 160 -43.13 -12.28 14.34
CA LEU A 160 -41.75 -12.75 14.39
C LEU A 160 -41.59 -14.09 15.09
N VAL A 161 -42.43 -14.39 16.09
CA VAL A 161 -42.26 -15.63 16.83
C VAL A 161 -42.69 -16.83 16.01
N GLU A 162 -43.47 -16.61 14.96
CA GLU A 162 -43.84 -17.72 14.09
C GLU A 162 -42.78 -18.05 13.06
N TRP A 163 -42.00 -17.06 12.62
CA TRP A 163 -40.94 -17.31 11.65
C TRP A 163 -39.76 -18.04 12.25
N ILE A 164 -39.30 -17.63 13.43
CA ILE A 164 -38.10 -18.23 14.02
C ILE A 164 -38.40 -19.65 14.49
N TRP A 165 -39.62 -19.85 14.97
CA TRP A 165 -40.11 -21.18 15.28
C TRP A 165 -40.13 -22.01 14.00
N GLY A 166 -40.47 -21.35 12.89
CA GLY A 166 -40.65 -22.04 11.63
C GLY A 166 -41.79 -23.02 11.78
N GLY A 167 -42.74 -22.61 12.62
CA GLY A 167 -43.87 -23.42 13.00
C GLY A 167 -44.61 -22.66 14.08
N PHE A 168 -45.56 -23.31 14.72
CA PHE A 168 -46.28 -22.68 15.82
C PHE A 168 -45.29 -22.33 16.94
N SER A 169 -44.34 -23.23 17.17
CA SER A 169 -43.38 -23.08 18.26
C SER A 169 -42.21 -24.03 18.00
N VAL A 170 -41.43 -24.27 19.06
CA VAL A 170 -40.24 -25.07 18.94
C VAL A 170 -40.69 -26.41 18.40
N ASP A 171 -39.94 -26.88 17.42
CA ASP A 171 -40.36 -27.96 16.55
C ASP A 171 -39.11 -28.59 15.96
N LYS A 172 -39.30 -29.57 15.10
CA LYS A 172 -38.18 -30.24 14.48
C LYS A 172 -37.36 -29.20 13.74
N ALA A 173 -38.02 -28.23 13.11
CA ALA A 173 -37.29 -27.25 12.32
C ALA A 173 -36.27 -26.47 13.15
N THR A 174 -36.41 -26.54 14.47
CA THR A 174 -35.62 -25.73 15.39
C THR A 174 -34.13 -26.03 15.27
N LEU A 175 -33.79 -27.31 15.13
CA LEU A 175 -32.41 -27.70 14.94
C LEU A 175 -31.90 -27.09 13.65
N THR A 176 -32.77 -27.08 12.64
CA THR A 176 -32.42 -26.56 11.33
C THR A 176 -32.07 -25.08 11.32
N ARG A 177 -32.81 -24.27 12.09
CA ARG A 177 -32.56 -22.83 12.07
C ARG A 177 -31.51 -22.39 13.08
N PHE A 178 -31.67 -22.81 14.33
CA PHE A 178 -30.79 -22.35 15.40
C PHE A 178 -29.36 -22.77 15.09
N PHE A 179 -29.20 -23.99 14.58
CA PHE A 179 -27.91 -24.44 14.11
C PHE A 179 -27.49 -23.56 12.93
N ALA A 180 -28.46 -23.22 12.09
CA ALA A 180 -28.22 -22.41 10.90
C ALA A 180 -27.71 -21.01 11.22
N PHE A 181 -28.27 -20.37 12.24
CA PHE A 181 -27.83 -19.04 12.61
C PHE A 181 -26.69 -19.07 13.62
N HIS A 182 -26.63 -20.09 14.48
CA HIS A 182 -25.50 -20.23 15.39
C HIS A 182 -24.26 -20.73 14.67
N PHE A 183 -24.43 -21.37 13.52
CA PHE A 183 -23.30 -21.76 12.68
C PHE A 183 -22.70 -20.57 11.95
N ILE A 184 -23.55 -19.70 11.43
CA ILE A 184 -23.17 -18.54 10.61
C ILE A 184 -22.37 -17.46 11.32
N LEU A 185 -22.69 -17.22 12.59
CA LEU A 185 -22.23 -16.04 13.32
C LEU A 185 -20.71 -15.92 13.44
N PRO A 186 -20.01 -17.13 13.62
CA PRO A 186 -18.56 -16.93 13.84
C PRO A 186 -17.84 -16.26 12.66
N PHE A 187 -18.24 -16.57 11.46
CA PHE A 187 -17.57 -16.13 10.24
C PHE A 187 -17.76 -14.68 9.80
N ILE A 188 -18.71 -13.97 10.36
CA ILE A 188 -18.86 -12.53 10.25
C ILE A 188 -17.98 -11.81 11.27
N ILE A 189 -17.54 -12.55 12.30
CA ILE A 189 -16.73 -11.95 13.37
C ILE A 189 -15.25 -12.00 13.01
N THR A 190 -14.84 -12.95 12.18
CA THR A 190 -13.46 -12.91 11.69
C THR A 190 -13.31 -11.99 10.50
N ALA A 191 -14.33 -11.20 10.18
CA ALA A 191 -14.24 -10.19 9.13
C ALA A 191 -14.23 -8.79 9.72
N LEU A 192 -15.01 -8.56 10.77
CA LEU A 192 -14.99 -7.27 11.44
C LEU A 192 -13.80 -7.15 12.38
N ALA A 193 -12.85 -8.08 12.29
CA ALA A 193 -11.65 -7.99 13.11
C ALA A 193 -10.44 -7.58 12.29
N ALA A 194 -10.43 -7.88 11.00
CA ALA A 194 -9.40 -7.35 10.11
C ALA A 194 -9.71 -5.91 9.73
N VAL A 195 -10.90 -5.43 10.07
CA VAL A 195 -11.26 -4.03 9.83
C VAL A 195 -11.09 -3.23 11.11
N HIS A 196 -11.34 -3.85 12.25
CA HIS A 196 -11.08 -3.23 13.54
C HIS A 196 -9.59 -2.94 13.74
N LEU A 197 -8.71 -3.70 13.09
CA LEU A 197 -7.27 -3.52 13.19
C LEU A 197 -6.67 -2.69 12.08
N LEU A 198 -7.35 -2.55 10.95
CA LEU A 198 -6.88 -1.71 9.86
C LEU A 198 -7.06 -0.23 10.14
N PHE A 199 -7.95 0.13 11.04
CA PHE A 199 -8.11 1.52 11.46
C PHE A 199 -7.17 1.88 12.59
N LEU A 200 -6.41 0.93 13.11
CA LEU A 200 -5.47 1.20 14.19
C LEU A 200 -4.03 1.25 13.72
N HIS A 201 -3.73 0.66 12.59
CA HIS A 201 -2.39 0.69 12.01
C HIS A 201 -2.04 2.05 11.46
N GLU A 202 -2.89 3.05 11.65
CA GLU A 202 -2.63 4.40 11.20
C GLU A 202 -2.44 5.40 12.33
N THR A 203 -2.46 4.95 13.58
CA THR A 203 -2.14 5.82 14.69
C THR A 203 -1.19 5.13 15.67
N GLY A 204 -1.23 3.81 15.72
CA GLY A 204 -0.47 3.06 16.69
C GLY A 204 -1.14 2.98 18.04
N SER A 205 -0.45 2.35 18.97
CA SER A 205 -0.99 2.08 20.30
C SER A 205 -0.95 3.32 21.18
N ASN A 206 -1.68 3.22 22.29
CA ASN A 206 -1.67 4.14 23.40
C ASN A 206 -0.72 3.57 24.46
N ASN A 207 -0.59 4.22 25.60
CA ASN A 207 0.30 3.74 26.64
C ASN A 207 -0.19 4.26 27.98
N PRO A 208 0.18 3.61 29.08
CA PRO A 208 -0.46 3.94 30.36
C PRO A 208 0.04 5.21 30.98
N THR A 209 0.17 6.30 30.21
CA THR A 209 0.67 7.55 30.77
C THR A 209 -0.26 8.66 30.29
N GLY A 210 -0.84 8.45 29.11
CA GLY A 210 -1.57 9.47 28.41
C GLY A 210 -0.77 10.21 27.36
N ILE A 211 0.44 10.67 27.72
CA ILE A 211 1.21 11.51 26.82
C ILE A 211 1.64 10.72 25.61
N SER A 212 2.04 11.44 24.57
CA SER A 212 2.31 10.84 23.27
C SER A 212 3.81 10.73 23.07
N SER A 213 4.25 9.55 22.61
CA SER A 213 5.65 9.13 22.73
C SER A 213 6.17 8.72 21.37
N ASP A 214 6.69 9.67 20.61
CA ASP A 214 7.34 9.37 19.34
C ASP A 214 8.85 9.41 19.43
N MET A 215 9.40 9.84 20.58
CA MET A 215 10.83 9.97 20.76
C MET A 215 11.51 8.69 21.22
N ASP A 216 10.78 7.68 21.72
CA ASP A 216 11.34 6.33 21.85
C ASP A 216 10.29 5.29 21.50
N LYS A 217 10.31 4.86 20.24
CA LYS A 217 9.65 3.67 19.80
C LYS A 217 10.65 2.52 19.80
N ILE A 218 10.17 1.31 19.54
CA ILE A 218 10.97 0.08 19.58
C ILE A 218 10.35 -0.84 18.53
N PRO A 219 11.09 -1.68 17.83
CA PRO A 219 10.42 -2.61 16.90
C PRO A 219 9.46 -3.53 17.63
N PHE A 220 8.75 -4.33 16.86
CA PHE A 220 7.86 -5.35 17.40
C PHE A 220 8.52 -6.72 17.40
N HIS A 221 9.83 -6.79 17.21
CA HIS A 221 10.52 -8.07 17.20
C HIS A 221 11.99 -7.85 17.50
N PRO A 222 12.62 -8.65 18.35
CA PRO A 222 11.88 -9.50 19.27
C PRO A 222 11.67 -8.80 20.60
N TYR A 223 10.52 -8.24 20.85
CA TYR A 223 10.27 -7.73 22.20
C TYR A 223 8.85 -8.00 22.68
N TYR A 224 7.88 -8.06 21.80
CA TYR A 224 6.50 -8.34 22.14
C TYR A 224 6.00 -9.58 21.43
N THR A 225 6.86 -10.29 20.71
CA THR A 225 6.53 -11.60 20.18
C THR A 225 7.10 -12.72 21.04
N ILE A 226 7.81 -12.38 22.12
CA ILE A 226 8.19 -13.35 23.13
C ILE A 226 7.58 -13.04 24.48
N LYS A 227 6.85 -11.96 24.62
CA LYS A 227 6.04 -11.63 25.79
C LYS A 227 4.60 -12.07 25.60
N ASP A 228 4.24 -12.18 24.33
CA ASP A 228 2.96 -12.65 23.88
C ASP A 228 2.84 -14.17 23.95
N ILE A 229 3.88 -14.92 23.61
CA ILE A 229 4.00 -16.37 23.90
C ILE A 229 3.96 -16.84 25.36
N LEU A 230 4.81 -16.33 26.22
CA LEU A 230 4.67 -16.48 27.63
C LEU A 230 3.24 -16.25 28.03
N GLY A 231 2.59 -15.11 27.66
CA GLY A 231 1.17 -14.97 28.01
C GLY A 231 0.26 -16.12 27.62
N ALA A 232 0.22 -16.48 26.35
CA ALA A 232 -0.63 -17.60 25.91
C ALA A 232 -0.38 -18.95 26.56
N LEU A 233 0.85 -19.28 26.93
CA LEU A 233 1.12 -20.52 27.65
C LEU A 233 0.57 -20.50 29.03
N PHE A 234 0.78 -19.43 29.74
CA PHE A 234 0.19 -19.31 31.04
C PHE A 234 -1.33 -19.58 30.94
N MET A 235 -1.93 -19.16 29.83
CA MET A 235 -3.37 -19.47 29.64
C MET A 235 -3.80 -20.88 29.35
N MET A 236 -3.12 -21.60 28.49
CA MET A 236 -3.40 -23.01 28.36
C MET A 236 -3.28 -23.65 29.71
N LEU A 237 -2.29 -23.32 30.54
CA LEU A 237 -2.27 -23.91 31.92
C LEU A 237 -3.55 -23.71 32.68
N ILE A 238 -4.05 -22.48 32.87
CA ILE A 238 -5.39 -22.35 33.54
C ILE A 238 -6.59 -23.05 32.86
N LEU A 239 -6.72 -22.98 31.56
CA LEU A 239 -7.80 -23.67 30.90
C LEU A 239 -7.71 -25.14 31.11
N LEU A 240 -6.54 -25.75 31.28
CA LEU A 240 -6.48 -27.19 31.57
C LEU A 240 -6.57 -27.63 32.98
N ILE A 241 -6.34 -26.79 33.99
CA ILE A 241 -6.68 -27.25 35.35
C ILE A 241 -8.16 -27.54 35.39
N LEU A 242 -9.00 -26.95 34.56
CA LEU A 242 -10.43 -26.86 34.81
C LEU A 242 -11.21 -27.97 34.13
N VAL A 243 -10.64 -28.64 33.13
CA VAL A 243 -11.36 -29.71 32.44
C VAL A 243 -10.79 -31.10 32.74
N LEU A 244 -9.65 -31.19 33.43
CA LEU A 244 -9.08 -32.46 33.83
C LEU A 244 -9.12 -32.70 35.32
N PHE A 245 -9.58 -31.70 36.08
CA PHE A 245 -9.76 -31.84 37.53
C PHE A 245 -11.20 -31.61 37.97
N SER A 246 -11.72 -30.41 37.69
CA SER A 246 -13.08 -30.05 38.09
C SER A 246 -13.88 -29.41 36.94
N PRO A 247 -14.28 -30.28 35.92
CA PRO A 247 -15.01 -29.60 34.83
C PRO A 247 -16.35 -28.98 35.22
N ASP A 248 -17.12 -29.67 36.05
CA ASP A 248 -18.52 -29.33 36.29
C ASP A 248 -18.70 -28.18 37.26
N LEU A 249 -17.65 -27.42 37.57
CA LEU A 249 -17.76 -26.41 38.61
C LEU A 249 -18.63 -25.24 38.17
N LEU A 250 -18.77 -25.02 36.86
CA LEU A 250 -19.40 -23.80 36.36
C LEU A 250 -20.85 -23.98 35.91
N GLY A 251 -21.21 -25.12 35.33
CA GLY A 251 -22.56 -25.31 34.84
C GLY A 251 -23.63 -25.43 35.91
N ASP A 252 -24.81 -25.94 35.55
CA ASP A 252 -25.88 -26.17 36.50
C ASP A 252 -26.38 -27.61 36.36
N PRO A 253 -26.66 -28.28 37.47
CA PRO A 253 -27.15 -29.66 37.35
C PRO A 253 -28.67 -29.71 37.16
N ASP A 254 -29.17 -28.95 36.19
CA ASP A 254 -30.57 -29.04 35.80
C ASP A 254 -30.70 -29.43 34.32
N ASN A 255 -29.60 -29.27 33.59
CA ASN A 255 -29.58 -29.50 32.15
C ASN A 255 -29.86 -30.93 31.71
N TYR A 256 -29.32 -31.89 32.46
CA TYR A 256 -29.35 -33.29 32.07
C TYR A 256 -30.76 -33.88 31.95
N THR A 257 -31.64 -33.53 32.88
CA THR A 257 -32.95 -34.16 32.93
C THR A 257 -33.55 -34.21 31.52
N PRO A 258 -34.01 -35.37 31.05
CA PRO A 258 -34.21 -35.57 29.62
C PRO A 258 -35.28 -34.67 29.01
N ALA A 259 -35.41 -34.78 27.69
CA ALA A 259 -36.32 -33.92 26.94
C ALA A 259 -37.77 -34.23 27.26
N ASN A 260 -38.42 -33.32 27.99
CA ASN A 260 -39.83 -33.43 28.26
C ASN A 260 -40.54 -32.09 28.05
N PRO A 261 -41.61 -32.10 27.16
CA PRO A 261 -42.35 -30.82 27.13
C PRO A 261 -43.02 -30.57 28.48
N LEU A 262 -43.57 -31.64 29.04
CA LEU A 262 -44.38 -31.58 30.25
C LEU A 262 -43.70 -31.13 31.54
N ASN A 263 -42.49 -31.59 31.82
CA ASN A 263 -41.92 -31.40 33.14
C ASN A 263 -41.71 -29.92 33.45
N THR A 264 -41.70 -29.62 34.75
CA THR A 264 -41.54 -28.26 35.27
C THR A 264 -40.14 -28.11 35.85
N PRO A 265 -39.27 -27.31 35.23
CA PRO A 265 -38.04 -26.92 35.92
C PRO A 265 -38.35 -26.06 37.13
N PRO A 266 -37.79 -26.45 38.27
CA PRO A 266 -38.04 -25.76 39.54
C PRO A 266 -37.47 -24.34 39.67
N HIS A 267 -36.23 -24.17 39.24
CA HIS A 267 -35.49 -22.94 39.46
C HIS A 267 -34.79 -22.41 38.21
N ILE A 268 -35.55 -21.81 37.30
CA ILE A 268 -34.96 -21.31 36.07
C ILE A 268 -33.96 -20.19 36.35
N LYS A 269 -32.83 -20.23 35.65
CA LYS A 269 -31.81 -19.19 35.69
C LYS A 269 -30.68 -19.48 34.71
N PRO A 270 -30.06 -18.44 34.12
CA PRO A 270 -29.12 -18.66 33.00
C PRO A 270 -27.71 -19.00 33.40
N GLU A 271 -26.82 -19.11 32.40
CA GLU A 271 -25.40 -19.27 32.66
C GLU A 271 -24.81 -17.97 33.19
N TRP A 272 -23.70 -18.09 33.92
CA TRP A 272 -23.28 -17.04 34.86
C TRP A 272 -23.03 -15.69 34.20
N TYR A 273 -22.74 -15.64 32.90
CA TYR A 273 -22.36 -14.39 32.25
C TYR A 273 -23.51 -13.68 31.54
N PHE A 274 -24.76 -14.08 31.81
CA PHE A 274 -25.93 -13.27 31.49
C PHE A 274 -26.71 -12.88 32.73
N LEU A 275 -26.18 -13.11 33.92
CA LEU A 275 -26.96 -12.89 35.12
C LEU A 275 -27.03 -11.44 35.52
N PHE A 276 -26.33 -10.54 34.82
CA PHE A 276 -26.54 -9.12 35.07
C PHE A 276 -27.58 -8.55 34.13
N ALA A 277 -27.75 -9.15 32.95
CA ALA A 277 -28.85 -8.79 32.08
C ALA A 277 -30.19 -9.18 32.71
N TYR A 278 -30.28 -10.41 33.23
CA TYR A 278 -31.54 -10.90 33.78
C TYR A 278 -32.00 -10.09 34.99
N ALA A 279 -31.08 -9.44 35.71
CA ALA A 279 -31.51 -8.67 36.85
C ALA A 279 -32.09 -7.31 36.45
N ILE A 280 -31.79 -6.82 35.25
CA ILE A 280 -32.40 -5.58 34.77
C ILE A 280 -33.83 -5.83 34.32
N LEU A 281 -34.00 -6.78 33.40
CA LEU A 281 -35.31 -7.06 32.83
C LEU A 281 -36.34 -7.35 33.90
N ARG A 282 -35.93 -8.00 34.98
CA ARG A 282 -36.84 -8.42 36.05
C ARG A 282 -37.10 -7.31 37.05
N SER A 283 -36.46 -6.16 36.91
CA SER A 283 -36.54 -5.12 37.92
C SER A 283 -37.67 -4.13 37.69
N ILE A 284 -38.28 -4.17 36.51
CA ILE A 284 -39.24 -3.14 36.09
C ILE A 284 -40.61 -3.69 35.70
N PRO A 285 -41.71 -3.01 36.22
CA PRO A 285 -43.00 -3.55 35.78
C PRO A 285 -43.29 -3.31 34.29
N ASN A 286 -43.97 -4.27 33.67
CA ASN A 286 -44.47 -4.19 32.31
C ASN A 286 -43.54 -4.75 31.24
N LYS A 287 -44.15 -5.25 30.15
CA LYS A 287 -43.44 -5.87 29.04
C LYS A 287 -42.54 -4.96 28.19
N LEU A 288 -43.01 -3.74 27.90
CA LEU A 288 -42.41 -2.94 26.84
C LEU A 288 -41.27 -2.09 27.37
N GLY A 289 -41.40 -1.62 28.61
CA GLY A 289 -40.31 -0.86 29.20
C GLY A 289 -39.12 -1.70 29.58
N GLY A 290 -39.31 -3.01 29.76
CA GLY A 290 -38.24 -3.89 30.15
C GLY A 290 -37.24 -4.16 29.05
N VAL A 291 -37.74 -4.48 27.85
CA VAL A 291 -36.85 -4.76 26.73
C VAL A 291 -36.04 -3.52 26.36
N LEU A 292 -36.56 -2.32 26.67
CA LEU A 292 -35.83 -1.10 26.36
C LEU A 292 -34.69 -0.86 27.33
N ALA A 293 -34.83 -1.33 28.58
CA ALA A 293 -33.75 -1.16 29.53
C ALA A 293 -32.64 -2.20 29.35
N LEU A 294 -32.89 -3.24 28.55
CA LEU A 294 -31.87 -4.25 28.30
C LEU A 294 -31.04 -3.91 27.06
N VAL A 295 -31.58 -3.25 26.05
CA VAL A 295 -30.73 -2.82 24.97
C VAL A 295 -29.96 -1.52 25.29
N ALA A 296 -30.40 -0.82 26.34
CA ALA A 296 -29.80 0.47 26.65
C ALA A 296 -28.30 0.36 26.97
N SER A 297 -27.89 -0.67 27.70
CA SER A 297 -26.50 -0.78 28.13
C SER A 297 -25.46 -0.93 27.00
N ILE A 298 -25.69 -1.80 26.04
CA ILE A 298 -24.77 -1.93 24.90
C ILE A 298 -24.73 -0.63 24.10
N LEU A 299 -25.92 -0.07 23.90
CA LEU A 299 -26.15 1.22 23.31
C LEU A 299 -25.62 2.39 24.15
N ILE A 300 -25.45 2.28 25.46
CA ILE A 300 -24.78 3.34 26.19
C ILE A 300 -23.30 3.57 25.97
N LEU A 301 -22.53 2.58 25.54
CA LEU A 301 -21.10 2.73 25.36
C LEU A 301 -20.79 3.73 24.29
N ILE A 302 -21.70 3.94 23.37
CA ILE A 302 -21.59 4.86 22.27
C ILE A 302 -21.60 6.34 22.65
N LEU A 303 -22.29 6.69 23.67
CA LEU A 303 -22.27 8.04 24.19
C LEU A 303 -21.01 8.28 24.91
N MET A 304 -20.07 7.36 24.83
CA MET A 304 -18.71 7.64 25.48
C MET A 304 -17.69 8.85 25.27
N PRO A 305 -17.18 9.13 24.09
CA PRO A 305 -16.37 10.27 23.65
C PRO A 305 -17.07 11.61 23.78
N MET A 306 -18.38 11.68 23.74
CA MET A 306 -19.04 12.95 23.84
C MET A 306 -19.45 13.36 25.20
N LEU A 307 -19.00 12.68 26.23
CA LEU A 307 -19.23 13.12 27.57
C LEU A 307 -17.95 13.57 28.26
N HIS A 308 -16.78 13.43 27.61
CA HIS A 308 -15.44 13.74 28.12
C HIS A 308 -15.20 15.21 28.36
N THR A 309 -14.87 15.60 29.58
CA THR A 309 -14.79 16.96 30.05
C THR A 309 -13.36 17.32 30.53
N SER A 310 -12.39 16.50 30.21
CA SER A 310 -11.13 16.61 30.94
C SER A 310 -10.00 17.11 30.05
N LYS A 311 -9.05 17.78 30.68
CA LYS A 311 -7.81 18.23 30.04
C LYS A 311 -6.82 17.10 29.81
N GLN A 312 -6.79 16.10 30.68
CA GLN A 312 -5.90 14.95 30.58
C GLN A 312 -6.66 13.76 30.02
N ARG A 313 -5.91 12.81 29.46
CA ARG A 313 -6.48 11.56 28.99
C ARG A 313 -6.05 10.42 29.92
N SER A 314 -7.02 9.64 30.38
CA SER A 314 -6.81 8.51 31.29
C SER A 314 -6.92 8.91 32.77
N MET A 315 -7.09 7.91 33.63
CA MET A 315 -7.30 8.14 35.05
C MET A 315 -6.05 7.95 35.91
N MET A 316 -4.90 7.75 35.26
CA MET A 316 -3.66 7.45 35.97
C MET A 316 -3.24 8.58 36.90
N PHE A 317 -3.37 9.82 36.44
CA PHE A 317 -3.00 10.98 37.23
C PHE A 317 -4.16 11.64 37.97
N ARG A 318 -5.31 10.98 38.05
CA ARG A 318 -6.54 11.57 38.60
C ARG A 318 -7.05 10.80 39.82
N PRO A 319 -6.79 11.26 41.04
CA PRO A 319 -7.28 10.52 42.22
C PRO A 319 -8.80 10.46 42.36
N LEU A 320 -9.50 11.59 42.23
CA LEU A 320 -10.93 11.60 42.53
C LEU A 320 -11.71 10.69 41.58
N SER A 321 -11.36 10.67 40.31
CA SER A 321 -12.08 9.87 39.35
C SER A 321 -11.63 8.42 39.35
N GLN A 322 -10.55 8.13 40.06
CA GLN A 322 -10.10 6.76 40.28
C GLN A 322 -11.09 5.96 41.13
N CYS A 323 -11.62 6.60 42.16
CA CYS A 323 -12.49 5.94 43.14
C CYS A 323 -13.79 5.42 42.53
N LEU A 324 -14.38 6.21 41.65
CA LEU A 324 -15.63 5.83 41.01
C LEU A 324 -15.46 4.56 40.18
N PHE A 325 -14.31 4.48 39.49
CA PHE A 325 -14.04 3.38 38.63
C PHE A 325 -14.37 2.19 39.42
N TRP A 326 -13.76 2.12 40.58
CA TRP A 326 -13.99 0.95 41.40
C TRP A 326 -15.39 0.78 41.87
N MET A 327 -16.17 1.85 41.98
CA MET A 327 -17.60 1.65 42.24
C MET A 327 -18.41 1.06 41.20
N LEU A 328 -18.35 1.53 39.97
CA LEU A 328 -19.06 0.84 38.89
C LEU A 328 -18.72 -0.65 38.92
N VAL A 329 -17.47 -1.01 39.24
CA VAL A 329 -17.13 -2.46 39.20
C VAL A 329 -17.66 -3.28 40.38
N ALA A 330 -17.54 -2.72 41.57
CA ALA A 330 -18.14 -3.34 42.70
C ALA A 330 -19.61 -3.47 42.47
N ASP A 331 -20.27 -2.58 41.77
CA ASP A 331 -21.73 -2.64 41.61
C ASP A 331 -22.18 -3.46 40.45
N LEU A 332 -21.28 -3.98 39.66
CA LEU A 332 -21.60 -5.00 38.69
C LEU A 332 -21.28 -6.38 39.26
N ILE A 333 -20.79 -6.44 40.50
CA ILE A 333 -20.82 -7.75 41.21
C ILE A 333 -22.09 -8.02 42.05
N THR A 334 -22.88 -7.04 42.36
CA THR A 334 -24.17 -7.07 43.04
C THR A 334 -25.32 -7.33 42.08
N LEU A 335 -25.08 -7.23 40.79
CA LEU A 335 -26.10 -7.63 39.83
C LEU A 335 -25.91 -9.05 39.34
N THR A 336 -24.81 -9.70 39.70
CA THR A 336 -24.59 -11.10 39.37
C THR A 336 -25.07 -12.01 40.51
N TRP A 337 -24.97 -11.54 41.74
CA TRP A 337 -25.47 -12.30 42.88
C TRP A 337 -26.99 -12.26 42.94
N ILE A 338 -27.58 -11.09 42.69
CA ILE A 338 -29.03 -10.93 42.81
C ILE A 338 -29.75 -11.72 41.74
N GLY A 339 -29.19 -11.79 40.54
CA GLY A 339 -29.92 -12.34 39.43
C GLY A 339 -30.04 -13.84 39.41
N GLY A 340 -29.49 -14.53 40.39
CA GLY A 340 -29.52 -15.99 40.40
C GLY A 340 -30.28 -16.58 41.56
N GLN A 341 -31.44 -15.96 41.83
CA GLN A 341 -32.30 -16.23 42.98
C GLN A 341 -33.74 -15.77 42.71
N PRO A 342 -34.69 -16.17 43.65
CA PRO A 342 -36.07 -15.72 43.34
C PRO A 342 -36.30 -14.22 43.58
N VAL A 343 -37.45 -13.68 43.23
CA VAL A 343 -37.60 -12.24 43.34
C VAL A 343 -37.36 -11.80 44.79
N GLU A 344 -37.95 -12.51 45.74
CA GLU A 344 -37.59 -12.41 47.16
C GLU A 344 -38.32 -11.28 47.87
N HIS A 345 -38.51 -11.44 49.18
CA HIS A 345 -39.03 -10.35 50.00
C HIS A 345 -38.04 -9.18 50.12
N PRO A 346 -36.71 -9.54 50.37
CA PRO A 346 -35.81 -8.38 50.51
C PRO A 346 -34.94 -8.15 49.27
N PHE A 347 -35.10 -9.01 48.28
CA PHE A 347 -34.30 -8.97 47.08
C PHE A 347 -34.86 -8.05 46.00
N ILE A 348 -36.13 -7.70 46.09
CA ILE A 348 -36.67 -6.59 45.27
C ILE A 348 -36.21 -5.18 45.61
N ILE A 349 -36.12 -4.79 46.88
CA ILE A 349 -35.58 -3.49 47.20
C ILE A 349 -34.11 -3.24 46.88
N ILE A 350 -33.17 -4.10 47.23
CA ILE A 350 -31.79 -3.94 46.81
C ILE A 350 -31.77 -4.15 45.34
N GLY A 351 -32.55 -5.09 44.89
CA GLY A 351 -32.44 -5.58 43.54
C GLY A 351 -32.67 -4.56 42.48
N GLN A 352 -33.50 -3.56 42.73
CA GLN A 352 -33.78 -2.48 41.80
C GLN A 352 -33.35 -1.07 42.24
N LEU A 353 -32.74 -0.90 43.39
CA LEU A 353 -31.79 0.16 43.76
C LEU A 353 -30.46 -0.06 43.07
N ALA A 354 -29.99 -1.31 43.02
CA ALA A 354 -28.69 -1.56 42.42
C ALA A 354 -28.65 -1.14 40.95
N SER A 355 -29.72 -1.42 40.21
CA SER A 355 -29.75 -1.15 38.77
C SER A 355 -29.66 0.32 38.33
N ILE A 356 -30.42 1.22 38.96
CA ILE A 356 -30.43 2.60 38.46
C ILE A 356 -29.06 3.18 38.53
N LEU A 357 -28.36 2.86 39.60
CA LEU A 357 -27.05 3.39 39.89
C LEU A 357 -26.14 3.02 38.80
N TYR A 358 -26.35 1.94 38.08
CA TYR A 358 -25.52 1.62 36.95
C TYR A 358 -25.62 2.76 36.01
N PHE A 359 -26.83 3.26 35.81
CA PHE A 359 -27.21 4.48 35.05
C PHE A 359 -26.86 5.87 35.58
N LEU A 360 -26.98 6.08 36.89
CA LEU A 360 -26.73 7.41 37.46
C LEU A 360 -25.29 7.88 37.34
N ILE A 361 -24.34 7.00 37.63
CA ILE A 361 -22.93 7.37 37.63
C ILE A 361 -22.39 7.74 36.25
N ILE A 362 -22.74 6.94 35.25
CA ILE A 362 -22.27 7.16 33.89
C ILE A 362 -22.79 8.45 33.27
N LEU A 363 -24.06 8.73 33.50
CA LEU A 363 -24.74 9.84 32.83
C LEU A 363 -24.78 11.16 33.61
N VAL A 364 -24.24 11.19 34.82
CA VAL A 364 -24.39 12.39 35.62
C VAL A 364 -23.15 12.68 36.46
N LEU A 365 -22.52 11.65 37.02
CA LEU A 365 -21.50 11.87 38.05
C LEU A 365 -20.07 11.83 37.56
N MET A 366 -19.77 11.17 36.46
CA MET A 366 -18.38 11.30 36.02
C MET A 366 -18.15 12.61 35.28
N PRO A 367 -19.04 13.06 34.39
CA PRO A 367 -18.90 14.42 33.85
C PRO A 367 -18.81 15.54 34.88
N ILE A 368 -19.58 15.51 35.96
CA ILE A 368 -19.48 16.59 36.92
C ILE A 368 -18.16 16.54 37.67
N THR A 369 -17.74 15.34 38.10
CA THR A 369 -16.56 15.27 38.97
C THR A 369 -15.29 15.65 38.24
N SER A 370 -15.23 15.43 36.93
CA SER A 370 -14.04 15.77 36.17
C SER A 370 -13.83 17.28 36.08
N ILE A 371 -14.90 18.07 36.22
CA ILE A 371 -14.79 19.52 36.16
C ILE A 371 -14.10 20.05 37.41
N ILE A 372 -14.43 19.52 38.59
CA ILE A 372 -13.79 20.00 39.81
C ILE A 372 -12.29 19.69 39.79
N GLU A 373 -11.86 18.69 39.03
CA GLU A 373 -10.43 18.46 38.87
C GLU A 373 -9.80 19.53 37.99
N ASN A 374 -10.44 19.85 36.86
CA ASN A 374 -9.96 20.93 35.99
C ASN A 374 -9.83 22.23 36.77
N ASN A 375 -10.86 22.60 37.50
CA ASN A 375 -10.85 23.87 38.22
C ASN A 375 -9.85 23.89 39.36
N LEU A 376 -9.34 22.74 39.77
CA LEU A 376 -8.56 22.67 41.00
C LEU A 376 -7.06 22.71 40.76
N LEU A 377 -6.63 22.50 39.51
CA LEU A 377 -5.25 22.79 39.11
C LEU A 377 -5.17 23.75 37.92
N LYS A 378 -6.23 24.53 37.70
CA LYS A 378 -6.22 25.65 36.73
C LYS A 378 -6.03 25.17 35.29
N TRP A 379 -6.61 24.02 34.97
CA TRP A 379 -6.65 23.37 33.65
C TRP A 379 -5.47 22.45 33.35
N THR B 86 -44.43 -23.75 51.18
CA THR B 86 -43.25 -23.13 51.77
C THR B 86 -42.60 -24.04 52.80
N ASP B 87 -41.97 -25.11 52.32
CA ASP B 87 -41.33 -26.11 53.19
C ASP B 87 -39.81 -26.26 52.95
N LEU B 88 -39.04 -26.28 54.04
CA LEU B 88 -37.58 -26.39 53.99
C LEU B 88 -37.06 -27.77 53.59
N GLU B 89 -35.84 -27.80 53.05
CA GLU B 89 -35.20 -29.05 52.60
C GLU B 89 -33.86 -29.32 53.28
N LEU B 90 -33.65 -30.58 53.67
CA LEU B 90 -32.46 -31.00 54.37
C LEU B 90 -31.37 -31.37 53.37
N HIS B 91 -30.15 -30.98 53.67
CA HIS B 91 -29.00 -31.18 52.79
C HIS B 91 -28.14 -32.31 53.31
N ALA B 92 -27.77 -33.23 52.44
CA ALA B 92 -26.96 -34.36 52.86
C ALA B 92 -25.58 -33.89 53.30
N PRO B 93 -25.01 -34.47 54.35
CA PRO B 93 -23.63 -34.12 54.74
C PRO B 93 -22.58 -34.65 53.79
N SER B 94 -21.31 -34.50 54.14
CA SER B 94 -20.20 -34.94 53.31
C SER B 94 -19.47 -36.10 53.98
N TYR B 95 -19.17 -37.12 53.20
CA TYR B 95 -18.55 -38.33 53.71
C TYR B 95 -17.18 -38.55 53.10
N PRO B 96 -16.31 -39.29 53.76
CA PRO B 96 -14.98 -39.62 53.21
C PRO B 96 -14.95 -40.83 52.28
N TRP B 97 -15.25 -40.61 51.01
CA TRP B 97 -15.16 -41.68 50.03
C TRP B 97 -13.70 -41.96 49.68
N SER B 98 -13.44 -43.19 49.21
CA SER B 98 -12.09 -43.58 48.82
C SER B 98 -11.66 -42.97 47.50
N HIS B 99 -12.53 -42.22 46.83
CA HIS B 99 -12.25 -41.64 45.52
C HIS B 99 -12.47 -40.13 45.52
N ARG B 100 -12.37 -39.53 46.70
CA ARG B 100 -12.89 -38.18 46.93
C ARG B 100 -12.23 -37.04 46.16
N GLY B 101 -10.91 -37.03 46.11
CA GLY B 101 -10.22 -35.89 45.51
C GLY B 101 -8.79 -36.06 45.06
N LEU B 102 -8.36 -35.13 44.22
CA LEU B 102 -6.95 -34.92 43.92
C LEU B 102 -6.27 -35.96 43.03
N LEU B 103 -6.29 -37.22 43.44
CA LEU B 103 -5.46 -38.21 42.75
C LEU B 103 -5.93 -39.63 42.98
N SER B 104 -7.01 -39.84 43.73
CA SER B 104 -7.41 -41.15 44.22
C SER B 104 -8.57 -41.71 43.39
N SER B 105 -8.55 -43.01 43.21
CA SER B 105 -9.34 -43.70 42.21
C SER B 105 -10.53 -44.41 42.83
N LEU B 106 -11.26 -45.15 41.99
CA LEU B 106 -12.43 -45.92 42.38
C LEU B 106 -12.02 -47.37 42.56
N ASP B 107 -12.22 -47.91 43.76
CA ASP B 107 -11.90 -49.31 44.00
C ASP B 107 -12.94 -50.23 43.36
N HIS B 108 -12.48 -51.12 42.49
CA HIS B 108 -13.36 -51.92 41.65
C HIS B 108 -13.99 -53.10 42.36
N THR B 109 -13.99 -53.12 43.69
CA THR B 109 -14.71 -54.17 44.39
C THR B 109 -16.08 -53.73 44.85
N SER B 110 -16.23 -52.50 45.35
CA SER B 110 -17.57 -51.99 45.62
C SER B 110 -18.40 -51.89 44.36
N ILE B 111 -17.75 -51.74 43.20
CA ILE B 111 -18.49 -51.72 41.93
C ILE B 111 -18.76 -53.15 41.44
N ARG B 112 -17.81 -54.06 41.67
CA ARG B 112 -18.07 -55.45 41.35
C ARG B 112 -19.21 -56.01 42.17
N ARG B 113 -19.37 -55.51 43.40
CA ARG B 113 -20.40 -55.99 44.30
C ARG B 113 -21.62 -55.06 44.30
N GLY B 114 -21.77 -54.24 43.26
CA GLY B 114 -22.83 -53.26 43.22
C GLY B 114 -23.80 -53.44 42.06
N PHE B 115 -23.31 -54.02 40.96
CA PHE B 115 -24.21 -54.41 39.90
C PHE B 115 -25.21 -55.46 40.38
N GLN B 116 -24.73 -56.41 41.19
CA GLN B 116 -25.60 -57.46 41.68
C GLN B 116 -26.71 -56.92 42.55
N VAL B 117 -26.42 -55.92 43.40
CA VAL B 117 -27.49 -55.32 44.21
C VAL B 117 -28.50 -54.62 43.32
N TYR B 118 -28.05 -54.00 42.23
CA TYR B 118 -28.99 -53.48 41.24
C TYR B 118 -29.69 -54.62 40.51
N LYS B 119 -28.95 -55.67 40.17
CA LYS B 119 -29.48 -56.72 39.31
C LYS B 119 -30.62 -57.47 39.98
N GLN B 120 -30.48 -57.80 41.25
CA GLN B 120 -31.48 -58.61 41.94
C GLN B 120 -32.43 -57.79 42.81
N VAL B 121 -32.38 -56.46 42.73
CA VAL B 121 -33.34 -55.62 43.44
C VAL B 121 -33.95 -54.51 42.58
N CYS B 122 -33.12 -53.56 42.20
CA CYS B 122 -33.56 -52.34 41.50
C CYS B 122 -34.18 -52.50 40.10
N SER B 123 -33.62 -53.40 39.30
CA SER B 123 -33.82 -53.40 37.86
C SER B 123 -35.25 -53.58 37.32
N SER B 124 -36.02 -54.48 37.93
CA SER B 124 -37.32 -54.84 37.37
C SER B 124 -38.26 -53.65 37.23
N CYS B 125 -37.81 -52.44 37.54
CA CYS B 125 -38.61 -51.25 37.30
C CYS B 125 -37.85 -50.16 36.57
N HIS B 126 -36.57 -50.00 36.89
CA HIS B 126 -35.78 -48.92 36.33
C HIS B 126 -35.07 -49.36 35.05
N SER B 127 -34.76 -48.38 34.20
CA SER B 127 -34.07 -48.65 32.95
C SER B 127 -32.65 -48.12 32.99
N MET B 128 -31.80 -48.73 32.16
CA MET B 128 -30.39 -48.40 32.00
C MET B 128 -30.02 -48.39 30.52
N ASP B 129 -30.88 -47.77 29.72
CA ASP B 129 -30.83 -47.95 28.27
C ASP B 129 -29.51 -47.50 27.65
N TYR B 130 -28.96 -46.38 28.12
CA TYR B 130 -27.67 -45.94 27.61
C TYR B 130 -26.55 -46.90 27.98
N VAL B 131 -26.73 -47.72 29.01
CA VAL B 131 -25.70 -48.61 29.52
C VAL B 131 -25.87 -49.99 28.89
N ALA B 132 -24.80 -50.51 28.31
CA ALA B 132 -24.85 -51.77 27.59
C ALA B 132 -23.76 -52.72 28.09
N TYR B 133 -24.00 -54.02 27.86
CA TYR B 133 -23.13 -55.07 28.36
C TYR B 133 -21.73 -55.04 27.74
N ARG B 134 -21.53 -54.30 26.67
CA ARG B 134 -20.21 -54.14 26.10
C ARG B 134 -19.28 -53.35 27.01
N HIS B 135 -19.82 -52.61 27.97
CA HIS B 135 -19.05 -51.69 28.78
C HIS B 135 -18.25 -52.36 29.88
N LEU B 136 -18.77 -53.44 30.48
CA LEU B 136 -18.21 -53.98 31.73
C LEU B 136 -17.16 -55.05 31.48
N VAL B 137 -16.55 -55.07 30.30
CA VAL B 137 -15.61 -56.14 29.99
C VAL B 137 -14.31 -56.02 30.79
N GLY B 138 -14.03 -54.86 31.36
CA GLY B 138 -12.74 -54.67 32.01
C GLY B 138 -12.78 -53.82 33.27
N VAL B 139 -13.99 -53.47 33.72
CA VAL B 139 -14.12 -52.73 34.97
C VAL B 139 -14.44 -53.61 36.18
N CYS B 140 -15.44 -54.48 36.03
CA CYS B 140 -15.85 -55.34 37.15
C CYS B 140 -15.74 -56.85 36.90
N TYR B 141 -15.77 -57.26 35.64
CA TYR B 141 -15.82 -58.69 35.31
C TYR B 141 -15.00 -59.05 34.07
N THR B 142 -14.62 -60.31 33.96
CA THR B 142 -13.89 -60.78 32.81
C THR B 142 -14.85 -60.91 31.62
N GLU B 143 -14.29 -61.06 30.42
CA GLU B 143 -15.09 -60.96 29.20
C GLU B 143 -16.17 -62.04 29.14
N GLU B 144 -15.84 -63.28 29.49
CA GLU B 144 -16.86 -64.32 29.45
C GLU B 144 -17.66 -64.36 30.74
N GLU B 145 -17.12 -63.81 31.82
CA GLU B 145 -17.83 -63.82 33.11
C GLU B 145 -19.13 -63.04 33.03
N ALA B 146 -19.11 -61.89 32.35
CA ALA B 146 -20.33 -61.12 32.13
C ALA B 146 -21.06 -61.52 30.86
N LYS B 147 -20.34 -62.15 29.91
CA LYS B 147 -21.01 -62.75 28.76
C LYS B 147 -22.06 -63.75 29.19
N ALA B 148 -21.75 -64.55 30.22
CA ALA B 148 -22.69 -65.53 30.74
C ALA B 148 -23.92 -64.88 31.36
N LEU B 149 -23.86 -63.58 31.66
CA LEU B 149 -25.05 -62.87 32.15
C LEU B 149 -25.98 -62.44 31.03
N ALA B 150 -25.55 -62.59 29.77
CA ALA B 150 -26.43 -62.32 28.64
C ALA B 150 -27.44 -63.44 28.42
N GLU B 151 -27.09 -64.68 28.77
CA GLU B 151 -28.01 -65.81 28.63
C GLU B 151 -29.04 -65.88 29.75
N GLU B 152 -28.88 -65.11 30.83
CA GLU B 152 -29.81 -65.22 31.95
C GLU B 152 -31.21 -64.81 31.52
N VAL B 153 -31.32 -63.78 30.69
CA VAL B 153 -32.59 -63.35 30.11
C VAL B 153 -32.39 -63.13 28.62
N GLU B 154 -33.30 -63.65 27.79
CA GLU B 154 -33.21 -63.44 26.36
C GLU B 154 -34.26 -62.42 25.88
N VAL B 155 -33.78 -61.36 25.23
CA VAL B 155 -34.64 -60.28 24.74
C VAL B 155 -35.49 -60.64 23.52
N GLN B 156 -36.66 -60.02 23.42
CA GLN B 156 -37.52 -60.16 22.25
C GLN B 156 -36.87 -59.48 21.05
N ASP B 157 -37.10 -60.01 19.85
CA ASP B 157 -36.45 -59.48 18.66
C ASP B 157 -37.49 -58.94 17.69
N GLY B 158 -37.01 -58.43 16.56
CA GLY B 158 -37.87 -57.81 15.57
C GLY B 158 -38.03 -58.63 14.31
N PRO B 159 -38.03 -57.95 13.17
CA PRO B 159 -38.32 -58.62 11.89
C PRO B 159 -37.18 -59.46 11.33
N ASN B 160 -37.39 -60.77 11.26
CA ASN B 160 -36.58 -61.70 10.51
C ASN B 160 -37.51 -62.48 9.57
N GLU B 161 -36.98 -63.48 8.87
CA GLU B 161 -37.74 -64.21 7.87
C GLU B 161 -38.90 -64.98 8.49
N ASP B 162 -40.09 -64.83 7.90
CA ASP B 162 -41.18 -65.80 7.98
C ASP B 162 -41.35 -66.45 9.34
N GLY B 163 -41.69 -65.67 10.35
CA GLY B 163 -41.60 -66.15 11.72
C GLY B 163 -40.82 -65.19 12.60
N GLU B 164 -40.86 -63.91 12.23
CA GLU B 164 -40.30 -62.83 13.03
C GLU B 164 -40.95 -62.76 14.40
N MET B 165 -40.41 -61.92 15.28
CA MET B 165 -40.88 -61.77 16.66
C MET B 165 -40.50 -62.98 17.49
N PHE B 166 -39.48 -63.72 17.07
CA PHE B 166 -38.97 -64.84 17.84
C PHE B 166 -37.84 -64.35 18.76
N MET B 167 -37.29 -65.27 19.55
CA MET B 167 -36.43 -64.91 20.67
C MET B 167 -34.99 -65.32 20.37
N ARG B 168 -34.04 -64.48 20.79
CA ARG B 168 -32.63 -64.74 20.55
C ARG B 168 -31.84 -64.82 21.85
N PRO B 169 -30.86 -65.73 21.93
CA PRO B 169 -30.15 -65.92 23.21
C PRO B 169 -29.43 -64.68 23.72
N GLY B 170 -28.94 -63.84 22.84
CA GLY B 170 -28.27 -62.61 23.24
C GLY B 170 -26.76 -62.74 23.20
N LYS B 171 -26.10 -61.63 22.88
CA LYS B 171 -24.64 -61.62 22.69
C LYS B 171 -24.06 -60.33 23.26
N LEU B 172 -22.80 -60.07 22.90
CA LEU B 172 -21.99 -59.06 23.59
C LEU B 172 -22.53 -57.66 23.37
N SER B 173 -22.98 -57.37 22.16
CA SER B 173 -23.50 -56.04 21.82
C SER B 173 -24.73 -55.55 22.60
N ASP B 174 -25.66 -56.45 22.91
CA ASP B 174 -27.00 -56.08 23.40
C ASP B 174 -27.10 -55.29 24.72
N TYR B 175 -28.04 -54.34 24.73
CA TYR B 175 -28.29 -53.40 25.84
C TYR B 175 -29.09 -53.93 27.04
N PHE B 176 -29.03 -53.20 28.15
CA PHE B 176 -29.69 -53.54 29.40
C PHE B 176 -31.20 -53.65 29.16
N PRO B 177 -31.79 -54.84 29.25
CA PRO B 177 -33.20 -55.01 28.85
C PRO B 177 -34.14 -54.16 29.69
N LYS B 178 -35.04 -53.46 28.98
CA LYS B 178 -35.97 -52.48 29.54
C LYS B 178 -37.25 -53.21 29.98
N PRO B 179 -37.85 -52.82 31.12
CA PRO B 179 -38.88 -53.68 31.72
C PRO B 179 -40.21 -53.72 30.99
N TYR B 180 -40.75 -52.58 30.58
CA TYR B 180 -42.10 -52.49 30.07
C TYR B 180 -42.09 -52.49 28.53
N PRO B 181 -43.26 -52.70 27.90
CA PRO B 181 -43.34 -52.43 26.45
C PRO B 181 -43.11 -50.97 26.12
N ASN B 182 -43.81 -50.06 26.79
CA ASN B 182 -43.54 -48.64 26.73
C ASN B 182 -43.48 -48.06 28.14
N PRO B 183 -42.85 -46.91 28.31
CA PRO B 183 -42.88 -46.25 29.62
C PRO B 183 -44.29 -45.91 30.10
N GLU B 184 -45.26 -45.82 29.20
CA GLU B 184 -46.61 -45.46 29.62
C GLU B 184 -47.27 -46.55 30.44
N ALA B 185 -46.72 -47.76 30.44
CA ALA B 185 -47.22 -48.81 31.31
C ALA B 185 -46.93 -48.51 32.78
N ALA B 186 -45.93 -47.66 33.04
CA ALA B 186 -45.50 -47.42 34.42
C ALA B 186 -46.58 -46.74 35.24
N ARG B 187 -47.24 -45.72 34.67
CA ARG B 187 -48.31 -45.06 35.40
C ARG B 187 -49.45 -46.02 35.70
N ALA B 188 -49.58 -47.09 34.92
CA ALA B 188 -50.66 -48.04 35.14
C ALA B 188 -50.49 -48.79 36.46
N ALA B 189 -49.30 -49.32 36.70
CA ALA B 189 -49.04 -50.14 37.87
C ALA B 189 -48.46 -49.37 39.04
N ASN B 190 -47.73 -48.29 38.79
CA ASN B 190 -47.05 -47.54 39.84
C ASN B 190 -47.76 -46.23 40.17
N ASN B 191 -49.09 -46.26 40.22
CA ASN B 191 -49.90 -45.18 40.79
C ASN B 191 -49.78 -43.88 40.02
N GLY B 192 -49.48 -43.95 38.73
CA GLY B 192 -49.25 -42.74 37.96
C GLY B 192 -48.00 -41.99 38.37
N ALA B 193 -46.92 -42.71 38.68
CA ALA B 193 -45.64 -42.13 39.04
C ALA B 193 -44.56 -42.79 38.19
N LEU B 194 -44.12 -42.09 37.16
CA LEU B 194 -43.15 -42.66 36.24
C LEU B 194 -41.78 -42.74 36.91
N PRO B 195 -41.17 -43.92 36.98
CA PRO B 195 -39.88 -44.05 37.66
C PRO B 195 -38.78 -43.29 36.93
N PRO B 196 -37.97 -42.52 37.65
CA PRO B 196 -36.84 -41.84 37.00
C PRO B 196 -35.85 -42.84 36.44
N ASP B 197 -35.27 -42.50 35.29
CA ASP B 197 -34.21 -43.30 34.72
C ASP B 197 -32.96 -43.18 35.59
N LEU B 198 -32.09 -44.18 35.49
CA LEU B 198 -30.92 -44.29 36.35
C LEU B 198 -29.61 -44.21 35.57
N SER B 199 -29.56 -43.40 34.52
CA SER B 199 -28.29 -43.20 33.85
C SER B 199 -27.57 -41.95 34.30
N TYR B 200 -28.30 -40.88 34.65
CA TYR B 200 -27.71 -39.61 35.03
C TYR B 200 -28.17 -39.14 36.40
N ILE B 201 -28.85 -39.98 37.16
CA ILE B 201 -29.49 -39.58 38.41
C ILE B 201 -28.46 -39.00 39.36
N VAL B 202 -27.19 -39.34 39.15
CA VAL B 202 -26.13 -38.81 39.99
C VAL B 202 -25.90 -37.33 39.71
N ARG B 203 -25.72 -36.98 38.43
CA ARG B 203 -25.40 -35.61 38.06
C ARG B 203 -26.60 -34.67 38.08
N ALA B 204 -27.81 -35.19 38.03
CA ALA B 204 -29.00 -34.35 37.90
C ALA B 204 -29.56 -33.90 39.24
N ARG B 205 -28.76 -33.89 40.29
CA ARG B 205 -29.25 -33.61 41.63
C ARG B 205 -28.25 -32.77 42.40
N HIS B 206 -28.76 -31.77 43.12
CA HIS B 206 -27.96 -31.15 44.17
C HIS B 206 -27.69 -32.18 45.25
N GLY B 207 -26.47 -32.17 45.79
CA GLY B 207 -26.03 -33.29 46.60
C GLY B 207 -25.07 -34.15 45.80
N GLY B 208 -25.57 -35.24 45.21
CA GLY B 208 -24.76 -36.01 44.30
C GLY B 208 -24.78 -37.48 44.63
N GLU B 209 -23.61 -38.03 44.93
CA GLU B 209 -23.57 -39.41 45.39
C GLU B 209 -23.68 -39.49 46.90
N ASP B 210 -24.03 -38.39 47.56
CA ASP B 210 -24.34 -38.46 48.98
C ASP B 210 -25.79 -38.07 49.25
N TYR B 211 -26.50 -37.55 48.25
CA TYR B 211 -27.94 -37.37 48.41
C TYR B 211 -28.65 -38.71 48.34
N VAL B 212 -28.25 -39.58 47.41
CA VAL B 212 -28.89 -40.87 47.26
C VAL B 212 -28.69 -41.71 48.52
N PHE B 213 -27.47 -41.75 49.04
CA PHE B 213 -27.19 -42.56 50.23
C PHE B 213 -28.01 -42.08 51.42
N SER B 214 -28.14 -40.77 51.58
CA SER B 214 -28.89 -40.26 52.72
C SER B 214 -30.39 -40.43 52.53
N LEU B 215 -30.82 -40.66 51.30
CA LEU B 215 -32.20 -41.03 51.04
C LEU B 215 -32.58 -42.41 51.58
N LEU B 216 -31.68 -43.37 51.38
CA LEU B 216 -31.96 -44.79 51.67
C LEU B 216 -32.16 -45.16 53.14
N THR B 217 -31.32 -44.64 54.02
CA THR B 217 -31.38 -45.01 55.43
C THR B 217 -32.33 -44.10 56.21
N GLY B 218 -32.77 -43.04 55.56
CA GLY B 218 -33.58 -42.02 56.19
C GLY B 218 -34.95 -42.41 56.70
N TYR B 219 -35.66 -43.25 55.95
CA TYR B 219 -37.10 -43.36 56.14
C TYR B 219 -37.44 -43.29 57.62
N CYS B 220 -38.40 -42.44 57.96
CA CYS B 220 -38.66 -42.09 59.35
C CYS B 220 -40.15 -42.22 59.64
N GLU B 221 -40.54 -41.73 60.81
CA GLU B 221 -41.89 -41.69 61.38
C GLU B 221 -42.61 -40.39 60.99
N PRO B 222 -43.89 -40.47 60.65
CA PRO B 222 -44.67 -39.25 60.44
C PRO B 222 -44.90 -38.53 61.76
N PRO B 223 -44.67 -37.22 61.81
CA PRO B 223 -44.85 -36.48 63.06
C PRO B 223 -46.31 -36.32 63.44
N THR B 224 -46.57 -35.52 64.47
CA THR B 224 -47.91 -35.33 65.00
C THR B 224 -48.63 -34.24 64.21
N GLY B 225 -49.58 -34.64 63.37
CA GLY B 225 -50.47 -33.69 62.74
C GLY B 225 -50.32 -33.53 61.25
N VAL B 226 -49.90 -34.58 60.56
CA VAL B 226 -49.74 -34.55 59.11
C VAL B 226 -50.47 -35.74 58.51
N SER B 227 -51.35 -35.46 57.54
CA SER B 227 -52.09 -36.49 56.84
C SER B 227 -51.34 -36.95 55.60
N LEU B 228 -51.62 -38.17 55.17
CA LEU B 228 -51.04 -38.72 53.95
C LEU B 228 -52.08 -39.47 53.15
N ARG B 229 -51.79 -39.62 51.86
CA ARG B 229 -52.57 -40.41 50.93
C ARG B 229 -52.47 -41.89 51.30
N GLU B 230 -53.31 -42.71 50.65
CA GLU B 230 -53.31 -44.14 50.89
C GLU B 230 -51.97 -44.78 50.55
N GLY B 231 -51.28 -44.25 49.54
CA GLY B 231 -50.07 -44.90 49.04
C GLY B 231 -48.79 -44.09 49.14
N LEU B 232 -48.66 -43.30 50.20
CA LEU B 232 -47.51 -42.40 50.34
C LEU B 232 -46.69 -42.68 51.60
N TYR B 233 -45.41 -42.33 51.55
CA TYR B 233 -44.48 -42.61 52.64
C TYR B 233 -43.74 -41.35 53.06
N PHE B 234 -43.24 -41.34 54.30
CA PHE B 234 -42.64 -40.14 54.88
C PHE B 234 -41.10 -40.18 54.88
N ASN B 235 -40.52 -39.10 54.37
CA ASN B 235 -39.06 -38.95 54.31
C ASN B 235 -38.70 -37.47 54.42
N PRO B 236 -37.95 -37.08 55.45
CA PRO B 236 -37.66 -35.65 55.64
C PRO B 236 -36.64 -35.09 54.64
N TYR B 237 -36.05 -35.92 53.80
CA TYR B 237 -35.14 -35.44 52.77
C TYR B 237 -35.86 -35.07 51.49
N PHE B 238 -36.89 -35.84 51.12
CA PHE B 238 -37.58 -35.60 49.86
C PHE B 238 -38.29 -34.26 49.91
N PRO B 239 -38.26 -33.47 48.82
CA PRO B 239 -38.81 -32.10 48.89
C PRO B 239 -40.28 -32.05 49.26
N GLY B 240 -41.08 -33.02 48.80
CA GLY B 240 -42.47 -33.08 49.18
C GLY B 240 -42.73 -33.78 50.49
N GLN B 241 -41.71 -34.41 51.07
CA GLN B 241 -41.77 -35.16 52.33
C GLN B 241 -42.66 -36.40 52.23
N ALA B 242 -43.03 -36.83 51.03
CA ALA B 242 -43.94 -37.96 50.88
C ALA B 242 -43.71 -38.57 49.50
N ILE B 243 -43.07 -39.74 49.48
CA ILE B 243 -42.71 -40.41 48.25
C ILE B 243 -43.36 -41.78 48.10
N ALA B 244 -43.76 -42.10 46.88
CA ALA B 244 -44.45 -43.36 46.58
C ALA B 244 -43.60 -44.59 46.88
N MET B 245 -42.31 -44.50 46.61
CA MET B 245 -41.42 -45.67 46.70
C MET B 245 -41.36 -46.28 48.10
N ALA B 246 -41.34 -47.61 48.13
CA ALA B 246 -41.37 -48.39 49.36
C ALA B 246 -39.97 -48.90 49.71
N PRO B 247 -39.55 -48.79 50.98
CA PRO B 247 -38.13 -49.04 51.35
C PRO B 247 -37.63 -50.37 50.81
N PRO B 248 -36.69 -50.33 49.86
CA PRO B 248 -36.23 -51.56 49.19
C PRO B 248 -34.99 -52.20 49.79
N ILE B 249 -34.46 -51.68 50.90
CA ILE B 249 -33.29 -52.28 51.54
C ILE B 249 -33.55 -52.41 53.03
N TYR B 250 -33.19 -53.57 53.57
CA TYR B 250 -33.12 -53.78 55.00
C TYR B 250 -32.10 -54.90 55.25
N ASN B 251 -32.09 -55.43 56.47
CA ASN B 251 -31.17 -56.52 56.79
C ASN B 251 -31.44 -57.84 56.05
N GLU B 252 -30.38 -58.50 55.62
CA GLU B 252 -30.44 -59.83 55.02
C GLU B 252 -31.20 -59.90 53.69
N VAL B 253 -31.22 -58.78 52.96
CA VAL B 253 -31.89 -58.72 51.66
C VAL B 253 -31.25 -59.62 50.59
N LEU B 254 -29.92 -59.66 50.58
CA LEU B 254 -29.15 -60.23 49.50
C LEU B 254 -28.11 -61.17 50.08
N GLU B 255 -27.53 -62.00 49.23
CA GLU B 255 -26.40 -62.85 49.59
C GLU B 255 -25.22 -62.45 48.71
N PHE B 256 -24.22 -61.80 49.32
CA PHE B 256 -22.99 -61.50 48.60
C PHE B 256 -22.27 -62.78 48.23
N ASP B 257 -21.71 -62.79 47.01
CA ASP B 257 -20.98 -63.95 46.51
C ASP B 257 -19.72 -64.23 47.32
N ASP B 258 -19.27 -63.27 48.12
CA ASP B 258 -18.03 -63.38 48.86
C ASP B 258 -18.23 -63.84 50.31
N GLY B 259 -19.22 -63.29 51.00
CA GLY B 259 -19.45 -63.59 52.39
C GLY B 259 -19.34 -62.41 53.33
N THR B 260 -19.09 -61.21 52.81
CA THR B 260 -19.14 -60.03 53.65
C THR B 260 -20.54 -59.88 54.24
N PRO B 261 -20.67 -59.49 55.51
CA PRO B 261 -22.00 -59.37 56.12
C PRO B 261 -22.96 -58.50 55.31
N ALA B 262 -23.99 -59.13 54.75
CA ALA B 262 -24.96 -58.44 53.90
C ALA B 262 -25.95 -57.68 54.77
N THR B 263 -25.56 -56.45 55.11
CA THR B 263 -26.30 -55.59 56.01
C THR B 263 -26.75 -54.34 55.25
N MET B 264 -27.76 -53.65 55.80
CA MET B 264 -28.28 -52.46 55.15
C MET B 264 -27.18 -51.41 54.97
N SER B 265 -26.30 -51.27 55.96
CA SER B 265 -25.29 -50.23 55.90
C SER B 265 -24.37 -50.40 54.70
N GLN B 266 -23.99 -51.64 54.39
CA GLN B 266 -23.04 -51.85 53.30
C GLN B 266 -23.71 -52.09 51.96
N VAL B 267 -24.99 -52.49 51.93
CA VAL B 267 -25.64 -52.59 50.63
C VAL B 267 -25.89 -51.20 50.07
N ALA B 268 -26.23 -50.23 50.92
CA ALA B 268 -26.44 -48.87 50.45
C ALA B 268 -25.17 -48.26 49.88
N LYS B 269 -24.03 -48.48 50.54
CA LYS B 269 -22.79 -47.90 50.05
C LYS B 269 -22.41 -48.46 48.68
N ASP B 270 -22.57 -49.76 48.48
CA ASP B 270 -22.16 -50.37 47.23
C ASP B 270 -23.18 -50.17 46.11
N VAL B 271 -24.29 -49.50 46.38
CA VAL B 271 -25.15 -49.00 45.31
C VAL B 271 -24.75 -47.59 44.92
N CYS B 272 -24.44 -46.74 45.91
CA CYS B 272 -23.99 -45.38 45.62
C CYS B 272 -22.65 -45.36 44.91
N THR B 273 -21.94 -46.48 44.87
CA THR B 273 -20.70 -46.53 44.12
C THR B 273 -20.92 -47.03 42.70
N PHE B 274 -21.86 -47.95 42.51
CA PHE B 274 -22.13 -48.44 41.16
C PHE B 274 -22.68 -47.36 40.26
N LEU B 275 -23.63 -46.57 40.77
CA LEU B 275 -24.32 -45.58 39.95
C LEU B 275 -23.38 -44.46 39.53
N ARG B 276 -22.46 -44.07 40.42
CA ARG B 276 -21.52 -42.99 40.11
C ARG B 276 -20.67 -43.35 38.90
N TRP B 277 -20.13 -44.56 38.87
CA TRP B 277 -19.31 -44.95 37.73
C TRP B 277 -20.15 -45.03 36.46
N ALA B 278 -21.45 -45.29 36.59
CA ALA B 278 -22.31 -45.27 35.41
C ALA B 278 -22.55 -43.85 34.92
N SER B 279 -22.61 -42.91 35.85
CA SER B 279 -22.76 -41.51 35.46
C SER B 279 -21.56 -41.07 34.64
N GLU B 280 -20.38 -41.48 35.11
CA GLU B 280 -19.14 -41.22 34.37
C GLU B 280 -18.31 -42.49 34.18
N PRO B 281 -17.90 -42.74 32.85
CA PRO B 281 -16.95 -43.87 32.74
C PRO B 281 -15.54 -43.31 32.64
N GLU B 282 -15.47 -41.99 32.76
CA GLU B 282 -14.25 -41.22 32.53
C GLU B 282 -13.54 -40.82 33.82
N HIS B 283 -14.12 -41.10 34.98
CA HIS B 283 -13.64 -40.55 36.24
C HIS B 283 -12.23 -41.01 36.59
N ASP B 284 -11.71 -42.06 35.96
CA ASP B 284 -10.40 -42.57 36.31
C ASP B 284 -9.35 -42.36 35.24
N HIS B 285 -9.75 -42.32 33.97
CA HIS B 285 -8.78 -42.03 32.91
C HIS B 285 -8.26 -40.59 33.01
N ARG B 286 -9.10 -39.66 33.46
CA ARG B 286 -8.72 -38.25 33.40
C ARG B 286 -7.96 -37.77 34.62
N LYS B 287 -8.03 -38.49 35.74
CA LYS B 287 -7.18 -38.13 36.88
C LYS B 287 -5.72 -38.49 36.62
N ARG B 288 -5.45 -39.21 35.54
CA ARG B 288 -4.08 -39.59 35.21
C ARG B 288 -3.49 -38.71 34.12
N MET B 289 -4.34 -38.07 33.32
CA MET B 289 -3.82 -37.08 32.39
C MET B 289 -3.70 -35.70 33.02
N GLY B 290 -4.12 -35.53 34.26
CA GLY B 290 -3.89 -34.29 34.95
C GLY B 290 -2.67 -34.28 35.82
N LEU B 291 -1.98 -35.41 35.92
CA LEU B 291 -0.70 -35.49 36.62
C LEU B 291 0.48 -35.57 35.68
N LYS B 292 0.33 -36.17 34.51
CA LYS B 292 1.41 -36.15 33.54
C LYS B 292 1.46 -34.84 32.77
N MET B 293 0.50 -33.95 32.99
CA MET B 293 0.52 -32.62 32.39
C MET B 293 1.08 -31.58 33.34
N LEU B 294 0.86 -31.71 34.64
CA LEU B 294 1.48 -30.80 35.59
C LEU B 294 2.99 -30.96 35.60
N MET B 295 3.49 -31.98 34.93
CA MET B 295 4.91 -32.14 34.74
C MET B 295 5.51 -31.61 33.44
N MET B 296 4.84 -31.71 32.31
CA MET B 296 5.29 -31.02 31.13
C MET B 296 5.30 -29.51 31.35
N MET B 297 4.26 -28.93 31.93
CA MET B 297 4.27 -27.50 32.20
C MET B 297 5.45 -27.27 33.10
N GLY B 298 5.72 -28.12 34.07
CA GLY B 298 6.73 -27.78 35.06
C GLY B 298 8.02 -27.64 34.33
N LEU B 299 8.37 -28.60 33.49
CA LEU B 299 9.64 -28.48 32.76
C LEU B 299 9.75 -27.35 31.80
N LEU B 300 8.69 -27.04 31.08
CA LEU B 300 8.76 -26.00 30.08
C LEU B 300 8.35 -24.60 30.50
N LEU B 301 8.02 -24.34 31.77
CA LEU B 301 7.45 -23.00 32.06
C LEU B 301 8.35 -22.15 32.87
N PRO B 302 9.53 -22.64 33.08
CA PRO B 302 10.64 -21.75 33.47
C PRO B 302 11.84 -21.87 32.56
N LEU B 303 11.66 -22.04 31.25
CA LEU B 303 12.71 -22.03 30.27
C LEU B 303 12.47 -20.98 29.20
N VAL B 304 11.21 -20.79 28.78
CA VAL B 304 10.68 -19.58 28.14
C VAL B 304 10.80 -18.35 28.99
N TYR B 305 10.51 -18.38 30.25
CA TYR B 305 10.90 -17.31 31.14
C TYR B 305 12.39 -16.88 31.11
N ALA B 306 13.34 -17.80 31.06
CA ALA B 306 14.74 -17.48 30.85
C ALA B 306 15.04 -16.85 29.51
N MET B 307 14.61 -17.39 28.35
CA MET B 307 14.85 -16.61 27.13
C MET B 307 14.31 -15.18 27.19
N LYS B 308 13.12 -15.02 27.78
CA LYS B 308 12.45 -13.76 27.70
C LYS B 308 13.26 -12.89 28.46
N ARG B 309 13.78 -13.29 29.59
CA ARG B 309 14.57 -12.39 30.44
C ARG B 309 15.86 -12.01 29.91
N HIS B 310 16.48 -12.77 29.04
CA HIS B 310 17.76 -12.39 28.45
C HIS B 310 17.61 -11.78 27.06
N LYS B 311 16.48 -11.19 26.74
CA LYS B 311 16.36 -10.19 25.65
C LYS B 311 16.06 -8.82 26.11
N TRP B 312 15.73 -8.56 27.29
CA TRP B 312 15.24 -7.35 27.74
C TRP B 312 16.30 -6.84 28.66
N SER B 313 17.55 -7.33 28.63
CA SER B 313 18.59 -6.76 29.49
C SER B 313 19.31 -5.59 28.87
N VAL B 314 19.58 -5.61 27.57
CA VAL B 314 20.04 -4.51 26.79
C VAL B 314 19.17 -3.39 27.08
N LEU B 315 17.89 -3.60 26.94
CA LEU B 315 16.82 -2.66 27.16
C LEU B 315 16.58 -2.24 28.54
N LYS B 316 17.09 -2.98 29.51
CA LYS B 316 16.84 -2.69 30.92
C LYS B 316 18.04 -2.06 31.60
N SER B 317 19.15 -1.97 30.89
CA SER B 317 20.35 -1.36 31.43
C SER B 317 20.93 -0.37 30.43
N ARG B 318 20.19 0.72 30.22
CA ARG B 318 20.66 1.80 29.37
C ARG B 318 20.59 3.10 30.16
N LYS B 319 21.69 3.85 30.16
CA LYS B 319 21.71 5.14 30.84
C LYS B 319 21.55 6.25 29.81
N LEU B 320 21.39 7.50 30.27
CA LEU B 320 21.20 8.56 29.31
C LEU B 320 21.64 9.95 29.82
N ALA B 321 21.95 10.81 28.84
CA ALA B 321 22.66 12.09 28.76
C ALA B 321 21.77 13.33 28.85
N TYR B 322 21.96 14.25 27.89
CA TYR B 322 21.57 15.66 27.80
C TYR B 322 22.49 16.70 28.41
N ARG B 323 23.62 16.91 27.73
CA ARG B 323 24.44 18.11 27.82
C ARG B 323 24.10 19.05 26.66
N PRO B 324 23.40 20.16 26.88
CA PRO B 324 23.04 21.05 25.78
C PRO B 324 24.11 22.10 25.56
N PRO B 325 24.03 22.88 24.47
CA PRO B 325 25.07 23.89 24.22
C PRO B 325 24.95 25.08 25.17
N LYS B 326 26.03 25.34 25.90
CA LYS B 326 26.09 26.46 26.82
C LYS B 326 26.21 27.78 26.08
N THR C 3 35.67 16.64 24.17
CA THR C 3 36.47 15.42 24.19
C THR C 3 36.22 14.63 25.45
N ASP C 4 35.71 15.29 26.49
CA ASP C 4 35.61 14.72 27.82
C ASP C 4 34.27 14.02 28.01
N ILE C 5 34.18 12.79 27.51
CA ILE C 5 33.14 11.86 27.92
C ILE C 5 33.82 10.58 28.39
N ARG C 6 33.30 10.01 29.47
CA ARG C 6 33.68 8.67 29.92
C ARG C 6 32.40 7.91 30.15
N VAL C 7 32.35 6.66 29.71
CA VAL C 7 31.13 5.88 29.97
C VAL C 7 31.08 5.53 31.46
N PRO C 8 29.88 5.49 32.08
CA PRO C 8 29.83 5.32 33.54
C PRO C 8 30.16 3.91 33.98
N ASP C 9 30.07 3.66 35.29
CA ASP C 9 30.49 2.38 35.86
C ASP C 9 29.33 1.39 35.82
N PHE C 10 29.58 0.25 35.17
CA PHE C 10 28.58 -0.79 34.96
C PHE C 10 28.87 -2.04 35.79
N SER C 11 29.67 -1.89 36.84
CA SER C 11 30.23 -3.02 37.58
C SER C 11 29.17 -3.93 38.22
N ASP C 12 28.10 -3.36 38.75
CA ASP C 12 27.09 -4.14 39.43
C ASP C 12 26.45 -5.16 38.50
N TYR C 13 26.18 -4.76 37.27
CA TYR C 13 25.65 -5.64 36.25
C TYR C 13 26.71 -6.55 35.66
N ARG C 14 27.99 -6.32 35.97
CA ARG C 14 29.06 -7.10 35.35
C ARG C 14 29.01 -8.55 35.79
N ARG C 15 29.25 -9.44 34.84
CA ARG C 15 29.26 -10.87 35.11
C ARG C 15 30.40 -11.20 36.08
N ALA C 16 30.23 -12.29 36.83
CA ALA C 16 31.06 -12.58 37.99
C ALA C 16 32.55 -12.67 37.68
N GLU C 17 32.91 -13.03 36.45
CA GLU C 17 34.32 -13.07 36.06
C GLU C 17 34.79 -11.81 35.33
N VAL C 18 33.86 -10.90 35.04
CA VAL C 18 34.17 -9.72 34.22
C VAL C 18 34.45 -8.41 34.97
N LEU C 19 34.43 -8.45 36.29
CA LEU C 19 34.53 -7.21 37.08
C LEU C 19 35.84 -6.45 36.89
N ASP C 20 36.96 -7.16 36.88
CA ASP C 20 38.27 -6.54 36.75
C ASP C 20 38.58 -6.02 35.34
N SER C 21 39.40 -4.97 35.25
CA SER C 21 39.81 -4.46 33.93
C SER C 21 41.16 -4.97 33.41
N THR C 22 41.81 -5.85 34.17
CA THR C 22 43.22 -6.18 33.95
C THR C 22 43.66 -7.38 33.08
N LYS C 23 42.74 -8.16 32.51
CA LYS C 23 43.14 -9.37 31.83
C LYS C 23 42.26 -9.63 30.61
N SER C 24 42.81 -10.37 29.64
CA SER C 24 42.17 -10.59 28.33
C SER C 24 40.88 -11.41 28.32
N SER C 25 39.90 -10.94 27.54
CA SER C 25 38.59 -11.58 27.40
C SER C 25 38.45 -12.95 26.71
N LYS C 26 39.17 -13.17 25.60
CA LYS C 26 38.88 -14.32 24.75
C LYS C 26 39.01 -15.64 25.50
N GLU C 27 39.55 -15.63 26.71
CA GLU C 27 39.57 -16.84 27.53
C GLU C 27 38.21 -17.10 28.16
N SER C 28 37.47 -16.04 28.50
CA SER C 28 36.23 -16.15 29.25
C SER C 28 35.00 -16.24 28.36
N SER C 29 35.17 -16.41 27.05
CA SER C 29 34.03 -16.35 26.14
C SER C 29 33.23 -17.64 26.14
N ASP C 30 33.92 -18.79 26.15
CA ASP C 30 33.23 -20.07 25.96
C ASP C 30 32.43 -20.49 27.18
N ALA C 31 32.87 -20.09 28.37
CA ALA C 31 32.18 -20.50 29.60
C ALA C 31 31.13 -19.49 30.05
N ARG C 32 30.69 -18.58 29.18
CA ARG C 32 29.63 -17.65 29.54
C ARG C 32 28.54 -17.49 28.48
N LYS C 33 28.72 -18.00 27.27
CA LYS C 33 27.61 -18.07 26.32
C LYS C 33 27.10 -19.49 26.11
N GLY C 34 27.95 -20.50 26.33
CA GLY C 34 27.49 -21.88 26.30
C GLY C 34 26.42 -22.18 27.32
N PHE C 35 26.38 -21.42 28.42
CA PHE C 35 25.27 -21.49 29.34
C PHE C 35 24.03 -20.79 28.80
N SER C 36 24.22 -19.71 28.05
CA SER C 36 23.09 -18.94 27.52
C SER C 36 22.48 -19.56 26.27
N TYR C 37 23.06 -20.64 25.75
CA TYR C 37 22.47 -21.38 24.64
C TYR C 37 21.90 -22.73 25.06
N LEU C 38 22.38 -23.29 26.18
CA LEU C 38 21.80 -24.53 26.70
C LEU C 38 20.35 -24.36 27.10
N ILE C 39 20.00 -23.19 27.64
CA ILE C 39 18.62 -22.93 28.04
C ILE C 39 17.68 -23.01 26.83
N THR C 40 18.10 -22.41 25.71
CA THR C 40 17.25 -22.37 24.53
C THR C 40 17.16 -23.74 23.87
N ALA C 41 18.27 -24.47 23.82
CA ALA C 41 18.26 -25.80 23.20
C ALA C 41 17.39 -26.77 23.96
N THR C 42 17.49 -26.78 25.29
CA THR C 42 16.75 -27.75 26.09
C THR C 42 15.24 -27.45 26.09
N THR C 43 14.86 -26.20 25.88
CA THR C 43 13.44 -25.86 25.85
C THR C 43 12.77 -26.43 24.61
N THR C 44 13.49 -26.52 23.49
CA THR C 44 12.93 -27.10 22.27
C THR C 44 12.67 -28.59 22.45
N VAL C 45 13.48 -29.26 23.28
CA VAL C 45 13.28 -30.68 23.56
C VAL C 45 11.92 -30.91 24.18
N GLY C 46 11.53 -30.06 25.13
CA GLY C 46 10.19 -30.14 25.68
C GLY C 46 9.12 -29.80 24.66
N VAL C 47 9.37 -28.77 23.85
CA VAL C 47 8.40 -28.38 22.83
C VAL C 47 8.25 -29.47 21.78
N ALA C 48 9.36 -30.15 21.45
CA ALA C 48 9.26 -31.31 20.58
C ALA C 48 8.45 -32.43 21.21
N TYR C 49 8.22 -32.38 22.52
CA TYR C 49 7.53 -33.48 23.19
C TYR C 49 6.02 -33.24 23.24
N ALA C 50 5.59 -32.08 23.71
CA ALA C 50 4.18 -31.76 23.85
C ALA C 50 3.53 -31.33 22.52
N ALA C 51 4.28 -31.34 21.42
CA ALA C 51 3.73 -31.07 20.10
C ALA C 51 3.52 -32.33 19.29
N LYS C 52 4.34 -33.36 19.50
CA LYS C 52 4.06 -34.68 18.94
C LYS C 52 2.75 -35.23 19.49
N ASN C 53 2.50 -35.00 20.78
CA ASN C 53 1.23 -35.39 21.38
C ASN C 53 0.11 -34.42 21.03
N ALA C 54 0.45 -33.28 20.44
CA ALA C 54 -0.59 -32.36 19.98
C ALA C 54 -1.25 -32.85 18.70
N VAL C 55 -0.49 -33.55 17.85
CA VAL C 55 -1.00 -34.03 16.57
C VAL C 55 -1.50 -35.46 16.70
N SER C 56 -0.60 -36.37 17.10
CA SER C 56 -0.86 -37.80 17.03
C SER C 56 -2.07 -38.24 17.82
N GLN C 57 -2.51 -37.44 18.80
CA GLN C 57 -3.74 -37.75 19.52
C GLN C 57 -4.97 -37.56 18.64
N PHE C 58 -4.93 -36.60 17.72
CA PHE C 58 -6.09 -36.29 16.90
C PHE C 58 -6.07 -36.95 15.53
N VAL C 59 -4.91 -37.41 15.06
CA VAL C 59 -4.84 -38.09 13.78
C VAL C 59 -5.55 -39.44 13.86
N SER C 60 -5.57 -40.05 15.04
CA SER C 60 -6.27 -41.31 15.22
C SER C 60 -7.71 -41.13 15.68
N SER C 61 -8.19 -39.90 15.86
CA SER C 61 -9.59 -39.69 16.17
C SER C 61 -10.48 -39.99 14.96
N MET C 62 -9.91 -39.73 13.78
CA MET C 62 -10.50 -40.14 12.51
C MET C 62 -10.51 -41.66 12.41
N SER C 63 -9.64 -42.29 13.20
CA SER C 63 -9.41 -43.73 13.15
C SER C 63 -10.62 -44.52 13.62
N ALA C 64 -10.66 -45.81 13.26
CA ALA C 64 -11.87 -46.62 13.34
C ALA C 64 -12.45 -46.68 14.75
N SER C 65 -13.78 -46.63 14.80
CA SER C 65 -14.56 -46.40 16.01
C SER C 65 -14.90 -47.71 16.67
N ALA C 66 -14.82 -47.73 18.01
CA ALA C 66 -15.08 -48.95 18.76
C ALA C 66 -16.50 -49.45 18.56
N ASP C 67 -17.42 -48.54 18.18
CA ASP C 67 -18.75 -48.96 17.78
C ASP C 67 -18.69 -49.87 16.56
N VAL C 68 -17.83 -49.51 15.59
CA VAL C 68 -17.67 -50.32 14.39
C VAL C 68 -16.56 -51.35 14.59
N LEU C 69 -15.49 -50.95 15.29
CA LEU C 69 -14.35 -51.84 15.49
C LEU C 69 -14.77 -53.12 16.20
N ALA C 70 -15.79 -53.04 17.05
CA ALA C 70 -16.23 -54.20 17.80
C ALA C 70 -16.93 -55.21 16.90
N MET C 71 -17.86 -54.75 16.06
CA MET C 71 -18.71 -55.70 15.33
C MET C 71 -18.14 -56.03 13.95
N SER C 72 -17.51 -55.05 13.29
CA SER C 72 -17.00 -55.30 11.94
C SER C 72 -15.83 -56.28 11.96
N LYS C 73 -14.91 -56.11 12.91
CA LYS C 73 -13.73 -56.95 12.94
C LYS C 73 -14.08 -58.41 13.22
N ILE C 74 -14.95 -58.67 14.19
CA ILE C 74 -15.31 -60.03 14.58
C ILE C 74 -16.81 -60.22 14.40
N GLU C 75 -17.17 -61.24 13.63
CA GLU C 75 -18.53 -61.74 13.58
C GLU C 75 -18.49 -63.25 13.76
N ILE C 76 -19.26 -63.79 14.70
CA ILE C 76 -19.33 -65.23 14.83
C ILE C 76 -20.69 -65.73 14.39
N LYS C 77 -20.74 -66.30 13.19
CA LYS C 77 -21.96 -66.88 12.67
C LYS C 77 -21.80 -68.33 12.26
N LEU C 78 -20.60 -68.89 12.44
CA LEU C 78 -20.29 -70.17 11.84
C LEU C 78 -21.24 -71.24 12.38
N SER C 79 -21.29 -72.38 11.68
CA SER C 79 -22.17 -73.50 12.02
C SER C 79 -23.63 -73.05 12.00
N ASP C 80 -23.97 -72.19 11.04
CA ASP C 80 -25.30 -71.63 10.93
C ASP C 80 -26.04 -72.04 9.66
N ILE C 81 -25.34 -72.23 8.55
CA ILE C 81 -25.96 -72.35 7.23
C ILE C 81 -26.23 -73.82 6.95
N PRO C 82 -27.48 -74.20 6.69
CA PRO C 82 -27.75 -75.57 6.23
C PRO C 82 -27.01 -75.87 4.93
N GLU C 83 -26.65 -77.14 4.74
CA GLU C 83 -25.83 -77.55 3.60
C GLU C 83 -26.49 -77.33 2.24
N GLY C 84 -25.68 -77.01 1.24
CA GLY C 84 -26.14 -76.86 -0.13
C GLY C 84 -26.67 -75.51 -0.57
N LYS C 85 -26.60 -74.52 0.31
CA LYS C 85 -27.04 -73.16 -0.05
C LYS C 85 -25.92 -72.14 0.12
N ASN C 86 -25.71 -71.30 -0.88
CA ASN C 86 -24.68 -70.27 -0.79
C ASN C 86 -25.36 -68.90 -0.77
N MET C 87 -25.63 -68.42 0.44
CA MET C 87 -26.39 -67.19 0.62
C MET C 87 -25.48 -65.99 0.84
N ALA C 88 -26.08 -64.80 0.83
CA ALA C 88 -25.36 -63.53 0.91
C ALA C 88 -25.72 -62.79 2.18
N PHE C 89 -24.71 -62.22 2.84
CA PHE C 89 -24.87 -61.47 4.08
C PHE C 89 -24.48 -60.01 3.88
N LYS C 90 -24.46 -59.28 5.00
CA LYS C 90 -23.98 -57.90 5.06
C LYS C 90 -23.24 -57.71 6.39
N TRP C 91 -21.94 -57.98 6.36
CA TRP C 91 -21.06 -57.70 7.48
C TRP C 91 -19.71 -57.24 6.95
N ARG C 92 -19.04 -56.36 7.70
CA ARG C 92 -17.70 -55.90 7.33
C ARG C 92 -17.73 -54.89 6.19
N GLY C 93 -18.91 -54.38 5.87
CA GLY C 93 -19.06 -53.38 4.83
C GLY C 93 -19.12 -53.95 3.43
N LYS C 94 -19.14 -55.28 3.32
CA LYS C 94 -19.25 -55.94 2.03
C LYS C 94 -20.10 -57.19 2.17
N PRO C 95 -20.64 -57.70 1.06
CA PRO C 95 -21.24 -59.04 1.12
C PRO C 95 -20.19 -60.09 1.46
N LEU C 96 -20.57 -61.03 2.33
CA LEU C 96 -19.67 -62.07 2.83
C LEU C 96 -20.37 -63.40 2.60
N PHE C 97 -20.07 -64.05 1.49
CA PHE C 97 -20.75 -65.28 1.12
C PHE C 97 -20.42 -66.40 2.10
N VAL C 98 -21.44 -67.13 2.52
CA VAL C 98 -21.30 -68.21 3.49
C VAL C 98 -21.98 -69.46 2.91
N ARG C 99 -21.39 -70.62 3.19
CA ARG C 99 -21.83 -71.87 2.60
C ARG C 99 -21.17 -73.02 3.35
N HIS C 100 -21.90 -74.13 3.50
CA HIS C 100 -21.36 -75.35 4.10
C HIS C 100 -21.07 -76.33 2.98
N ARG C 101 -19.96 -77.07 3.10
CA ARG C 101 -19.49 -77.90 2.01
C ARG C 101 -19.63 -79.39 2.31
N THR C 102 -20.07 -80.14 1.29
CA THR C 102 -20.01 -81.59 1.29
C THR C 102 -18.67 -82.02 0.72
N LYS C 103 -18.25 -83.26 1.03
CA LYS C 103 -16.96 -83.73 0.54
C LYS C 103 -16.97 -83.93 -0.97
N LYS C 104 -18.12 -84.28 -1.55
CA LYS C 104 -18.20 -84.45 -2.99
C LYS C 104 -17.87 -83.15 -3.71
N GLU C 105 -18.20 -82.02 -3.10
CA GLU C 105 -17.93 -80.73 -3.74
C GLU C 105 -16.44 -80.48 -3.89
N ILE C 106 -15.64 -80.84 -2.89
CA ILE C 106 -14.19 -80.68 -3.02
C ILE C 106 -13.67 -81.51 -4.20
N ASP C 107 -14.24 -82.70 -4.39
CA ASP C 107 -13.76 -83.58 -5.44
C ASP C 107 -13.93 -82.96 -6.83
N GLN C 108 -15.07 -82.33 -7.09
CA GLN C 108 -15.24 -81.60 -8.34
C GLN C 108 -14.32 -80.38 -8.39
N GLU C 109 -14.18 -79.68 -7.26
CA GLU C 109 -13.29 -78.53 -7.21
C GLU C 109 -11.83 -78.94 -7.40
N ALA C 110 -11.42 -80.04 -6.78
CA ALA C 110 -10.03 -80.47 -6.88
C ALA C 110 -9.71 -81.09 -8.24
N ALA C 111 -10.63 -81.91 -8.77
CA ALA C 111 -10.32 -82.68 -9.97
C ALA C 111 -10.13 -81.82 -11.21
N VAL C 112 -10.52 -80.54 -11.15
CA VAL C 112 -10.23 -79.63 -12.25
C VAL C 112 -8.72 -79.45 -12.34
N GLU C 113 -8.18 -79.62 -13.55
CA GLU C 113 -6.74 -79.66 -13.72
C GLU C 113 -6.10 -78.30 -13.46
N VAL C 114 -4.86 -78.35 -12.96
CA VAL C 114 -4.16 -77.13 -12.54
C VAL C 114 -3.76 -76.29 -13.74
N SER C 115 -3.19 -76.93 -14.78
CA SER C 115 -2.54 -76.18 -15.86
C SER C 115 -3.56 -75.47 -16.76
N GLN C 116 -4.83 -75.85 -16.69
CA GLN C 116 -5.82 -75.22 -17.56
C GLN C 116 -6.28 -73.86 -17.06
N LEU C 117 -5.93 -73.49 -15.82
CA LEU C 117 -6.43 -72.26 -15.22
C LEU C 117 -5.32 -71.22 -15.11
N ARG C 118 -5.69 -69.97 -15.40
CA ARG C 118 -4.70 -68.92 -15.64
C ARG C 118 -3.92 -68.56 -14.37
N ASP C 119 -4.63 -68.27 -13.28
CA ASP C 119 -3.99 -67.80 -12.04
C ASP C 119 -4.50 -68.65 -10.88
N PRO C 120 -3.87 -69.80 -10.63
CA PRO C 120 -4.43 -70.73 -9.65
C PRO C 120 -4.04 -70.44 -8.20
N GLN C 121 -5.05 -70.33 -7.34
CA GLN C 121 -4.86 -70.29 -5.90
C GLN C 121 -5.42 -71.59 -5.32
N HIS C 122 -4.58 -72.33 -4.62
CA HIS C 122 -4.98 -73.66 -4.15
C HIS C 122 -6.00 -73.54 -3.03
N ASP C 123 -6.96 -74.47 -3.01
CA ASP C 123 -7.95 -74.48 -1.95
C ASP C 123 -7.39 -75.09 -0.66
N LEU C 124 -6.52 -76.09 -0.78
CA LEU C 124 -6.02 -76.79 0.40
C LEU C 124 -5.22 -75.86 1.31
N GLU C 125 -4.33 -75.05 0.74
CA GLU C 125 -3.54 -74.11 1.52
C GLU C 125 -4.28 -72.81 1.83
N ARG C 126 -5.37 -72.53 1.12
CA ARG C 126 -6.12 -71.29 1.38
C ARG C 126 -6.92 -71.40 2.66
N VAL C 127 -7.58 -72.53 2.88
CA VAL C 127 -8.47 -72.74 4.02
C VAL C 127 -8.01 -73.99 4.75
N LYS C 128 -7.88 -73.89 6.07
CA LYS C 128 -7.44 -75.04 6.87
C LYS C 128 -8.45 -76.19 6.78
N LYS C 129 -9.72 -75.89 7.04
CA LYS C 129 -10.75 -76.91 7.02
C LYS C 129 -11.51 -76.83 5.71
N PRO C 130 -11.39 -77.80 4.80
CA PRO C 130 -11.98 -77.66 3.47
C PRO C 130 -13.49 -77.56 3.46
N GLU C 131 -14.20 -78.01 4.50
CA GLU C 131 -15.64 -77.94 4.48
C GLU C 131 -16.18 -76.56 4.85
N TRP C 132 -15.32 -75.64 5.27
CA TRP C 132 -15.80 -74.30 5.60
C TRP C 132 -15.29 -73.25 4.62
N VAL C 133 -16.21 -72.52 4.00
CA VAL C 133 -15.86 -71.47 3.05
C VAL C 133 -16.54 -70.12 3.34
N ILE C 134 -15.73 -69.07 3.37
CA ILE C 134 -16.23 -67.70 3.45
C ILE C 134 -15.57 -66.89 2.33
N LEU C 135 -16.35 -66.09 1.60
CA LEU C 135 -15.76 -65.38 0.48
C LEU C 135 -16.55 -64.11 0.18
N ILE C 136 -15.85 -63.11 -0.34
CA ILE C 136 -16.47 -61.85 -0.73
C ILE C 136 -16.84 -61.91 -2.20
N GLY C 137 -18.05 -61.45 -2.52
CA GLY C 137 -18.52 -61.50 -3.90
C GLY C 137 -17.92 -60.43 -4.80
N VAL C 138 -17.23 -59.45 -4.23
CA VAL C 138 -16.58 -58.40 -5.01
C VAL C 138 -15.56 -59.04 -5.95
N CYS C 139 -15.72 -58.80 -7.25
CA CYS C 139 -14.79 -59.40 -8.21
C CYS C 139 -13.46 -58.65 -8.19
N THR C 140 -12.60 -58.98 -9.16
CA THR C 140 -11.21 -58.54 -9.07
C THR C 140 -10.93 -57.32 -9.93
N HIS C 141 -11.63 -57.17 -11.05
CA HIS C 141 -11.40 -56.00 -11.90
C HIS C 141 -12.05 -54.76 -11.30
N LEU C 142 -13.35 -54.83 -11.07
CA LEU C 142 -14.10 -53.68 -10.56
C LEU C 142 -14.92 -54.01 -9.32
N GLY C 143 -15.41 -55.24 -9.17
CA GLY C 143 -16.11 -55.65 -7.97
C GLY C 143 -17.49 -56.23 -8.13
N CYS C 144 -17.82 -56.82 -9.28
CA CYS C 144 -19.17 -57.32 -9.49
C CYS C 144 -19.52 -58.46 -8.53
N VAL C 145 -20.71 -58.38 -7.97
CA VAL C 145 -21.24 -59.37 -7.03
C VAL C 145 -22.27 -60.22 -7.76
N PRO C 146 -22.22 -61.55 -7.62
CA PRO C 146 -23.31 -62.38 -8.14
C PRO C 146 -24.47 -62.49 -7.17
N ILE C 147 -25.44 -63.34 -7.51
CA ILE C 147 -26.59 -63.62 -6.65
C ILE C 147 -26.51 -65.07 -6.21
N ALA C 148 -27.20 -65.43 -5.14
CA ALA C 148 -27.09 -66.79 -4.61
C ALA C 148 -27.54 -67.83 -5.63
N ASN C 149 -26.81 -68.94 -5.70
CA ASN C 149 -27.13 -70.04 -6.60
C ASN C 149 -27.19 -69.68 -8.09
N ALA C 150 -26.26 -68.84 -8.54
CA ALA C 150 -26.25 -68.42 -9.94
C ALA C 150 -24.98 -68.80 -10.71
N GLY C 151 -25.17 -69.39 -11.89
CA GLY C 151 -24.09 -69.70 -12.81
C GLY C 151 -23.99 -71.17 -13.16
N ASP C 152 -23.43 -71.45 -14.34
CA ASP C 152 -23.23 -72.83 -14.77
C ASP C 152 -22.28 -73.57 -13.84
N PHE C 153 -21.18 -72.94 -13.45
CA PHE C 153 -20.21 -73.56 -12.57
C PHE C 153 -20.70 -73.70 -11.15
N GLY C 154 -21.75 -72.97 -10.77
CA GLY C 154 -22.24 -73.00 -9.40
C GLY C 154 -21.49 -72.11 -8.44
N GLY C 155 -20.54 -71.32 -8.94
CA GLY C 155 -19.77 -70.43 -8.10
C GLY C 155 -20.22 -68.99 -8.22
N TYR C 156 -19.52 -68.21 -9.03
CA TYR C 156 -19.79 -66.78 -9.20
C TYR C 156 -19.92 -66.47 -10.68
N TYR C 157 -21.07 -65.91 -11.07
CA TYR C 157 -21.33 -65.51 -12.45
C TYR C 157 -21.57 -64.01 -12.48
N CYS C 158 -20.90 -63.32 -13.41
CA CYS C 158 -20.95 -61.87 -13.47
C CYS C 158 -22.08 -61.43 -14.39
N PRO C 159 -22.98 -60.54 -13.95
CA PRO C 159 -23.94 -59.94 -14.88
C PRO C 159 -23.36 -58.82 -15.72
N CYS C 160 -22.36 -58.10 -15.19
CA CYS C 160 -21.79 -56.98 -15.93
C CYS C 160 -21.04 -57.44 -17.17
N HIS C 161 -20.13 -58.41 -17.00
CA HIS C 161 -19.18 -58.75 -18.05
C HIS C 161 -19.26 -60.21 -18.46
N GLY C 162 -20.27 -60.95 -18.01
CA GLY C 162 -20.43 -62.33 -18.41
C GLY C 162 -19.25 -63.23 -18.07
N SER C 163 -18.71 -63.09 -16.86
CA SER C 163 -17.56 -63.84 -16.42
C SER C 163 -17.95 -64.84 -15.34
N HIS C 164 -17.07 -65.80 -15.10
CA HIS C 164 -17.25 -66.80 -14.05
C HIS C 164 -16.06 -66.77 -13.10
N TYR C 165 -16.34 -66.99 -11.82
CA TYR C 165 -15.33 -67.26 -10.81
C TYR C 165 -15.62 -68.61 -10.15
N ASP C 166 -14.56 -69.33 -9.81
CA ASP C 166 -14.69 -70.67 -9.26
C ASP C 166 -15.30 -70.61 -7.86
N ALA C 167 -15.56 -71.78 -7.28
CA ALA C 167 -16.22 -71.85 -5.98
C ALA C 167 -15.40 -71.16 -4.89
N SER C 168 -14.08 -71.36 -4.90
CA SER C 168 -13.19 -70.74 -3.92
C SER C 168 -12.65 -69.40 -4.40
N GLY C 169 -13.06 -68.93 -5.58
CA GLY C 169 -12.63 -67.65 -6.09
C GLY C 169 -11.57 -67.69 -7.15
N ARG C 170 -11.14 -68.88 -7.60
CA ARG C 170 -10.21 -68.97 -8.70
C ARG C 170 -10.85 -68.43 -9.98
N ILE C 171 -10.09 -67.63 -10.71
CA ILE C 171 -10.63 -66.95 -11.89
C ILE C 171 -10.54 -67.90 -13.08
N ARG C 172 -11.61 -67.92 -13.88
CA ARG C 172 -11.65 -68.76 -15.07
C ARG C 172 -11.74 -67.95 -16.35
N LYS C 173 -12.63 -66.97 -16.43
CA LYS C 173 -12.90 -66.24 -17.65
C LYS C 173 -12.54 -64.76 -17.50
N GLY C 174 -12.18 -64.13 -18.61
CA GLY C 174 -11.83 -62.73 -18.62
C GLY C 174 -13.04 -61.83 -18.47
N PRO C 175 -12.84 -60.50 -18.56
CA PRO C 175 -11.58 -59.81 -18.85
C PRO C 175 -10.63 -59.80 -17.65
N ALA C 176 -11.14 -60.16 -16.48
CA ALA C 176 -10.34 -60.17 -15.28
C ALA C 176 -9.49 -61.43 -15.22
N PRO C 177 -8.17 -61.32 -15.14
CA PRO C 177 -7.34 -62.51 -14.92
C PRO C 177 -6.96 -62.69 -13.46
N LEU C 178 -7.45 -61.77 -12.61
CA LEU C 178 -7.07 -61.70 -11.21
C LEU C 178 -7.99 -62.57 -10.36
N ASN C 179 -7.49 -62.95 -9.18
CA ASN C 179 -8.14 -63.96 -8.35
C ASN C 179 -8.94 -63.33 -7.21
N LEU C 180 -10.15 -63.84 -7.01
CA LEU C 180 -11.04 -63.31 -5.97
C LEU C 180 -10.46 -63.56 -4.58
N GLU C 181 -10.66 -62.60 -3.69
CA GLU C 181 -9.96 -62.57 -2.40
C GLU C 181 -10.74 -63.31 -1.32
N VAL C 182 -10.01 -63.98 -0.44
CA VAL C 182 -10.54 -64.59 0.77
C VAL C 182 -10.56 -63.56 1.90
N PRO C 183 -11.70 -63.33 2.55
CA PRO C 183 -11.72 -62.45 3.72
C PRO C 183 -10.86 -63.01 4.86
N THR C 184 -10.36 -62.09 5.69
CA THR C 184 -9.48 -62.48 6.78
C THR C 184 -10.21 -63.33 7.82
N TYR C 185 -9.61 -64.45 8.19
CA TYR C 185 -10.21 -65.37 9.14
C TYR C 185 -9.10 -66.14 9.85
N GLU C 186 -9.46 -66.72 11.00
CA GLU C 186 -8.62 -67.71 11.66
C GLU C 186 -9.51 -68.60 12.51
N PHE C 187 -9.47 -69.90 12.24
CA PHE C 187 -10.38 -70.87 12.86
C PHE C 187 -9.84 -71.25 14.23
N THR C 188 -10.40 -70.66 15.28
CA THR C 188 -9.97 -70.92 16.64
C THR C 188 -10.63 -72.17 17.22
N SER C 189 -11.80 -72.53 16.73
CA SER C 189 -12.51 -73.71 17.20
C SER C 189 -13.47 -74.20 16.11
N ASP C 190 -13.90 -75.44 16.25
CA ASP C 190 -14.87 -76.02 15.32
C ASP C 190 -16.29 -75.51 15.57
N ASP C 191 -16.57 -74.98 16.75
CA ASP C 191 -17.91 -74.52 17.10
C ASP C 191 -18.05 -73.02 17.23
N LEU C 192 -16.97 -72.29 17.55
CA LEU C 192 -16.99 -70.84 17.62
C LEU C 192 -15.87 -70.30 16.74
N VAL C 193 -16.20 -69.34 15.89
CA VAL C 193 -15.25 -68.86 14.91
C VAL C 193 -15.07 -67.36 14.99
N ILE C 194 -13.81 -66.92 14.98
CA ILE C 194 -13.52 -65.51 14.89
C ILE C 194 -13.04 -65.28 13.47
N VAL C 195 -13.79 -64.45 12.74
CA VAL C 195 -13.43 -64.12 11.38
C VAL C 195 -13.09 -62.64 11.36
N GLY C 196 -11.91 -62.31 10.86
CA GLY C 196 -11.47 -60.94 10.92
C GLY C 196 -10.36 -60.73 11.94
N ALA D 36 66.41 -8.63 -15.19
CA ALA D 36 65.82 -7.69 -14.23
C ALA D 36 64.48 -8.19 -13.74
N THR D 37 64.36 -9.50 -13.56
CA THR D 37 63.12 -10.10 -13.08
C THR D 37 62.81 -9.66 -11.65
N TYR D 38 61.53 -9.45 -11.37
CA TYR D 38 61.09 -9.03 -10.05
C TYR D 38 61.78 -9.83 -8.96
N ALA D 39 62.24 -11.03 -9.32
CA ALA D 39 62.93 -11.90 -8.37
C ALA D 39 64.31 -11.37 -8.01
N GLN D 40 65.06 -10.90 -9.00
CA GLN D 40 66.44 -10.46 -8.76
C GLN D 40 66.54 -9.08 -8.13
N ALA D 41 65.46 -8.30 -8.16
CA ALA D 41 65.54 -6.92 -7.72
C ALA D 41 65.32 -6.76 -6.23
N LEU D 42 64.57 -7.68 -5.60
CA LEU D 42 64.35 -7.60 -4.16
C LEU D 42 65.65 -7.75 -3.39
N GLN D 43 66.48 -8.72 -3.76
CA GLN D 43 67.67 -9.05 -2.98
C GLN D 43 68.88 -8.21 -3.34
N SER D 44 68.68 -7.10 -4.04
CA SER D 44 69.74 -6.12 -4.28
C SER D 44 69.55 -4.83 -3.49
N VAL D 45 68.49 -4.75 -2.69
CA VAL D 45 68.29 -3.56 -1.86
C VAL D 45 69.40 -3.49 -0.81
N PRO D 46 69.98 -2.32 -0.54
CA PRO D 46 71.00 -2.24 0.51
C PRO D 46 70.43 -2.63 1.86
N GLU D 47 71.30 -3.21 2.69
CA GLU D 47 70.89 -3.71 3.99
C GLU D 47 71.06 -2.63 5.05
N THR D 48 70.78 -3.00 6.30
CA THR D 48 70.77 -2.08 7.42
C THR D 48 71.79 -2.53 8.46
N GLN D 49 72.51 -1.56 9.02
CA GLN D 49 73.49 -1.81 10.07
C GLN D 49 72.95 -1.34 11.41
N VAL D 50 73.17 -2.13 12.46
CA VAL D 50 72.73 -1.78 13.81
C VAL D 50 73.92 -1.94 14.75
N SER D 51 74.02 -1.04 15.73
CA SER D 51 75.07 -1.06 16.74
C SER D 51 74.50 -0.57 18.05
N GLN D 52 75.28 -0.70 19.12
CA GLN D 52 74.82 -0.30 20.44
C GLN D 52 75.93 0.41 21.20
N LEU D 53 75.53 1.25 22.13
CA LEU D 53 76.43 2.04 22.96
C LEU D 53 76.55 1.43 24.36
N ASP D 54 77.49 1.97 25.14
CA ASP D 54 77.66 1.51 26.51
C ASP D 54 76.45 1.84 27.37
N ASN D 55 75.85 3.01 27.17
CA ASN D 55 74.60 3.36 27.83
C ASN D 55 73.47 2.44 27.38
N GLY D 56 73.58 1.89 26.17
CA GLY D 56 72.58 0.96 25.65
C GLY D 56 71.76 1.49 24.51
N LEU D 57 71.99 2.72 24.08
CA LEU D 57 71.22 3.31 22.99
C LEU D 57 71.58 2.65 21.66
N ARG D 58 70.58 2.48 20.80
CA ARG D 58 70.76 1.78 19.54
C ARG D 58 70.84 2.80 18.40
N VAL D 59 71.70 2.50 17.41
CA VAL D 59 72.01 3.41 16.31
C VAL D 59 71.97 2.63 15.00
N ALA D 60 71.14 3.07 14.06
CA ALA D 60 70.98 2.39 12.78
C ALA D 60 70.97 3.41 11.65
N SER D 61 71.21 2.95 10.44
CA SER D 61 71.41 3.81 9.30
C SER D 61 71.07 3.08 8.03
N GLU D 62 71.11 3.77 6.92
CA GLU D 62 71.20 3.18 5.59
C GLU D 62 71.78 4.15 4.51
N GLN D 63 72.37 3.68 3.43
CA GLN D 63 72.97 4.58 2.42
C GLN D 63 72.68 4.34 0.94
N SER D 64 72.26 5.37 0.21
CA SER D 64 71.76 5.16 -1.14
C SER D 64 72.43 6.03 -2.20
N SER D 65 73.43 6.83 -1.83
CA SER D 65 74.21 7.64 -2.78
C SER D 65 73.33 8.68 -3.48
N GLN D 66 72.86 9.64 -2.69
CA GLN D 66 72.12 10.77 -3.22
C GLN D 66 72.32 11.96 -2.28
N PRO D 67 72.09 13.21 -2.77
CA PRO D 67 72.50 14.41 -2.01
C PRO D 67 71.50 14.90 -0.97
N THR D 68 70.97 13.99 -0.16
CA THR D 68 70.00 14.40 0.83
C THR D 68 70.01 13.38 1.97
N CYS D 69 69.67 13.84 3.17
CA CYS D 69 69.64 13.00 4.35
C CYS D 69 68.40 13.36 5.18
N THR D 70 68.19 12.59 6.24
CA THR D 70 67.14 12.86 7.21
C THR D 70 67.48 12.11 8.48
N VAL D 71 67.24 12.73 9.63
CA VAL D 71 67.68 12.22 10.92
C VAL D 71 66.64 12.57 11.98
N GLY D 72 66.35 11.63 12.87
CA GLY D 72 65.44 11.89 13.97
C GLY D 72 65.63 10.91 15.11
N VAL D 73 64.80 11.05 16.12
CA VAL D 73 64.81 10.17 17.29
C VAL D 73 63.40 9.67 17.56
N TRP D 74 63.26 8.35 17.72
CA TRP D 74 62.00 7.71 18.04
C TRP D 74 62.04 7.25 19.49
N ILE D 75 61.00 7.49 20.26
CA ILE D 75 61.03 7.17 21.67
C ILE D 75 59.74 6.52 22.13
N ASP D 76 59.76 5.78 23.26
CA ASP D 76 58.60 4.99 23.81
C ASP D 76 57.83 5.66 24.93
N ALA D 77 56.75 6.32 24.60
CA ALA D 77 56.04 7.09 25.50
C ALA D 77 54.78 7.26 24.77
N GLY D 78 53.85 8.00 25.31
CA GLY D 78 52.55 8.07 24.73
C GLY D 78 51.71 8.19 25.90
N SER D 79 50.44 8.26 25.65
CA SER D 79 49.32 8.51 26.56
C SER D 79 48.86 7.26 27.30
N ARG D 80 49.16 6.09 26.77
CA ARG D 80 48.81 4.86 27.45
C ARG D 80 49.52 4.80 28.80
N TYR D 81 50.75 5.30 28.82
CA TYR D 81 51.67 5.06 29.92
C TYR D 81 51.35 5.89 31.15
N GLU D 82 50.27 6.66 31.12
CA GLU D 82 50.04 7.73 32.09
C GLU D 82 48.78 7.62 32.96
N ASN D 83 48.96 7.91 34.25
CA ASN D 83 47.87 7.95 35.22
C ASN D 83 46.95 9.13 34.95
N GLU D 84 45.74 9.09 35.49
CA GLU D 84 44.73 10.10 35.19
C GLU D 84 45.17 11.49 35.58
N LYS D 85 45.81 11.63 36.73
CA LYS D 85 46.38 12.93 37.11
C LYS D 85 47.34 13.47 36.07
N ASN D 86 47.78 12.65 35.12
CA ASN D 86 48.64 13.07 34.01
C ASN D 86 48.07 12.61 32.68
N ASN D 87 46.77 12.78 32.49
CA ASN D 87 46.15 12.38 31.23
C ASN D 87 46.65 13.13 29.99
N GLY D 88 46.82 14.44 30.11
CA GLY D 88 47.18 15.28 28.97
C GLY D 88 48.61 15.79 28.90
N ALA D 89 49.47 15.29 29.77
CA ALA D 89 50.82 15.84 29.94
C ALA D 89 51.77 15.78 28.74
N GLY D 90 51.77 14.68 28.01
CA GLY D 90 52.79 14.41 27.02
C GLY D 90 52.59 15.21 25.74
N TYR D 91 51.36 15.67 25.52
CA TYR D 91 51.05 16.53 24.38
C TYR D 91 51.44 17.97 24.66
N PHE D 92 51.69 18.30 25.92
CA PHE D 92 52.04 19.65 26.33
C PHE D 92 53.54 19.91 26.22
N VAL D 93 54.37 18.86 26.20
CA VAL D 93 55.82 19.00 26.03
C VAL D 93 56.19 19.10 24.56
N GLU D 94 55.63 18.23 23.72
CA GLU D 94 55.86 18.32 22.29
C GLU D 94 55.49 19.69 21.76
N HIS D 95 54.52 20.35 22.37
CA HIS D 95 54.05 21.66 21.96
C HIS D 95 55.06 22.77 22.19
N LEU D 96 56.14 22.51 22.96
CA LEU D 96 57.06 23.59 23.26
C LEU D 96 58.53 23.15 23.23
N ALA D 97 58.85 22.15 22.40
CA ALA D 97 60.25 21.81 22.21
C ALA D 97 60.97 22.80 21.30
N PHE D 98 60.27 23.36 20.32
CA PHE D 98 60.84 24.29 19.36
C PHE D 98 60.86 25.74 19.87
N LYS D 99 60.31 26.01 21.06
CA LYS D 99 60.21 27.36 21.57
C LYS D 99 61.47 27.81 22.29
N GLY D 100 62.51 26.99 22.32
CA GLY D 100 63.78 27.40 22.87
C GLY D 100 64.54 26.23 23.45
N THR D 101 65.65 26.57 24.09
CA THR D 101 66.51 25.65 24.83
C THR D 101 67.33 26.50 25.80
N LYS D 102 68.41 25.93 26.32
CA LYS D 102 69.25 26.70 27.24
C LYS D 102 70.36 27.47 26.55
N ASN D 103 70.83 27.00 25.39
CA ASN D 103 71.93 27.64 24.68
C ASN D 103 71.51 28.42 23.44
N ARG D 104 70.26 28.26 22.99
CA ARG D 104 69.72 29.00 21.85
C ARG D 104 68.42 29.61 22.36
N PRO D 105 68.50 30.72 23.08
CA PRO D 105 67.37 31.16 23.90
C PRO D 105 66.21 31.76 23.11
N GLY D 106 65.43 30.91 22.46
CA GLY D 106 64.21 31.37 21.83
C GLY D 106 64.28 31.49 20.32
N SER D 107 64.26 32.74 19.84
CA SER D 107 64.28 32.97 18.40
C SER D 107 65.57 32.51 17.75
N ALA D 108 66.65 32.36 18.52
CA ALA D 108 67.94 32.08 17.93
C ALA D 108 68.04 30.65 17.39
N LEU D 109 67.02 29.83 17.63
CA LEU D 109 67.08 28.44 17.17
C LEU D 109 66.51 28.29 15.76
N GLU D 110 65.33 28.87 15.50
CA GLU D 110 64.69 28.69 14.20
C GLU D 110 65.32 29.59 13.15
N LYS D 111 66.05 30.61 13.57
CA LYS D 111 66.82 31.41 12.62
C LYS D 111 68.11 30.74 12.22
N GLU D 112 68.43 29.59 12.82
CA GLU D 112 69.65 28.89 12.49
C GLU D 112 69.37 27.68 11.60
N VAL D 113 68.14 27.20 11.59
CA VAL D 113 67.73 26.16 10.65
C VAL D 113 67.27 26.76 9.32
N GLU D 114 66.69 27.97 9.34
CA GLU D 114 66.16 28.57 8.12
C GLU D 114 67.26 28.96 7.15
N SER D 115 68.38 29.47 7.66
CA SER D 115 69.46 29.91 6.79
C SER D 115 70.03 28.76 5.96
N MET D 116 70.00 27.55 6.50
CA MET D 116 70.41 26.38 5.73
C MET D 116 69.32 25.96 4.74
N GLY D 117 68.06 26.14 5.11
CA GLY D 117 66.95 25.65 4.31
C GLY D 117 66.50 24.26 4.70
N ALA D 118 66.19 24.04 5.97
CA ALA D 118 65.76 22.75 6.47
C ALA D 118 64.44 22.89 7.24
N HIS D 119 63.84 21.76 7.59
CA HIS D 119 62.51 21.69 8.19
C HIS D 119 62.56 21.01 9.55
N LEU D 120 61.41 21.00 10.23
CA LEU D 120 61.29 20.36 11.54
C LEU D 120 59.86 19.85 11.71
N ASN D 121 59.69 18.85 12.56
CA ASN D 121 58.40 18.20 12.77
C ASN D 121 58.32 17.65 14.18
N ALA D 122 57.10 17.22 14.54
CA ALA D 122 56.82 16.49 15.77
C ALA D 122 55.38 15.99 15.78
N TYR D 123 55.16 14.71 16.12
CA TYR D 123 53.83 14.18 16.32
C TYR D 123 53.81 13.33 17.59
N SER D 124 52.65 12.73 17.88
CA SER D 124 52.46 11.93 19.09
C SER D 124 51.21 11.09 18.96
N THR D 125 51.26 9.87 19.47
CA THR D 125 50.16 8.92 19.44
C THR D 125 49.99 8.35 20.85
N ARG D 126 49.22 7.28 20.99
CA ARG D 126 49.09 6.64 22.28
C ARG D 126 50.43 6.08 22.76
N GLU D 127 51.17 5.44 21.84
CA GLU D 127 52.44 4.82 22.19
C GLU D 127 53.71 5.39 21.53
N HIS D 128 53.60 6.47 20.76
CA HIS D 128 54.74 6.96 19.99
C HIS D 128 54.95 8.48 20.02
N THR D 129 56.19 8.90 19.80
CA THR D 129 56.51 10.33 19.71
C THR D 129 57.78 10.47 18.88
N ALA D 130 57.85 11.53 18.06
CA ALA D 130 58.94 11.70 17.10
C ALA D 130 59.46 13.12 17.09
N TYR D 131 60.70 13.26 16.62
CA TYR D 131 61.39 14.55 16.44
C TYR D 131 62.43 14.37 15.34
N TYR D 132 62.15 14.84 14.13
CA TYR D 132 63.09 14.61 13.05
C TYR D 132 63.29 15.87 12.20
N ILE D 133 64.34 15.84 11.38
CA ILE D 133 64.83 17.00 10.63
C ILE D 133 65.10 16.53 9.20
N LYS D 134 65.19 17.47 8.28
CA LYS D 134 65.33 17.14 6.86
C LYS D 134 66.17 18.22 6.20
N ALA D 135 67.38 17.87 5.76
CA ALA D 135 68.36 18.87 5.39
C ALA D 135 69.21 18.36 4.24
N LEU D 136 70.33 19.04 4.00
CA LEU D 136 71.23 18.75 2.90
C LEU D 136 72.44 17.99 3.44
N SER D 137 72.95 17.05 2.64
CA SER D 137 73.84 16.01 3.15
C SER D 137 75.03 16.57 3.92
N LYS D 138 75.56 17.71 3.51
CA LYS D 138 76.80 18.22 4.07
C LYS D 138 76.61 18.96 5.39
N ASP D 139 75.36 19.13 5.83
CA ASP D 139 75.05 19.76 7.11
C ASP D 139 74.79 18.73 8.19
N LEU D 140 75.27 17.51 7.99
CA LEU D 140 74.96 16.41 8.90
C LEU D 140 75.53 16.60 10.30
N PRO D 141 76.80 16.97 10.49
CA PRO D 141 77.26 17.24 11.86
C PRO D 141 76.48 18.33 12.55
N LYS D 142 75.98 19.32 11.79
CA LYS D 142 75.21 20.40 12.41
C LYS D 142 73.82 19.92 12.81
N ALA D 143 73.22 19.03 12.03
CA ALA D 143 71.86 18.56 12.33
C ALA D 143 71.84 17.77 13.63
N VAL D 144 72.83 16.89 13.83
CA VAL D 144 72.84 16.02 14.99
C VAL D 144 73.01 16.83 16.27
N GLU D 145 73.78 17.92 16.20
CA GLU D 145 73.94 18.79 17.37
C GLU D 145 72.60 19.32 17.86
N LEU D 146 71.72 19.71 16.93
CA LEU D 146 70.47 20.36 17.32
C LEU D 146 69.49 19.38 17.93
N LEU D 147 69.50 18.13 17.45
CA LEU D 147 68.63 17.12 18.05
C LEU D 147 69.05 16.80 19.48
N ALA D 148 70.33 16.50 19.68
CA ALA D 148 70.81 16.12 21.00
C ALA D 148 70.66 17.26 22.00
N ASP D 149 70.61 18.49 21.55
CA ASP D 149 70.44 19.63 22.45
C ASP D 149 69.00 19.78 22.93
N ILE D 150 68.05 19.13 22.28
CA ILE D 150 66.64 19.27 22.61
C ILE D 150 66.17 18.19 23.58
N VAL D 151 66.43 16.92 23.25
CA VAL D 151 65.95 15.83 24.08
C VAL D 151 66.74 15.71 25.38
N GLN D 152 67.94 16.27 25.44
CA GLN D 152 68.78 16.12 26.63
C GLN D 152 68.56 17.21 27.66
N ASN D 153 68.39 18.47 27.23
CA ASN D 153 68.26 19.57 28.18
C ASN D 153 67.42 20.70 27.58
N CYS D 154 66.14 20.72 27.95
CA CYS D 154 65.15 21.68 27.47
C CYS D 154 64.69 22.61 28.60
N SER D 155 64.20 23.79 28.22
CA SER D 155 64.02 24.91 29.16
C SER D 155 62.54 25.22 29.36
N LEU D 156 61.95 24.69 30.42
CA LEU D 156 60.54 24.94 30.69
C LEU D 156 60.34 26.34 31.28
N GLU D 157 60.50 27.36 30.45
CA GLU D 157 60.41 28.73 30.92
C GLU D 157 58.98 29.04 31.38
N ASP D 158 58.85 29.58 32.58
CA ASP D 158 57.56 30.07 33.04
C ASP D 158 57.24 31.38 32.34
N SER D 159 55.96 31.74 32.28
CA SER D 159 55.58 33.00 31.65
C SER D 159 55.57 32.81 30.13
N GLN D 160 55.95 31.61 29.71
CA GLN D 160 55.69 31.13 28.36
C GLN D 160 54.83 29.88 28.40
N ILE D 161 54.81 29.19 29.55
CA ILE D 161 53.63 28.51 30.06
C ILE D 161 52.62 29.61 30.29
N GLU D 162 51.34 29.28 30.43
CA GLU D 162 50.23 30.22 30.56
C GLU D 162 49.94 30.95 29.26
N LYS D 163 50.72 30.72 28.22
CA LYS D 163 50.41 31.21 26.87
C LYS D 163 50.26 30.07 25.88
N GLU D 164 51.05 29.01 26.01
CA GLU D 164 50.76 27.80 25.25
C GLU D 164 49.42 27.22 25.65
N ARG D 165 48.98 27.50 26.87
CA ARG D 165 47.71 26.99 27.36
C ARG D 165 46.54 27.51 26.53
N ASP D 166 46.53 28.82 26.22
CA ASP D 166 45.38 29.39 25.54
C ASP D 166 45.28 28.92 24.09
N VAL D 167 46.40 28.63 23.45
CA VAL D 167 46.35 28.03 22.12
C VAL D 167 45.70 26.65 22.20
N ILE D 168 46.04 25.87 23.22
CA ILE D 168 45.53 24.51 23.35
C ILE D 168 44.02 24.53 23.60
N LEU D 169 43.57 25.34 24.55
CA LEU D 169 42.15 25.36 24.90
C LEU D 169 41.29 25.65 23.67
N GLN D 170 41.80 26.48 22.77
CA GLN D 170 41.07 26.86 21.57
C GLN D 170 41.40 25.97 20.39
N GLU D 171 42.48 25.20 20.49
CA GLU D 171 42.74 24.13 19.54
C GLU D 171 41.69 23.03 19.65
N LEU D 172 41.15 22.83 20.86
CA LEU D 172 40.20 21.75 21.10
C LEU D 172 38.92 21.94 20.30
N GLN D 173 38.44 23.18 20.19
CA GLN D 173 37.12 23.42 19.59
C GLN D 173 37.15 23.38 18.06
N GLU D 174 38.31 23.60 17.45
CA GLU D 174 38.32 23.61 15.99
C GLU D 174 38.27 22.18 15.45
N ASN D 175 38.83 21.22 16.17
CA ASN D 175 38.71 19.83 15.81
C ASN D 175 37.62 19.11 16.59
N ASP D 176 36.70 19.86 17.19
CA ASP D 176 35.40 19.32 17.59
C ASP D 176 34.37 19.45 16.47
N SER D 177 34.68 20.17 15.40
CA SER D 177 33.85 20.25 14.22
C SER D 177 34.31 19.31 13.11
N SER D 178 35.38 18.55 13.34
CA SER D 178 35.77 17.47 12.45
C SER D 178 35.07 16.21 12.90
N MET D 179 34.32 15.58 11.99
CA MET D 179 33.45 14.48 12.38
C MET D 179 34.06 13.10 12.20
N ARG D 180 35.16 12.95 11.47
CA ARG D 180 35.79 11.65 11.43
C ARG D 180 36.78 11.44 12.56
N ASP D 181 37.14 12.50 13.27
CA ASP D 181 38.05 12.39 14.41
C ASP D 181 37.32 12.29 15.74
N VAL D 182 36.05 12.65 15.84
CA VAL D 182 35.31 12.44 17.07
C VAL D 182 34.63 11.09 17.12
N VAL D 183 34.54 10.39 15.98
CA VAL D 183 33.98 9.04 15.94
C VAL D 183 35.02 7.95 16.18
N PHE D 184 36.28 8.20 15.85
CA PHE D 184 37.34 7.29 16.23
C PHE D 184 37.81 7.51 17.65
N ASP D 185 37.38 8.58 18.30
CA ASP D 185 37.64 8.77 19.72
C ASP D 185 36.61 8.09 20.60
N TYR D 186 35.40 7.86 20.09
CA TYR D 186 34.39 7.14 20.83
C TYR D 186 34.73 5.66 20.90
N LEU D 187 35.18 5.08 19.79
CA LEU D 187 35.33 3.63 19.70
C LEU D 187 36.44 3.12 20.61
N HIS D 188 37.40 3.97 20.98
CA HIS D 188 38.39 3.61 21.99
C HIS D 188 37.86 3.77 23.39
N ALA D 189 36.79 4.52 23.57
CA ALA D 189 36.20 4.76 24.88
C ALA D 189 35.05 3.83 25.20
N THR D 190 34.60 3.02 24.26
CA THR D 190 33.54 2.08 24.52
C THR D 190 33.97 0.63 24.40
N ALA D 191 35.18 0.34 23.95
CA ALA D 191 35.65 -1.03 23.85
C ALA D 191 36.83 -1.33 24.76
N PHE D 192 37.26 -0.38 25.58
CA PHE D 192 38.29 -0.60 26.58
C PHE D 192 37.85 0.06 27.89
N GLN D 193 36.63 -0.24 28.34
CA GLN D 193 35.87 0.67 29.19
C GLN D 193 36.59 1.08 30.47
N GLY D 194 37.40 0.20 31.05
CA GLY D 194 38.02 0.54 32.33
C GLY D 194 39.52 0.44 32.36
N THR D 195 40.17 0.90 31.31
CA THR D 195 41.52 0.54 30.93
C THR D 195 42.39 1.77 30.74
N PRO D 196 43.73 1.63 30.78
CA PRO D 196 44.60 2.72 30.30
C PRO D 196 44.43 3.06 28.83
N LEU D 197 44.11 2.10 27.98
CA LEU D 197 44.07 2.33 26.55
C LEU D 197 42.81 3.03 26.08
N ALA D 198 42.00 3.55 27.00
CA ALA D 198 40.77 4.22 26.66
C ALA D 198 40.92 5.74 26.62
N GLN D 199 41.82 6.29 27.41
CA GLN D 199 41.90 7.73 27.59
C GLN D 199 42.62 8.35 26.39
N SER D 200 42.26 9.59 26.08
CA SER D 200 42.61 10.21 24.80
C SER D 200 44.02 10.78 24.83
N VAL D 201 44.42 11.33 23.67
CA VAL D 201 45.80 11.76 23.49
C VAL D 201 46.01 13.14 24.11
N GLU D 202 45.13 14.08 23.82
CA GLU D 202 45.25 15.47 24.24
C GLU D 202 44.53 15.77 25.55
N GLY D 203 43.93 14.78 26.18
CA GLY D 203 43.47 14.91 27.54
C GLY D 203 42.12 15.55 27.71
N PRO D 204 41.55 15.41 28.91
CA PRO D 204 40.27 16.08 29.19
C PRO D 204 40.46 17.58 29.29
N SER D 205 39.38 18.29 29.02
CA SER D 205 39.45 19.75 28.92
C SER D 205 39.58 20.44 30.27
N GLU D 206 39.45 19.73 31.38
CA GLU D 206 39.64 20.32 32.69
C GLU D 206 41.01 20.04 33.28
N ASN D 207 41.64 18.94 32.89
CA ASN D 207 43.01 18.68 33.29
C ASN D 207 43.96 19.71 32.69
N VAL D 208 43.68 20.15 31.47
CA VAL D 208 44.55 21.10 30.78
C VAL D 208 44.54 22.48 31.43
N ARG D 209 43.47 22.83 32.12
CA ARG D 209 43.35 24.16 32.70
C ARG D 209 44.05 24.30 34.04
N LYS D 210 44.51 23.20 34.64
CA LYS D 210 45.20 23.25 35.92
C LYS D 210 46.39 22.29 35.96
N LEU D 211 46.99 22.05 34.79
CA LEU D 211 48.16 21.20 34.68
C LEU D 211 49.42 22.06 34.86
N SER D 212 50.13 21.83 35.96
CA SER D 212 51.11 22.78 36.45
C SER D 212 52.49 22.53 35.84
N ARG D 213 53.41 23.47 36.09
CA ARG D 213 54.75 23.39 35.53
C ARG D 213 55.57 22.30 36.20
N ALA D 214 55.39 22.11 37.50
CA ALA D 214 56.16 21.08 38.21
C ALA D 214 55.86 19.68 37.70
N ASP D 215 54.65 19.45 37.17
CA ASP D 215 54.27 18.13 36.69
C ASP D 215 54.89 17.78 35.34
N LEU D 216 55.42 18.75 34.62
CA LEU D 216 56.02 18.48 33.32
C LEU D 216 57.47 18.01 33.41
N THR D 217 58.08 18.07 34.58
CA THR D 217 59.46 17.66 34.74
C THR D 217 59.61 16.18 35.11
N GLU D 218 58.55 15.54 35.60
CA GLU D 218 58.65 14.13 35.94
C GLU D 218 58.28 13.21 34.79
N TYR D 219 57.36 13.63 33.91
CA TYR D 219 57.10 12.84 32.72
C TYR D 219 58.33 12.76 31.84
N VAL D 220 59.12 13.84 31.78
CA VAL D 220 60.28 13.86 30.91
C VAL D 220 61.52 13.28 31.60
N SER D 221 61.45 12.99 32.89
CA SER D 221 62.57 12.38 33.58
C SER D 221 62.45 10.87 33.68
N GLN D 222 61.22 10.34 33.59
CA GLN D 222 61.00 8.90 33.74
C GLN D 222 60.97 8.17 32.40
N HIS D 223 60.42 8.79 31.37
CA HIS D 223 60.24 8.12 30.09
C HIS D 223 61.24 8.57 29.02
N TYR D 224 62.29 9.30 29.40
CA TYR D 224 63.26 9.84 28.46
C TYR D 224 64.64 9.31 28.82
N LYS D 225 64.99 8.14 28.31
CA LYS D 225 66.24 7.50 28.71
C LYS D 225 66.48 6.28 27.82
N ALA D 226 67.75 5.97 27.58
CA ALA D 226 68.09 4.78 26.83
C ALA D 226 67.74 3.54 27.64
N PRO D 227 67.37 2.43 26.98
CA PRO D 227 67.28 2.17 25.55
C PRO D 227 65.96 2.53 24.91
N ARG D 228 65.17 3.38 25.58
CA ARG D 228 63.85 3.70 25.04
C ARG D 228 63.93 4.53 23.76
N MET D 229 65.01 5.28 23.57
CA MET D 229 65.18 6.07 22.36
C MET D 229 65.90 5.27 21.28
N VAL D 230 65.67 5.66 20.03
CA VAL D 230 66.35 5.11 18.86
C VAL D 230 66.85 6.29 18.01
N LEU D 231 68.04 6.15 17.43
CA LEU D 231 68.62 7.16 16.55
C LEU D 231 68.84 6.56 15.16
N ALA D 232 68.23 7.15 14.15
CA ALA D 232 68.18 6.56 12.82
C ALA D 232 68.43 7.61 11.74
N ALA D 233 68.74 7.14 10.53
CA ALA D 233 69.01 8.02 9.40
C ALA D 233 68.96 7.23 8.11
N ALA D 234 68.56 7.88 7.02
CA ALA D 234 68.63 7.30 5.70
C ALA D 234 69.02 8.37 4.70
N GLY D 235 69.57 7.94 3.56
CA GLY D 235 69.97 8.87 2.52
C GLY D 235 71.40 8.73 2.06
N GLY D 236 72.17 9.82 2.20
CA GLY D 236 73.59 9.80 1.85
C GLY D 236 74.51 9.46 3.00
N VAL D 237 73.94 9.20 4.18
CA VAL D 237 74.70 8.99 5.41
C VAL D 237 75.59 7.75 5.43
N GLU D 238 76.74 7.88 6.12
CA GLU D 238 77.69 6.78 6.29
C GLU D 238 77.75 6.39 7.76
N HIS D 239 77.70 5.08 8.04
CA HIS D 239 77.49 4.59 9.40
C HIS D 239 78.63 5.02 10.32
N ARG D 240 79.87 4.82 9.88
CA ARG D 240 81.01 4.90 10.79
C ARG D 240 81.09 6.27 11.44
N GLN D 241 80.80 7.33 10.69
CA GLN D 241 80.83 8.67 11.26
C GLN D 241 79.52 9.02 11.95
N LEU D 242 78.42 8.39 11.57
CA LEU D 242 77.19 8.53 12.36
C LEU D 242 77.39 7.95 13.75
N LEU D 243 78.09 6.81 13.85
CA LEU D 243 78.41 6.24 15.15
C LEU D 243 79.33 7.15 15.94
N ASP D 244 80.32 7.75 15.27
CA ASP D 244 81.31 8.58 15.95
C ASP D 244 80.68 9.82 16.56
N LEU D 245 79.80 10.49 15.80
CA LEU D 245 79.10 11.65 16.33
C LEU D 245 78.23 11.27 17.52
N ALA D 246 77.68 10.05 17.51
CA ALA D 246 76.84 9.61 18.60
C ALA D 246 77.61 9.51 19.91
N GLN D 247 78.88 9.10 19.86
CA GLN D 247 79.72 9.11 21.05
C GLN D 247 79.89 10.51 21.60
N LYS D 248 80.14 11.48 20.70
CA LYS D 248 80.47 12.84 21.12
C LYS D 248 79.30 13.52 21.81
N HIS D 249 78.09 13.33 21.29
CA HIS D 249 76.94 14.11 21.75
C HIS D 249 76.02 13.36 22.70
N PHE D 250 76.11 12.04 22.75
CA PHE D 250 75.31 11.35 23.75
C PHE D 250 76.17 10.46 24.64
N SER D 251 76.94 11.12 25.52
CA SER D 251 77.76 10.45 26.51
C SER D 251 77.26 10.65 27.95
N SER D 252 76.40 11.64 28.16
CA SER D 252 75.85 11.91 29.49
C SER D 252 74.34 11.83 29.48
N LEU D 253 73.80 10.73 28.93
CA LEU D 253 72.38 10.47 28.88
C LEU D 253 72.06 9.40 29.91
N SER D 254 71.18 9.72 30.86
CA SER D 254 70.86 8.80 31.94
C SER D 254 70.17 7.56 31.39
N GLY D 255 70.63 6.38 31.80
CA GLY D 255 70.07 5.15 31.30
C GLY D 255 69.32 4.36 32.36
N THR D 256 69.63 4.62 33.62
CA THR D 256 68.97 3.92 34.72
C THR D 256 67.55 4.44 34.91
N TYR D 257 66.64 3.52 35.24
CA TYR D 257 65.26 3.89 35.51
C TYR D 257 65.12 4.49 36.90
N VAL D 258 64.20 5.45 37.03
CA VAL D 258 63.96 6.09 38.32
C VAL D 258 63.30 5.09 39.27
N GLU D 259 63.81 5.04 40.51
CA GLU D 259 63.33 4.19 41.60
C GLU D 259 63.61 2.71 41.33
N ASP D 260 64.24 2.39 40.19
CA ASP D 260 64.32 1.01 39.68
C ASP D 260 62.93 0.48 39.34
N ALA D 261 62.11 1.32 38.71
CA ALA D 261 60.77 0.95 38.27
C ALA D 261 60.79 0.73 36.75
N VAL D 262 60.23 -0.39 36.31
CA VAL D 262 60.18 -0.76 34.91
C VAL D 262 58.74 -1.09 34.53
N PRO D 263 58.17 -0.48 33.49
CA PRO D 263 56.75 -0.70 33.19
C PRO D 263 56.46 -2.11 32.73
N ALA D 264 55.23 -2.55 32.98
CA ALA D 264 54.74 -3.84 32.52
C ALA D 264 53.29 -3.70 32.12
N PHE D 265 52.96 -4.16 30.91
CA PHE D 265 51.61 -4.04 30.40
C PHE D 265 50.68 -5.04 31.09
N THR D 266 49.41 -4.99 30.68
CA THR D 266 48.39 -5.95 31.07
C THR D 266 47.62 -6.32 29.82
N PRO D 267 47.47 -7.60 29.50
CA PRO D 267 46.78 -7.99 28.27
C PRO D 267 45.31 -7.60 28.31
N CYS D 268 45.05 -6.32 28.14
CA CYS D 268 43.83 -5.72 28.64
C CYS D 268 42.61 -6.19 27.84
N ARG D 269 41.47 -6.04 28.52
CA ARG D 269 40.18 -6.59 28.12
C ARG D 269 39.45 -5.84 27.01
N PHE D 270 38.52 -6.55 26.37
CA PHE D 270 37.69 -5.99 25.32
C PHE D 270 36.25 -6.38 25.61
N THR D 271 35.30 -5.45 25.36
CA THR D 271 33.90 -5.70 25.65
C THR D 271 33.03 -5.30 24.47
N GLY D 272 31.86 -5.93 24.36
CA GLY D 272 30.87 -5.47 23.41
C GLY D 272 29.91 -4.44 23.97
N SER D 273 30.03 -3.20 23.48
CA SER D 273 29.33 -2.02 24.00
C SER D 273 28.93 -1.02 22.91
N GLU D 274 28.00 -0.11 23.22
CA GLU D 274 27.43 0.79 22.23
C GLU D 274 27.42 2.23 22.75
N ILE D 275 27.41 3.17 21.80
CA ILE D 275 27.45 4.61 22.07
C ILE D 275 26.66 5.30 20.96
N ARG D 276 25.97 6.40 21.27
CA ARG D 276 24.97 6.91 20.35
C ARG D 276 24.62 8.37 20.62
N HIS D 277 24.80 9.24 19.63
CA HIS D 277 24.66 10.70 19.74
C HIS D 277 23.75 11.20 18.62
N ARG D 278 22.73 12.01 18.91
CA ARG D 278 21.72 12.31 17.88
C ARG D 278 21.88 13.51 16.89
N ASP D 279 22.05 14.73 17.38
CA ASP D 279 22.40 15.89 16.52
C ASP D 279 21.57 16.13 15.22
N ASP D 280 20.23 16.22 15.31
CA ASP D 280 19.42 16.08 14.11
C ASP D 280 19.48 17.27 13.14
N ALA D 281 20.53 18.09 13.18
CA ALA D 281 20.68 19.19 12.23
C ALA D 281 22.04 19.17 11.56
N LEU D 282 22.54 17.98 11.26
CA LEU D 282 23.70 17.78 10.42
C LEU D 282 23.27 17.06 9.15
N PRO D 283 23.93 17.31 8.02
CA PRO D 283 23.42 16.75 6.76
C PRO D 283 23.66 15.26 6.58
N LEU D 284 24.72 14.69 7.16
CA LEU D 284 25.10 13.30 6.90
C LEU D 284 25.41 12.58 8.20
N ALA D 285 25.46 11.25 8.15
CA ALA D 285 25.69 10.37 9.31
C ALA D 285 27.00 9.60 9.18
N HIS D 286 27.69 9.43 10.31
CA HIS D 286 28.98 8.76 10.40
C HIS D 286 28.89 7.56 11.34
N VAL D 287 29.45 6.41 10.94
CA VAL D 287 29.28 5.15 11.67
C VAL D 287 30.54 4.28 11.53
N ALA D 288 30.92 3.59 12.61
CA ALA D 288 32.04 2.65 12.64
C ALA D 288 31.71 1.44 13.52
N ILE D 289 32.45 0.35 13.34
CA ILE D 289 32.13 -0.93 14.00
C ILE D 289 33.34 -1.86 13.95
N ALA D 290 33.61 -2.59 15.04
CA ALA D 290 34.83 -3.40 15.11
C ALA D 290 34.70 -4.59 16.06
N VAL D 291 35.59 -5.58 15.84
CA VAL D 291 35.79 -6.74 16.71
C VAL D 291 37.23 -6.77 17.20
N GLU D 292 37.64 -7.84 17.87
CA GLU D 292 38.97 -7.99 18.42
C GLU D 292 39.96 -8.47 17.37
N GLY D 293 41.22 -8.09 17.53
CA GLY D 293 42.24 -8.47 16.59
C GLY D 293 43.55 -8.90 17.23
N PRO D 294 44.50 -9.33 16.40
CA PRO D 294 45.81 -9.76 16.91
C PRO D 294 46.67 -8.62 17.44
N GLY D 295 47.88 -8.95 17.89
CA GLY D 295 48.84 -7.97 18.34
C GLY D 295 49.92 -7.72 17.30
N TRP D 296 51.00 -7.06 17.73
CA TRP D 296 52.08 -6.71 16.81
C TRP D 296 52.79 -7.96 16.30
N ALA D 297 53.18 -8.85 17.21
CA ALA D 297 54.04 -9.97 16.85
C ALA D 297 53.28 -11.25 16.50
N ASN D 298 51.95 -11.19 16.45
CA ASN D 298 51.17 -12.37 16.11
C ASN D 298 51.34 -12.72 14.64
N PRO D 299 51.59 -13.98 14.30
CA PRO D 299 51.73 -14.37 12.88
C PRO D 299 50.43 -14.49 12.11
N ASP D 300 49.30 -14.08 12.69
CA ASP D 300 48.02 -14.09 11.99
C ASP D 300 47.79 -12.86 11.14
N ASN D 301 48.60 -11.80 11.30
CA ASN D 301 48.31 -10.52 10.67
C ASN D 301 48.33 -10.61 9.15
N VAL D 302 49.31 -11.32 8.58
CA VAL D 302 49.45 -11.31 7.12
C VAL D 302 48.19 -11.81 6.42
N PRO D 303 47.59 -12.95 6.78
CA PRO D 303 46.36 -13.36 6.12
C PRO D 303 45.12 -12.59 6.56
N LEU D 304 45.26 -11.59 7.43
CA LEU D 304 44.16 -10.66 7.69
C LEU D 304 44.23 -9.41 6.85
N GLN D 305 45.41 -9.13 6.26
CA GLN D 305 45.56 -8.10 5.24
C GLN D 305 45.03 -8.57 3.89
N VAL D 306 45.26 -9.83 3.54
CA VAL D 306 44.79 -10.36 2.27
C VAL D 306 43.27 -10.39 2.20
N ALA D 307 42.59 -10.33 3.34
CA ALA D 307 41.13 -10.40 3.36
C ALA D 307 40.44 -9.03 3.41
N ASN D 308 41.07 -8.02 4.00
CA ASN D 308 40.51 -6.68 3.96
C ASN D 308 40.67 -6.06 2.58
N ALA D 309 41.71 -6.43 1.84
CA ALA D 309 41.87 -5.99 0.46
C ALA D 309 40.86 -6.63 -0.48
N ILE D 310 40.10 -7.63 -0.03
CA ILE D 310 39.02 -8.17 -0.86
C ILE D 310 37.77 -7.31 -0.74
N ILE D 311 37.56 -6.65 0.39
CA ILE D 311 36.39 -5.80 0.56
C ILE D 311 36.54 -4.51 -0.24
N GLY D 312 37.57 -3.73 0.07
CA GLY D 312 37.94 -2.61 -0.74
C GLY D 312 37.62 -1.26 -0.13
N HIS D 313 37.63 -0.26 -1.00
CA HIS D 313 37.34 1.13 -0.67
C HIS D 313 36.63 1.79 -1.85
N TYR D 314 35.96 2.90 -1.57
CA TYR D 314 35.13 3.59 -2.56
C TYR D 314 34.92 5.03 -2.13
N ASP D 315 34.62 5.89 -3.08
CA ASP D 315 34.21 7.27 -2.85
C ASP D 315 33.49 7.77 -4.02
N SER D 316 32.68 8.80 -3.92
CA SER D 316 31.77 9.16 -5.03
C SER D 316 32.32 9.82 -6.28
N THR D 317 33.63 9.99 -6.36
CA THR D 317 34.34 10.64 -7.44
C THR D 317 35.36 9.73 -8.10
N TYR D 318 35.10 8.46 -8.22
CA TYR D 318 35.99 7.50 -8.86
C TYR D 318 35.66 7.37 -10.34
N GLY D 319 36.20 6.48 -11.06
CA GLY D 319 35.76 6.42 -12.41
C GLY D 319 35.45 5.00 -12.68
N GLY D 320 34.47 4.72 -13.48
CA GLY D 320 34.00 3.37 -13.66
C GLY D 320 33.64 2.74 -12.35
N GLY D 321 32.76 3.34 -11.56
CA GLY D 321 32.29 2.84 -10.27
C GLY D 321 30.95 2.13 -10.25
N THR D 322 30.49 1.69 -11.40
CA THR D 322 29.48 0.66 -11.56
C THR D 322 30.03 -0.56 -12.15
N HIS D 323 31.29 -0.52 -12.47
CA HIS D 323 31.98 -1.58 -13.13
C HIS D 323 33.08 -2.23 -12.34
N MET D 324 33.27 -1.90 -11.07
CA MET D 324 34.38 -2.41 -10.26
C MET D 324 34.28 -3.84 -9.78
N SER D 325 35.30 -4.36 -9.13
CA SER D 325 35.28 -5.71 -8.60
C SER D 325 34.80 -5.79 -7.13
N SER D 326 34.04 -4.87 -6.64
CA SER D 326 33.94 -5.00 -5.19
C SER D 326 32.47 -5.22 -4.86
N THR D 327 32.18 -6.03 -3.86
CA THR D 327 30.78 -6.25 -3.50
C THR D 327 30.14 -4.95 -3.02
N LEU D 328 30.84 -4.23 -2.15
CA LEU D 328 30.43 -2.91 -1.72
C LEU D 328 30.53 -1.87 -2.83
N ALA D 329 31.64 -1.93 -3.57
CA ALA D 329 31.97 -0.94 -4.58
C ALA D 329 31.01 -0.85 -5.75
N SER D 330 30.56 -2.02 -6.24
CA SER D 330 29.79 -2.07 -7.46
C SER D 330 28.28 -1.95 -7.22
N VAL D 331 27.82 -2.07 -5.99
CA VAL D 331 26.41 -1.98 -5.66
C VAL D 331 26.03 -0.61 -5.13
N ALA D 332 26.89 0.01 -4.32
CA ALA D 332 26.61 1.33 -3.78
C ALA D 332 26.74 2.43 -4.81
N ALA D 333 27.26 2.14 -6.00
CA ALA D 333 27.33 3.10 -7.09
C ALA D 333 26.17 2.99 -8.06
N THR D 334 25.57 1.82 -8.19
CA THR D 334 24.40 1.63 -9.04
C THR D 334 23.11 2.15 -8.41
N ARG D 335 23.03 2.23 -7.10
CA ARG D 335 21.83 2.64 -6.44
C ARG D 335 22.03 3.89 -5.69
N LYS D 336 23.20 4.46 -5.67
CA LYS D 336 23.46 5.68 -4.92
C LYS D 336 23.25 5.69 -3.42
N LEU D 337 23.68 4.66 -2.73
CA LEU D 337 23.65 4.60 -1.28
C LEU D 337 24.54 5.48 -0.35
N CYS D 338 25.79 5.75 -0.71
CA CYS D 338 26.77 6.30 0.23
C CYS D 338 27.62 7.36 -0.47
N GLN D 339 28.44 8.03 0.35
CA GLN D 339 29.52 8.87 -0.13
C GLN D 339 30.87 8.15 -0.17
N SER D 340 31.21 7.33 0.82
CA SER D 340 32.51 6.66 0.88
C SER D 340 32.49 5.55 1.92
N PHE D 341 33.46 4.62 1.82
CA PHE D 341 33.70 3.64 2.88
C PHE D 341 35.12 3.08 2.78
N GLN D 342 35.58 2.47 3.89
CA GLN D 342 36.96 2.07 4.09
C GLN D 342 37.03 0.95 5.12
N THR D 343 38.19 0.29 5.22
CA THR D 343 38.46 -0.77 6.18
C THR D 343 39.73 -0.48 6.97
N PHE D 344 39.67 -0.54 8.30
CA PHE D 344 40.81 -0.21 9.15
C PHE D 344 41.17 -1.33 10.14
N ASN D 345 42.46 -1.62 10.20
CA ASN D 345 42.99 -2.48 11.21
C ASN D 345 43.99 -1.67 12.00
N ILE D 346 43.63 -1.43 13.26
CA ILE D 346 44.56 -0.93 14.27
C ILE D 346 45.20 -2.05 15.10
N CYS D 347 46.45 -1.85 15.51
CA CYS D 347 47.18 -2.84 16.29
C CYS D 347 47.95 -2.24 17.48
N TYR D 348 48.25 -3.01 18.53
CA TYR D 348 49.03 -2.60 19.77
C TYR D 348 49.90 -3.72 20.25
N ALA D 349 50.49 -3.55 21.43
CA ALA D 349 51.24 -4.63 22.04
C ALA D 349 50.35 -5.84 22.40
N GLU D 350 49.21 -5.56 23.03
CA GLU D 350 48.31 -6.63 23.49
C GLU D 350 46.87 -6.69 22.93
N THR D 351 46.44 -5.68 22.17
CA THR D 351 45.06 -5.65 21.68
C THR D 351 44.96 -5.05 20.27
N GLY D 352 43.89 -5.39 19.55
CA GLY D 352 43.75 -4.88 18.21
C GLY D 352 42.33 -4.40 17.94
N LEU D 353 42.06 -4.12 16.67
CA LEU D 353 40.72 -3.74 16.17
C LEU D 353 40.62 -4.21 14.72
N LEU D 354 39.39 -4.39 14.23
CA LEU D 354 39.12 -4.81 12.86
C LEU D 354 37.73 -4.35 12.46
N GLY D 355 37.59 -3.62 11.36
CA GLY D 355 36.30 -3.01 11.10
C GLY D 355 36.18 -2.26 9.79
N ALA D 356 35.34 -1.22 9.80
CA ALA D 356 34.98 -0.42 8.64
C ALA D 356 34.32 0.88 9.09
N HIS D 357 34.19 1.83 8.16
CA HIS D 357 33.63 3.16 8.40
C HIS D 357 32.88 3.60 7.15
N PHE D 358 31.72 4.22 7.32
CA PHE D 358 30.97 4.73 6.17
C PHE D 358 30.18 5.98 6.55
N VAL D 359 30.00 6.87 5.57
CA VAL D 359 29.25 8.10 5.73
C VAL D 359 28.11 8.13 4.71
N CYS D 360 26.92 8.51 5.17
CA CYS D 360 25.68 8.05 4.53
C CYS D 360 24.57 9.09 4.68
N ASP D 361 23.53 8.88 3.89
CA ASP D 361 22.27 9.60 3.98
C ASP D 361 21.50 9.16 5.22
N ASN D 362 20.32 9.74 5.46
CA ASN D 362 19.52 9.36 6.63
C ASN D 362 18.47 8.30 6.34
N MET D 363 18.11 8.10 5.08
CA MET D 363 17.16 7.08 4.64
C MET D 363 17.85 5.84 4.10
N SER D 364 19.12 5.64 4.42
CA SER D 364 19.87 4.54 3.84
C SER D 364 20.77 3.82 4.83
N ILE D 365 20.54 3.97 6.14
CA ILE D 365 21.52 3.48 7.11
C ILE D 365 21.52 1.97 7.18
N ASP D 366 20.36 1.33 7.11
CA ASP D 366 20.29 -0.12 7.27
C ASP D 366 20.06 -0.82 5.94
N ASP D 367 20.67 -0.31 4.88
CA ASP D 367 21.00 -1.10 3.71
C ASP D 367 22.51 -1.21 3.56
N MET D 368 23.26 -0.43 4.33
CA MET D 368 24.70 -0.56 4.41
C MET D 368 25.12 -1.62 5.43
N MET D 369 24.40 -1.74 6.55
CA MET D 369 24.60 -2.87 7.46
C MET D 369 24.23 -4.19 6.82
N PHE D 370 23.12 -4.23 6.10
CA PHE D 370 22.68 -5.51 5.53
C PHE D 370 23.67 -6.04 4.50
N PHE D 371 24.30 -5.15 3.74
CA PHE D 371 25.23 -5.61 2.71
C PHE D 371 26.65 -5.78 3.25
N LEU D 372 27.01 -4.99 4.27
CA LEU D 372 28.34 -5.10 4.87
C LEU D 372 28.54 -6.45 5.57
N GLN D 373 27.53 -6.89 6.32
CA GLN D 373 27.65 -8.14 7.06
C GLN D 373 27.49 -9.36 6.16
N GLY D 374 26.75 -9.24 5.06
CA GLY D 374 26.62 -10.36 4.15
C GLY D 374 27.91 -10.70 3.43
N GLN D 375 28.92 -9.83 3.52
CA GLN D 375 30.23 -10.08 2.92
C GLN D 375 31.23 -10.65 3.92
N TRP D 376 31.05 -10.34 5.21
CA TRP D 376 31.88 -10.93 6.25
C TRP D 376 31.59 -12.41 6.41
N MET D 377 30.32 -12.78 6.50
CA MET D 377 29.96 -14.20 6.58
C MET D 377 30.31 -14.96 5.32
N ARG D 378 30.20 -14.32 4.15
CA ARG D 378 30.44 -15.00 2.90
C ARG D 378 31.91 -15.33 2.70
N LEU D 379 32.78 -14.91 3.60
CA LEU D 379 34.22 -15.07 3.44
C LEU D 379 34.79 -16.14 4.35
N CYS D 380 34.13 -16.38 5.49
CA CYS D 380 34.52 -17.47 6.40
C CYS D 380 33.77 -18.75 6.06
N THR D 381 32.68 -18.58 5.33
CA THR D 381 31.97 -19.64 4.63
C THR D 381 32.69 -19.73 3.30
N SER D 382 32.06 -20.33 2.30
CA SER D 382 32.78 -20.56 1.05
C SER D 382 33.33 -19.25 0.49
N ALA D 383 34.59 -19.33 0.07
CA ALA D 383 35.39 -18.21 -0.41
C ALA D 383 36.33 -18.70 -1.49
N THR D 384 36.23 -18.10 -2.67
CA THR D 384 36.75 -18.67 -3.90
C THR D 384 38.26 -18.50 -4.01
N GLU D 385 38.84 -19.16 -5.01
CA GLU D 385 40.28 -19.21 -5.20
C GLU D 385 40.80 -18.00 -5.97
N SER D 386 40.17 -17.68 -7.11
CA SER D 386 40.62 -16.56 -7.93
C SER D 386 40.55 -15.23 -7.19
N GLU D 387 39.65 -15.13 -6.22
CA GLU D 387 39.54 -13.94 -5.40
C GLU D 387 40.76 -13.74 -4.52
N VAL D 388 41.62 -14.74 -4.39
CA VAL D 388 42.74 -14.70 -3.46
C VAL D 388 44.04 -14.30 -4.15
N VAL D 389 44.21 -14.60 -5.44
CA VAL D 389 45.39 -14.14 -6.14
C VAL D 389 45.32 -12.64 -6.40
N ARG D 390 44.12 -12.11 -6.64
CA ARG D 390 43.99 -10.67 -6.86
C ARG D 390 44.30 -9.89 -5.60
N GLY D 391 43.81 -10.35 -4.44
CA GLY D 391 44.07 -9.67 -3.19
C GLY D 391 45.48 -9.81 -2.67
N LYS D 392 46.22 -10.81 -3.14
CA LYS D 392 47.63 -10.90 -2.83
C LYS D 392 48.45 -9.93 -3.67
N ASN D 393 48.05 -9.71 -4.92
CA ASN D 393 48.73 -8.74 -5.78
C ASN D 393 48.60 -7.33 -5.25
N ILE D 394 47.41 -6.97 -4.75
CA ILE D 394 47.24 -5.64 -4.16
C ILE D 394 48.21 -5.42 -3.01
N LEU D 395 48.26 -6.38 -2.08
CA LEU D 395 49.06 -6.18 -0.88
C LEU D 395 50.55 -6.09 -1.18
N ARG D 396 50.97 -6.60 -2.34
CA ARG D 396 52.39 -6.57 -2.67
C ARG D 396 52.78 -5.24 -3.30
N ASN D 397 51.82 -4.53 -3.92
CA ASN D 397 52.10 -3.21 -4.48
C ASN D 397 52.06 -2.13 -3.42
N ALA D 398 51.20 -2.27 -2.41
CA ALA D 398 51.13 -1.29 -1.34
C ALA D 398 52.38 -1.30 -0.45
N LEU D 399 53.24 -2.30 -0.58
CA LEU D 399 54.45 -2.37 0.22
C LEU D 399 55.64 -1.68 -0.46
N VAL D 400 55.81 -1.97 -1.75
CA VAL D 400 56.86 -1.36 -2.55
C VAL D 400 56.66 0.13 -2.78
N SER D 401 55.42 0.52 -3.05
CA SER D 401 55.08 1.90 -3.40
C SER D 401 55.35 2.87 -2.25
N HIS D 402 55.03 2.44 -1.03
CA HIS D 402 55.12 3.29 0.14
C HIS D 402 56.54 3.77 0.44
N LEU D 403 57.52 2.88 0.27
CA LEU D 403 58.87 3.19 0.71
C LEU D 403 59.64 3.97 -0.35
N ASP D 404 59.05 5.07 -0.85
CA ASP D 404 59.66 5.92 -1.85
C ASP D 404 59.91 7.29 -1.25
N GLY D 405 61.16 7.72 -1.17
CA GLY D 405 61.45 8.97 -0.52
C GLY D 405 62.61 8.87 0.43
N THR D 406 62.77 9.82 1.32
CA THR D 406 63.70 9.72 2.41
C THR D 406 62.99 9.89 3.71
N THR D 407 61.85 10.56 3.77
CA THR D 407 61.09 10.59 5.01
C THR D 407 60.43 9.27 5.31
N PRO D 408 59.82 8.60 4.23
CA PRO D 408 59.22 7.31 4.59
C PRO D 408 60.19 6.22 5.06
N VAL D 409 61.28 6.00 4.38
CA VAL D 409 62.22 4.94 4.69
C VAL D 409 62.81 5.14 6.08
N CYS D 410 63.16 6.38 6.42
CA CYS D 410 63.71 6.66 7.75
C CYS D 410 62.70 6.43 8.85
N GLU D 411 61.42 6.69 8.58
CA GLU D 411 60.39 6.52 9.61
C GLU D 411 60.07 5.05 9.85
N ASP D 412 60.34 4.20 8.86
CA ASP D 412 60.15 2.77 9.03
C ASP D 412 61.29 2.15 9.84
N ILE D 413 62.50 2.70 9.71
CA ILE D 413 63.66 2.13 10.40
C ILE D 413 63.55 2.30 11.90
N GLY D 414 63.07 3.45 12.35
CA GLY D 414 63.10 3.75 13.77
C GLY D 414 61.87 3.31 14.53
N ARG D 415 60.91 2.71 13.82
CA ARG D 415 59.72 2.17 14.46
C ARG D 415 59.77 0.65 14.54
N SER D 416 60.56 0.06 13.64
CA SER D 416 60.75 -1.39 13.62
C SER D 416 61.44 -1.83 14.89
N LEU D 417 62.40 -1.03 15.34
CA LEU D 417 63.21 -1.35 16.51
C LEU D 417 62.37 -1.44 17.78
N LEU D 418 61.41 -0.53 17.94
CA LEU D 418 60.65 -0.48 19.17
C LEU D 418 59.53 -1.50 19.19
N THR D 419 59.37 -2.28 18.12
CA THR D 419 58.25 -3.19 17.97
C THR D 419 58.67 -4.63 17.72
N TYR D 420 59.78 -4.86 17.04
CA TYR D 420 60.22 -6.24 16.82
C TYR D 420 61.65 -6.47 17.29
N GLY D 421 62.52 -5.48 17.15
CA GLY D 421 63.92 -5.74 16.85
C GLY D 421 64.03 -6.19 15.42
N ARG D 422 65.25 -6.25 14.90
CA ARG D 422 65.50 -6.85 13.57
C ARG D 422 64.53 -6.32 12.50
N ARG D 423 64.74 -5.08 12.06
CA ARG D 423 64.02 -4.61 10.88
C ARG D 423 63.95 -5.70 9.81
N ILE D 424 62.75 -5.92 9.29
CA ILE D 424 62.44 -7.10 8.47
C ILE D 424 62.75 -6.77 7.02
N PRO D 425 63.62 -7.52 6.34
CA PRO D 425 63.91 -7.24 4.94
C PRO D 425 62.72 -7.52 4.03
N LEU D 426 62.79 -6.98 2.81
CA LEU D 426 61.73 -7.16 1.83
C LEU D 426 61.71 -8.57 1.26
N ALA D 427 62.84 -9.26 1.28
CA ALA D 427 62.85 -10.64 0.79
C ALA D 427 62.04 -11.55 1.70
N GLU D 428 61.90 -11.19 2.97
CA GLU D 428 61.15 -12.01 3.91
C GLU D 428 59.65 -11.72 3.85
N TRP D 429 59.27 -10.47 3.59
CA TRP D 429 57.85 -10.13 3.47
C TRP D 429 57.20 -10.83 2.29
N GLU D 430 57.99 -11.31 1.34
CA GLU D 430 57.40 -11.90 0.15
C GLU D 430 57.26 -13.42 0.27
N SER D 431 58.12 -14.07 1.05
CA SER D 431 57.99 -15.51 1.25
C SER D 431 57.00 -15.86 2.35
N ARG D 432 56.53 -14.87 3.11
CA ARG D 432 55.32 -15.08 3.91
C ARG D 432 54.08 -15.06 3.03
N ILE D 433 54.03 -14.14 2.07
CA ILE D 433 52.85 -14.04 1.20
C ILE D 433 52.79 -15.18 0.20
N ALA D 434 53.89 -15.91 -0.01
CA ALA D 434 53.82 -17.08 -0.88
C ALA D 434 53.09 -18.25 -0.24
N GLU D 435 52.71 -18.15 1.04
CA GLU D 435 52.11 -19.25 1.79
C GLU D 435 50.59 -19.27 1.74
N VAL D 436 49.95 -18.09 1.72
CA VAL D 436 48.50 -18.02 1.87
C VAL D 436 47.79 -18.78 0.75
N ASP D 437 46.69 -19.45 1.11
CA ASP D 437 45.86 -20.22 0.20
C ASP D 437 44.42 -19.81 0.44
N ALA D 438 43.49 -20.49 -0.25
CA ALA D 438 42.08 -20.20 -0.01
C ALA D 438 41.60 -20.75 1.32
N SER D 439 42.14 -21.90 1.75
CA SER D 439 41.70 -22.52 3.00
C SER D 439 42.26 -21.81 4.24
N VAL D 440 43.47 -21.28 4.14
CA VAL D 440 44.05 -20.55 5.27
C VAL D 440 43.19 -19.34 5.61
N VAL D 441 42.61 -18.70 4.60
CA VAL D 441 41.79 -17.52 4.85
C VAL D 441 40.50 -17.89 5.56
N ARG D 442 39.91 -19.04 5.22
CA ARG D 442 38.62 -19.43 5.79
C ARG D 442 38.72 -19.71 7.28
N GLU D 443 39.81 -20.35 7.72
CA GLU D 443 40.00 -20.60 9.14
C GLU D 443 40.15 -19.32 9.94
N VAL D 444 41.02 -18.42 9.48
CA VAL D 444 41.37 -17.25 10.28
C VAL D 444 40.23 -16.25 10.30
N CYS D 445 39.32 -16.34 9.34
CA CYS D 445 38.13 -15.49 9.42
C CYS D 445 37.13 -16.03 10.43
N SER D 446 36.95 -17.35 10.48
CA SER D 446 36.00 -17.95 11.42
C SER D 446 36.44 -17.73 12.85
N LYS D 447 37.73 -17.81 13.10
CA LYS D 447 38.26 -17.69 14.45
C LYS D 447 38.04 -16.29 15.02
N TYR D 448 37.88 -15.27 14.17
CA TYR D 448 37.80 -13.89 14.64
C TYR D 448 36.46 -13.22 14.39
N PHE D 449 35.67 -13.71 13.45
CA PHE D 449 34.43 -13.04 13.05
C PHE D 449 33.17 -13.77 13.46
N TYR D 450 33.16 -15.09 13.43
CA TYR D 450 31.93 -15.84 13.59
C TYR D 450 31.48 -15.85 15.04
N ASP D 451 30.26 -15.37 15.29
CA ASP D 451 29.62 -15.45 16.59
C ASP D 451 30.40 -14.73 17.67
N GLN D 452 30.76 -13.47 17.40
CA GLN D 452 31.45 -12.63 18.37
C GLN D 452 30.67 -11.35 18.58
N CYS D 453 31.03 -10.62 19.63
CA CYS D 453 30.33 -9.41 20.01
C CYS D 453 31.04 -8.19 19.46
N PRO D 454 30.35 -7.30 18.74
CA PRO D 454 30.99 -6.08 18.23
C PRO D 454 30.82 -4.89 19.16
N ALA D 455 31.56 -3.83 18.87
CA ALA D 455 31.40 -2.51 19.47
C ALA D 455 31.02 -1.53 18.37
N VAL D 456 30.15 -0.56 18.70
CA VAL D 456 29.50 0.27 17.69
C VAL D 456 29.49 1.74 18.14
N ALA D 457 29.72 2.66 17.20
CA ALA D 457 29.68 4.09 17.44
C ALA D 457 28.92 4.81 16.33
N GLY D 458 28.14 5.84 16.69
CA GLY D 458 27.31 6.55 15.73
C GLY D 458 27.10 8.03 15.99
N LEU D 459 26.96 8.85 14.94
CA LEU D 459 26.84 10.31 15.08
C LEU D 459 25.78 10.84 14.12
N GLY D 460 24.97 11.78 14.60
CA GLY D 460 23.65 12.08 14.04
C GLY D 460 23.59 12.45 12.58
N PRO D 461 22.40 12.43 11.96
CA PRO D 461 21.04 12.04 12.39
C PRO D 461 20.71 10.56 12.24
N ILE D 462 20.76 9.80 13.32
CA ILE D 462 20.42 8.39 13.21
C ILE D 462 19.26 7.96 14.10
N GLU D 463 18.18 7.50 13.47
CA GLU D 463 17.11 6.83 14.18
C GLU D 463 16.95 5.42 13.63
N GLN D 464 17.27 5.27 12.35
CA GLN D 464 17.19 3.98 11.67
C GLN D 464 18.14 2.95 12.23
N LEU D 465 19.36 3.39 12.54
CA LEU D 465 20.40 2.49 13.01
C LEU D 465 19.74 1.42 13.88
N PRO D 466 19.81 0.14 13.50
CA PRO D 466 19.03 -0.88 14.21
C PRO D 466 19.50 -1.10 15.63
N ASP D 467 18.63 -1.72 16.42
CA ASP D 467 18.84 -2.05 17.82
C ASP D 467 19.97 -3.05 17.99
N TYR D 468 20.57 -3.09 19.19
CA TYR D 468 21.73 -3.95 19.39
C TYR D 468 21.38 -5.43 19.22
N ASN D 469 20.15 -5.81 19.54
CA ASN D 469 19.76 -7.22 19.41
C ASN D 469 19.70 -7.67 17.96
N ARG D 470 19.71 -6.75 16.99
CA ARG D 470 19.58 -7.13 15.60
C ARG D 470 20.87 -6.98 14.83
N ILE D 471 21.82 -6.19 15.33
CA ILE D 471 23.19 -6.25 14.83
C ILE D 471 23.86 -7.55 15.25
N ARG D 472 23.57 -8.02 16.46
CA ARG D 472 24.18 -9.22 17.01
C ARG D 472 23.68 -10.50 16.36
N SER D 473 22.51 -10.49 15.75
CA SER D 473 21.97 -11.65 15.07
C SER D 473 22.38 -11.75 13.62
N GLY D 474 23.11 -10.78 13.11
CA GLY D 474 23.67 -10.87 11.79
C GLY D 474 25.06 -11.47 11.73
N MET D 475 25.59 -11.96 12.85
CA MET D 475 26.91 -12.55 12.91
C MET D 475 26.88 -14.06 12.80
N PHE D 476 25.74 -14.65 12.47
CA PHE D 476 25.67 -16.09 12.22
C PHE D 476 24.54 -16.41 11.26
N TRP D 477 24.88 -16.93 10.10
CA TRP D 477 23.88 -17.55 9.25
C TRP D 477 23.22 -18.71 9.97
N LEU D 478 21.90 -18.77 9.89
CA LEU D 478 21.12 -19.82 10.52
C LEU D 478 21.17 -21.14 9.72
N ARG D 479 22.13 -21.25 8.79
CA ARG D 479 22.33 -22.47 8.01
C ARG D 479 23.77 -22.97 8.14
N PHE D 480 24.74 -22.06 8.19
CA PHE D 480 26.14 -22.42 8.48
C PHE D 480 26.96 -21.18 8.81
N PRO E 35 74.07 6.46 -12.74
CA PRO E 35 74.59 5.51 -13.73
C PRO E 35 73.79 5.54 -15.04
N GLN E 36 74.40 6.02 -16.13
CA GLN E 36 73.65 6.15 -17.38
C GLN E 36 72.38 6.98 -17.21
N ASP E 37 72.54 8.22 -16.76
CA ASP E 37 71.44 9.04 -16.23
C ASP E 37 70.26 9.33 -17.17
N LEU E 38 70.48 9.66 -18.44
CA LEU E 38 69.33 9.72 -19.33
C LEU E 38 69.80 9.55 -20.76
N GLU E 39 68.86 9.15 -21.62
CA GLU E 39 69.17 8.80 -23.00
C GLU E 39 68.10 9.41 -23.89
N PHE E 40 68.36 10.63 -24.37
CA PHE E 40 67.48 11.30 -25.31
C PHE E 40 67.55 10.66 -26.69
N THR E 41 66.51 10.90 -27.48
CA THR E 41 66.46 10.53 -28.89
C THR E 41 65.28 11.25 -29.53
N ARG E 42 65.52 11.79 -30.71
CA ARG E 42 64.51 12.50 -31.49
C ARG E 42 64.18 11.69 -32.73
N LEU E 43 62.93 11.80 -33.18
CA LEU E 43 62.47 11.08 -34.35
C LEU E 43 62.28 12.05 -35.51
N PRO E 44 62.19 11.53 -36.75
CA PRO E 44 62.08 12.45 -37.90
C PRO E 44 60.90 13.41 -37.83
N ASN E 45 59.73 12.92 -37.45
CA ASN E 45 58.53 13.74 -37.34
C ASN E 45 58.76 14.81 -36.29
N GLY E 46 59.45 14.40 -35.23
CA GLY E 46 59.72 15.24 -34.09
C GLY E 46 58.91 14.74 -32.91
N LEU E 47 59.62 14.04 -32.03
CA LEU E 47 59.04 13.48 -30.81
C LEU E 47 60.18 13.32 -29.83
N VAL E 48 59.86 13.22 -28.55
CA VAL E 48 60.91 13.08 -27.55
C VAL E 48 60.65 11.85 -26.70
N ILE E 49 61.65 10.98 -26.58
CA ILE E 49 61.58 9.80 -25.72
C ILE E 49 62.80 9.79 -24.80
N ALA E 50 62.55 9.61 -23.51
CA ALA E 50 63.62 9.55 -22.52
C ALA E 50 63.57 8.22 -21.80
N SER E 51 64.70 7.55 -21.71
CA SER E 51 64.73 6.21 -21.13
C SER E 51 65.81 5.99 -20.06
N LEU E 52 65.61 6.55 -18.87
CA LEU E 52 66.44 6.16 -17.74
C LEU E 52 66.25 4.69 -17.39
N GLU E 53 67.31 4.07 -16.86
CA GLU E 53 67.28 2.68 -16.43
C GLU E 53 67.74 2.56 -14.99
N ASN E 54 66.93 1.94 -14.15
CA ASN E 54 67.21 1.76 -12.74
C ASN E 54 66.94 0.30 -12.40
N TYR E 55 67.19 -0.06 -11.14
CA TYR E 55 67.00 -1.45 -10.71
C TYR E 55 66.15 -1.55 -9.45
N ALA E 56 64.85 -1.33 -9.62
CA ALA E 56 63.88 -1.48 -8.54
C ALA E 56 62.65 -2.22 -9.06
N PRO E 57 61.91 -2.95 -8.12
CA PRO E 57 60.75 -3.64 -8.70
C PRO E 57 59.54 -2.72 -8.82
N ALA E 58 59.68 -1.69 -9.64
CA ALA E 58 58.59 -0.76 -9.93
C ALA E 58 58.88 -0.08 -11.26
N SER E 59 57.86 0.49 -11.89
CA SER E 59 58.10 1.23 -13.12
C SER E 59 56.93 2.16 -13.39
N ARG E 60 57.23 3.33 -13.94
CA ARG E 60 56.25 4.34 -14.28
C ARG E 60 56.45 4.78 -15.73
N ILE E 61 55.37 5.16 -16.39
CA ILE E 61 55.39 5.65 -17.76
C ILE E 61 54.56 6.92 -17.82
N GLY E 62 54.89 7.82 -18.76
CA GLY E 62 54.17 9.07 -18.89
C GLY E 62 54.08 9.52 -20.33
N LEU E 63 53.03 10.29 -20.63
CA LEU E 63 52.84 10.94 -21.91
C LEU E 63 52.47 12.40 -21.68
N PHE E 64 53.14 13.30 -22.38
CA PHE E 64 52.92 14.74 -22.19
C PHE E 64 52.48 15.39 -23.50
N ILE E 65 51.39 16.15 -23.43
CA ILE E 65 50.78 16.78 -24.61
C ILE E 65 50.61 18.26 -24.33
N LYS E 66 50.55 19.05 -25.41
CA LYS E 66 50.46 20.50 -25.30
C LYS E 66 49.04 21.02 -25.47
N ALA E 67 48.04 20.26 -25.04
CA ALA E 67 46.67 20.74 -24.98
C ALA E 67 46.51 21.54 -23.69
N GLY E 68 45.28 21.86 -23.32
CA GLY E 68 45.06 22.66 -22.12
C GLY E 68 43.72 23.36 -22.22
N SER E 69 43.53 24.35 -21.34
CA SER E 69 42.32 25.15 -21.33
C SER E 69 42.49 26.47 -22.03
N ARG E 70 43.64 26.70 -22.66
CA ARG E 70 43.96 27.97 -23.27
C ARG E 70 43.76 27.92 -24.79
N TYR E 71 43.30 26.80 -25.31
CA TYR E 71 43.19 26.60 -26.74
C TYR E 71 41.75 26.60 -27.23
N GLU E 72 40.80 26.87 -26.35
CA GLU E 72 39.39 26.87 -26.71
C GLU E 72 38.89 28.30 -26.82
N ASP E 73 38.09 28.57 -27.85
CA ASP E 73 37.57 29.88 -28.17
C ASP E 73 36.21 30.07 -27.50
N SER E 74 35.44 31.06 -27.94
CA SER E 74 34.21 31.48 -27.28
C SER E 74 33.03 30.53 -27.50
N ASN E 75 33.14 29.58 -28.42
CA ASN E 75 31.99 28.74 -28.78
C ASN E 75 31.99 27.38 -28.10
N ASN E 76 33.14 26.89 -27.64
CA ASN E 76 33.26 25.56 -27.05
C ASN E 76 33.95 25.63 -25.70
N LEU E 77 33.52 26.53 -24.82
CA LEU E 77 34.08 26.57 -23.47
C LEU E 77 33.73 25.31 -22.71
N GLY E 78 34.71 24.77 -22.00
CA GLY E 78 34.52 23.62 -21.14
C GLY E 78 34.73 22.27 -21.78
N THR E 79 35.28 22.22 -22.99
CA THR E 79 35.48 20.93 -23.62
C THR E 79 36.57 20.13 -22.94
N SER E 80 37.56 20.81 -22.35
CA SER E 80 38.73 20.10 -21.85
C SER E 80 38.55 19.66 -20.40
N HIS E 81 37.51 20.12 -19.71
CA HIS E 81 37.18 19.57 -18.40
C HIS E 81 36.48 18.23 -18.54
N LEU E 82 35.72 18.03 -19.61
CA LEU E 82 35.05 16.76 -19.84
C LEU E 82 35.94 15.73 -20.51
N LEU E 83 37.12 16.14 -21.00
CA LEU E 83 38.04 15.18 -21.59
C LEU E 83 38.80 14.39 -20.54
N ARG E 84 39.11 15.01 -19.39
CA ARG E 84 39.91 14.31 -18.39
C ARG E 84 39.04 13.49 -17.44
N LEU E 85 37.73 13.61 -17.53
CA LEU E 85 36.84 12.71 -16.81
C LEU E 85 36.51 11.46 -17.61
N ALA E 86 36.85 11.44 -18.90
CA ALA E 86 36.39 10.41 -19.82
C ALA E 86 37.54 9.57 -20.33
N SER E 87 38.52 9.32 -19.45
CA SER E 87 39.66 8.47 -19.76
C SER E 87 39.33 6.99 -19.66
N SER E 88 38.14 6.63 -19.20
CA SER E 88 37.76 5.25 -18.92
C SER E 88 36.66 4.73 -19.83
N LEU E 89 36.19 5.53 -20.79
CA LEU E 89 35.10 5.11 -21.65
C LEU E 89 35.62 4.13 -22.70
N THR E 90 34.71 3.63 -23.52
CA THR E 90 35.01 2.55 -24.45
C THR E 90 35.80 3.04 -25.67
N THR E 91 36.86 2.32 -25.97
CA THR E 91 37.84 2.64 -27.00
C THR E 91 37.73 1.63 -28.13
N LYS E 92 38.44 1.89 -29.22
CA LYS E 92 38.32 1.05 -30.41
C LYS E 92 38.85 -0.37 -30.18
N GLY E 93 40.02 -0.51 -29.58
CA GLY E 93 40.63 -1.81 -29.41
C GLY E 93 40.29 -2.55 -28.14
N ALA E 94 39.49 -1.96 -27.25
CA ALA E 94 39.09 -2.60 -26.02
C ALA E 94 37.86 -1.87 -25.49
N SER E 95 37.04 -2.59 -24.72
CA SER E 95 35.81 -2.01 -24.20
C SER E 95 36.10 -1.35 -22.85
N SER E 96 35.05 -0.98 -22.13
CA SER E 96 35.21 -0.37 -20.82
C SER E 96 35.05 -1.37 -19.69
N PHE E 97 34.79 -2.64 -19.99
CA PHE E 97 34.84 -3.72 -19.01
C PHE E 97 36.24 -4.31 -18.94
N LYS E 98 36.88 -4.48 -20.10
CA LYS E 98 38.21 -5.04 -20.16
C LYS E 98 39.26 -4.07 -19.64
N ILE E 99 38.91 -2.80 -19.46
CA ILE E 99 39.88 -1.81 -19.03
C ILE E 99 39.79 -1.56 -17.54
N THR E 100 38.59 -1.29 -17.04
CA THR E 100 38.47 -1.04 -15.61
C THR E 100 38.69 -2.28 -14.77
N ARG E 101 38.94 -3.42 -15.39
CA ARG E 101 39.06 -4.67 -14.66
C ARG E 101 40.23 -5.52 -15.08
N GLY E 102 40.97 -5.14 -16.12
CA GLY E 102 42.17 -5.85 -16.49
C GLY E 102 43.38 -5.19 -15.90
N ILE E 103 43.19 -3.94 -15.47
CA ILE E 103 44.22 -3.20 -14.74
C ILE E 103 44.17 -3.53 -13.27
N GLU E 104 42.96 -3.63 -12.72
CA GLU E 104 42.73 -3.73 -11.29
C GLU E 104 42.97 -5.14 -10.75
N ALA E 105 43.08 -6.14 -11.62
CA ALA E 105 43.51 -7.48 -11.25
C ALA E 105 45.01 -7.59 -11.05
N VAL E 106 45.75 -6.52 -11.32
CA VAL E 106 47.20 -6.55 -11.23
C VAL E 106 47.74 -5.60 -10.16
N GLY E 107 46.94 -4.64 -9.69
CA GLY E 107 47.39 -3.66 -8.73
C GLY E 107 47.83 -2.33 -9.31
N GLY E 108 47.47 -1.94 -10.52
CA GLY E 108 47.92 -0.70 -11.14
C GLY E 108 47.06 0.54 -10.96
N LYS E 109 47.32 1.60 -11.72
CA LYS E 109 46.52 2.81 -11.70
C LYS E 109 46.66 3.59 -12.96
N LEU E 110 45.67 4.45 -13.29
CA LEU E 110 45.67 5.52 -14.31
C LEU E 110 45.32 6.81 -13.65
N SER E 111 46.02 7.91 -13.89
CA SER E 111 45.70 9.26 -13.44
C SER E 111 45.89 10.25 -14.57
N VAL E 112 45.11 11.33 -14.54
CA VAL E 112 45.22 12.44 -15.49
C VAL E 112 45.28 13.75 -14.72
N THR E 113 46.33 14.53 -14.96
CA THR E 113 46.53 15.84 -14.36
C THR E 113 46.67 16.89 -15.46
N SER E 114 46.22 18.12 -15.17
CA SER E 114 46.23 19.16 -16.18
C SER E 114 46.40 20.53 -15.55
N THR E 115 47.14 21.39 -16.23
CA THR E 115 47.27 22.80 -15.90
C THR E 115 46.71 23.62 -17.08
N ARG E 116 46.87 24.93 -16.98
CA ARG E 116 46.38 25.87 -17.97
C ARG E 116 46.94 25.70 -19.34
N GLU E 117 48.17 25.25 -19.50
CA GLU E 117 48.63 24.74 -20.79
C GLU E 117 49.23 23.34 -20.97
N SER E 118 49.10 22.35 -20.07
CA SER E 118 49.56 20.97 -20.39
C SER E 118 48.72 19.80 -19.87
N MET E 119 48.73 18.59 -20.47
CA MET E 119 48.00 17.43 -19.99
C MET E 119 48.97 16.26 -19.89
N ALA E 120 48.79 15.41 -18.88
CA ALA E 120 49.72 14.30 -18.64
C ALA E 120 48.97 13.02 -18.28
N TYR E 121 49.37 11.92 -18.92
CA TYR E 121 48.81 10.59 -18.69
C TYR E 121 49.90 9.71 -18.07
N THR E 122 49.61 9.10 -16.92
CA THR E 122 50.62 8.36 -16.19
C THR E 122 50.06 7.06 -15.63
N VAL E 123 50.88 5.99 -15.67
CA VAL E 123 50.48 4.64 -15.29
C VAL E 123 51.60 4.00 -14.49
N GLU E 124 51.26 3.06 -13.61
CA GLU E 124 52.28 2.36 -12.84
C GLU E 124 51.80 1.01 -12.35
N CYS E 125 52.76 0.09 -12.17
CA CYS E 125 52.56 -1.24 -11.60
C CYS E 125 53.94 -1.84 -11.37
N LEU E 126 53.99 -3.13 -11.02
CA LEU E 126 55.25 -3.80 -10.72
C LEU E 126 56.00 -4.14 -12.00
N ARG E 127 57.24 -4.59 -11.84
CA ARG E 127 58.19 -4.62 -12.94
C ARG E 127 57.81 -5.62 -14.03
N ASP E 128 57.13 -6.71 -13.68
CA ASP E 128 56.84 -7.76 -14.64
C ASP E 128 55.53 -7.57 -15.37
N ASP E 129 54.75 -6.56 -15.02
CA ASP E 129 53.38 -6.40 -15.52
C ASP E 129 53.21 -5.12 -16.32
N ILE E 130 54.31 -4.60 -16.86
CA ILE E 130 54.29 -3.30 -17.53
C ILE E 130 54.11 -3.43 -19.04
N GLU E 131 54.30 -4.62 -19.61
CA GLU E 131 54.09 -4.84 -21.03
C GLU E 131 52.62 -4.75 -21.41
N ILE E 132 51.71 -4.96 -20.48
CA ILE E 132 50.29 -5.03 -20.77
C ILE E 132 49.60 -3.71 -20.45
N LEU E 133 50.22 -2.86 -19.62
CA LEU E 133 49.61 -1.58 -19.30
C LEU E 133 49.94 -0.53 -20.36
N MET E 134 50.99 -0.75 -21.15
CA MET E 134 51.29 0.18 -22.24
C MET E 134 50.56 -0.17 -23.51
N GLU E 135 49.73 -1.21 -23.50
CA GLU E 135 48.80 -1.46 -24.59
C GLU E 135 47.39 -1.04 -24.24
N PHE E 136 47.20 -0.42 -23.08
CA PHE E 136 45.99 0.29 -22.71
C PHE E 136 46.15 1.81 -22.77
N LEU E 137 47.31 2.33 -22.35
CA LEU E 137 47.50 3.78 -22.29
C LEU E 137 47.59 4.37 -23.69
N LEU E 138 48.39 3.77 -24.56
CA LEU E 138 48.49 4.26 -25.92
C LEU E 138 47.20 4.06 -26.71
N ASN E 139 46.27 3.29 -26.17
CA ASN E 139 44.99 3.08 -26.84
C ASN E 139 43.96 4.11 -26.41
N VAL E 140 44.07 4.64 -25.20
CA VAL E 140 43.14 5.66 -24.72
C VAL E 140 43.34 6.96 -25.47
N THR E 141 44.58 7.34 -25.77
CA THR E 141 44.82 8.67 -26.33
C THR E 141 44.85 8.66 -27.84
N ALA E 142 45.39 7.61 -28.46
CA ALA E 142 45.56 7.60 -29.91
C ALA E 142 44.21 7.54 -30.62
N ALA E 143 43.35 6.60 -30.25
CA ALA E 143 42.18 6.25 -31.05
C ALA E 143 40.96 6.01 -30.18
N PRO E 144 40.35 7.09 -29.66
CA PRO E 144 39.11 6.92 -28.89
C PRO E 144 37.86 7.04 -29.75
N GLU E 145 36.75 6.63 -29.15
CA GLU E 145 35.41 6.90 -29.65
C GLU E 145 34.66 7.74 -28.63
N PHE E 146 33.47 8.17 -29.00
CA PHE E 146 32.58 8.85 -28.06
C PHE E 146 31.17 8.46 -28.47
N ARG E 147 30.60 7.49 -27.76
CA ARG E 147 29.27 7.02 -28.06
C ARG E 147 28.23 7.93 -27.41
N ARG E 148 27.11 8.12 -28.10
CA ARG E 148 26.15 9.11 -27.65
C ARG E 148 25.59 8.80 -26.27
N TRP E 149 25.27 7.54 -25.99
CA TRP E 149 24.57 7.22 -24.74
C TRP E 149 25.48 7.34 -23.53
N GLU E 150 26.75 6.99 -23.65
CA GLU E 150 27.71 7.09 -22.55
C GLU E 150 27.97 8.54 -22.16
N VAL E 151 28.40 9.34 -23.14
CA VAL E 151 28.80 10.72 -22.97
C VAL E 151 27.66 11.55 -22.40
N ALA E 152 26.42 11.18 -22.69
CA ALA E 152 25.29 11.90 -22.11
C ALA E 152 25.05 11.57 -20.65
N ALA E 153 25.76 10.58 -20.11
CA ALA E 153 25.62 10.18 -18.71
C ALA E 153 26.69 10.76 -17.79
N LEU E 154 27.86 11.12 -18.32
CA LEU E 154 28.90 11.75 -17.53
C LEU E 154 28.56 13.17 -17.11
N GLN E 155 27.50 13.76 -17.64
CA GLN E 155 27.37 15.20 -17.50
C GLN E 155 26.79 15.65 -16.17
N SER E 156 26.44 14.73 -15.28
CA SER E 156 26.20 15.10 -13.90
C SER E 156 27.47 15.04 -13.06
N GLN E 157 28.52 14.40 -13.56
CA GLN E 157 29.80 14.38 -12.87
C GLN E 157 30.44 15.77 -12.86
N LEU E 158 30.08 16.63 -13.81
CA LEU E 158 30.63 17.99 -13.83
C LEU E 158 30.17 18.78 -12.62
N ARG E 159 28.90 18.64 -12.23
CA ARG E 159 28.38 19.35 -11.07
C ARG E 159 29.00 18.84 -9.78
N ILE E 160 29.20 17.52 -9.67
CA ILE E 160 29.72 16.92 -8.45
C ILE E 160 31.20 17.29 -8.27
N ASP E 161 31.98 17.19 -9.33
CA ASP E 161 33.40 17.47 -9.24
C ASP E 161 33.67 18.94 -8.97
N LYS E 162 32.81 19.82 -9.51
CA LYS E 162 33.04 21.25 -9.40
C LYS E 162 32.67 21.78 -8.03
N ALA E 163 31.70 21.16 -7.35
CA ALA E 163 31.29 21.62 -6.03
C ALA E 163 32.22 21.12 -4.93
N VAL E 164 32.98 20.07 -5.19
CA VAL E 164 33.97 19.59 -4.23
C VAL E 164 35.17 20.54 -4.20
N ALA E 165 35.70 20.89 -5.38
CA ALA E 165 36.88 21.74 -5.44
C ALA E 165 36.61 23.12 -4.85
N PHE E 166 35.39 23.63 -4.99
CA PHE E 166 35.06 24.97 -4.54
C PHE E 166 34.72 25.04 -3.06
N GLN E 167 35.04 24.01 -2.28
CA GLN E 167 34.94 24.13 -0.83
C GLN E 167 36.19 24.71 -0.20
N ASN E 168 37.27 24.80 -0.97
CA ASN E 168 38.43 25.58 -0.60
C ASN E 168 38.21 27.02 -1.05
N PRO E 169 38.23 28.01 -0.15
CA PRO E 169 37.94 29.39 -0.56
C PRO E 169 38.96 29.99 -1.51
N GLN E 170 39.96 29.23 -1.97
CA GLN E 170 41.06 29.76 -2.75
C GLN E 170 41.10 29.23 -4.17
N ALA E 171 40.31 28.22 -4.50
CA ALA E 171 40.15 27.90 -5.90
C ALA E 171 39.25 28.92 -6.59
N GLN E 172 38.34 29.53 -5.83
CA GLN E 172 37.48 30.59 -6.35
C GLN E 172 38.29 31.83 -6.70
N VAL E 173 38.99 32.41 -5.71
CA VAL E 173 39.64 33.70 -5.86
C VAL E 173 40.77 33.67 -6.89
N LEU E 174 41.31 32.50 -7.20
CA LEU E 174 42.32 32.42 -8.26
C LEU E 174 41.73 32.12 -9.63
N GLU E 175 40.41 32.07 -9.78
CA GLU E 175 39.80 32.07 -11.09
C GLU E 175 39.26 33.45 -11.48
N ASN E 176 38.94 34.28 -10.51
CA ASN E 176 38.59 35.68 -10.71
C ASN E 176 39.80 36.56 -10.92
N LEU E 177 41.01 36.02 -10.79
CA LEU E 177 42.25 36.77 -10.92
C LEU E 177 42.92 36.58 -12.27
N HIS E 178 42.61 35.50 -12.98
CA HIS E 178 43.09 35.37 -14.35
C HIS E 178 42.17 36.05 -15.34
N ALA E 179 40.89 36.17 -15.01
CA ALA E 179 39.92 36.92 -15.81
C ALA E 179 39.98 38.42 -15.57
N ALA E 180 40.58 38.84 -14.50
CA ALA E 180 40.74 40.22 -14.19
C ALA E 180 41.98 40.76 -14.74
N ALA E 181 42.82 40.00 -15.41
CA ALA E 181 44.02 40.51 -15.98
C ALA E 181 44.35 40.18 -17.38
N TYR E 182 43.57 39.39 -18.08
CA TYR E 182 43.90 39.00 -19.43
C TYR E 182 42.64 39.19 -20.18
N ARG E 183 42.69 39.10 -21.50
CA ARG E 183 41.60 39.44 -22.39
C ARG E 183 41.08 38.26 -23.19
N ASN E 184 41.98 37.43 -23.72
CA ASN E 184 41.56 36.26 -24.50
C ASN E 184 41.99 34.88 -23.99
N ALA E 185 43.17 34.44 -24.41
CA ALA E 185 43.61 33.06 -24.25
C ALA E 185 43.82 32.51 -22.82
N LEU E 186 44.41 33.32 -21.94
CA LEU E 186 44.81 32.85 -20.62
C LEU E 186 43.70 32.99 -19.57
N ALA E 187 42.58 33.54 -20.00
CA ALA E 187 41.50 33.93 -19.10
C ALA E 187 40.52 32.81 -18.83
N ASN E 188 40.43 31.83 -19.72
CA ASN E 188 39.53 30.69 -19.51
C ASN E 188 39.93 29.93 -18.24
N SER E 189 38.93 29.37 -17.56
CA SER E 189 39.17 28.66 -16.30
C SER E 189 39.46 27.19 -16.58
N LEU E 190 39.52 26.38 -15.52
CA LEU E 190 39.72 24.94 -15.64
C LEU E 190 38.44 24.13 -15.47
N TYR E 191 37.34 24.77 -15.06
CA TYR E 191 36.06 24.12 -14.82
C TYR E 191 35.03 24.62 -15.81
N CYS E 192 34.03 23.79 -16.09
CA CYS E 192 33.01 24.11 -17.08
C CYS E 192 32.05 25.15 -16.52
N PRO E 193 31.72 26.21 -17.27
CA PRO E 193 30.72 27.17 -16.79
C PRO E 193 29.35 26.54 -16.64
N ASP E 194 28.58 27.06 -15.68
CA ASP E 194 27.41 26.32 -15.23
C ASP E 194 26.16 26.53 -16.07
N TYR E 195 26.14 27.50 -16.99
CA TYR E 195 25.10 27.56 -18.01
C TYR E 195 25.32 26.54 -19.11
N ARG E 196 26.40 25.79 -19.02
CA ARG E 196 27.02 25.10 -20.15
C ARG E 196 27.13 23.60 -19.89
N ILE E 197 26.49 23.08 -18.84
CA ILE E 197 26.74 21.72 -18.35
C ILE E 197 25.92 20.69 -19.12
N GLY E 198 24.70 21.00 -19.49
CA GLY E 198 23.98 19.95 -20.18
C GLY E 198 24.20 19.88 -21.67
N LYS E 199 25.18 20.60 -22.22
CA LYS E 199 25.22 20.88 -23.65
C LYS E 199 26.55 20.60 -24.33
N VAL E 200 27.46 19.86 -23.72
CA VAL E 200 28.70 19.49 -24.40
C VAL E 200 28.44 18.25 -25.24
N THR E 201 28.66 18.35 -26.54
CA THR E 201 28.22 17.34 -27.49
C THR E 201 29.34 16.39 -27.88
N PRO E 202 29.02 15.22 -28.43
CA PRO E 202 30.07 14.35 -28.96
C PRO E 202 30.74 14.89 -30.21
N ASP E 203 30.30 16.03 -30.73
CA ASP E 203 30.91 16.57 -31.94
C ASP E 203 31.93 17.65 -31.63
N GLN E 204 31.82 18.29 -30.46
CA GLN E 204 32.82 19.25 -30.04
C GLN E 204 34.06 18.54 -29.51
N LEU E 205 33.93 17.27 -29.11
CA LEU E 205 35.05 16.54 -28.54
C LEU E 205 35.89 15.86 -29.61
N HIS E 206 35.24 15.38 -30.68
CA HIS E 206 35.97 14.73 -31.76
C HIS E 206 36.90 15.71 -32.46
N TYR E 207 36.60 16.99 -32.37
CA TYR E 207 37.32 18.00 -33.13
C TYR E 207 38.45 18.60 -32.31
N TYR E 208 38.23 18.82 -31.02
CA TYR E 208 39.30 19.31 -30.15
C TYR E 208 40.47 18.34 -30.13
N VAL E 209 40.18 17.04 -30.08
CA VAL E 209 41.25 16.04 -30.06
C VAL E 209 42.02 16.05 -31.38
N GLN E 210 41.32 16.19 -32.50
CA GLN E 210 41.93 15.94 -33.79
C GLN E 210 42.85 17.08 -34.22
N ASN E 211 42.79 18.22 -33.55
CA ASN E 211 43.59 19.39 -33.91
C ASN E 211 44.77 19.62 -32.99
N HIS E 212 44.69 19.13 -31.74
CA HIS E 212 45.68 19.45 -30.72
C HIS E 212 46.47 18.24 -30.23
N PHE E 213 46.14 17.02 -30.64
CA PHE E 213 46.91 15.83 -30.27
C PHE E 213 47.68 15.40 -31.51
N THR E 214 48.98 15.62 -31.49
CA THR E 214 49.83 15.56 -32.67
C THR E 214 51.24 15.12 -32.35
N SER E 215 51.90 14.48 -33.26
CA SER E 215 53.17 13.96 -32.94
C SER E 215 54.38 14.90 -33.00
N ALA E 216 54.22 16.17 -33.25
CA ALA E 216 55.27 17.13 -32.97
C ALA E 216 54.95 17.90 -31.71
N ARG E 217 53.93 17.48 -31.01
CA ARG E 217 53.52 18.11 -29.81
C ARG E 217 53.73 17.27 -28.56
N MET E 218 54.33 16.10 -28.64
CA MET E 218 54.22 15.19 -27.51
C MET E 218 55.60 14.65 -27.12
N ALA E 219 55.68 14.16 -25.88
CA ALA E 219 56.89 13.59 -25.28
C ALA E 219 56.53 12.32 -24.52
N LEU E 220 57.37 11.29 -24.65
CA LEU E 220 57.14 9.98 -24.04
C LEU E 220 58.29 9.66 -23.10
N ILE E 221 57.98 9.45 -21.81
CA ILE E 221 59.00 9.29 -20.78
C ILE E 221 58.84 7.93 -20.12
N GLY E 222 59.94 7.18 -20.03
CA GLY E 222 59.94 5.89 -19.34
C GLY E 222 61.01 5.78 -18.28
N LEU E 223 60.62 5.55 -17.02
CA LEU E 223 61.52 5.74 -15.88
C LEU E 223 62.38 4.53 -15.57
N GLY E 224 61.79 3.37 -15.29
CA GLY E 224 62.58 2.21 -14.95
C GLY E 224 62.59 1.15 -16.04
N VAL E 225 62.67 1.58 -17.30
CA VAL E 225 62.52 0.71 -18.46
C VAL E 225 63.74 0.91 -19.35
N SER E 226 63.83 0.13 -20.42
CA SER E 226 64.96 0.17 -21.34
C SER E 226 64.60 0.95 -22.61
N HIS E 227 65.63 1.26 -23.40
CA HIS E 227 65.51 2.09 -24.60
C HIS E 227 65.06 1.34 -25.85
N PRO E 228 65.56 0.13 -26.15
CA PRO E 228 65.09 -0.55 -27.37
C PRO E 228 63.61 -0.88 -27.37
N VAL E 229 62.95 -0.87 -26.21
CA VAL E 229 61.55 -1.25 -26.15
C VAL E 229 60.62 -0.03 -26.23
N LEU E 230 61.08 1.14 -25.77
CA LEU E 230 60.23 2.33 -25.83
C LEU E 230 59.97 2.76 -27.26
N LYS E 231 61.00 2.75 -28.11
CA LYS E 231 60.79 3.03 -29.52
C LYS E 231 59.89 1.99 -30.16
N GLN E 232 59.99 0.74 -29.70
CA GLN E 232 59.22 -0.35 -30.29
C GLN E 232 57.74 -0.06 -30.24
N VAL E 233 57.30 0.74 -29.29
CA VAL E 233 55.89 1.10 -29.13
C VAL E 233 55.53 2.32 -29.96
N ALA E 234 56.49 3.22 -30.19
CA ALA E 234 56.20 4.48 -30.86
C ALA E 234 55.97 4.31 -32.36
N GLU E 235 56.35 3.16 -32.93
CA GLU E 235 56.07 2.94 -34.35
C GLU E 235 54.58 2.83 -34.62
N ARG E 236 53.76 2.66 -33.58
CA ARG E 236 52.31 2.56 -33.70
C ARG E 236 51.61 3.71 -33.00
N PHE E 237 52.25 4.87 -32.93
CA PHE E 237 51.75 6.02 -32.19
C PHE E 237 51.76 7.29 -33.05
N LEU E 238 52.63 7.30 -34.06
CA LEU E 238 52.88 8.48 -34.86
C LEU E 238 52.35 8.38 -36.28
N ASN E 239 52.09 7.17 -36.76
CA ASN E 239 51.71 6.99 -38.15
C ASN E 239 50.45 7.76 -38.51
N MET E 240 49.60 8.07 -37.54
CA MET E 240 48.34 8.74 -37.78
C MET E 240 48.40 10.14 -37.20
N ARG E 241 47.77 11.11 -37.88
CA ARG E 241 47.59 12.46 -37.34
C ARG E 241 48.86 13.19 -36.88
N GLY E 242 49.92 13.11 -37.68
CA GLY E 242 51.19 13.73 -37.35
C GLY E 242 51.25 15.24 -37.20
N GLY E 243 50.54 15.95 -38.07
CA GLY E 243 50.69 17.40 -38.22
C GLY E 243 50.34 18.32 -37.06
N LEU E 244 51.10 19.42 -36.98
CA LEU E 244 50.89 20.46 -35.94
C LEU E 244 49.60 21.23 -36.18
N GLY E 245 49.03 21.78 -35.11
CA GLY E 245 47.67 22.28 -35.17
C GLY E 245 47.60 23.80 -35.18
N LEU E 246 46.51 24.36 -34.63
CA LEU E 246 46.22 25.81 -34.68
C LEU E 246 47.03 26.85 -33.87
N SER E 247 47.22 26.63 -32.57
CA SER E 247 48.12 27.45 -31.73
C SER E 247 48.02 29.00 -31.73
N GLY E 248 46.86 29.64 -31.53
CA GLY E 248 46.85 31.09 -31.71
C GLY E 248 46.75 31.93 -30.44
N ALA E 249 46.19 33.15 -30.57
CA ALA E 249 45.69 33.94 -29.44
C ALA E 249 46.80 34.32 -28.45
N LYS E 250 47.63 35.27 -28.87
CA LYS E 250 48.85 35.73 -28.19
C LYS E 250 48.58 36.37 -26.74
N ALA E 251 47.39 36.42 -26.12
CA ALA E 251 47.24 36.74 -24.70
C ALA E 251 47.68 38.17 -24.37
N LYS E 252 46.85 39.11 -24.81
CA LYS E 252 47.02 40.52 -24.52
C LYS E 252 46.39 40.92 -23.19
N TYR E 253 46.96 41.96 -22.57
CA TYR E 253 46.79 42.27 -21.16
C TYR E 253 45.74 43.35 -20.93
N ARG E 254 44.86 43.08 -19.96
CA ARG E 254 43.79 43.99 -19.56
C ARG E 254 43.78 44.21 -18.03
N GLY E 255 43.23 45.35 -17.61
CA GLY E 255 43.31 45.80 -16.22
C GLY E 255 42.12 45.63 -15.29
N GLY E 256 41.11 44.85 -15.69
CA GLY E 256 39.85 44.78 -14.97
C GLY E 256 39.88 44.26 -13.54
N GLU E 257 39.00 44.82 -12.70
CA GLU E 257 38.88 44.48 -11.28
C GLU E 257 37.51 43.88 -10.99
N ILE E 258 37.50 42.83 -10.19
CA ILE E 258 36.25 42.14 -9.90
C ILE E 258 36.14 42.01 -8.39
N ARG E 259 34.98 42.38 -7.86
CA ARG E 259 34.78 42.17 -6.43
C ARG E 259 33.49 41.43 -6.27
N ASP E 260 33.58 40.44 -5.39
CA ASP E 260 32.53 39.52 -5.13
C ASP E 260 32.36 39.52 -3.63
N GLN E 261 31.14 39.85 -3.23
CA GLN E 261 30.70 39.76 -1.86
C GLN E 261 29.70 38.65 -1.56
N ASN E 262 30.06 37.70 -0.68
CA ASN E 262 29.22 36.63 -0.20
C ASN E 262 29.23 36.44 1.26
N GLY E 263 29.16 35.19 1.68
CA GLY E 263 28.99 34.83 3.08
C GLY E 263 30.19 34.50 3.96
N ASP E 264 31.40 34.55 3.41
CA ASP E 264 32.60 34.13 4.14
C ASP E 264 32.93 34.98 5.37
N SER E 265 33.41 34.33 6.43
CA SER E 265 33.85 35.03 7.63
C SER E 265 35.27 35.58 7.60
N LEU E 266 35.99 35.44 6.49
CA LEU E 266 37.33 35.98 6.37
C LEU E 266 37.57 36.43 4.93
N VAL E 267 38.29 37.53 4.76
CA VAL E 267 38.49 38.16 3.46
C VAL E 267 39.77 37.64 2.82
N HIS E 268 39.68 37.26 1.54
CA HIS E 268 40.81 36.79 0.73
C HIS E 268 41.01 37.81 -0.39
N ALA E 269 42.24 38.31 -0.59
CA ALA E 269 42.49 39.39 -1.54
C ALA E 269 43.84 39.22 -2.24
N ALA E 270 44.04 40.01 -3.31
CA ALA E 270 45.25 39.89 -4.13
C ALA E 270 45.56 41.21 -4.84
N LEU E 271 46.78 41.31 -5.36
CA LEU E 271 47.25 42.35 -6.27
C LEU E 271 48.39 41.80 -7.12
N VAL E 272 48.34 42.01 -8.43
CA VAL E 272 49.39 41.55 -9.33
C VAL E 272 49.79 42.65 -10.30
N ALA E 273 50.93 42.45 -10.95
CA ALA E 273 51.32 43.21 -12.12
C ALA E 273 52.18 42.32 -13.00
N GLU E 274 52.30 42.68 -14.26
CA GLU E 274 52.99 41.82 -15.20
C GLU E 274 54.48 41.75 -14.88
N SER E 275 55.03 40.58 -15.23
CA SER E 275 56.39 40.14 -14.89
C SER E 275 56.98 39.28 -16.01
N ALA E 276 58.29 39.10 -15.97
CA ALA E 276 59.05 38.50 -17.05
C ALA E 276 58.91 36.98 -17.01
N ALA E 277 58.73 36.45 -18.26
CA ALA E 277 58.53 35.04 -18.71
C ALA E 277 59.67 33.98 -18.73
N THR E 278 59.31 32.72 -18.57
CA THR E 278 60.24 31.64 -18.21
C THR E 278 61.34 31.26 -19.16
N GLY E 279 62.48 31.02 -18.60
CA GLY E 279 63.65 30.77 -19.40
C GLY E 279 64.42 32.01 -19.83
N SER E 280 63.98 33.19 -19.47
CA SER E 280 64.87 34.30 -19.78
C SER E 280 65.84 34.52 -18.64
N ALA E 281 66.61 35.61 -18.72
CA ALA E 281 67.57 35.91 -17.67
C ALA E 281 66.98 36.78 -16.57
N GLU E 282 65.90 37.51 -16.87
CA GLU E 282 65.24 38.31 -15.85
C GLU E 282 64.34 37.45 -14.97
N ALA E 283 64.10 36.20 -15.38
CA ALA E 283 63.25 35.32 -14.59
C ALA E 283 63.82 35.08 -13.20
N ASN E 284 65.09 34.67 -13.13
CA ASN E 284 65.68 34.29 -11.86
C ASN E 284 65.80 35.46 -10.88
N ALA E 285 65.64 36.69 -11.34
CA ALA E 285 65.63 37.82 -10.42
C ALA E 285 64.27 37.99 -9.77
N PHE E 286 63.25 37.31 -10.29
CA PHE E 286 61.94 37.34 -9.63
C PHE E 286 61.74 36.12 -8.74
N SER E 287 62.44 35.02 -9.04
CA SER E 287 62.39 33.86 -8.15
C SER E 287 63.23 34.08 -6.90
N VAL E 288 64.40 34.69 -7.04
CA VAL E 288 65.19 35.05 -5.86
C VAL E 288 64.45 36.10 -5.05
N LEU E 289 63.73 37.00 -5.71
CA LEU E 289 63.07 38.09 -5.00
C LEU E 289 62.02 37.57 -4.02
N GLN E 290 61.24 36.56 -4.42
CA GLN E 290 60.10 36.17 -3.58
C GLN E 290 60.57 35.46 -2.31
N HIS E 291 61.68 34.72 -2.36
CA HIS E 291 62.18 34.10 -1.15
C HIS E 291 62.72 35.11 -0.17
N VAL E 292 63.03 36.34 -0.62
CA VAL E 292 63.40 37.41 0.31
C VAL E 292 62.18 37.85 1.10
N LEU E 293 61.06 38.05 0.40
CA LEU E 293 59.81 38.45 1.04
C LEU E 293 59.12 37.45 1.98
N GLY E 294 59.04 36.18 1.58
CA GLY E 294 58.21 35.21 2.29
C GLY E 294 58.03 33.87 1.61
N ALA E 295 56.77 33.57 1.29
CA ALA E 295 56.37 32.36 0.56
C ALA E 295 56.61 30.98 1.18
N GLY E 296 56.43 30.85 2.49
CA GLY E 296 56.43 29.54 3.12
C GLY E 296 57.09 29.45 4.50
N PRO E 297 56.51 28.64 5.39
CA PRO E 297 57.14 28.37 6.69
C PRO E 297 57.96 27.08 6.71
N HIS E 298 58.89 26.96 7.66
CA HIS E 298 59.72 25.77 7.79
C HIS E 298 59.48 25.02 9.09
N VAL E 299 59.66 25.68 10.23
CA VAL E 299 59.49 25.04 11.53
C VAL E 299 58.03 25.18 11.95
N LYS E 300 57.35 24.05 12.13
CA LYS E 300 55.92 24.08 12.39
C LYS E 300 55.62 24.68 13.75
N ARG E 301 54.50 25.39 13.84
CA ARG E 301 54.01 25.99 15.08
C ARG E 301 55.04 26.96 15.66
N GLY E 302 55.52 27.87 14.81
CA GLY E 302 56.54 28.82 15.23
C GLY E 302 56.55 30.11 14.44
N SER E 303 56.60 31.23 15.13
CA SER E 303 56.51 32.54 14.48
C SER E 303 57.67 32.76 13.53
N ASN E 304 57.36 33.12 12.28
CA ASN E 304 58.39 33.29 11.27
C ASN E 304 59.29 34.46 11.64
N ALA E 305 60.59 34.28 11.47
CA ALA E 305 61.54 35.38 11.67
C ALA E 305 62.30 35.74 10.39
N THR E 306 62.07 34.99 9.32
CA THR E 306 62.85 35.11 8.09
C THR E 306 62.26 35.98 6.98
N SER E 307 61.09 36.57 7.21
CA SER E 307 60.39 37.29 6.14
C SER E 307 60.20 38.79 6.40
N SER E 308 60.54 39.59 5.39
CA SER E 308 60.28 41.03 5.43
C SER E 308 58.79 41.30 5.60
N LEU E 309 57.94 40.60 4.85
CA LEU E 309 56.52 40.89 4.86
C LEU E 309 55.91 40.64 6.23
N TYR E 310 56.22 39.49 6.84
CA TYR E 310 55.51 39.08 8.05
C TYR E 310 55.85 39.97 9.22
N GLN E 311 57.10 40.43 9.31
CA GLN E 311 57.54 41.19 10.48
C GLN E 311 56.99 42.61 10.48
N ALA E 312 56.89 43.24 9.30
CA ALA E 312 56.44 44.62 9.25
C ALA E 312 54.94 44.73 9.41
N VAL E 313 54.22 43.61 9.33
CA VAL E 313 52.77 43.62 9.50
C VAL E 313 52.41 43.43 10.97
N ALA E 314 53.05 42.48 11.64
CA ALA E 314 52.76 42.25 13.05
C ALA E 314 53.10 43.47 13.90
N LYS E 315 53.97 44.33 13.40
CA LYS E 315 54.08 45.66 13.98
C LYS E 315 52.73 46.28 13.67
N GLY E 316 52.13 46.98 14.62
CA GLY E 316 50.80 47.50 14.40
C GLY E 316 49.71 46.50 14.73
N VAL E 317 49.27 45.75 13.71
CA VAL E 317 48.12 44.85 13.84
C VAL E 317 48.31 43.74 14.88
N HIS E 318 47.22 43.42 15.55
CA HIS E 318 47.22 42.52 16.70
C HIS E 318 46.36 41.28 16.49
N GLN E 319 45.81 41.06 15.31
CA GLN E 319 44.79 40.06 15.06
C GLN E 319 45.30 38.97 14.12
N PRO E 320 44.70 37.79 14.14
CA PRO E 320 45.12 36.72 13.23
C PRO E 320 45.11 37.17 11.78
N PHE E 321 46.16 36.79 11.05
CA PHE E 321 46.36 37.26 9.68
C PHE E 321 47.28 36.29 8.96
N ASP E 322 47.55 36.58 7.69
CA ASP E 322 48.38 35.72 6.86
C ASP E 322 48.78 36.49 5.60
N VAL E 323 50.06 36.58 5.27
CA VAL E 323 50.49 37.24 4.03
C VAL E 323 51.51 36.43 3.32
N SER E 324 51.42 36.37 1.99
CA SER E 324 52.38 35.59 1.20
C SER E 324 53.20 36.32 0.08
N ALA E 325 53.43 35.65 -1.01
CA ALA E 325 54.05 36.23 -2.16
C ALA E 325 53.45 35.28 -3.11
N PHE E 326 53.65 35.41 -4.37
CA PHE E 326 52.94 34.71 -5.44
C PHE E 326 53.78 34.82 -6.70
N ASN E 327 53.73 33.81 -7.55
CA ASN E 327 54.54 33.80 -8.76
C ASN E 327 53.97 32.80 -9.75
N ALA E 328 54.25 33.03 -11.03
CA ALA E 328 53.88 32.11 -12.11
C ALA E 328 54.70 32.50 -13.34
N SER E 329 55.01 31.52 -14.18
CA SER E 329 56.00 31.73 -15.22
C SER E 329 55.59 31.09 -16.55
N TYR E 330 54.39 31.40 -17.04
CA TYR E 330 53.95 30.88 -18.32
C TYR E 330 54.90 31.29 -19.44
N SER E 331 54.66 30.73 -20.63
CA SER E 331 55.64 30.79 -21.72
C SER E 331 55.72 32.16 -22.39
N ASP E 332 54.63 32.91 -22.48
CA ASP E 332 54.63 34.19 -23.17
C ASP E 332 54.49 35.40 -22.26
N SER E 333 54.19 35.20 -20.97
CA SER E 333 54.05 36.28 -20.01
C SER E 333 54.15 35.69 -18.61
N GLY E 334 54.06 36.56 -17.60
CA GLY E 334 54.06 36.11 -16.23
C GLY E 334 53.29 37.06 -15.35
N LEU E 335 52.99 36.61 -14.13
CA LEU E 335 52.32 37.42 -13.13
C LEU E 335 53.16 37.43 -11.86
N PHE E 336 52.93 38.42 -10.99
CA PHE E 336 53.69 38.54 -9.76
C PHE E 336 53.01 39.54 -8.84
N GLY E 337 52.99 39.28 -7.53
CA GLY E 337 52.19 40.02 -6.59
C GLY E 337 52.19 39.72 -5.10
N ILE E 338 51.08 39.84 -4.44
CA ILE E 338 50.96 39.48 -3.04
C ILE E 338 49.63 38.85 -2.86
N TYR E 339 49.37 38.28 -1.69
CA TYR E 339 48.14 37.57 -1.36
C TYR E 339 47.89 37.66 0.15
N THR E 340 46.69 38.01 0.64
CA THR E 340 46.42 38.19 2.06
C THR E 340 45.22 37.37 2.50
N ILE E 341 45.18 37.10 3.82
CA ILE E 341 44.01 36.57 4.53
C ILE E 341 43.92 37.33 5.84
N SER E 342 42.73 37.80 6.20
CA SER E 342 42.60 38.59 7.42
C SER E 342 41.14 38.67 7.85
N GLN E 343 40.94 39.31 9.01
CA GLN E 343 39.62 39.65 9.52
C GLN E 343 38.94 40.66 8.59
N ALA E 344 37.65 40.88 8.81
CA ALA E 344 36.87 41.80 7.98
C ALA E 344 36.94 43.24 8.47
N ALA E 345 37.00 43.45 9.78
CA ALA E 345 37.09 44.79 10.33
C ALA E 345 38.44 45.44 10.11
N SER E 346 39.49 44.64 9.91
CA SER E 346 40.82 45.14 9.58
C SER E 346 41.31 44.40 8.35
N ALA E 347 40.89 44.85 7.18
CA ALA E 347 41.40 44.33 5.92
C ALA E 347 42.01 45.43 5.06
N GLY E 348 41.96 46.67 5.49
CA GLY E 348 42.63 47.76 4.80
C GLY E 348 44.01 47.99 5.34
N ASP E 349 44.20 47.79 6.65
CA ASP E 349 45.51 47.96 7.26
C ASP E 349 46.50 46.89 6.79
N VAL E 350 46.00 45.68 6.53
CA VAL E 350 46.90 44.60 6.16
C VAL E 350 47.45 44.81 4.76
N ILE E 351 46.60 45.22 3.81
CA ILE E 351 47.07 45.42 2.46
C ILE E 351 47.98 46.65 2.36
N LYS E 352 47.61 47.73 3.06
CA LYS E 352 48.40 48.95 3.00
C LYS E 352 49.80 48.76 3.59
N SER E 353 49.88 48.05 4.72
CA SER E 353 51.18 47.82 5.35
C SER E 353 52.08 46.96 4.47
N ALA E 354 51.52 45.95 3.82
CA ALA E 354 52.34 45.05 3.01
C ALA E 354 52.83 45.72 1.74
N TYR E 355 52.31 46.90 1.42
CA TYR E 355 52.77 47.62 0.23
C TYR E 355 53.91 48.57 0.55
N ASP E 356 54.00 49.03 1.79
CA ASP E 356 55.10 49.93 2.17
C ASP E 356 56.43 49.20 2.19
N GLN E 357 56.43 47.92 2.57
CA GLN E 357 57.69 47.19 2.67
C GLN E 357 58.29 46.92 1.30
N VAL E 358 57.45 46.54 0.33
CA VAL E 358 57.97 46.26 -1.02
C VAL E 358 58.46 47.55 -1.68
N LYS E 359 57.91 48.70 -1.30
CA LYS E 359 58.41 49.98 -1.81
C LYS E 359 59.82 50.25 -1.32
N ALA E 360 60.13 49.86 -0.08
CA ALA E 360 61.42 50.19 0.51
C ALA E 360 62.57 49.55 -0.24
N ILE E 361 62.37 48.34 -0.75
CA ILE E 361 63.46 47.68 -1.47
C ILE E 361 63.66 48.33 -2.84
N ALA E 362 62.62 48.95 -3.39
CA ALA E 362 62.72 49.51 -4.74
C ALA E 362 63.72 50.66 -4.79
N GLN E 363 63.60 51.62 -3.89
CA GLN E 363 64.56 52.72 -3.86
C GLN E 363 65.69 52.49 -2.85
N GLY E 364 66.25 51.29 -2.82
CA GLY E 364 67.57 51.05 -2.29
C GLY E 364 67.57 50.69 -0.82
N ASN E 365 67.45 49.40 -0.50
CA ASN E 365 67.65 48.87 0.85
C ASN E 365 67.80 47.38 0.70
N LEU E 366 69.00 46.85 0.95
CA LEU E 366 69.23 45.43 0.79
C LEU E 366 70.61 45.13 1.35
N SER E 367 70.82 43.88 1.73
CA SER E 367 72.06 43.46 2.36
C SER E 367 72.71 42.41 1.47
N ASN E 368 73.82 41.85 1.95
CA ASN E 368 74.47 40.74 1.27
C ASN E 368 74.41 39.46 2.09
N THR E 369 73.80 39.50 3.27
CA THR E 369 73.52 38.30 4.04
C THR E 369 72.13 37.75 3.72
N ASP E 370 71.11 38.60 3.76
CA ASP E 370 69.76 38.16 3.43
C ASP E 370 69.66 37.72 1.98
N VAL E 371 70.42 38.36 1.09
CA VAL E 371 70.48 37.88 -0.29
C VAL E 371 71.10 36.49 -0.33
N GLN E 372 72.13 36.24 0.48
CA GLN E 372 72.77 34.95 0.49
C GLN E 372 71.84 33.86 1.01
N ALA E 373 71.09 34.15 2.07
CA ALA E 373 70.17 33.16 2.62
C ALA E 373 69.11 32.76 1.60
N ALA E 374 68.61 33.73 0.84
CA ALA E 374 67.60 33.43 -0.17
C ALA E 374 68.16 32.55 -1.28
N LYS E 375 69.49 32.53 -1.44
CA LYS E 375 70.10 31.62 -2.40
C LYS E 375 70.07 30.18 -1.88
N ASN E 376 70.02 30.01 -0.56
CA ASN E 376 70.04 28.67 0.01
C ASN E 376 68.64 28.07 0.07
N LYS E 377 67.64 28.89 0.35
CA LYS E 377 66.27 28.39 0.37
C LYS E 377 65.82 27.92 -1.01
N LEU E 378 66.41 28.49 -2.06
CA LEU E 378 66.01 28.14 -3.40
C LEU E 378 66.77 26.91 -3.90
N LYS E 379 68.05 26.79 -3.54
CA LYS E 379 68.83 25.62 -3.93
C LYS E 379 68.31 24.36 -3.26
N ALA E 380 68.12 24.41 -1.94
CA ALA E 380 67.67 23.24 -1.20
C ALA E 380 66.28 22.80 -1.64
N GLY E 381 65.35 23.75 -1.80
CA GLY E 381 64.00 23.41 -2.19
C GLY E 381 63.93 22.76 -3.56
N TYR E 382 64.80 23.19 -4.48
CA TYR E 382 64.82 22.58 -5.80
C TYR E 382 65.23 21.12 -5.74
N LEU E 383 66.23 20.80 -4.91
CA LEU E 383 66.77 19.45 -4.90
C LEU E 383 65.82 18.46 -4.23
N MET E 384 65.11 18.90 -3.19
CA MET E 384 64.21 18.00 -2.48
C MET E 384 63.04 17.58 -3.36
N SER E 385 62.61 18.46 -4.27
CA SER E 385 61.44 18.17 -5.08
C SER E 385 61.75 17.25 -6.25
N VAL E 386 62.96 16.72 -6.31
CA VAL E 386 63.34 15.78 -7.36
C VAL E 386 63.89 14.53 -6.68
N GLU E 387 63.60 14.37 -5.39
CA GLU E 387 64.04 13.21 -4.61
C GLU E 387 63.08 11.98 -4.52
N SER E 388 61.83 12.16 -4.93
CA SER E 388 60.81 11.12 -4.92
C SER E 388 60.91 10.53 -6.27
N SER E 389 59.91 9.75 -6.68
CA SER E 389 59.85 9.29 -8.07
C SER E 389 58.69 9.72 -8.89
N GLU E 390 57.82 10.51 -8.33
CA GLU E 390 56.83 11.20 -9.15
C GLU E 390 57.18 12.66 -9.38
N GLY E 391 58.05 13.24 -8.55
CA GLY E 391 58.59 14.55 -8.83
C GLY E 391 59.77 14.52 -9.77
N PHE E 392 60.17 13.34 -10.22
CA PHE E 392 61.26 13.21 -11.18
C PHE E 392 60.78 13.04 -12.61
N LEU E 393 59.59 12.45 -12.84
CA LEU E 393 59.01 12.47 -14.18
C LEU E 393 58.66 13.88 -14.59
N ASP E 394 57.96 14.61 -13.73
CA ASP E 394 57.45 15.93 -14.09
C ASP E 394 58.58 16.85 -14.53
N GLU E 395 59.67 16.89 -13.76
CA GLU E 395 60.78 17.78 -14.07
C GLU E 395 61.39 17.43 -15.43
N VAL E 396 61.60 16.15 -15.70
CA VAL E 396 62.13 15.74 -17.00
C VAL E 396 61.10 15.92 -18.10
N GLY E 397 59.81 15.77 -17.79
CA GLY E 397 58.79 15.80 -18.82
C GLY E 397 58.35 17.17 -19.27
N SER E 398 58.48 18.19 -18.41
CA SER E 398 58.01 19.51 -18.80
C SER E 398 59.06 20.28 -19.59
N GLN E 399 60.34 19.97 -19.42
CA GLN E 399 61.38 20.70 -20.12
C GLN E 399 61.90 19.95 -21.34
N ALA E 400 61.25 18.86 -21.72
CA ALA E 400 61.44 18.29 -23.05
C ALA E 400 60.38 18.75 -24.03
N LEU E 401 59.45 19.60 -23.59
CA LEU E 401 58.42 20.18 -24.45
C LEU E 401 58.81 21.57 -24.92
N VAL E 402 59.09 22.47 -23.96
CA VAL E 402 59.31 23.88 -24.27
C VAL E 402 60.78 24.23 -24.45
N ALA E 403 61.69 23.27 -24.28
CA ALA E 403 63.10 23.52 -24.56
C ALA E 403 63.73 22.47 -25.46
N GLY E 404 63.37 21.20 -25.29
CA GLY E 404 63.89 20.14 -26.12
C GLY E 404 65.14 19.45 -25.62
N SER E 405 65.57 19.70 -24.39
CA SER E 405 66.80 19.12 -23.88
C SER E 405 66.72 19.02 -22.36
N TYR E 406 67.70 18.33 -21.78
CA TYR E 406 67.77 18.12 -20.34
C TYR E 406 69.07 18.71 -19.79
N MET E 407 68.98 19.43 -18.69
CA MET E 407 70.14 19.97 -18.00
C MET E 407 70.25 19.33 -16.62
N GLN E 408 71.39 18.69 -16.37
CA GLN E 408 71.61 18.07 -15.07
C GLN E 408 71.58 19.15 -13.98
N PRO E 409 71.11 18.82 -12.78
CA PRO E 409 71.00 19.85 -11.73
C PRO E 409 72.32 20.48 -11.35
N SER E 410 73.44 19.95 -11.83
CA SER E 410 74.74 20.59 -11.61
C SER E 410 74.94 21.82 -12.48
N THR E 411 74.29 21.89 -13.64
CA THR E 411 74.28 23.12 -14.43
C THR E 411 73.31 24.14 -13.84
N VAL E 412 72.14 23.69 -13.37
CA VAL E 412 71.11 24.60 -12.91
C VAL E 412 71.54 25.34 -11.65
N LEU E 413 72.37 24.72 -10.82
CA LEU E 413 72.82 25.40 -9.61
C LEU E 413 73.71 26.59 -9.93
N GLN E 414 74.27 26.63 -11.13
CA GLN E 414 75.07 27.78 -11.54
C GLN E 414 74.19 28.96 -11.92
N GLN E 415 73.02 28.70 -12.49
CA GLN E 415 72.09 29.76 -12.87
C GLN E 415 71.72 30.62 -11.67
N ILE E 416 71.28 29.97 -10.59
CA ILE E 416 70.77 30.71 -9.44
C ILE E 416 71.86 31.58 -8.82
N ASP E 417 73.07 31.03 -8.72
CA ASP E 417 74.08 31.67 -7.89
C ASP E 417 74.61 32.93 -8.54
N SER E 418 74.71 32.95 -9.87
CA SER E 418 75.26 34.09 -10.59
C SER E 418 74.15 35.02 -11.06
N VAL E 419 73.35 35.52 -10.10
CA VAL E 419 72.51 36.68 -10.38
C VAL E 419 73.23 37.86 -9.75
N ALA E 420 73.21 38.98 -10.39
CA ALA E 420 73.95 40.03 -9.80
C ALA E 420 72.99 40.36 -8.76
N ASP E 421 73.43 40.89 -7.64
CA ASP E 421 72.53 41.65 -6.84
C ASP E 421 72.48 42.98 -7.55
N ALA E 422 71.48 43.78 -7.26
CA ALA E 422 71.14 44.90 -8.11
C ALA E 422 70.57 44.38 -9.41
N ASP E 423 70.08 43.16 -9.37
CA ASP E 423 69.09 42.72 -10.27
C ASP E 423 67.79 42.51 -9.54
N VAL E 424 67.88 42.23 -8.26
CA VAL E 424 66.75 42.15 -7.36
C VAL E 424 66.15 43.53 -7.11
N ILE E 425 67.01 44.56 -7.07
CA ILE E 425 66.51 45.92 -6.93
C ILE E 425 65.78 46.36 -8.18
N ASN E 426 66.33 46.01 -9.35
CA ASN E 426 65.73 46.45 -10.60
C ASN E 426 64.36 45.82 -10.81
N ALA E 427 64.23 44.53 -10.50
CA ALA E 427 62.96 43.83 -10.71
C ALA E 427 61.86 44.39 -9.81
N ALA E 428 62.18 44.70 -8.56
CA ALA E 428 61.17 45.26 -7.66
C ALA E 428 60.82 46.70 -8.03
N LYS E 429 61.60 47.32 -8.90
CA LYS E 429 61.28 48.66 -9.38
C LYS E 429 60.17 48.64 -10.42
N LYS E 430 60.05 47.53 -11.15
CA LYS E 430 59.05 47.40 -12.20
C LYS E 430 57.67 47.12 -11.62
N PHE E 431 57.59 46.43 -10.48
CA PHE E 431 56.29 46.17 -9.87
C PHE E 431 55.64 47.45 -9.38
N VAL E 432 56.44 48.40 -8.89
CA VAL E 432 55.89 49.65 -8.39
C VAL E 432 55.34 50.53 -9.52
N SER E 433 55.77 50.30 -10.76
CA SER E 433 55.43 51.16 -11.88
C SER E 433 54.68 50.41 -12.99
N GLY E 434 53.69 49.60 -12.62
CA GLY E 434 52.84 48.93 -13.57
C GLY E 434 51.38 49.26 -13.34
N ARG E 435 50.52 48.63 -14.14
CA ARG E 435 49.09 48.75 -14.00
C ARG E 435 48.54 47.46 -13.40
N LYS E 436 47.75 47.56 -12.34
CA LYS E 436 47.36 46.44 -11.51
C LYS E 436 45.94 45.86 -11.57
N SER E 437 45.79 44.53 -11.44
CA SER E 437 44.56 43.73 -11.29
C SER E 437 44.40 43.37 -9.85
N MET E 438 43.20 43.60 -9.32
CA MET E 438 42.72 43.25 -7.99
C MET E 438 41.66 42.06 -8.24
N ALA E 439 41.23 41.40 -7.18
CA ALA E 439 40.23 40.31 -7.14
C ALA E 439 40.12 39.89 -5.60
N ALA E 440 39.05 40.32 -4.94
CA ALA E 440 38.72 40.24 -3.49
C ALA E 440 37.51 39.34 -3.49
N SER E 441 37.34 38.52 -2.46
CA SER E 441 36.15 37.66 -2.31
C SER E 441 35.86 37.43 -0.80
N GLY E 442 35.11 38.26 -0.06
CA GLY E 442 34.50 37.95 1.27
C GLY E 442 33.27 38.76 1.78
N ASN E 443 33.37 39.55 2.84
CA ASN E 443 32.42 40.62 3.15
C ASN E 443 33.09 41.94 2.90
N LEU E 444 32.90 42.55 1.75
CA LEU E 444 33.71 43.67 1.28
C LEU E 444 33.29 45.07 1.72
N GLY E 445 33.24 45.37 3.00
CA GLY E 445 32.78 46.67 3.48
C GLY E 445 33.82 47.68 3.88
N HIS E 446 35.03 47.22 4.06
CA HIS E 446 36.18 48.04 4.41
C HIS E 446 37.35 47.82 3.46
N THR E 447 37.22 46.94 2.50
CA THR E 447 38.24 46.67 1.50
C THR E 447 38.36 47.87 0.57
N PRO E 448 39.56 48.22 0.11
CA PRO E 448 39.69 49.35 -0.82
C PRO E 448 39.65 48.96 -2.29
N PHE E 449 39.05 49.84 -3.09
CA PHE E 449 39.14 49.74 -4.53
C PHE E 449 40.58 49.97 -4.97
N VAL E 450 40.90 49.63 -6.21
CA VAL E 450 42.30 49.78 -6.60
C VAL E 450 42.50 51.20 -7.09
N ASP E 451 42.47 52.15 -6.16
CA ASP E 451 42.97 53.51 -6.36
C ASP E 451 43.37 54.00 -4.98
N GLU E 452 44.62 53.74 -4.61
CA GLU E 452 45.17 53.91 -3.27
C GLU E 452 46.36 52.97 -3.13
N ASP F 28 -26.70 -52.64 60.66
CA ASP F 28 -26.46 -53.03 62.05
C ASP F 28 -25.36 -52.17 62.69
N PRO F 29 -24.18 -52.08 62.07
CA PRO F 29 -23.16 -51.18 62.65
C PRO F 29 -23.63 -49.74 62.74
N LEU F 30 -24.47 -49.31 61.81
CA LEU F 30 -25.10 -47.99 61.94
C LEU F 30 -26.03 -47.96 63.14
N THR F 31 -26.77 -49.05 63.38
CA THR F 31 -27.70 -49.11 64.51
C THR F 31 -26.97 -48.94 65.84
N THR F 32 -25.73 -49.41 65.93
CA THR F 32 -24.96 -49.28 67.15
C THR F 32 -24.39 -47.87 67.33
N VAL F 33 -24.00 -47.22 66.22
CA VAL F 33 -23.32 -45.94 66.30
C VAL F 33 -24.27 -44.76 66.47
N ARG F 34 -25.52 -44.89 66.02
CA ARG F 34 -26.45 -43.76 66.06
C ARG F 34 -26.68 -43.28 67.49
N GLU F 35 -26.86 -44.21 68.43
CA GLU F 35 -27.02 -43.83 69.83
C GLU F 35 -25.70 -43.44 70.48
N GLN F 36 -24.57 -43.94 69.96
CA GLN F 36 -23.29 -43.41 70.40
C GLN F 36 -23.14 -41.94 70.00
N CYS F 37 -23.57 -41.58 68.80
CA CYS F 37 -23.45 -40.21 68.32
C CYS F 37 -24.56 -39.30 68.82
N GLU F 38 -25.62 -39.86 69.40
CA GLU F 38 -26.63 -39.06 70.07
C GLU F 38 -26.21 -38.68 71.48
N GLN F 39 -25.12 -39.23 71.97
CA GLN F 39 -24.67 -38.98 73.34
C GLN F 39 -24.21 -37.55 73.56
N ILE F 40 -23.59 -36.93 72.55
CA ILE F 40 -23.07 -35.58 72.73
C ILE F 40 -24.22 -34.58 72.84
N GLU F 41 -24.01 -33.54 73.64
CA GLU F 41 -25.07 -32.61 74.02
C GLU F 41 -25.46 -31.65 72.91
N LYS F 42 -24.75 -31.68 71.77
CA LYS F 42 -25.16 -30.87 70.62
C LYS F 42 -26.54 -31.28 70.12
N CYS F 43 -26.95 -32.52 70.37
CA CYS F 43 -28.21 -33.02 69.83
C CYS F 43 -29.31 -33.19 70.88
N ILE F 44 -28.97 -33.10 72.17
CA ILE F 44 -29.99 -33.29 73.20
C ILE F 44 -30.90 -32.07 73.31
N LYS F 45 -30.33 -30.87 73.16
CA LYS F 45 -31.09 -29.66 73.41
C LYS F 45 -32.25 -29.52 72.43
N ALA F 46 -31.97 -29.67 71.13
CA ALA F 46 -33.05 -29.63 70.15
C ALA F 46 -34.04 -30.76 70.40
N ARG F 47 -33.54 -31.90 70.90
CA ARG F 47 -34.43 -32.97 71.31
C ARG F 47 -35.35 -32.53 72.44
N GLU F 48 -34.83 -31.73 73.38
CA GLU F 48 -35.67 -31.20 74.44
C GLU F 48 -36.74 -30.28 73.86
N ARG F 49 -36.40 -29.55 72.80
CA ARG F 49 -37.34 -28.62 72.19
C ARG F 49 -38.49 -29.35 71.51
N LEU F 50 -38.21 -30.54 70.96
CA LEU F 50 -39.22 -31.24 70.18
C LEU F 50 -40.42 -31.62 71.03
N GLU F 51 -40.18 -32.10 72.26
CA GLU F 51 -41.27 -32.63 73.08
C GLU F 51 -42.23 -31.52 73.51
N LEU F 52 -41.72 -30.33 73.80
CA LEU F 52 -42.55 -29.27 74.38
C LEU F 52 -43.70 -28.90 73.46
N CYS F 53 -43.41 -28.73 72.17
CA CYS F 53 -44.47 -28.46 71.21
C CYS F 53 -45.25 -29.71 70.86
N ASP F 54 -44.60 -30.88 70.95
CA ASP F 54 -45.25 -32.13 70.55
C ASP F 54 -46.42 -32.46 71.47
N GLN F 55 -46.27 -32.24 72.77
CA GLN F 55 -47.37 -32.50 73.69
C GLN F 55 -48.44 -31.42 73.61
N ARG F 56 -48.03 -30.18 73.34
CA ARG F 56 -49.01 -29.09 73.21
C ARG F 56 -49.87 -29.29 71.96
N VAL F 57 -49.27 -29.75 70.88
CA VAL F 57 -50.01 -29.98 69.64
C VAL F 57 -51.05 -31.08 69.84
N SER F 58 -50.66 -32.18 70.49
CA SER F 58 -51.58 -33.29 70.68
C SER F 58 -52.59 -33.02 71.80
N SER F 59 -52.32 -32.05 72.67
CA SER F 59 -53.25 -31.76 73.76
C SER F 59 -54.58 -31.22 73.23
N ARG F 60 -54.53 -30.42 72.17
CA ARG F 60 -55.74 -29.92 71.53
C ARG F 60 -55.66 -30.11 70.03
N SER F 61 -56.74 -30.62 69.46
CA SER F 61 -56.86 -30.76 68.01
C SER F 61 -57.01 -29.41 67.31
N GLN F 62 -56.96 -28.32 68.06
CA GLN F 62 -57.13 -26.96 67.54
C GLN F 62 -55.81 -26.25 67.31
N THR F 63 -54.69 -26.93 67.53
CA THR F 63 -53.39 -26.30 67.30
C THR F 63 -53.03 -26.33 65.83
N GLU F 64 -52.05 -25.50 65.48
CA GLU F 64 -51.62 -25.25 64.11
C GLU F 64 -50.26 -25.82 63.78
N GLU F 65 -49.33 -25.80 64.73
CA GLU F 65 -47.96 -26.22 64.48
C GLU F 65 -47.90 -27.69 64.09
N ASP F 66 -47.12 -27.99 63.05
CA ASP F 66 -46.71 -29.35 62.73
C ASP F 66 -45.22 -29.43 62.95
N CYS F 67 -44.80 -30.42 63.74
CA CYS F 67 -43.45 -30.42 64.31
C CYS F 67 -42.37 -30.77 63.32
N THR F 68 -42.68 -30.67 62.03
CA THR F 68 -41.68 -30.92 60.99
C THR F 68 -40.46 -30.00 61.18
N GLU F 69 -40.68 -28.77 61.62
CA GLU F 69 -39.56 -27.87 61.86
C GLU F 69 -38.69 -28.34 63.01
N GLU F 70 -39.32 -28.64 64.16
CA GLU F 70 -38.55 -29.07 65.33
C GLU F 70 -37.94 -30.45 65.09
N LEU F 71 -38.54 -31.24 64.20
CA LEU F 71 -37.91 -32.46 63.72
C LEU F 71 -36.62 -32.14 62.97
N PHE F 72 -36.63 -31.07 62.15
CA PHE F 72 -35.53 -30.82 61.24
C PHE F 72 -34.23 -30.48 61.97
N ASP F 73 -34.33 -29.76 63.08
CA ASP F 73 -33.12 -29.45 63.85
C ASP F 73 -32.46 -30.72 64.38
N PHE F 74 -33.27 -31.69 64.82
CA PHE F 74 -32.71 -32.86 65.49
C PHE F 74 -31.96 -33.76 64.52
N LEU F 75 -32.55 -34.03 63.34
CA LEU F 75 -31.89 -34.89 62.36
C LEU F 75 -30.63 -34.24 61.80
N HIS F 76 -30.66 -32.93 61.59
CA HIS F 76 -29.49 -32.24 61.04
C HIS F 76 -28.30 -32.34 61.98
N ALA F 77 -28.51 -32.09 63.28
CA ALA F 77 -27.41 -32.16 64.24
C ALA F 77 -26.93 -33.59 64.42
N ARG F 78 -27.85 -34.54 64.50
CA ARG F 78 -27.45 -35.93 64.69
C ARG F 78 -26.63 -36.43 63.50
N ASP F 79 -27.17 -36.27 62.29
CA ASP F 79 -26.52 -36.83 61.11
C ASP F 79 -25.23 -36.10 60.75
N HIS F 80 -24.97 -34.95 61.34
CA HIS F 80 -23.71 -34.27 61.11
C HIS F 80 -22.57 -34.98 61.84
N CYS F 81 -22.79 -35.36 63.10
CA CYS F 81 -21.78 -36.04 63.90
C CYS F 81 -21.62 -37.51 63.55
N VAL F 82 -22.66 -38.14 62.98
CA VAL F 82 -22.52 -39.53 62.55
C VAL F 82 -21.50 -39.63 61.42
N ALA F 83 -21.33 -38.56 60.66
CA ALA F 83 -20.52 -38.62 59.44
C ALA F 83 -19.06 -38.90 59.71
N HIS F 84 -18.48 -38.33 60.76
CA HIS F 84 -17.05 -38.45 60.99
C HIS F 84 -16.62 -39.90 61.22
N LYS F 85 -17.52 -40.74 61.74
CA LYS F 85 -17.13 -42.00 62.35
C LYS F 85 -17.59 -43.25 61.62
N LEU F 86 -18.80 -43.25 61.04
CA LEU F 86 -19.44 -44.51 60.66
C LEU F 86 -18.59 -45.31 59.69
N PHE F 87 -17.87 -44.65 58.80
CA PHE F 87 -17.06 -45.37 57.84
C PHE F 87 -15.90 -46.10 58.50
N ASN F 88 -15.47 -45.65 59.69
CA ASN F 88 -14.45 -46.39 60.43
C ASN F 88 -15.01 -47.69 60.98
N SER F 89 -16.19 -47.63 61.61
CA SER F 89 -16.77 -48.76 62.31
C SER F 89 -17.52 -49.71 61.38
N LEU F 90 -17.17 -49.71 60.10
CA LEU F 90 -17.70 -50.68 59.16
C LEU F 90 -16.97 -52.00 59.31
N LYS F 91 -17.15 -52.90 58.35
CA LYS F 91 -16.42 -54.18 58.26
C LYS F 91 -15.06 -54.21 58.95
N ALA G 6 -14.21 32.96 43.99
CA ALA G 6 -15.26 33.92 44.32
C ALA G 6 -15.15 34.37 45.77
N VAL G 7 -14.37 33.63 46.55
CA VAL G 7 -14.23 33.86 47.98
C VAL G 7 -12.84 34.43 48.25
N ALA G 8 -12.73 35.15 49.37
CA ALA G 8 -11.47 35.75 49.79
C ALA G 8 -10.94 35.12 51.06
N ALA G 9 -11.73 35.11 52.14
CA ALA G 9 -11.28 34.53 53.40
C ALA G 9 -11.08 33.03 53.30
N SER G 10 -11.69 32.39 52.31
CA SER G 10 -11.51 30.97 52.07
C SER G 10 -10.41 30.67 51.07
N SER G 11 -9.76 31.69 50.52
CA SER G 11 -8.68 31.46 49.56
C SER G 11 -7.46 30.84 50.21
N LYS G 12 -7.35 30.91 51.54
CA LYS G 12 -6.36 30.11 52.24
C LYS G 12 -6.71 28.63 52.19
N TRP G 13 -8.00 28.31 52.18
CA TRP G 13 -8.44 26.93 52.11
C TRP G 13 -8.32 26.38 50.69
N LEU G 14 -8.58 27.20 49.68
CA LEU G 14 -8.35 26.76 48.31
C LEU G 14 -6.87 26.47 48.07
N GLU G 15 -5.98 27.24 48.69
CA GLU G 15 -4.56 26.90 48.64
C GLU G 15 -4.30 25.59 49.35
N GLY G 16 -4.97 25.36 50.49
CA GLY G 16 -4.74 24.12 51.22
C GLY G 16 -5.17 22.88 50.47
N ILE G 17 -6.29 22.96 49.77
CA ILE G 17 -6.76 21.81 49.00
C ILE G 17 -5.93 21.63 47.74
N ARG G 18 -5.36 22.72 47.22
CA ARG G 18 -4.57 22.61 46.01
C ARG G 18 -3.19 22.03 46.26
N LYS G 19 -2.65 22.20 47.47
CA LYS G 19 -1.37 21.57 47.77
C LYS G 19 -1.55 20.08 48.07
N TRP G 20 -2.74 19.69 48.55
CA TRP G 20 -3.00 18.27 48.76
C TRP G 20 -3.24 17.54 47.45
N TYR G 21 -4.02 18.13 46.55
CA TYR G 21 -4.28 17.47 45.27
C TYR G 21 -3.05 17.46 44.38
N TYR G 22 -2.12 18.39 44.60
CA TYR G 22 -0.87 18.35 43.85
C TYR G 22 -0.05 17.11 44.19
N ASN G 23 -0.01 16.74 45.47
CA ASN G 23 0.81 15.62 45.89
C ASN G 23 0.14 14.27 45.61
N ALA G 24 -1.20 14.22 45.72
CA ALA G 24 -1.92 12.98 45.49
C ALA G 24 -1.79 12.52 44.05
N ALA G 25 -2.00 13.42 43.10
CA ALA G 25 -1.56 13.14 41.73
C ALA G 25 -0.05 13.04 41.74
N GLY G 26 0.47 12.21 40.86
CA GLY G 26 1.88 11.89 41.04
C GLY G 26 2.81 12.15 39.88
N PHE G 27 2.65 13.26 39.15
CA PHE G 27 3.59 13.49 38.06
C PHE G 27 4.90 14.10 38.54
N ASN G 28 4.99 14.61 39.77
CA ASN G 28 6.23 15.22 40.21
C ASN G 28 7.30 14.18 40.59
N LYS G 29 6.90 12.98 40.99
CA LYS G 29 7.88 11.93 41.28
C LYS G 29 8.54 11.39 40.02
N LEU G 30 8.06 11.75 38.83
CA LEU G 30 8.72 11.42 37.59
C LEU G 30 9.42 12.62 36.96
N GLY G 31 9.32 13.80 37.58
CA GLY G 31 10.00 14.99 37.10
C GLY G 31 9.18 15.91 36.21
N LEU G 32 7.97 15.52 35.84
CA LEU G 32 7.21 16.27 34.85
C LEU G 32 6.71 17.59 35.43
N MET G 33 6.09 18.38 34.56
CA MET G 33 5.45 19.64 34.89
C MET G 33 4.04 19.66 34.31
N ARG G 34 3.17 20.49 34.88
CA ARG G 34 1.74 20.36 34.60
C ARG G 34 1.45 20.42 33.10
N ASP G 35 2.12 21.32 32.38
CA ASP G 35 1.87 21.47 30.95
C ASP G 35 2.35 20.28 30.13
N ASP G 36 3.14 19.37 30.71
CA ASP G 36 3.62 18.20 29.99
C ASP G 36 2.54 17.14 29.79
N THR G 37 1.44 17.23 30.53
CA THR G 37 0.45 16.17 30.64
C THR G 37 -0.76 16.34 29.74
N ILE G 38 -0.98 17.55 29.22
CA ILE G 38 -2.19 17.88 28.46
C ILE G 38 -2.35 16.97 27.25
N TYR G 39 -3.58 16.88 26.75
CA TYR G 39 -3.93 16.00 25.64
C TYR G 39 -3.82 16.77 24.32
N GLU G 40 -3.15 16.18 23.35
CA GLU G 40 -2.77 16.86 22.12
C GLU G 40 -3.82 16.66 21.04
N ASP G 41 -4.71 17.63 20.88
CA ASP G 41 -5.65 17.70 19.76
C ASP G 41 -5.14 18.72 18.73
N ASP G 42 -5.98 19.01 17.73
CA ASP G 42 -5.56 19.86 16.61
C ASP G 42 -5.22 21.29 17.03
N ASP G 43 -5.63 21.71 18.21
CA ASP G 43 -5.38 23.06 18.69
C ASP G 43 -4.15 23.12 19.58
N VAL G 44 -3.81 22.02 20.24
CA VAL G 44 -2.56 21.95 20.99
C VAL G 44 -1.42 21.53 20.10
N LYS G 45 -1.70 20.94 18.94
CA LYS G 45 -0.66 20.61 17.99
C LYS G 45 -0.14 21.84 17.25
N GLU G 46 -0.94 22.90 17.16
CA GLU G 46 -0.50 24.15 16.55
C GLU G 46 0.37 24.96 17.50
N ALA G 47 -0.09 25.16 18.74
CA ALA G 47 0.62 25.98 19.72
C ALA G 47 1.94 25.39 20.16
N ILE G 48 2.36 24.25 19.63
CA ILE G 48 3.66 23.67 19.99
C ILE G 48 4.75 24.11 19.02
N ARG G 49 4.42 24.24 17.73
CA ARG G 49 5.35 24.76 16.74
C ARG G 49 5.33 26.27 16.64
N ARG G 50 4.92 26.96 17.70
CA ARG G 50 5.14 28.39 17.86
C ARG G 50 6.06 28.67 19.05
N LEU G 51 6.91 27.72 19.43
CA LEU G 51 7.77 27.84 20.59
C LEU G 51 9.22 28.09 20.16
N PRO G 52 9.96 28.93 20.88
CA PRO G 52 11.39 29.05 20.62
C PRO G 52 12.11 27.73 20.85
N GLU G 53 13.38 27.66 20.48
CA GLU G 53 14.05 26.37 20.45
C GLU G 53 14.51 25.93 21.83
N ASN G 54 14.90 26.84 22.70
CA ASN G 54 15.34 26.42 24.03
C ASN G 54 14.21 25.84 24.86
N LEU G 55 12.98 26.35 24.68
CA LEU G 55 11.81 25.79 25.35
C LEU G 55 11.35 24.49 24.75
N TYR G 56 11.46 24.31 23.45
CA TYR G 56 11.01 23.07 22.84
C TYR G 56 11.97 21.92 23.08
N ASN G 57 13.27 22.18 23.22
CA ASN G 57 14.21 21.08 23.42
C ASN G 57 14.07 20.49 24.81
N ASP G 58 13.83 21.34 25.82
CA ASP G 58 13.68 20.85 27.18
C ASP G 58 12.52 19.87 27.29
N ARG G 59 11.38 20.22 26.69
CA ARG G 59 10.18 19.40 26.79
C ARG G 59 10.37 18.00 26.22
N VAL G 60 11.32 17.81 25.31
CA VAL G 60 11.53 16.49 24.74
C VAL G 60 12.48 15.63 25.58
N PHE G 61 13.10 16.19 26.61
CA PHE G 61 13.88 15.37 27.52
C PHE G 61 13.15 15.09 28.82
N ARG G 62 12.23 15.96 29.23
CA ARG G 62 11.45 15.65 30.42
C ARG G 62 10.40 14.60 30.12
N ILE G 63 10.13 14.36 28.84
CA ILE G 63 9.12 13.38 28.45
C ILE G 63 9.75 12.06 28.07
N LYS G 64 11.07 11.99 27.94
CA LYS G 64 11.74 10.74 27.60
C LYS G 64 12.44 10.10 28.79
N ARG G 65 12.78 10.88 29.80
CA ARG G 65 13.31 10.35 31.05
C ARG G 65 12.20 9.86 31.98
N ALA G 66 10.99 10.38 31.86
CA ALA G 66 9.85 10.00 32.69
C ALA G 66 8.93 9.02 32.00
N LEU G 67 9.42 8.32 30.99
CA LEU G 67 8.71 7.28 30.27
C LEU G 67 9.65 6.10 30.08
N ASP G 68 10.66 6.04 30.93
CA ASP G 68 11.72 5.05 31.01
C ASP G 68 11.78 4.60 32.46
N LEU G 69 11.49 5.53 33.37
CA LEU G 69 11.28 5.17 34.77
C LEU G 69 10.09 4.27 34.95
N THR G 70 9.15 4.28 34.01
CA THR G 70 7.91 3.51 34.07
C THR G 70 8.06 2.16 33.41
N MET G 71 8.91 2.05 32.40
CA MET G 71 9.29 0.76 31.85
C MET G 71 10.02 -0.11 32.87
N ARG G 72 10.56 0.52 33.92
CA ARG G 72 11.35 -0.15 34.94
C ARG G 72 10.63 -0.23 36.28
N GLN G 73 9.44 0.37 36.37
CA GLN G 73 8.62 0.35 37.59
C GLN G 73 9.38 0.89 38.80
N GLN G 74 9.94 2.08 38.65
CA GLN G 74 10.64 2.77 39.73
C GLN G 74 10.28 4.24 39.69
N ILE G 75 10.84 4.99 40.65
CA ILE G 75 10.66 6.42 40.75
C ILE G 75 11.97 7.12 41.12
N LEU G 76 12.10 8.39 40.73
CA LEU G 76 13.30 9.18 40.98
C LEU G 76 13.52 9.53 42.47
N PRO G 77 14.78 9.63 42.87
CA PRO G 77 15.14 10.02 44.24
C PRO G 77 14.39 11.22 44.77
N LYS G 78 14.30 11.34 46.09
CA LYS G 78 13.37 12.30 46.69
C LYS G 78 13.85 13.74 46.59
N GLU G 79 15.15 13.96 46.37
CA GLU G 79 15.66 15.33 46.26
C GLU G 79 15.34 15.98 44.93
N GLN G 80 14.86 15.23 43.95
CA GLN G 80 14.60 15.76 42.62
C GLN G 80 13.10 15.81 42.29
N TRP G 81 12.26 16.04 43.29
CA TRP G 81 10.83 16.14 43.04
C TRP G 81 10.45 17.59 42.75
N THR G 82 9.71 17.79 41.67
CA THR G 82 9.28 19.12 41.25
C THR G 82 8.44 19.78 42.35
N LYS G 83 8.95 20.87 42.91
CA LYS G 83 8.27 21.51 44.01
C LYS G 83 6.96 22.13 43.55
N TYR G 84 6.24 22.76 44.48
CA TYR G 84 4.97 23.38 44.14
C TYR G 84 5.16 24.80 43.63
N GLU G 85 6.00 25.60 44.28
CA GLU G 85 6.21 26.99 43.90
C GLU G 85 7.40 27.17 42.96
N GLU G 86 7.68 26.17 42.13
CA GLU G 86 8.70 26.29 41.08
C GLU G 86 8.24 25.62 39.78
N ASP G 87 6.95 25.64 39.51
CA ASP G 87 6.43 25.14 38.25
C ASP G 87 5.94 26.32 37.42
N LYS G 88 6.50 26.48 36.23
CA LYS G 88 6.24 27.60 35.37
C LYS G 88 5.42 27.15 34.17
N PHE G 89 4.35 27.88 33.88
CA PHE G 89 3.44 27.52 32.80
C PHE G 89 4.01 28.07 31.49
N TYR G 90 4.74 27.23 30.76
CA TYR G 90 5.43 27.67 29.55
C TYR G 90 4.53 27.70 28.32
N LEU G 91 3.53 26.83 28.24
CA LEU G 91 2.68 26.73 27.05
C LEU G 91 1.35 27.43 27.20
N GLU G 92 1.14 28.17 28.28
CA GLU G 92 -0.15 28.83 28.45
C GLU G 92 -0.34 29.98 27.48
N PRO G 93 0.57 30.96 27.38
CA PRO G 93 0.29 32.13 26.52
C PRO G 93 0.15 31.81 25.04
N TYR G 94 0.83 30.80 24.53
CA TYR G 94 0.69 30.46 23.13
C TYR G 94 -0.65 29.79 22.82
N LEU G 95 -1.44 29.47 23.83
CA LEU G 95 -2.66 28.70 23.64
C LEU G 95 -3.94 29.52 23.77
N LYS G 96 -3.92 30.62 24.50
CA LYS G 96 -5.07 31.51 24.50
C LYS G 96 -5.25 32.22 23.17
N GLU G 97 -4.19 32.30 22.37
CA GLU G 97 -4.19 33.01 21.10
C GLU G 97 -4.57 32.16 19.91
N VAL G 98 -4.26 30.86 19.92
CA VAL G 98 -4.74 29.99 18.87
C VAL G 98 -6.24 29.83 18.98
N ILE G 99 -6.79 30.03 20.19
CA ILE G 99 -8.21 29.78 20.42
C ILE G 99 -9.04 30.99 20.00
N ARG G 100 -8.70 32.18 20.51
CA ARG G 100 -9.50 33.36 20.22
C ARG G 100 -9.44 33.79 18.76
N GLU G 101 -8.52 33.23 17.97
CA GLU G 101 -8.54 33.42 16.54
C GLU G 101 -9.45 32.42 15.86
N ARG G 102 -10.03 31.51 16.63
CA ARG G 102 -10.92 30.51 16.03
C ARG G 102 -12.38 30.85 16.29
N LYS G 103 -12.65 31.62 17.36
CA LYS G 103 -13.98 32.17 17.55
C LYS G 103 -14.27 33.29 16.57
N GLU G 104 -13.23 33.84 15.94
CA GLU G 104 -13.38 34.95 15.02
C GLU G 104 -13.68 34.48 13.61
N ARG G 105 -13.08 33.37 13.18
CA ARG G 105 -13.34 32.80 11.88
C ARG G 105 -14.67 32.09 11.81
N GLU G 106 -15.38 32.00 12.93
CA GLU G 106 -16.61 31.24 13.04
C GLU G 106 -17.85 32.09 13.29
N GLU G 107 -17.71 33.28 13.83
CA GLU G 107 -18.79 34.25 13.87
C GLU G 107 -18.78 35.18 12.67
N TRP G 108 -17.84 34.99 11.74
CA TRP G 108 -17.94 35.62 10.42
C TRP G 108 -18.86 34.81 9.51
N ALA G 109 -18.75 33.48 9.55
CA ALA G 109 -19.63 32.64 8.76
C ALA G 109 -21.07 32.69 9.25
N LYS G 110 -21.31 33.28 10.42
CA LYS G 110 -22.62 33.36 11.03
C LYS G 110 -23.33 34.68 10.74
N LYS G 111 -22.58 35.72 10.40
CA LYS G 111 -23.16 37.03 10.16
C LYS G 111 -23.00 37.41 8.70
N ARG H 3 4.92 6.31 7.84
CA ARG H 3 5.11 6.22 9.29
C ARG H 3 6.15 5.17 9.70
N GLU H 4 7.34 5.26 9.14
CA GLU H 4 8.43 4.38 9.52
C GLU H 4 9.50 5.18 10.27
N PHE H 5 10.62 4.52 10.61
CA PHE H 5 11.56 5.07 11.59
C PHE H 5 12.28 6.34 11.13
N GLY H 6 12.53 6.52 9.85
CA GLY H 6 13.25 7.74 9.59
C GLY H 6 12.45 9.03 9.54
N HIS H 7 11.14 9.01 9.82
CA HIS H 7 10.22 10.13 9.58
C HIS H 7 9.32 10.40 10.77
N LEU H 8 9.85 10.45 11.98
CA LEU H 8 8.93 10.49 13.11
C LEU H 8 8.99 11.77 13.93
N THR H 9 10.15 12.35 14.11
CA THR H 9 10.33 13.51 15.00
C THR H 9 11.74 14.05 14.73
N ARG H 10 12.06 15.19 15.32
CA ARG H 10 13.41 15.71 15.29
C ARG H 10 13.93 15.85 16.71
N MET H 11 15.19 15.48 16.94
CA MET H 11 15.69 15.40 18.30
C MET H 11 17.19 15.73 18.33
N ARG H 12 17.59 16.47 19.35
CA ARG H 12 18.86 17.17 19.54
C ARG H 12 19.90 16.38 20.32
N HIS H 13 20.57 17.10 21.20
CA HIS H 13 21.81 16.78 21.91
C HIS H 13 21.70 15.73 23.03
N VAL H 14 21.35 14.46 22.75
CA VAL H 14 21.23 13.47 23.81
C VAL H 14 21.97 12.18 23.44
N ILE H 15 22.44 11.46 24.46
CA ILE H 15 23.33 10.31 24.29
C ILE H 15 22.82 9.12 25.10
N THR H 16 23.18 7.90 24.66
CA THR H 16 22.82 6.65 25.36
C THR H 16 24.01 5.69 25.41
N TYR H 17 23.98 4.77 26.39
CA TYR H 17 25.15 3.99 26.82
C TYR H 17 24.87 2.49 27.02
N SER H 18 24.38 1.80 25.99
CA SER H 18 24.02 0.39 26.12
C SER H 18 25.13 -0.58 26.55
N LEU H 19 24.80 -1.86 26.71
CA LEU H 19 25.75 -2.92 27.07
C LEU H 19 25.21 -4.27 26.58
N SER H 20 26.13 -5.22 26.36
CA SER H 20 25.77 -6.47 25.69
C SER H 20 24.93 -7.37 26.60
N PRO H 21 24.20 -8.37 26.01
CA PRO H 21 23.50 -9.35 26.85
C PRO H 21 24.37 -10.48 27.36
N PHE H 22 25.36 -10.90 26.57
CA PHE H 22 26.27 -11.97 26.94
C PHE H 22 27.36 -11.54 27.89
N GLU H 23 27.37 -10.28 28.32
CA GLU H 23 28.40 -9.77 29.20
C GLU H 23 27.90 -9.51 30.61
N GLN H 24 26.64 -9.83 30.92
CA GLN H 24 26.07 -9.50 32.21
C GLN H 24 25.15 -10.64 32.64
N ARG H 25 24.36 -10.38 33.70
CA ARG H 25 23.50 -11.37 34.31
C ARG H 25 22.04 -10.92 34.29
N ALA H 26 21.13 -11.90 34.30
CA ALA H 26 19.70 -11.64 34.16
C ALA H 26 19.00 -11.38 35.49
N PHE H 27 19.46 -11.99 36.58
CA PHE H 27 18.94 -11.65 37.90
C PHE H 27 20.05 -11.03 38.74
N PRO H 28 20.36 -9.74 38.57
CA PRO H 28 21.28 -9.09 39.53
C PRO H 28 20.91 -9.29 40.98
N HIS H 29 19.71 -8.89 41.36
CA HIS H 29 19.24 -9.01 42.74
C HIS H 29 17.76 -9.37 42.68
N TYR H 30 17.44 -10.63 42.98
CA TYR H 30 16.09 -11.13 42.74
C TYR H 30 15.17 -10.96 43.95
N PHE H 31 15.65 -11.21 45.16
CA PHE H 31 14.81 -11.16 46.35
C PHE H 31 15.16 -10.00 47.27
N THR H 32 16.12 -9.17 46.89
CA THR H 32 16.47 -8.00 47.68
C THR H 32 15.88 -6.72 47.11
N LYS H 33 15.52 -6.72 45.84
CA LYS H 33 14.83 -5.60 45.21
C LYS H 33 13.34 -5.82 44.99
N GLY H 34 12.96 -7.02 44.52
CA GLY H 34 11.57 -7.25 44.18
C GLY H 34 10.62 -7.18 45.37
N ILE H 35 11.10 -7.58 46.54
CA ILE H 35 10.23 -7.66 47.72
C ILE H 35 9.96 -6.27 48.28
N PRO H 36 10.96 -5.39 48.49
CA PRO H 36 10.62 -4.02 48.88
C PRO H 36 9.93 -3.24 47.78
N ASN H 37 10.04 -3.71 46.52
CA ASN H 37 9.36 -3.03 45.42
C ASN H 37 7.85 -3.22 45.50
N VAL H 38 7.41 -4.46 45.64
CA VAL H 38 5.96 -4.78 45.73
C VAL H 38 5.32 -4.03 46.88
N LEU H 39 6.11 -3.80 47.92
CA LEU H 39 5.65 -3.05 49.05
C LEU H 39 5.24 -1.65 48.68
N ARG H 40 6.16 -0.75 48.32
CA ARG H 40 5.76 0.64 48.00
C ARG H 40 4.62 0.71 46.97
N ARG H 41 4.71 -0.07 45.92
CA ARG H 41 3.57 -0.22 45.05
C ARG H 41 2.26 -0.42 45.82
N THR H 42 1.99 -1.63 46.29
CA THR H 42 0.71 -1.90 47.00
C THR H 42 0.37 -0.85 48.04
N ARG H 43 1.36 -0.35 48.76
CA ARG H 43 1.07 0.57 49.82
C ARG H 43 0.37 1.74 49.23
N ALA H 44 1.13 2.49 48.46
CA ALA H 44 0.69 3.71 47.78
C ALA H 44 -0.69 3.48 47.24
N CYS H 45 -0.86 2.28 46.70
CA CYS H 45 -2.20 1.92 46.28
C CYS H 45 -2.87 0.65 46.83
N ILE H 46 -3.46 0.77 48.03
CA ILE H 46 -4.59 0.00 48.56
C ILE H 46 -5.23 0.86 49.66
N LEU H 47 -5.39 2.17 49.39
CA LEU H 47 -6.18 3.11 50.15
C LEU H 47 -7.40 3.60 49.36
N ARG H 48 -7.48 3.27 48.07
CA ARG H 48 -8.66 3.60 47.29
C ARG H 48 -9.11 2.43 46.41
N VAL H 49 -8.69 1.21 46.72
CA VAL H 49 -9.20 0.02 46.05
C VAL H 49 -9.99 -0.90 46.97
N ALA H 50 -9.69 -0.91 48.27
CA ALA H 50 -10.37 -1.75 49.25
C ALA H 50 -11.72 -1.22 49.73
N PRO H 51 -11.87 0.06 50.04
CA PRO H 51 -13.13 0.55 50.63
C PRO H 51 -14.36 0.23 49.80
N PRO H 52 -14.31 0.30 48.47
CA PRO H 52 -15.50 -0.11 47.70
C PRO H 52 -15.93 -1.55 47.92
N PHE H 53 -14.99 -2.47 48.14
CA PHE H 53 -15.32 -3.88 48.24
C PHE H 53 -15.69 -4.33 49.66
N VAL H 54 -15.47 -3.48 50.66
CA VAL H 54 -16.04 -3.75 51.98
C VAL H 54 -17.55 -3.65 51.93
N VAL H 55 -18.08 -2.72 51.13
CA VAL H 55 -19.51 -2.46 51.12
C VAL H 55 -20.29 -3.67 50.61
N PHE H 56 -19.82 -4.28 49.52
CA PHE H 56 -20.51 -5.45 48.99
C PHE H 56 -20.54 -6.59 50.00
N TYR H 57 -19.58 -6.62 50.91
CA TYR H 57 -19.57 -7.65 51.96
C TYR H 57 -20.60 -7.35 53.04
N LEU H 58 -20.78 -6.07 53.37
CA LEU H 58 -21.76 -5.73 54.41
C LEU H 58 -23.18 -5.98 53.95
N VAL H 59 -23.49 -5.67 52.68
CA VAL H 59 -24.83 -5.92 52.16
C VAL H 59 -25.07 -7.41 51.97
N TYR H 60 -24.02 -8.16 51.62
CA TYR H 60 -24.20 -9.58 51.38
C TYR H 60 -24.61 -10.32 52.64
N THR H 61 -24.02 -9.97 53.78
CA THR H 61 -24.35 -10.66 55.02
C THR H 61 -25.69 -10.19 55.60
N TRP H 62 -26.14 -8.99 55.26
CA TRP H 62 -27.42 -8.48 55.72
C TRP H 62 -28.58 -9.07 54.94
N GLY H 63 -28.32 -9.62 53.75
CA GLY H 63 -29.41 -10.05 52.90
C GLY H 63 -29.74 -11.53 53.05
N THR H 64 -28.73 -12.37 53.24
CA THR H 64 -28.99 -13.79 53.45
C THR H 64 -29.52 -14.04 54.86
N GLN H 65 -29.18 -13.15 55.79
CA GLN H 65 -29.73 -13.24 57.14
C GLN H 65 -31.23 -13.02 57.14
N GLU H 66 -31.72 -12.06 56.35
CA GLU H 66 -33.16 -11.76 56.34
C GLU H 66 -33.95 -12.86 55.65
N PHE H 67 -33.44 -13.39 54.54
CA PHE H 67 -34.16 -14.42 53.81
C PHE H 67 -34.29 -15.69 54.64
N GLU H 68 -33.28 -15.97 55.46
CA GLU H 68 -33.29 -17.17 56.29
C GLU H 68 -34.28 -17.08 57.43
N LYS H 69 -34.42 -15.93 58.09
CA LYS H 69 -35.27 -15.86 59.26
C LYS H 69 -36.72 -15.53 58.93
N SER H 70 -37.06 -15.35 57.66
CA SER H 70 -38.45 -15.11 57.30
C SER H 70 -39.21 -16.41 57.07
N LYS H 71 -38.49 -17.51 56.88
CA LYS H 71 -39.13 -18.82 56.75
C LYS H 71 -38.98 -19.66 58.00
N ARG H 72 -37.80 -19.63 58.62
CA ARG H 72 -37.49 -20.46 59.77
C ARG H 72 -37.70 -19.70 61.07
N LYS H 73 -38.60 -18.73 61.05
CA LYS H 73 -38.97 -17.94 62.22
C LYS H 73 -37.74 -17.33 62.91
N ALA I 2 39.92 -20.44 32.17
CA ALA I 2 40.93 -21.39 31.69
C ALA I 2 40.60 -22.80 32.18
N ALA I 3 40.23 -22.92 33.45
CA ALA I 3 39.85 -24.21 33.99
C ALA I 3 38.64 -24.73 33.23
N PRO I 4 38.63 -26.00 32.81
CA PRO I 4 37.60 -26.45 31.86
C PRO I 4 36.21 -26.49 32.47
N THR I 5 35.38 -25.53 32.10
CA THR I 5 33.99 -25.50 32.52
C THR I 5 33.19 -26.53 31.71
N LEU I 6 32.09 -26.99 32.30
CA LEU I 6 31.26 -27.98 31.62
C LEU I 6 30.75 -27.44 30.29
N THR I 7 30.40 -26.15 30.24
CA THR I 7 29.89 -25.58 29.00
C THR I 7 31.00 -25.20 28.04
N ALA I 8 32.25 -25.15 28.52
CA ALA I 8 33.35 -24.70 27.67
C ALA I 8 33.56 -25.64 26.48
N ARG I 9 33.63 -26.94 26.74
CA ARG I 9 33.76 -27.91 25.67
C ARG I 9 32.40 -28.32 25.13
N LEU I 10 31.33 -27.91 25.82
CA LEU I 10 29.98 -28.19 25.33
C LEU I 10 29.65 -27.32 24.13
N TYR I 11 30.08 -26.05 24.16
CA TYR I 11 29.77 -25.11 23.09
C TYR I 11 30.59 -25.39 21.83
N SER I 12 31.77 -25.98 21.99
CA SER I 12 32.66 -26.18 20.86
C SER I 12 32.22 -27.33 19.96
N LEU I 13 31.76 -28.44 20.53
CA LEU I 13 31.60 -29.68 19.77
C LEU I 13 30.30 -29.74 18.98
N LEU I 14 29.20 -29.25 19.55
CA LEU I 14 27.89 -29.53 18.96
C LEU I 14 26.95 -28.33 19.04
N PHE I 15 27.48 -27.12 19.08
CA PHE I 15 26.67 -25.92 19.25
C PHE I 15 27.03 -24.82 18.26
N ARG I 16 27.81 -25.13 17.22
CA ARG I 16 28.42 -24.04 16.44
C ARG I 16 27.49 -23.45 15.38
N ARG I 17 27.17 -24.23 14.33
CA ARG I 17 26.67 -23.56 13.14
C ARG I 17 25.18 -23.29 13.19
N THR I 18 24.38 -24.32 12.85
CA THR I 18 23.04 -24.59 13.36
C THR I 18 22.91 -26.11 13.33
N SER I 19 23.85 -26.73 12.61
CA SER I 19 23.69 -28.11 12.16
C SER I 19 23.67 -29.09 13.32
N THR I 20 24.77 -29.14 14.09
CA THR I 20 24.78 -29.96 15.28
C THR I 20 23.92 -29.35 16.39
N PHE I 21 23.63 -28.05 16.29
CA PHE I 21 22.60 -27.44 17.12
C PHE I 21 21.22 -27.99 16.80
N ALA I 22 21.04 -28.57 15.61
CA ALA I 22 19.77 -29.15 15.18
C ALA I 22 19.71 -30.67 15.32
N LEU I 23 20.85 -31.35 15.23
CA LEU I 23 20.88 -32.80 15.40
C LEU I 23 20.49 -33.18 16.83
N THR I 24 21.08 -32.51 17.82
CA THR I 24 20.88 -32.90 19.21
C THR I 24 19.44 -32.65 19.67
N ILE I 25 18.82 -31.60 19.14
CA ILE I 25 17.42 -31.34 19.49
C ILE I 25 16.54 -32.50 19.05
N ALA I 26 16.83 -33.06 17.88
CA ALA I 26 16.12 -34.26 17.45
C ALA I 26 16.47 -35.45 18.33
N VAL I 27 17.77 -35.71 18.53
CA VAL I 27 18.19 -36.89 19.28
C VAL I 27 17.89 -36.72 20.77
N GLY I 28 17.89 -35.49 21.26
CA GLY I 28 17.71 -35.29 22.70
C GLY I 28 16.37 -35.79 23.20
N ALA I 29 15.30 -35.56 22.44
CA ALA I 29 13.99 -36.03 22.86
C ALA I 29 13.90 -37.55 22.80
N LEU I 30 14.67 -38.19 21.92
CA LEU I 30 14.54 -39.64 21.75
C LEU I 30 15.06 -40.39 22.96
N PHE I 31 16.16 -39.92 23.56
CA PHE I 31 16.68 -40.52 24.79
C PHE I 31 16.00 -39.97 26.03
N PHE I 32 14.80 -39.39 25.88
CA PHE I 32 14.17 -38.65 26.98
C PHE I 32 12.77 -39.15 27.24
N GLU I 33 12.11 -39.66 26.19
CA GLU I 33 10.69 -40.01 26.29
C GLU I 33 10.49 -41.34 27.00
N ARG I 34 11.45 -42.25 26.88
CA ARG I 34 11.32 -43.55 27.52
C ARG I 34 11.60 -43.46 29.02
N ALA I 35 12.58 -42.63 29.40
CA ALA I 35 12.83 -42.40 30.82
C ALA I 35 11.69 -41.66 31.48
N PHE I 36 11.11 -40.67 30.77
CA PHE I 36 10.06 -39.85 31.36
C PHE I 36 8.74 -40.61 31.44
N ASP I 37 8.55 -41.59 30.56
CA ASP I 37 7.28 -42.34 30.56
C ASP I 37 7.24 -43.35 31.70
N GLN I 38 8.37 -43.99 31.99
CA GLN I 38 8.40 -45.04 33.02
C GLN I 38 8.21 -44.45 34.41
N GLY I 39 8.95 -43.39 34.73
CA GLY I 39 8.91 -42.80 36.05
C GLY I 39 7.71 -41.91 36.31
N ALA I 40 6.70 -41.94 35.42
CA ALA I 40 5.50 -41.14 35.62
C ALA I 40 4.29 -42.00 35.99
N ASP I 41 4.20 -43.20 35.41
CA ASP I 41 3.09 -44.10 35.71
C ASP I 41 3.29 -44.80 37.05
N ALA I 42 4.54 -45.04 37.44
CA ALA I 42 4.81 -45.82 38.64
C ALA I 42 4.23 -45.15 39.88
N ILE I 43 4.38 -43.83 39.98
CA ILE I 43 3.84 -43.12 41.13
C ILE I 43 2.32 -43.19 41.15
N TYR I 44 1.68 -43.32 39.98
CA TYR I 44 0.23 -43.44 39.95
C TYR I 44 -0.23 -44.73 40.62
N GLU I 45 0.48 -45.83 40.39
CA GLU I 45 0.10 -47.10 40.99
C GLU I 45 0.33 -47.09 42.49
N HIS I 46 1.53 -46.68 42.92
CA HIS I 46 1.90 -46.83 44.32
C HIS I 46 1.07 -45.97 45.24
N ILE I 47 0.61 -44.81 44.75
CA ILE I 47 -0.11 -43.89 45.62
C ILE I 47 -1.40 -44.53 46.14
N ASN I 48 -2.05 -45.34 45.32
CA ASN I 48 -3.33 -45.96 45.68
C ASN I 48 -3.42 -47.39 45.16
N GLN I 49 -2.37 -48.19 45.32
CA GLN I 49 -2.43 -49.55 44.79
C GLN I 49 -3.38 -50.40 45.64
N GLY I 50 -3.73 -51.57 45.12
CA GLY I 50 -4.91 -52.22 45.63
C GLY I 50 -6.09 -51.89 44.75
N LYS I 51 -6.79 -50.81 45.11
CA LYS I 51 -8.08 -50.39 44.54
C LYS I 51 -8.23 -50.68 43.05
N LEU I 52 -7.15 -50.51 42.28
CA LEU I 52 -7.23 -50.68 40.84
C LEU I 52 -7.59 -52.12 40.48
N TRP I 53 -7.90 -52.32 39.19
CA TRP I 53 -8.35 -53.64 38.76
C TRP I 53 -7.22 -54.66 38.67
N LYS I 54 -5.98 -54.22 38.41
CA LYS I 54 -4.88 -55.19 38.32
C LYS I 54 -4.64 -55.88 39.66
N HIS I 55 -4.63 -55.12 40.76
CA HIS I 55 -4.19 -55.65 42.03
C HIS I 55 -5.25 -56.50 42.72
N ILE I 56 -6.26 -56.95 41.98
CA ILE I 56 -7.21 -57.93 42.47
C ILE I 56 -7.41 -59.07 41.49
N LYS I 57 -7.09 -58.88 40.21
CA LYS I 57 -7.32 -59.88 39.17
C LYS I 57 -6.44 -61.12 39.34
N HIS I 58 -5.46 -61.08 40.24
CA HIS I 58 -4.73 -62.30 40.58
C HIS I 58 -5.64 -63.37 41.16
N LYS I 59 -6.84 -62.97 41.62
CA LYS I 59 -7.85 -63.93 42.03
C LYS I 59 -8.39 -64.71 40.84
N TYR I 60 -8.02 -64.33 39.61
CA TYR I 60 -8.45 -65.01 38.39
C TYR I 60 -7.23 -65.09 37.48
N GLU I 61 -6.45 -66.16 37.64
CA GLU I 61 -5.23 -66.32 36.86
C GLU I 61 -4.70 -67.74 37.03
N ASN I 62 -4.27 -68.35 35.93
CA ASN I 62 -3.70 -69.70 35.91
C ASN I 62 -4.58 -70.71 36.65
N LYS I 63 -5.88 -70.43 36.70
CA LYS I 63 -6.85 -71.26 37.43
C LYS I 63 -6.42 -71.49 38.87
N MET J 1 21.73 -24.27 -22.31
CA MET J 1 20.79 -23.46 -21.53
C MET J 1 21.25 -23.31 -20.08
N LEU J 2 21.51 -24.45 -19.44
CA LEU J 2 21.81 -24.49 -18.01
C LEU J 2 23.30 -24.46 -17.71
N SER J 3 24.11 -23.83 -18.57
CA SER J 3 25.54 -23.73 -18.30
C SER J 3 25.88 -22.57 -17.37
N ARG J 4 24.89 -21.81 -16.92
CA ARG J 4 25.18 -20.66 -16.07
C ARG J 4 25.55 -21.10 -14.66
N PHE J 5 25.45 -22.40 -14.37
CA PHE J 5 25.98 -22.99 -13.15
C PHE J 5 27.30 -23.73 -13.38
N LEU J 6 27.77 -23.84 -14.62
CA LEU J 6 28.87 -24.74 -14.98
C LEU J 6 30.12 -23.90 -15.28
N GLY J 7 30.98 -23.77 -14.26
CA GLY J 7 32.17 -22.99 -14.38
C GLY J 7 33.33 -23.48 -13.53
N PRO J 8 34.53 -22.95 -13.80
CA PRO J 8 35.69 -23.31 -12.96
C PRO J 8 35.50 -23.07 -11.48
N ARG J 9 34.98 -21.91 -11.07
CA ARG J 9 34.79 -21.67 -9.65
C ARG J 9 33.46 -22.22 -9.14
N TYR J 10 32.45 -22.29 -10.01
CA TYR J 10 31.12 -22.68 -9.55
C TYR J 10 31.07 -24.12 -9.10
N ARG J 11 31.83 -24.99 -9.78
CA ARG J 11 31.93 -26.38 -9.35
C ARG J 11 32.67 -26.54 -8.03
N GLU J 12 33.51 -25.58 -7.66
CA GLU J 12 34.29 -25.71 -6.43
C GLU J 12 33.43 -25.55 -5.19
N LEU J 13 32.48 -24.61 -5.22
CA LEU J 13 31.75 -24.25 -4.00
C LEU J 13 30.87 -25.37 -3.48
N ALA J 14 30.66 -26.44 -4.26
CA ALA J 14 29.91 -27.58 -3.76
C ALA J 14 30.61 -28.20 -2.55
N ARG J 15 31.94 -28.26 -2.59
CA ARG J 15 32.69 -28.81 -1.45
C ARG J 15 32.58 -27.91 -0.23
N ASN J 16 32.15 -26.66 -0.43
CA ASN J 16 31.90 -25.76 0.69
C ASN J 16 30.51 -25.91 1.28
N TRP J 17 29.62 -26.67 0.63
CA TRP J 17 28.25 -26.81 1.09
C TRP J 17 27.78 -28.26 1.18
N ILE J 18 28.64 -29.23 0.87
CA ILE J 18 28.32 -30.63 1.16
C ILE J 18 28.46 -30.97 2.64
N PRO J 19 29.52 -30.52 3.35
CA PRO J 19 29.60 -30.86 4.79
C PRO J 19 28.36 -30.45 5.58
N THR J 20 27.76 -29.31 5.25
CA THR J 20 26.49 -28.96 5.87
C THR J 20 25.38 -29.91 5.45
N ALA J 21 25.23 -30.15 4.14
CA ALA J 21 24.10 -30.92 3.64
C ALA J 21 24.25 -32.42 3.91
N SER J 22 25.46 -32.97 3.74
CA SER J 22 25.63 -34.41 3.85
C SER J 22 25.22 -34.93 5.23
N MET J 23 25.23 -34.06 6.23
CA MET J 23 24.60 -34.40 7.49
C MET J 23 23.08 -34.29 7.43
N TRP J 24 22.56 -33.34 6.65
CA TRP J 24 21.17 -32.91 6.81
C TRP J 24 20.19 -34.06 6.57
N GLY J 25 20.67 -35.20 6.07
CA GLY J 25 19.83 -36.38 6.02
C GLY J 25 19.72 -37.12 7.34
N ALA J 26 20.74 -36.98 8.20
CA ALA J 26 20.72 -37.68 9.47
C ALA J 26 19.72 -37.06 10.44
N VAL J 27 19.40 -35.78 10.24
CA VAL J 27 18.36 -35.13 11.04
C VAL J 27 17.01 -35.78 10.75
N GLY J 28 16.70 -36.02 9.49
CA GLY J 28 15.42 -36.62 9.14
C GLY J 28 15.30 -38.07 9.60
N ALA J 29 16.38 -38.84 9.45
CA ALA J 29 16.33 -40.25 9.83
C ALA J 29 16.04 -40.40 11.32
N VAL J 30 16.67 -39.58 12.16
CA VAL J 30 16.39 -39.61 13.58
C VAL J 30 15.01 -39.06 13.88
N GLY J 31 14.72 -37.84 13.40
CA GLY J 31 13.45 -37.18 13.71
C GLY J 31 12.22 -37.88 13.21
N LEU J 32 12.29 -38.53 12.06
CA LEU J 32 11.15 -39.29 11.58
C LEU J 32 10.78 -40.43 12.54
N VAL J 33 11.78 -41.15 13.02
CA VAL J 33 11.53 -42.24 13.96
C VAL J 33 10.94 -41.71 15.26
N TRP J 34 11.28 -40.47 15.62
CA TRP J 34 10.58 -39.75 16.70
C TRP J 34 9.11 -39.53 16.37
N ALA J 35 8.81 -39.05 15.16
CA ALA J 35 7.48 -38.52 14.91
C ALA J 35 6.50 -39.61 14.50
N THR J 36 6.90 -40.45 13.54
CA THR J 36 5.99 -41.48 13.03
C THR J 36 6.08 -42.80 13.77
N ASP J 37 6.91 -42.87 14.82
CA ASP J 37 7.08 -44.09 15.61
C ASP J 37 7.50 -45.27 14.74
N TRP J 38 8.55 -45.07 13.95
CA TRP J 38 9.14 -46.16 13.21
C TRP J 38 9.59 -47.27 14.16
N ARG J 39 9.33 -48.51 13.77
CA ARG J 39 9.67 -49.68 14.57
C ARG J 39 10.92 -50.40 14.09
N LEU J 40 11.07 -50.59 12.78
CA LEU J 40 12.24 -51.31 12.28
C LEU J 40 13.53 -50.58 12.61
N ILE J 41 13.56 -49.26 12.41
CA ILE J 41 14.73 -48.47 12.81
C ILE J 41 14.85 -48.45 14.33
N LEU J 42 13.73 -48.37 15.04
CA LEU J 42 13.74 -48.38 16.49
C LEU J 42 14.15 -49.74 17.05
N ASP J 43 14.07 -50.79 16.26
CA ASP J 43 14.52 -52.11 16.70
C ASP J 43 15.98 -52.37 16.37
N TRP J 44 16.67 -51.42 15.73
CA TRP J 44 18.12 -51.52 15.60
C TRP J 44 18.82 -50.92 16.80
N VAL J 45 18.20 -49.93 17.44
CA VAL J 45 18.80 -49.25 18.58
C VAL J 45 18.48 -50.01 19.87
N PRO J 46 19.48 -50.40 20.66
CA PRO J 46 19.19 -51.16 21.89
C PRO J 46 18.75 -50.30 23.05
N TYR J 47 19.04 -48.99 23.04
CA TYR J 47 18.63 -48.14 24.16
C TYR J 47 17.12 -48.00 24.23
N ILE J 48 16.46 -47.92 23.08
CA ILE J 48 15.04 -47.63 23.00
C ILE J 48 14.34 -48.84 22.39
N ASN J 49 13.38 -49.40 23.11
CA ASN J 49 12.61 -50.54 22.63
C ASN J 49 11.13 -50.20 22.54
N MET K 1 64.53 25.12 -13.72
CA MET K 1 63.31 25.43 -13.00
C MET K 1 62.15 25.83 -13.91
N LEU K 2 61.91 25.00 -14.93
CA LEU K 2 60.66 25.07 -15.69
C LEU K 2 59.61 24.35 -14.85
N SER K 3 58.50 23.92 -15.45
CA SER K 3 57.48 23.22 -14.67
C SER K 3 56.88 24.13 -13.62
N VAL K 4 55.98 25.01 -14.06
CA VAL K 4 55.39 26.09 -13.28
C VAL K 4 55.01 25.65 -11.86
N ALA K 5 54.77 24.36 -11.67
CA ALA K 5 54.61 23.84 -10.31
C ALA K 5 55.84 24.14 -9.44
N SER K 6 57.03 24.21 -10.05
CA SER K 6 58.23 24.56 -9.30
C SER K 6 58.27 26.02 -8.87
N ARG K 7 57.39 26.86 -9.40
CA ARG K 7 57.36 28.28 -9.06
C ARG K 7 56.30 28.63 -8.02
N SER K 8 55.67 27.62 -7.40
CA SER K 8 54.92 27.79 -6.15
C SER K 8 53.70 28.70 -6.19
N GLY K 9 52.59 28.23 -6.77
CA GLY K 9 51.31 28.86 -6.49
C GLY K 9 50.16 28.84 -7.49
N PRO K 10 50.36 28.52 -8.76
CA PRO K 10 49.21 28.30 -9.65
C PRO K 10 48.75 26.85 -9.60
N PHE K 11 47.42 26.66 -9.70
CA PHE K 11 46.82 25.35 -9.52
C PHE K 11 46.81 24.45 -10.75
N ALA K 12 46.51 23.18 -10.46
CA ALA K 12 46.40 22.00 -11.29
C ALA K 12 45.50 21.01 -10.56
N PRO K 13 44.39 20.53 -11.16
CA PRO K 13 43.64 19.44 -10.54
C PRO K 13 43.96 18.07 -11.11
N VAL K 14 43.59 17.01 -10.39
CA VAL K 14 43.89 15.64 -10.75
C VAL K 14 42.63 14.80 -10.59
N LEU K 15 42.52 13.72 -11.38
CA LEU K 15 41.46 12.74 -11.20
C LEU K 15 41.87 11.39 -11.79
N SER K 16 41.43 10.31 -11.14
CA SER K 16 41.94 8.96 -11.36
C SER K 16 40.81 7.95 -11.50
N ALA K 17 41.20 6.68 -11.69
CA ALA K 17 40.29 5.55 -11.75
C ALA K 17 40.22 4.75 -10.46
N THR K 18 41.09 5.05 -9.49
CA THR K 18 41.13 4.33 -8.22
C THR K 18 41.24 5.24 -7.01
N SER K 19 41.76 6.46 -7.14
CA SER K 19 41.95 7.38 -6.04
C SER K 19 41.08 8.61 -6.23
N ARG K 20 40.81 9.29 -5.13
CA ARG K 20 39.83 10.37 -5.15
C ARG K 20 40.47 11.67 -5.65
N GLY K 21 39.61 12.60 -6.05
CA GLY K 21 40.07 13.81 -6.72
C GLY K 21 40.96 14.67 -5.85
N VAL K 22 41.87 15.39 -6.51
CA VAL K 22 42.89 16.20 -5.87
C VAL K 22 42.83 17.58 -6.49
N ALA K 23 43.27 18.60 -5.74
CA ALA K 23 43.22 19.98 -6.23
C ALA K 23 44.43 20.76 -5.75
N GLY K 24 45.34 21.05 -6.67
CA GLY K 24 46.24 22.17 -6.53
C GLY K 24 47.48 21.97 -5.68
N ALA K 25 48.21 23.07 -5.56
CA ALA K 25 49.45 23.17 -4.78
C ALA K 25 49.28 24.33 -3.80
N LEU K 26 50.39 24.71 -3.15
CA LEU K 26 50.32 25.70 -2.08
C LEU K 26 49.86 27.04 -2.62
N ARG K 27 48.66 27.47 -2.22
CA ARG K 27 48.58 28.91 -2.01
C ARG K 27 48.88 29.26 -0.54
N PRO K 28 48.21 28.59 0.44
CA PRO K 28 48.62 28.77 1.83
C PRO K 28 49.52 27.64 2.31
N LEU K 29 50.02 27.76 3.53
CA LEU K 29 50.62 26.64 4.23
C LEU K 29 50.24 26.77 5.69
N VAL K 30 50.88 25.96 6.54
CA VAL K 30 50.66 26.02 7.97
C VAL K 30 51.10 27.38 8.48
N GLN K 31 50.78 27.69 9.74
CA GLN K 31 50.93 28.99 10.36
C GLN K 31 49.96 30.00 9.78
N ALA K 32 49.02 29.54 8.96
CA ALA K 32 47.78 30.28 8.71
C ALA K 32 46.68 29.86 9.66
N ALA K 33 46.65 28.58 10.01
CA ALA K 33 45.73 28.04 11.01
C ALA K 33 46.41 27.75 12.34
N LEU K 34 47.72 27.87 12.43
CA LEU K 34 48.41 27.64 13.68
C LEU K 34 48.23 28.85 14.60
N PRO K 35 48.10 30.07 14.07
CA PRO K 35 47.27 31.07 14.74
C PRO K 35 45.81 30.62 14.71
N ALA K 36 45.13 30.83 15.83
CA ALA K 36 43.90 30.09 16.12
C ALA K 36 42.78 30.47 15.16
N THR K 37 41.63 29.81 15.35
CA THR K 37 40.37 30.12 14.70
C THR K 37 40.45 29.93 13.18
N SER K 38 40.55 28.66 12.79
CA SER K 38 40.22 28.21 11.43
C SER K 38 39.09 27.19 11.58
N GLU K 39 37.87 27.58 11.21
CA GLU K 39 36.69 26.80 11.54
C GLU K 39 36.53 25.57 10.64
N SER K 40 36.96 25.66 9.38
CA SER K 40 36.95 24.52 8.46
C SER K 40 35.59 23.85 8.30
N PRO K 41 34.66 24.46 7.53
CA PRO K 41 33.33 23.84 7.30
C PRO K 41 33.35 22.40 6.80
N VAL K 42 32.19 21.74 6.79
CA VAL K 42 32.12 20.29 6.84
C VAL K 42 30.78 19.82 6.26
N LEU K 43 30.76 18.63 5.65
CA LEU K 43 29.53 17.91 5.27
C LEU K 43 28.53 18.79 4.51
N ASP K 44 28.92 19.10 3.28
CA ASP K 44 28.08 19.79 2.30
C ASP K 44 28.10 18.98 1.00
N ALA K 45 27.62 17.73 1.06
CA ALA K 45 27.99 16.67 0.14
C ALA K 45 29.49 16.35 0.32
N LYS K 46 29.73 15.77 1.49
CA LYS K 46 31.02 15.65 2.15
C LYS K 46 32.17 15.35 1.20
N ARG K 47 33.16 16.26 1.21
CA ARG K 47 34.51 15.94 0.79
C ARG K 47 35.24 15.24 1.94
N SER K 48 36.20 14.40 1.59
CA SER K 48 36.76 13.42 2.50
C SER K 48 37.52 14.07 3.67
N PHE K 49 37.88 13.22 4.64
CA PHE K 49 38.69 13.58 5.80
C PHE K 49 40.06 12.94 5.62
N LEU K 50 41.06 13.77 5.31
CA LEU K 50 42.47 13.40 5.20
C LEU K 50 42.72 12.60 3.91
N CYS K 51 41.66 12.24 3.20
CA CYS K 51 41.75 11.56 1.91
C CYS K 51 42.64 10.31 2.01
N ARG K 52 42.12 9.33 2.76
CA ARG K 52 42.85 8.10 3.05
C ARG K 52 43.09 7.35 1.74
N GLU K 53 44.33 7.43 1.25
CA GLU K 53 44.75 6.68 0.07
C GLU K 53 46.03 5.88 0.28
N SER K 54 46.95 6.36 1.13
CA SER K 54 48.30 5.81 1.24
C SER K 54 48.40 4.96 2.51
N LEU K 55 48.64 3.67 2.33
CA LEU K 55 48.89 2.75 3.42
C LEU K 55 50.36 2.34 3.43
N SER K 56 50.79 1.81 4.56
CA SER K 56 52.15 1.29 4.68
C SER K 56 52.23 -0.22 4.52
N GLY K 57 51.10 -0.92 4.58
CA GLY K 57 51.10 -2.37 4.49
C GLY K 57 51.40 -3.04 5.81
N THR L 2 -12.26 17.30 1.58
CA THR L 2 -11.66 17.19 0.26
C THR L 2 -12.16 15.96 -0.45
N ASN L 3 -11.31 15.25 -1.19
CA ASN L 3 -11.76 14.10 -1.97
C ASN L 3 -11.78 12.87 -1.08
N ILE L 4 -12.97 12.47 -0.65
CA ILE L 4 -13.11 11.32 0.24
C ILE L 4 -12.69 10.02 -0.43
N ARG L 5 -12.69 9.96 -1.76
CA ARG L 5 -12.36 8.74 -2.49
C ARG L 5 -10.88 8.38 -2.40
N LYS L 6 -10.03 9.24 -1.84
CA LYS L 6 -8.59 9.04 -1.89
C LYS L 6 -7.91 9.21 -0.54
N SER L 7 -8.65 9.46 0.53
CA SER L 7 -8.05 9.60 1.84
C SER L 7 -8.57 8.62 2.88
N HIS L 8 -9.71 7.97 2.66
CA HIS L 8 -10.27 6.99 3.57
C HIS L 8 -9.50 5.68 3.48
N PRO L 9 -9.23 5.02 4.62
CA PRO L 9 -8.48 3.75 4.59
C PRO L 9 -9.15 2.62 3.84
N LEU L 10 -10.48 2.54 3.77
CA LEU L 10 -11.12 1.47 3.01
C LEU L 10 -11.26 1.76 1.52
N MET L 11 -11.40 3.02 1.13
CA MET L 11 -11.70 3.32 -0.27
C MET L 11 -10.47 3.55 -1.13
N LYS L 12 -9.31 3.81 -0.53
CA LYS L 12 -8.08 3.70 -1.31
C LYS L 12 -7.94 2.32 -1.90
N ILE L 13 -8.27 1.29 -1.13
CA ILE L 13 -8.04 -0.07 -1.57
C ILE L 13 -8.92 -0.41 -2.76
N ILE L 14 -10.17 0.02 -2.75
CA ILE L 14 -11.07 -0.34 -3.86
C ILE L 14 -10.98 0.62 -5.04
N ASN L 15 -10.58 1.88 -4.82
CA ASN L 15 -10.31 2.76 -5.94
C ASN L 15 -9.10 2.30 -6.73
N ASN L 16 -8.03 1.91 -6.03
CA ASN L 16 -6.83 1.44 -6.69
C ASN L 16 -7.00 0.08 -7.35
N ALA L 17 -8.03 -0.67 -6.98
CA ALA L 17 -8.18 -2.06 -7.40
C ALA L 17 -9.18 -2.26 -8.52
N PHE L 18 -10.32 -1.56 -8.48
CA PHE L 18 -11.34 -1.75 -9.51
C PHE L 18 -11.63 -0.47 -10.26
N ILE L 19 -12.02 0.59 -9.55
CA ILE L 19 -12.47 1.83 -10.18
C ILE L 19 -11.43 2.58 -11.00
N ASP L 20 -10.19 2.65 -10.52
CA ASP L 20 -9.18 3.46 -11.18
C ASP L 20 -7.85 2.75 -11.42
N LEU L 21 -7.84 1.82 -12.36
CA LEU L 21 -6.62 1.16 -12.80
C LEU L 21 -6.47 1.27 -14.32
N PRO L 22 -5.30 1.69 -14.79
CA PRO L 22 -5.08 1.77 -16.23
C PRO L 22 -5.33 0.44 -16.90
N ALA L 23 -6.16 0.47 -17.93
CA ALA L 23 -6.46 -0.76 -18.67
C ALA L 23 -6.28 -0.52 -20.15
N PRO L 24 -5.92 -1.56 -20.91
CA PRO L 24 -5.74 -1.40 -22.36
C PRO L 24 -7.04 -1.07 -23.05
N SER L 25 -7.00 -1.03 -24.32
CA SER L 25 -8.22 -0.85 -24.91
C SER L 25 -8.66 -1.79 -26.00
N ASN L 26 -7.91 -2.81 -26.39
CA ASN L 26 -8.40 -3.71 -27.38
C ASN L 26 -8.98 -5.03 -26.94
N ILE L 27 -9.12 -5.21 -25.63
CA ILE L 27 -9.26 -6.52 -25.06
C ILE L 27 -10.44 -7.25 -25.70
N SER L 28 -10.17 -8.49 -26.06
CA SER L 28 -11.16 -9.36 -26.67
C SER L 28 -12.13 -9.75 -25.59
N SER L 29 -13.28 -10.26 -25.99
CA SER L 29 -14.29 -10.67 -25.04
C SER L 29 -13.63 -11.73 -24.18
N TRP L 30 -12.80 -12.55 -24.80
CA TRP L 30 -12.13 -13.63 -24.07
C TRP L 30 -11.55 -13.20 -22.74
N TRP L 31 -11.17 -11.94 -22.60
CA TRP L 31 -10.76 -11.42 -21.30
C TRP L 31 -11.92 -11.31 -20.34
N ASN L 32 -13.10 -11.60 -20.86
CA ASN L 32 -14.44 -11.65 -20.15
C ASN L 32 -14.76 -12.75 -19.13
N PHE L 33 -14.42 -13.98 -19.50
CA PHE L 33 -14.84 -15.21 -18.84
C PHE L 33 -14.41 -15.36 -17.39
N GLY L 34 -13.21 -14.88 -17.07
CA GLY L 34 -12.63 -15.12 -15.76
C GLY L 34 -13.51 -14.56 -14.66
N SER L 35 -14.11 -13.40 -14.92
CA SER L 35 -15.03 -12.81 -13.96
C SER L 35 -16.24 -13.71 -13.74
N LEU L 36 -16.73 -14.33 -14.81
CA LEU L 36 -17.87 -15.23 -14.72
C LEU L 36 -17.63 -16.31 -13.67
N LEU L 37 -16.38 -16.77 -13.60
CA LEU L 37 -16.00 -17.83 -12.67
C LEU L 37 -16.25 -17.34 -11.25
N GLY L 38 -16.00 -16.06 -11.01
CA GLY L 38 -16.25 -15.48 -9.71
C GLY L 38 -17.72 -15.57 -9.36
N ILE L 39 -18.59 -15.33 -10.35
CA ILE L 39 -20.03 -15.42 -10.12
C ILE L 39 -20.41 -16.84 -9.73
N CYS L 40 -19.79 -17.82 -10.39
CA CYS L 40 -20.02 -19.22 -10.11
C CYS L 40 -19.56 -19.58 -8.69
N LEU L 41 -18.44 -19.01 -8.28
CA LEU L 41 -17.84 -19.33 -6.98
C LEU L 41 -18.75 -18.95 -5.82
N ILE L 42 -19.40 -17.79 -5.91
CA ILE L 42 -20.30 -17.33 -4.87
C ILE L 42 -21.60 -18.12 -4.86
N LEU L 43 -21.96 -18.73 -5.98
CA LEU L 43 -23.24 -19.43 -6.11
C LEU L 43 -23.14 -20.89 -5.68
N GLN L 44 -22.02 -21.55 -5.97
CA GLN L 44 -21.78 -22.91 -5.47
C GLN L 44 -21.67 -22.94 -3.95
N ILE L 45 -20.98 -21.97 -3.36
CA ILE L 45 -20.92 -21.92 -1.90
C ILE L 45 -22.31 -21.71 -1.32
N LEU L 46 -23.02 -20.70 -1.83
CA LEU L 46 -24.28 -20.28 -1.22
C LEU L 46 -25.34 -21.37 -1.33
N THR L 47 -25.57 -21.87 -2.54
CA THR L 47 -26.56 -22.92 -2.73
C THR L 47 -26.20 -24.20 -1.99
N GLY L 48 -24.92 -24.42 -1.70
CA GLY L 48 -24.46 -25.68 -1.11
C GLY L 48 -24.58 -25.81 0.38
N LEU L 49 -24.91 -24.74 1.09
CA LEU L 49 -25.15 -24.86 2.52
C LEU L 49 -26.58 -25.26 2.83
N PHE L 50 -27.52 -25.05 1.92
CA PHE L 50 -28.90 -25.43 2.18
C PHE L 50 -29.14 -26.91 1.90
N LEU L 51 -28.07 -27.67 1.68
CA LEU L 51 -28.11 -29.12 1.57
C LEU L 51 -27.46 -29.80 2.75
N ALA L 52 -26.31 -29.30 3.22
CA ALA L 52 -25.70 -29.79 4.45
C ALA L 52 -26.52 -29.43 5.68
N MET L 53 -27.48 -28.53 5.54
CA MET L 53 -28.46 -28.30 6.59
C MET L 53 -29.30 -29.55 6.84
N HIS L 54 -29.69 -30.24 5.77
CA HIS L 54 -30.69 -31.30 5.79
C HIS L 54 -30.10 -32.69 5.73
N TYR L 55 -29.06 -32.88 4.93
CA TYR L 55 -28.44 -34.18 4.67
C TYR L 55 -27.97 -34.82 5.97
N THR L 56 -27.90 -36.16 5.95
CA THR L 56 -27.58 -36.93 7.15
C THR L 56 -26.51 -37.95 6.81
N SER L 57 -25.37 -37.85 7.48
CA SER L 57 -24.28 -38.76 7.20
C SER L 57 -24.56 -40.04 7.95
N ASP L 58 -25.63 -40.70 7.56
CA ASP L 58 -25.96 -42.03 8.06
C ASP L 58 -25.89 -42.99 6.87
N THR L 59 -24.99 -43.97 6.95
CA THR L 59 -24.74 -44.84 5.81
C THR L 59 -25.99 -45.58 5.34
N THR L 60 -27.01 -45.75 6.19
CA THR L 60 -28.27 -46.29 5.71
C THR L 60 -29.39 -45.28 5.93
N THR L 61 -29.00 -44.00 5.94
CA THR L 61 -29.93 -42.87 5.93
C THR L 61 -29.62 -41.83 4.85
N ALA L 62 -28.50 -41.98 4.16
CA ALA L 62 -28.00 -40.94 3.27
C ALA L 62 -28.86 -40.82 2.02
N PHE L 63 -29.11 -41.94 1.33
CA PHE L 63 -29.80 -41.87 0.06
C PHE L 63 -31.23 -41.38 0.20
N SER L 64 -31.95 -41.82 1.24
CA SER L 64 -33.32 -41.34 1.39
C SER L 64 -33.36 -39.86 1.74
N SER L 65 -32.23 -39.29 2.16
CA SER L 65 -32.21 -37.88 2.50
C SER L 65 -32.45 -37.00 1.28
N VAL L 66 -31.70 -37.21 0.21
CA VAL L 66 -31.86 -36.39 -0.99
C VAL L 66 -33.23 -36.68 -1.59
N THR L 67 -33.68 -37.92 -1.46
CA THR L 67 -34.98 -38.29 -1.97
C THR L 67 -36.10 -37.56 -1.23
N HIS L 68 -35.92 -37.23 0.05
CA HIS L 68 -36.99 -36.45 0.66
C HIS L 68 -36.83 -34.97 0.41
N ILE L 69 -35.61 -34.50 0.17
CA ILE L 69 -35.43 -33.06 -0.10
C ILE L 69 -35.97 -32.68 -1.47
N CYS L 70 -35.75 -33.54 -2.46
CA CYS L 70 -36.27 -33.28 -3.80
C CYS L 70 -37.74 -33.64 -3.93
N ARG L 71 -38.40 -33.89 -2.80
CA ARG L 71 -39.86 -33.97 -2.74
C ARG L 71 -40.48 -33.07 -1.66
N ASP L 72 -39.97 -33.23 -0.43
CA ASP L 72 -40.60 -32.71 0.79
C ASP L 72 -40.78 -31.20 1.04
N VAL L 73 -39.76 -30.40 0.73
CA VAL L 73 -39.74 -29.02 1.22
C VAL L 73 -39.97 -28.02 0.10
N ASN L 74 -40.29 -26.77 0.48
CA ASN L 74 -40.52 -25.73 -0.50
C ASN L 74 -39.30 -25.50 -1.39
N TYR L 75 -39.53 -25.54 -2.69
CA TYR L 75 -38.56 -25.11 -3.70
C TYR L 75 -37.27 -25.90 -3.66
N GLY L 76 -37.22 -27.01 -2.93
CA GLY L 76 -36.00 -27.79 -2.87
C GLY L 76 -35.65 -28.43 -4.21
N TRP L 77 -36.66 -28.72 -5.03
CA TRP L 77 -36.39 -29.29 -6.34
C TRP L 77 -35.64 -28.32 -7.23
N VAL L 78 -35.82 -27.01 -7.02
CA VAL L 78 -35.03 -26.02 -7.75
C VAL L 78 -33.58 -26.04 -7.29
N ILE L 79 -33.35 -26.02 -5.98
CA ILE L 79 -32.01 -25.84 -5.44
C ILE L 79 -31.15 -27.06 -5.67
N ARG L 80 -31.72 -28.26 -5.52
CA ARG L 80 -30.95 -29.45 -5.84
C ARG L 80 -30.38 -29.37 -7.25
N TYR L 81 -31.20 -28.96 -8.20
CA TYR L 81 -30.76 -28.98 -9.59
C TYR L 81 -29.84 -27.83 -9.93
N LEU L 82 -30.02 -26.65 -9.32
CA LEU L 82 -29.00 -25.62 -9.52
C LEU L 82 -27.66 -26.08 -8.97
N HIS L 83 -27.63 -26.81 -7.86
CA HIS L 83 -26.32 -27.25 -7.37
C HIS L 83 -25.71 -28.35 -8.24
N ALA L 84 -26.53 -29.24 -8.78
CA ALA L 84 -25.99 -30.27 -9.66
C ALA L 84 -25.60 -29.75 -11.04
N ASN L 85 -26.22 -28.66 -11.51
CA ASN L 85 -25.92 -28.13 -12.84
C ASN L 85 -24.98 -26.93 -12.83
N GLY L 86 -24.89 -26.19 -11.73
CA GLY L 86 -24.03 -25.03 -11.68
C GLY L 86 -22.58 -25.35 -11.52
N ALA L 87 -22.21 -26.62 -11.55
CA ALA L 87 -20.83 -27.03 -11.61
C ALA L 87 -20.53 -27.81 -12.87
N SER L 88 -21.54 -28.16 -13.66
CA SER L 88 -21.29 -28.58 -15.02
C SER L 88 -20.81 -27.44 -15.88
N MET L 89 -20.90 -26.21 -15.38
CA MET L 89 -20.57 -25.02 -16.12
C MET L 89 -19.37 -24.27 -15.53
N PHE L 90 -19.19 -24.33 -14.21
CA PHE L 90 -17.93 -23.91 -13.59
C PHE L 90 -16.75 -24.69 -14.17
N PHE L 91 -17.00 -25.88 -14.72
CA PHE L 91 -16.03 -26.70 -15.42
C PHE L 91 -15.99 -26.44 -16.92
N ILE L 92 -17.01 -25.74 -17.42
CA ILE L 92 -17.03 -25.16 -18.75
C ILE L 92 -16.07 -23.98 -18.86
N CYS L 93 -16.10 -23.14 -17.83
CA CYS L 93 -15.33 -21.90 -17.78
C CYS L 93 -13.84 -22.16 -17.79
N LEU L 94 -13.44 -23.21 -17.08
CA LEU L 94 -12.04 -23.51 -16.87
C LEU L 94 -11.30 -23.79 -18.17
N PHE L 95 -11.95 -24.49 -19.10
CA PHE L 95 -11.22 -24.92 -20.29
C PHE L 95 -11.01 -23.78 -21.27
N ILE L 96 -11.67 -22.64 -21.07
CA ILE L 96 -11.60 -21.47 -21.94
C ILE L 96 -10.59 -20.47 -21.38
N HIS L 97 -10.70 -20.17 -20.09
CA HIS L 97 -9.76 -19.36 -19.33
C HIS L 97 -8.34 -19.95 -19.36
N VAL L 98 -8.20 -21.25 -19.60
CA VAL L 98 -6.89 -21.88 -19.69
C VAL L 98 -6.37 -21.88 -21.12
N GLY L 99 -7.18 -22.33 -22.07
CA GLY L 99 -6.74 -22.43 -23.44
C GLY L 99 -6.34 -21.10 -24.04
N ARG L 100 -6.97 -20.02 -23.61
CA ARG L 100 -6.59 -18.69 -24.10
C ARG L 100 -5.15 -18.35 -23.71
N GLY L 101 -4.76 -18.62 -22.47
CA GLY L 101 -3.40 -18.35 -22.06
C GLY L 101 -2.34 -19.13 -22.81
N LEU L 102 -2.74 -20.12 -23.59
CA LEU L 102 -1.87 -20.75 -24.57
C LEU L 102 -2.12 -20.26 -25.98
N TYR L 103 -2.80 -19.12 -26.12
CA TYR L 103 -2.86 -18.37 -27.36
C TYR L 103 -2.16 -17.03 -27.21
N TYR L 104 -2.59 -16.21 -26.26
CA TYR L 104 -2.02 -14.88 -26.10
C TYR L 104 -0.86 -14.87 -25.10
N GLY L 105 0.14 -15.74 -25.31
CA GLY L 105 1.38 -15.76 -24.57
C GLY L 105 1.33 -15.41 -23.09
N SER L 106 0.35 -15.93 -22.37
CA SER L 106 0.01 -15.43 -21.04
C SER L 106 0.74 -16.15 -19.92
N TYR L 107 1.69 -17.03 -20.22
CA TYR L 107 2.43 -17.75 -19.19
C TYR L 107 3.70 -17.07 -18.74
N MET L 108 4.24 -16.15 -19.54
CA MET L 108 5.42 -15.36 -19.18
C MET L 108 5.21 -14.64 -17.87
N PHE L 109 3.98 -14.69 -17.36
CA PHE L 109 3.68 -14.32 -15.99
C PHE L 109 3.94 -15.54 -15.11
N LEU L 110 5.20 -15.74 -14.74
CA LEU L 110 5.55 -16.94 -13.99
C LEU L 110 4.83 -17.01 -12.64
N GLU L 111 4.76 -15.90 -11.92
CA GLU L 111 4.08 -15.87 -10.63
C GLU L 111 2.58 -16.13 -10.71
N THR L 112 1.91 -15.49 -11.68
CA THR L 112 0.47 -15.67 -11.88
C THR L 112 0.12 -17.09 -12.31
N TRP L 113 0.95 -17.63 -13.20
CA TRP L 113 0.75 -18.91 -13.81
C TRP L 113 0.88 -20.09 -12.88
N ASN L 114 1.93 -20.15 -12.08
CA ASN L 114 2.13 -21.14 -11.04
C ASN L 114 1.18 -21.14 -9.84
N ILE L 115 0.62 -20.03 -9.39
CA ILE L 115 -0.46 -20.10 -8.37
C ILE L 115 -1.72 -20.47 -9.05
N GLY L 116 -1.80 -20.57 -10.37
CA GLY L 116 -2.89 -21.28 -11.03
C GLY L 116 -3.10 -22.83 -10.91
N VAL L 117 -2.16 -23.60 -11.34
CA VAL L 117 -2.25 -25.05 -11.48
C VAL L 117 -2.67 -25.68 -10.16
N VAL L 118 -2.23 -25.11 -9.05
CA VAL L 118 -2.64 -25.57 -7.73
C VAL L 118 -4.16 -25.50 -7.59
N LEU L 119 -4.74 -24.37 -8.00
CA LEU L 119 -6.18 -24.23 -7.94
C LEU L 119 -6.87 -25.24 -8.84
N LEU L 120 -6.27 -25.51 -10.00
CA LEU L 120 -6.84 -26.51 -10.89
C LEU L 120 -6.98 -27.85 -10.17
N PHE L 121 -5.91 -28.26 -9.49
CA PHE L 121 -5.89 -29.52 -8.76
C PHE L 121 -6.91 -29.58 -7.61
N THR L 122 -7.05 -28.48 -6.87
CA THR L 122 -7.97 -28.47 -5.74
C THR L 122 -9.43 -28.51 -6.19
N VAL L 123 -9.78 -27.71 -7.19
CA VAL L 123 -11.15 -27.72 -7.70
C VAL L 123 -11.48 -29.06 -8.33
N MET L 124 -10.55 -29.63 -9.08
CA MET L 124 -10.83 -30.89 -9.74
C MET L 124 -11.04 -32.02 -8.74
N ALA L 125 -10.43 -31.92 -7.56
CA ALA L 125 -10.57 -32.98 -6.57
C ALA L 125 -11.79 -32.84 -5.67
N THR L 126 -12.26 -31.61 -5.40
CA THR L 126 -13.46 -31.49 -4.57
C THR L 126 -14.68 -32.16 -5.20
N ALA L 127 -14.84 -32.05 -6.51
CA ALA L 127 -16.03 -32.60 -7.16
C ALA L 127 -16.07 -34.12 -7.08
N PHE L 128 -14.96 -34.81 -7.33
CA PHE L 128 -14.93 -36.25 -7.12
C PHE L 128 -15.13 -36.57 -5.65
N MET L 129 -14.45 -35.85 -4.77
CA MET L 129 -14.52 -36.12 -3.35
C MET L 129 -15.93 -35.96 -2.78
N GLY L 130 -16.81 -35.27 -3.49
CA GLY L 130 -18.18 -35.19 -3.02
C GLY L 130 -19.27 -35.44 -4.03
N TYR L 131 -18.95 -36.16 -5.10
CA TYR L 131 -19.97 -36.79 -5.93
C TYR L 131 -20.19 -38.25 -5.53
N VAL L 132 -19.45 -38.75 -4.53
CA VAL L 132 -19.67 -40.08 -3.99
C VAL L 132 -20.55 -40.05 -2.75
N LEU L 133 -21.00 -38.89 -2.34
CA LEU L 133 -21.95 -38.87 -1.24
C LEU L 133 -23.30 -38.24 -1.60
N PRO L 134 -23.86 -38.53 -2.78
CA PRO L 134 -25.29 -38.85 -2.85
C PRO L 134 -25.58 -40.27 -2.39
N TRP L 135 -24.54 -41.09 -2.21
CA TRP L 135 -24.66 -42.46 -1.72
C TRP L 135 -25.52 -43.30 -2.65
N GLY L 136 -25.03 -43.52 -3.87
CA GLY L 136 -25.67 -44.41 -4.83
C GLY L 136 -24.65 -45.38 -5.35
N GLN L 137 -25.07 -46.26 -6.28
CA GLN L 137 -24.15 -47.29 -6.76
C GLN L 137 -23.01 -46.69 -7.56
N MET L 138 -23.28 -45.70 -8.41
CA MET L 138 -22.19 -45.07 -9.15
C MET L 138 -21.20 -44.41 -8.19
N SER L 139 -21.74 -43.80 -7.13
CA SER L 139 -20.91 -43.20 -6.08
C SER L 139 -20.01 -44.18 -5.30
N PHE L 140 -20.54 -45.34 -4.94
CA PHE L 140 -19.75 -46.34 -4.22
C PHE L 140 -18.79 -47.06 -5.16
N TRP L 141 -19.25 -47.40 -6.36
CA TRP L 141 -18.48 -48.24 -7.27
C TRP L 141 -17.47 -47.46 -8.09
N GLY L 142 -17.52 -46.13 -8.08
CA GLY L 142 -16.36 -45.36 -8.50
C GLY L 142 -15.40 -45.12 -7.37
N ALA L 143 -15.93 -44.98 -6.15
CA ALA L 143 -15.07 -44.81 -4.98
C ALA L 143 -14.17 -46.02 -4.79
N THR L 144 -14.73 -47.21 -4.91
CA THR L 144 -13.93 -48.44 -4.78
C THR L 144 -12.82 -48.48 -5.83
N VAL L 145 -13.15 -48.16 -7.07
CA VAL L 145 -12.18 -48.29 -8.16
C VAL L 145 -11.04 -47.29 -8.01
N ILE L 146 -11.36 -46.03 -7.72
CA ILE L 146 -10.29 -45.05 -7.50
C ILE L 146 -9.47 -45.43 -6.28
N THR L 147 -10.13 -45.97 -5.25
CA THR L 147 -9.42 -46.32 -4.02
C THR L 147 -8.41 -47.44 -4.26
N ASN L 148 -8.75 -48.43 -5.09
CA ASN L 148 -7.85 -49.56 -5.26
C ASN L 148 -6.58 -49.21 -6.03
N LEU L 149 -6.51 -48.06 -6.70
CA LEU L 149 -5.29 -47.72 -7.43
C LEU L 149 -4.21 -47.20 -6.48
N LEU L 150 -4.52 -46.15 -5.72
CA LEU L 150 -3.57 -45.61 -4.75
C LEU L 150 -3.06 -46.66 -3.78
N SER L 151 -3.70 -47.83 -3.71
CA SER L 151 -3.26 -48.93 -2.87
C SER L 151 -2.21 -49.80 -3.55
N ALA L 152 -1.85 -49.53 -4.79
CA ALA L 152 -0.85 -50.31 -5.50
C ALA L 152 0.56 -49.76 -5.33
N ILE L 153 0.73 -48.71 -4.53
CA ILE L 153 2.08 -48.27 -4.17
C ILE L 153 2.76 -49.39 -3.39
N PRO L 154 4.03 -49.66 -3.68
CA PRO L 154 4.65 -50.87 -3.12
C PRO L 154 4.67 -50.91 -1.60
N TYR L 155 5.00 -49.79 -0.95
CA TYR L 155 4.97 -49.75 0.51
C TYR L 155 3.96 -48.75 1.10
N ILE L 156 3.57 -47.78 0.28
CA ILE L 156 2.54 -46.80 0.63
C ILE L 156 1.11 -47.34 0.77
N GLY L 157 0.73 -48.22 -0.14
CA GLY L 157 -0.67 -48.56 -0.39
C GLY L 157 -1.52 -49.20 0.70
N THR L 158 -0.96 -50.15 1.43
CA THR L 158 -1.73 -50.91 2.41
C THR L 158 -2.29 -50.06 3.54
N ASP L 159 -1.48 -49.10 4.00
CA ASP L 159 -1.76 -48.33 5.20
C ASP L 159 -2.69 -47.15 4.95
N LEU L 160 -2.43 -46.40 3.87
CA LEU L 160 -3.21 -45.19 3.59
C LEU L 160 -4.66 -45.53 3.27
N VAL L 161 -4.89 -46.65 2.58
CA VAL L 161 -6.21 -46.97 2.06
C VAL L 161 -7.22 -47.16 3.18
N GLU L 162 -6.83 -47.81 4.28
CA GLU L 162 -7.77 -48.07 5.36
C GLU L 162 -8.03 -46.87 6.24
N TRP L 163 -7.14 -45.87 6.23
CA TRP L 163 -7.38 -44.67 7.03
C TRP L 163 -8.56 -43.87 6.51
N ILE L 164 -8.81 -43.89 5.20
CA ILE L 164 -9.96 -43.16 4.68
C ILE L 164 -11.24 -43.97 4.77
N TRP L 165 -11.16 -45.30 4.87
CA TRP L 165 -12.39 -46.05 4.99
C TRP L 165 -12.89 -46.08 6.43
N GLY L 166 -11.99 -45.99 7.40
CA GLY L 166 -12.37 -46.29 8.78
C GLY L 166 -12.73 -47.74 8.98
N GLY L 167 -11.97 -48.65 8.35
CA GLY L 167 -12.29 -50.06 8.40
C GLY L 167 -11.76 -50.77 7.17
N PHE L 168 -12.60 -51.60 6.54
CA PHE L 168 -12.24 -52.29 5.31
C PHE L 168 -13.02 -51.83 4.09
N SER L 169 -14.23 -51.31 4.26
CA SER L 169 -15.11 -50.96 3.15
C SER L 169 -16.06 -49.88 3.63
N VAL L 170 -16.80 -49.28 2.69
CA VAL L 170 -17.62 -48.11 2.99
C VAL L 170 -18.63 -48.46 4.07
N ASP L 171 -18.60 -47.71 5.16
CA ASP L 171 -19.52 -47.83 6.30
C ASP L 171 -19.76 -46.43 6.85
N LYS L 172 -20.27 -46.36 8.08
CA LYS L 172 -20.48 -45.08 8.75
C LYS L 172 -19.17 -44.32 8.92
N ALA L 173 -18.03 -45.01 8.87
CA ALA L 173 -16.73 -44.41 9.11
C ALA L 173 -16.15 -43.70 7.89
N THR L 174 -16.77 -43.83 6.72
CA THR L 174 -16.26 -43.20 5.51
C THR L 174 -17.10 -42.02 5.06
N LEU L 175 -18.40 -42.21 4.97
CA LEU L 175 -19.27 -41.18 4.45
C LEU L 175 -19.07 -39.94 5.31
N THR L 176 -18.84 -40.16 6.60
CA THR L 176 -18.61 -39.05 7.52
C THR L 176 -17.37 -38.21 7.19
N ARG L 177 -16.26 -38.83 6.79
CA ARG L 177 -15.05 -38.06 6.54
C ARG L 177 -14.92 -37.58 5.11
N PHE L 178 -15.61 -38.21 4.15
CA PHE L 178 -15.77 -37.56 2.86
C PHE L 178 -16.64 -36.31 2.97
N PHE L 179 -17.71 -36.39 3.74
CA PHE L 179 -18.48 -35.20 4.06
C PHE L 179 -17.72 -34.24 4.96
N ALA L 180 -16.63 -34.71 5.56
CA ALA L 180 -15.65 -33.82 6.18
C ALA L 180 -14.92 -33.01 5.12
N PHE L 181 -14.57 -33.68 4.03
CA PHE L 181 -13.75 -33.10 2.95
C PHE L 181 -14.40 -31.94 2.19
N HIS L 182 -15.70 -32.08 1.91
CA HIS L 182 -16.39 -31.11 1.07
C HIS L 182 -16.40 -29.72 1.69
N PHE L 183 -16.58 -29.67 3.00
CA PHE L 183 -16.66 -28.40 3.72
C PHE L 183 -15.39 -27.56 3.64
N ILE L 184 -14.24 -28.21 3.73
CA ILE L 184 -13.01 -27.51 3.89
C ILE L 184 -12.13 -27.18 2.61
N LEU L 185 -12.14 -28.05 1.61
CA LEU L 185 -11.51 -27.76 0.37
C LEU L 185 -12.09 -26.53 -0.15
N PRO L 186 -13.46 -26.53 -0.40
CA PRO L 186 -14.03 -25.17 -0.56
C PRO L 186 -13.54 -23.97 0.22
N PHE L 187 -13.64 -23.83 1.55
CA PHE L 187 -13.12 -22.50 2.02
C PHE L 187 -11.63 -22.12 1.67
N ILE L 188 -10.77 -23.13 1.71
CA ILE L 188 -9.34 -22.94 1.47
C ILE L 188 -9.08 -22.42 0.06
N ILE L 189 -9.87 -22.90 -0.89
CA ILE L 189 -9.70 -22.52 -2.29
C ILE L 189 -9.89 -21.02 -2.50
N THR L 190 -10.85 -20.44 -1.78
CA THR L 190 -11.17 -19.02 -1.94
C THR L 190 -9.97 -18.12 -1.64
N ALA L 191 -9.23 -18.44 -0.58
CA ALA L 191 -8.01 -17.71 -0.26
C ALA L 191 -6.87 -17.80 -1.34
N LEU L 192 -6.78 -18.92 -2.05
CA LEU L 192 -5.82 -18.98 -3.15
C LEU L 192 -6.27 -18.07 -4.33
N ALA L 193 -7.58 -17.88 -4.47
CA ALA L 193 -8.05 -16.96 -5.49
C ALA L 193 -7.84 -15.55 -5.07
N ALA L 194 -7.92 -15.22 -3.79
CA ALA L 194 -7.57 -13.89 -3.38
C ALA L 194 -6.20 -13.54 -3.58
N VAL L 195 -5.28 -14.49 -3.68
CA VAL L 195 -3.82 -14.22 -3.93
C VAL L 195 -3.42 -14.25 -5.38
N HIS L 196 -4.18 -14.83 -6.27
CA HIS L 196 -3.88 -14.86 -7.68
C HIS L 196 -3.74 -13.58 -8.21
N LEU L 197 -4.56 -12.55 -7.86
CA LEU L 197 -4.73 -11.17 -8.29
C LEU L 197 -3.72 -10.17 -7.70
N LEU L 198 -3.17 -10.48 -6.54
CA LEU L 198 -2.18 -9.60 -5.92
C LEU L 198 -1.00 -9.51 -6.88
N PHE L 199 -0.68 -10.64 -7.50
CA PHE L 199 0.34 -10.71 -8.53
C PHE L 199 -0.05 -9.85 -9.73
N LEU L 200 -1.34 -9.87 -10.07
CA LEU L 200 -1.83 -9.19 -11.26
C LEU L 200 -1.59 -7.69 -11.21
N HIS L 201 -1.82 -7.07 -10.05
CA HIS L 201 -1.44 -5.68 -9.86
C HIS L 201 0.07 -5.65 -9.96
N GLU L 202 0.63 -4.63 -10.60
CA GLU L 202 2.12 -4.68 -10.85
C GLU L 202 2.61 -5.32 -12.09
N THR L 203 1.74 -5.65 -12.99
CA THR L 203 2.17 -5.97 -14.34
C THR L 203 1.10 -5.51 -15.30
N GLY L 204 -0.09 -5.22 -14.77
CA GLY L 204 -1.21 -4.84 -15.60
C GLY L 204 -1.65 -5.94 -16.54
N SER L 205 -2.78 -5.76 -17.21
CA SER L 205 -3.31 -6.80 -18.08
C SER L 205 -2.52 -6.82 -19.38
N ASN L 206 -3.07 -7.51 -20.37
CA ASN L 206 -2.43 -7.87 -21.65
C ASN L 206 -3.23 -7.21 -22.78
N ASN L 207 -2.93 -7.57 -24.01
CA ASN L 207 -3.73 -7.10 -25.13
C ASN L 207 -3.52 -8.04 -26.31
N PRO L 208 -4.53 -8.26 -27.12
CA PRO L 208 -4.47 -9.36 -28.09
C PRO L 208 -3.63 -9.08 -29.32
N THR L 209 -2.47 -8.45 -29.13
CA THR L 209 -1.52 -8.24 -30.22
C THR L 209 -0.15 -8.65 -29.72
N GLY L 210 0.08 -8.50 -28.42
CA GLY L 210 1.33 -8.88 -27.81
C GLY L 210 2.38 -7.80 -27.73
N ILE L 211 1.98 -6.53 -27.71
CA ILE L 211 2.91 -5.41 -27.68
C ILE L 211 2.53 -4.55 -26.50
N SER L 212 3.51 -4.19 -25.68
CA SER L 212 3.23 -3.36 -24.52
C SER L 212 2.61 -2.06 -24.98
N SER L 213 1.49 -1.68 -24.38
CA SER L 213 0.82 -0.42 -24.68
C SER L 213 0.61 0.33 -23.38
N ASP L 214 1.65 1.04 -22.93
CA ASP L 214 1.52 2.00 -21.86
C ASP L 214 1.12 3.37 -22.39
N MET L 215 1.14 3.51 -23.71
CA MET L 215 0.81 4.76 -24.38
C MET L 215 -0.65 5.18 -24.24
N ASP L 216 -1.55 4.21 -24.39
CA ASP L 216 -2.98 4.48 -24.44
C ASP L 216 -3.79 3.58 -23.53
N LYS L 217 -3.77 3.86 -22.23
CA LYS L 217 -4.55 3.08 -21.29
C LYS L 217 -5.75 3.89 -20.80
N ILE L 218 -6.93 3.32 -20.96
CA ILE L 218 -8.17 3.98 -20.52
C ILE L 218 -8.53 3.42 -19.16
N PRO L 219 -9.44 4.06 -18.43
CA PRO L 219 -9.79 3.55 -17.09
C PRO L 219 -10.46 2.17 -17.10
N PHE L 220 -10.87 1.68 -15.95
CA PHE L 220 -11.68 0.48 -15.86
C PHE L 220 -13.05 0.77 -15.22
N HIS L 221 -13.43 2.00 -14.91
CA HIS L 221 -14.81 2.42 -14.71
C HIS L 221 -15.20 2.64 -16.07
N PRO L 222 -15.99 3.68 -16.49
CA PRO L 222 -17.24 3.25 -17.05
C PRO L 222 -17.21 2.16 -18.03
N TYR L 223 -16.15 1.88 -18.74
CA TYR L 223 -16.04 0.75 -19.68
C TYR L 223 -16.03 -0.70 -19.27
N TYR L 224 -15.36 -1.09 -18.24
CA TYR L 224 -15.17 -2.52 -18.11
C TYR L 224 -16.25 -2.79 -17.16
N THR L 225 -16.57 -1.84 -16.36
CA THR L 225 -17.73 -2.14 -15.49
C THR L 225 -18.96 -2.51 -16.29
N ILE L 226 -19.49 -1.68 -17.17
CA ILE L 226 -20.65 -2.14 -17.99
C ILE L 226 -20.48 -3.32 -18.88
N LYS L 227 -19.35 -3.51 -19.55
CA LYS L 227 -19.23 -4.69 -20.43
C LYS L 227 -19.37 -5.93 -19.62
N ASP L 228 -18.83 -5.90 -18.43
CA ASP L 228 -18.93 -7.04 -17.56
C ASP L 228 -20.31 -7.37 -17.07
N ILE L 229 -21.03 -6.37 -16.59
CA ILE L 229 -22.36 -6.58 -16.16
C ILE L 229 -23.15 -7.10 -17.30
N LEU L 230 -23.04 -6.57 -18.51
CA LEU L 230 -23.86 -7.07 -19.62
C LEU L 230 -23.62 -8.56 -19.86
N GLY L 231 -22.36 -8.98 -20.02
CA GLY L 231 -22.13 -10.42 -20.32
C GLY L 231 -22.52 -11.34 -19.18
N ALA L 232 -22.44 -10.83 -17.97
CA ALA L 232 -22.78 -11.64 -16.81
C ALA L 232 -24.22 -11.86 -16.81
N LEU L 233 -25.04 -10.87 -17.07
CA LEU L 233 -26.48 -11.15 -17.10
C LEU L 233 -26.82 -11.81 -18.33
N PHE L 234 -25.87 -12.17 -19.15
CA PHE L 234 -26.09 -13.19 -20.17
C PHE L 234 -25.74 -14.66 -19.87
N MET L 235 -25.12 -14.96 -18.72
CA MET L 235 -24.85 -16.35 -18.36
C MET L 235 -26.08 -17.05 -17.72
N MET L 236 -26.93 -16.21 -17.15
CA MET L 236 -28.16 -16.55 -16.46
C MET L 236 -29.33 -16.80 -17.40
N LEU L 237 -29.17 -16.56 -18.70
CA LEU L 237 -30.11 -17.10 -19.68
C LEU L 237 -29.87 -18.59 -19.89
N ILE L 238 -28.63 -18.96 -20.24
CA ILE L 238 -28.33 -20.35 -20.61
C ILE L 238 -28.40 -21.27 -19.41
N LEU L 239 -27.86 -20.85 -18.26
CA LEU L 239 -27.93 -21.68 -17.07
C LEU L 239 -29.38 -22.05 -16.75
N LEU L 240 -30.24 -21.04 -16.71
CA LEU L 240 -31.61 -21.30 -16.30
C LEU L 240 -32.40 -22.03 -17.38
N ILE L 241 -32.11 -21.79 -18.67
CA ILE L 241 -32.79 -22.55 -19.71
C ILE L 241 -32.44 -24.03 -19.62
N LEU L 242 -31.17 -24.36 -19.40
CA LEU L 242 -30.80 -25.75 -19.23
C LEU L 242 -31.49 -26.36 -18.01
N VAL L 243 -31.46 -25.66 -16.87
CA VAL L 243 -31.98 -26.31 -15.67
C VAL L 243 -33.50 -26.45 -15.71
N LEU L 244 -34.23 -25.43 -16.16
CA LEU L 244 -35.68 -25.42 -16.02
C LEU L 244 -36.42 -25.85 -17.29
N PHE L 245 -35.68 -26.39 -18.26
CA PHE L 245 -36.29 -26.98 -19.45
C PHE L 245 -35.95 -28.46 -19.59
N SER L 246 -34.66 -28.77 -19.60
CA SER L 246 -34.19 -30.16 -19.71
C SER L 246 -33.10 -30.48 -18.70
N PRO L 247 -33.52 -30.59 -17.36
CA PRO L 247 -32.41 -30.84 -16.41
C PRO L 247 -31.69 -32.18 -16.59
N ASP L 248 -32.44 -33.24 -16.87
CA ASP L 248 -31.93 -34.61 -16.81
C ASP L 248 -30.93 -34.90 -17.93
N LEU L 249 -30.56 -33.88 -18.69
CA LEU L 249 -29.77 -34.08 -19.90
C LEU L 249 -28.30 -34.40 -19.61
N LEU L 250 -27.69 -33.75 -18.62
CA LEU L 250 -26.25 -33.90 -18.41
C LEU L 250 -25.88 -34.99 -17.42
N GLY L 251 -26.84 -35.76 -16.91
CA GLY L 251 -26.59 -36.75 -15.89
C GLY L 251 -26.65 -38.17 -16.39
N ASP L 252 -26.89 -39.09 -15.45
CA ASP L 252 -27.06 -40.52 -15.68
C ASP L 252 -28.21 -41.01 -14.82
N PRO L 253 -28.99 -41.98 -15.31
CA PRO L 253 -30.08 -42.55 -14.51
C PRO L 253 -29.66 -43.70 -13.61
N ASP L 254 -28.51 -43.56 -12.93
CA ASP L 254 -28.01 -44.60 -12.05
C ASP L 254 -27.51 -44.07 -10.71
N ASN L 255 -28.00 -42.92 -10.27
CA ASN L 255 -28.02 -42.55 -8.87
C ASN L 255 -29.45 -42.43 -8.39
N TYR L 256 -30.27 -43.44 -8.74
CA TYR L 256 -31.65 -43.54 -8.28
C TYR L 256 -31.96 -44.83 -7.55
N THR L 257 -31.34 -45.94 -7.94
CA THR L 257 -31.47 -47.15 -7.16
C THR L 257 -30.64 -47.01 -5.89
N PRO L 258 -31.25 -47.12 -4.70
CA PRO L 258 -30.49 -46.85 -3.46
C PRO L 258 -29.31 -47.80 -3.33
N ALA L 259 -28.24 -47.29 -2.73
CA ALA L 259 -26.96 -47.97 -2.75
C ALA L 259 -27.09 -49.39 -2.20
N ASN L 260 -26.46 -50.33 -2.89
CA ASN L 260 -26.44 -51.72 -2.44
C ASN L 260 -25.11 -52.39 -2.78
N PRO L 261 -24.70 -53.39 -1.90
CA PRO L 261 -23.51 -54.12 -2.35
C PRO L 261 -23.97 -55.33 -3.15
N LEU L 262 -25.28 -55.47 -3.25
CA LEU L 262 -25.89 -56.67 -3.84
C LEU L 262 -26.00 -56.58 -5.36
N ASN L 263 -25.91 -55.39 -5.93
CA ASN L 263 -25.86 -55.19 -7.37
C ASN L 263 -24.51 -54.63 -7.76
N THR L 264 -24.28 -54.51 -9.07
CA THR L 264 -23.06 -53.88 -9.57
C THR L 264 -23.39 -53.28 -10.93
N PRO L 265 -23.13 -51.99 -11.12
CA PRO L 265 -23.56 -51.33 -12.36
C PRO L 265 -22.89 -51.94 -13.57
N PRO L 266 -23.58 -51.99 -14.72
CA PRO L 266 -23.04 -52.70 -15.88
C PRO L 266 -22.03 -51.91 -16.71
N HIS L 267 -22.23 -50.61 -16.88
CA HIS L 267 -21.44 -49.79 -17.79
C HIS L 267 -20.94 -48.54 -17.08
N ILE L 268 -20.41 -48.75 -15.87
CA ILE L 268 -19.92 -47.65 -15.03
C ILE L 268 -19.05 -46.70 -15.84
N LYS L 269 -19.26 -45.41 -15.63
CA LYS L 269 -18.48 -44.32 -16.21
C LYS L 269 -18.85 -43.01 -15.52
N PRO L 270 -17.90 -42.16 -15.20
CA PRO L 270 -18.23 -40.91 -14.50
C PRO L 270 -18.90 -39.92 -15.43
N GLU L 271 -19.17 -38.71 -14.94
CA GLU L 271 -19.74 -37.68 -15.79
C GLU L 271 -18.73 -37.28 -16.85
N TRP L 272 -19.14 -36.41 -17.78
CA TRP L 272 -18.32 -36.15 -18.95
C TRP L 272 -16.94 -35.60 -18.56
N TYR L 273 -16.90 -34.64 -17.64
CA TYR L 273 -15.73 -33.77 -17.53
C TYR L 273 -14.56 -34.37 -16.75
N PHE L 274 -14.52 -35.68 -16.53
CA PHE L 274 -13.30 -36.39 -16.18
C PHE L 274 -12.87 -37.44 -17.19
N LEU L 275 -13.72 -37.79 -18.09
CA LEU L 275 -13.42 -38.99 -18.82
C LEU L 275 -12.11 -38.81 -19.58
N PHE L 276 -11.61 -37.58 -19.71
CA PHE L 276 -10.27 -37.30 -20.28
C PHE L 276 -9.09 -37.77 -19.48
N ALA L 277 -9.03 -37.48 -18.18
CA ALA L 277 -7.96 -37.96 -17.27
C ALA L 277 -8.30 -39.31 -16.63
N TYR L 278 -9.17 -40.05 -17.30
CA TYR L 278 -9.50 -41.42 -17.03
C TYR L 278 -9.32 -42.30 -18.27
N ALA L 279 -9.16 -41.69 -19.44
CA ALA L 279 -8.90 -42.44 -20.66
C ALA L 279 -7.42 -42.73 -20.86
N ILE L 280 -6.54 -41.89 -20.33
CA ILE L 280 -5.13 -42.25 -20.27
C ILE L 280 -4.95 -43.45 -19.34
N LEU L 281 -5.60 -43.41 -18.18
CA LEU L 281 -5.38 -44.35 -17.08
C LEU L 281 -5.51 -45.78 -17.54
N ARG L 282 -6.70 -46.15 -17.95
CA ARG L 282 -6.96 -47.52 -18.37
C ARG L 282 -6.44 -47.80 -19.78
N SER L 283 -5.91 -46.79 -20.47
CA SER L 283 -5.36 -47.06 -21.79
C SER L 283 -4.13 -47.94 -21.73
N ILE L 284 -3.52 -48.08 -20.56
CA ILE L 284 -2.23 -48.75 -20.44
C ILE L 284 -2.21 -49.72 -19.26
N PRO L 285 -1.51 -50.82 -19.45
CA PRO L 285 -1.27 -51.83 -18.42
C PRO L 285 -0.21 -51.35 -17.45
N ASN L 286 -0.08 -52.04 -16.31
CA ASN L 286 0.93 -51.71 -15.33
C ASN L 286 0.37 -50.70 -14.36
N LYS L 287 -0.34 -51.17 -13.33
CA LYS L 287 -1.13 -50.28 -12.50
C LYS L 287 -0.30 -49.22 -11.79
N LEU L 288 0.87 -49.58 -11.27
CA LEU L 288 1.70 -48.61 -10.58
C LEU L 288 2.14 -47.49 -11.52
N GLY L 289 2.53 -47.86 -12.73
CA GLY L 289 2.88 -46.90 -13.77
C GLY L 289 1.71 -46.04 -14.19
N GLY L 290 0.54 -46.68 -14.29
CA GLY L 290 -0.66 -46.06 -14.82
C GLY L 290 -1.09 -44.90 -13.96
N VAL L 291 -0.99 -45.07 -12.63
CA VAL L 291 -1.25 -43.93 -11.76
C VAL L 291 -0.32 -42.77 -12.03
N LEU L 292 0.94 -43.03 -12.37
CA LEU L 292 1.88 -41.94 -12.64
C LEU L 292 1.53 -41.18 -13.91
N ALA L 293 1.18 -41.89 -14.98
CA ALA L 293 0.80 -41.22 -16.22
C ALA L 293 -0.47 -40.40 -16.06
N LEU L 294 -1.32 -40.74 -15.09
CA LEU L 294 -2.51 -39.94 -14.80
C LEU L 294 -2.14 -38.55 -14.29
N VAL L 295 -1.07 -38.37 -13.52
CA VAL L 295 -0.71 -37.02 -13.04
C VAL L 295 0.42 -36.34 -13.84
N ALA L 296 1.04 -37.08 -14.74
CA ALA L 296 1.90 -36.40 -15.71
C ALA L 296 1.20 -35.16 -16.33
N SER L 297 -0.13 -35.18 -16.50
CA SER L 297 -0.91 -34.03 -17.08
C SER L 297 -1.09 -32.59 -16.43
N ILE L 298 -1.42 -32.46 -15.14
CA ILE L 298 -1.52 -31.22 -14.50
C ILE L 298 -0.17 -30.76 -14.15
N LEU L 299 0.82 -31.63 -14.17
CA LEU L 299 2.18 -31.17 -14.10
C LEU L 299 2.96 -31.14 -15.45
N ILE L 300 2.33 -31.53 -16.54
CA ILE L 300 2.88 -31.21 -17.84
C ILE L 300 2.95 -29.77 -17.99
N LEU L 301 1.94 -29.05 -17.52
CA LEU L 301 1.82 -27.53 -17.59
C LEU L 301 2.85 -26.54 -17.00
N ILE L 302 3.46 -26.79 -15.85
CA ILE L 302 4.49 -25.94 -15.26
C ILE L 302 5.76 -26.09 -16.03
N LEU L 303 5.82 -27.07 -16.90
CA LEU L 303 6.99 -27.32 -17.72
C LEU L 303 6.96 -26.59 -19.04
N MET L 304 5.95 -25.75 -19.22
CA MET L 304 5.83 -25.07 -20.45
C MET L 304 5.95 -23.56 -20.49
N PRO L 305 6.39 -22.92 -19.45
CA PRO L 305 6.93 -21.58 -19.76
C PRO L 305 8.35 -21.58 -20.38
N MET L 306 9.24 -22.41 -19.88
CA MET L 306 10.59 -22.58 -20.48
C MET L 306 10.75 -23.83 -21.32
N LEU L 307 10.00 -23.89 -22.42
CA LEU L 307 10.16 -24.44 -23.75
C LEU L 307 9.81 -23.45 -24.86
N HIS L 308 9.51 -22.20 -24.50
CA HIS L 308 9.24 -21.16 -25.49
C HIS L 308 10.46 -20.92 -26.36
N THR L 309 10.24 -20.80 -27.67
CA THR L 309 11.38 -20.69 -28.57
C THR L 309 11.06 -19.71 -29.71
N SER L 310 10.08 -18.83 -29.56
CA SER L 310 9.84 -17.78 -30.54
C SER L 310 10.29 -16.41 -30.04
N LYS L 311 10.25 -15.45 -30.95
CA LYS L 311 10.72 -14.10 -30.71
C LYS L 311 9.59 -13.12 -30.46
N GLN L 312 8.35 -13.53 -30.73
CA GLN L 312 7.17 -12.67 -30.69
C GLN L 312 6.20 -13.29 -29.74
N ARG L 313 5.21 -12.53 -29.30
CA ARG L 313 4.20 -13.04 -28.36
C ARG L 313 2.82 -13.13 -29.02
N SER L 314 2.19 -14.28 -28.86
CA SER L 314 0.85 -14.57 -29.38
C SER L 314 0.89 -15.19 -30.78
N MET L 315 -0.20 -15.86 -31.16
CA MET L 315 -0.28 -16.53 -32.45
C MET L 315 -0.84 -15.65 -33.56
N MET L 316 -1.26 -14.43 -33.22
CA MET L 316 -1.87 -13.55 -34.20
C MET L 316 -0.95 -13.31 -35.39
N PHE L 317 0.34 -13.15 -35.11
CA PHE L 317 1.35 -12.93 -36.15
C PHE L 317 2.14 -14.19 -36.48
N ARG L 318 1.61 -15.36 -36.18
CA ARG L 318 2.32 -16.62 -36.36
C ARG L 318 1.43 -17.63 -37.07
N PRO L 319 1.18 -17.43 -38.37
CA PRO L 319 0.11 -18.20 -39.04
C PRO L 319 0.40 -19.67 -39.24
N LEU L 320 1.63 -20.11 -39.02
CA LEU L 320 1.97 -21.52 -39.20
C LEU L 320 1.84 -22.32 -37.92
N SER L 321 1.99 -21.67 -36.77
CA SER L 321 1.73 -22.34 -35.49
C SER L 321 0.24 -22.47 -35.21
N GLN L 322 -0.60 -21.65 -35.84
CA GLN L 322 -2.04 -21.73 -35.62
C GLN L 322 -2.60 -23.07 -36.06
N CYS L 323 -1.88 -23.80 -36.92
CA CYS L 323 -2.34 -25.13 -37.31
C CYS L 323 -2.22 -26.11 -36.16
N LEU L 324 -1.13 -26.06 -35.40
CA LEU L 324 -0.87 -27.05 -34.36
C LEU L 324 -1.72 -26.84 -33.12
N PHE L 325 -2.26 -25.65 -32.89
CA PHE L 325 -3.11 -25.38 -31.75
C PHE L 325 -4.52 -25.94 -31.92
N TRP L 326 -4.98 -26.16 -33.15
CA TRP L 326 -6.28 -26.74 -33.42
C TRP L 326 -6.24 -28.26 -33.59
N MET L 327 -5.06 -28.87 -33.65
CA MET L 327 -4.95 -30.31 -33.50
C MET L 327 -4.71 -30.72 -32.07
N LEU L 328 -4.67 -29.76 -31.14
CA LEU L 328 -4.65 -30.08 -29.72
C LEU L 328 -6.08 -30.26 -29.19
N VAL L 329 -6.98 -29.34 -29.53
CA VAL L 329 -8.34 -29.41 -29.02
C VAL L 329 -9.10 -30.56 -29.67
N ALA L 330 -8.89 -30.82 -30.95
CA ALA L 330 -9.53 -31.98 -31.57
C ALA L 330 -9.02 -33.27 -30.94
N ASP L 331 -7.75 -33.30 -30.54
CA ASP L 331 -7.22 -34.42 -29.78
C ASP L 331 -8.00 -34.61 -28.48
N LEU L 332 -8.23 -33.52 -27.74
CA LEU L 332 -8.96 -33.63 -26.49
C LEU L 332 -10.44 -33.92 -26.68
N ILE L 333 -10.96 -33.76 -27.89
CA ILE L 333 -12.36 -34.14 -28.16
C ILE L 333 -12.49 -35.60 -28.57
N THR L 334 -11.60 -36.10 -29.44
CA THR L 334 -11.60 -37.54 -29.70
C THR L 334 -11.30 -38.33 -28.44
N LEU L 335 -10.44 -37.79 -27.57
CA LEU L 335 -10.05 -38.50 -26.37
C LEU L 335 -11.16 -38.55 -25.34
N THR L 336 -12.14 -37.65 -25.42
CA THR L 336 -13.32 -37.74 -24.58
C THR L 336 -14.43 -38.55 -25.24
N TRP L 337 -14.43 -38.66 -26.57
CA TRP L 337 -15.38 -39.61 -27.17
C TRP L 337 -14.99 -41.05 -26.85
N ILE L 338 -13.69 -41.35 -26.80
CA ILE L 338 -13.28 -42.72 -26.47
C ILE L 338 -13.81 -43.17 -25.12
N GLY L 339 -13.62 -42.36 -24.08
CA GLY L 339 -13.62 -42.88 -22.72
C GLY L 339 -14.95 -43.45 -22.26
N GLY L 340 -16.02 -42.69 -22.41
CA GLY L 340 -17.29 -43.13 -21.89
C GLY L 340 -17.99 -44.16 -22.78
N GLN L 341 -17.36 -45.32 -22.96
CA GLN L 341 -17.83 -46.27 -23.95
C GLN L 341 -17.11 -47.60 -23.75
N PRO L 342 -17.78 -48.73 -23.95
CA PRO L 342 -17.15 -50.03 -23.69
C PRO L 342 -15.95 -50.29 -24.58
N VAL L 343 -15.21 -51.34 -24.23
CA VAL L 343 -13.94 -51.63 -24.89
C VAL L 343 -14.19 -52.54 -26.09
N GLU L 344 -13.79 -52.07 -27.27
CA GLU L 344 -13.89 -52.86 -28.50
C GLU L 344 -12.58 -52.83 -29.27
N HIS L 345 -12.62 -53.28 -30.53
CA HIS L 345 -11.39 -53.46 -31.29
C HIS L 345 -10.62 -52.16 -31.52
N PRO L 346 -11.16 -51.14 -32.19
CA PRO L 346 -10.36 -49.94 -32.47
C PRO L 346 -10.23 -48.97 -31.31
N PHE L 347 -11.08 -49.11 -30.29
CA PHE L 347 -11.04 -48.15 -29.20
C PHE L 347 -9.68 -48.15 -28.51
N ILE L 348 -9.14 -49.34 -28.25
CA ILE L 348 -7.82 -49.45 -27.65
C ILE L 348 -6.68 -48.89 -28.52
N ILE L 349 -6.69 -49.24 -29.80
CA ILE L 349 -5.68 -48.77 -30.75
C ILE L 349 -5.74 -47.26 -30.96
N ILE L 350 -6.96 -46.75 -31.06
CA ILE L 350 -7.25 -45.33 -31.31
C ILE L 350 -7.11 -44.47 -30.04
N GLY L 351 -7.79 -44.74 -28.97
CA GLY L 351 -7.46 -43.96 -27.79
C GLY L 351 -5.97 -43.84 -27.51
N GLN L 352 -5.20 -44.85 -27.94
CA GLN L 352 -3.77 -44.86 -27.70
C GLN L 352 -3.04 -43.71 -28.39
N LEU L 353 -3.47 -43.41 -29.62
CA LEU L 353 -2.83 -42.37 -30.41
C LEU L 353 -2.95 -41.01 -29.73
N ALA L 354 -4.13 -40.74 -29.16
CA ALA L 354 -4.35 -39.48 -28.48
C ALA L 354 -3.40 -39.35 -27.30
N SER L 355 -3.21 -40.44 -26.57
CA SER L 355 -2.29 -40.45 -25.44
C SER L 355 -0.85 -40.20 -25.90
N ILE L 356 -0.46 -40.85 -27.00
CA ILE L 356 0.88 -40.64 -27.54
C ILE L 356 1.08 -39.21 -28.02
N LEU L 357 0.03 -38.66 -28.64
CA LEU L 357 0.05 -37.29 -29.25
C LEU L 357 -0.15 -36.10 -28.34
N TYR L 358 -0.96 -36.19 -27.29
CA TYR L 358 -1.11 -35.02 -26.39
C TYR L 358 0.31 -34.63 -25.93
N PHE L 359 1.22 -35.57 -26.08
CA PHE L 359 2.58 -35.35 -25.61
C PHE L 359 3.53 -35.00 -26.74
N LEU L 360 3.36 -35.61 -27.91
CA LEU L 360 4.23 -35.31 -29.04
C LEU L 360 3.93 -33.95 -29.66
N ILE L 361 2.78 -33.34 -29.38
CA ILE L 361 2.45 -32.03 -29.94
C ILE L 361 3.18 -30.92 -29.19
N ILE L 362 3.08 -30.93 -27.86
CA ILE L 362 3.60 -29.83 -27.06
C ILE L 362 4.90 -30.19 -26.36
N LEU L 363 5.47 -31.37 -26.64
CA LEU L 363 6.78 -31.70 -26.09
C LEU L 363 7.89 -31.68 -27.12
N VAL L 364 7.67 -32.25 -28.30
CA VAL L 364 8.67 -32.20 -29.35
C VAL L 364 8.28 -31.10 -30.33
N LEU L 365 7.06 -31.18 -30.86
CA LEU L 365 6.73 -30.42 -32.06
C LEU L 365 6.73 -28.91 -31.82
N MET L 366 6.09 -28.44 -30.77
CA MET L 366 5.89 -27.00 -30.69
C MET L 366 7.17 -26.21 -30.39
N PRO L 367 8.16 -26.78 -29.71
CA PRO L 367 9.43 -26.07 -29.60
C PRO L 367 10.38 -26.22 -30.80
N ILE L 368 10.11 -27.15 -31.71
CA ILE L 368 10.96 -27.32 -32.88
C ILE L 368 10.35 -26.71 -34.14
N THR L 369 9.05 -26.40 -34.12
CA THR L 369 8.42 -25.74 -35.25
C THR L 369 8.30 -24.24 -35.05
N SER L 370 8.84 -23.69 -33.97
CA SER L 370 8.89 -22.27 -33.74
C SER L 370 10.20 -21.64 -34.16
N ILE L 371 11.12 -22.41 -34.75
CA ILE L 371 12.38 -21.92 -35.28
C ILE L 371 12.35 -21.88 -36.80
N ILE L 372 11.68 -22.86 -37.40
CA ILE L 372 11.48 -22.88 -38.84
C ILE L 372 10.89 -21.57 -39.33
N GLU L 373 10.15 -20.87 -38.46
CA GLU L 373 9.59 -19.57 -38.81
C GLU L 373 10.37 -18.39 -38.25
N ASN L 374 11.15 -18.59 -37.17
CA ASN L 374 12.13 -17.57 -36.78
C ASN L 374 13.12 -17.32 -37.90
N ASN L 375 13.50 -18.37 -38.61
CA ASN L 375 14.46 -18.29 -39.69
C ASN L 375 13.91 -17.55 -40.91
N LEU L 376 12.61 -17.23 -40.91
CA LEU L 376 11.96 -16.69 -42.09
C LEU L 376 11.73 -15.19 -42.04
N LEU L 377 11.58 -14.61 -40.84
CA LEU L 377 11.51 -13.16 -40.68
C LEU L 377 12.81 -12.58 -40.15
N LYS L 378 13.88 -13.38 -40.10
CA LYS L 378 15.14 -12.98 -39.48
C LYS L 378 14.92 -12.43 -38.07
N TRP L 379 13.97 -13.04 -37.37
CA TRP L 379 13.68 -12.82 -35.95
C TRP L 379 12.79 -11.63 -35.68
N THR M 86 -22.57 -60.26 -25.34
CA THR M 86 -22.22 -60.32 -26.75
C THR M 86 -23.46 -60.55 -27.62
N ASP M 87 -24.55 -59.88 -27.26
CA ASP M 87 -25.82 -60.10 -27.94
C ASP M 87 -26.41 -58.75 -28.32
N LEU M 88 -27.63 -58.76 -28.86
CA LEU M 88 -28.32 -57.57 -29.32
C LEU M 88 -29.36 -57.12 -28.30
N GLU M 89 -29.96 -55.97 -28.58
CA GLU M 89 -31.04 -55.44 -27.77
C GLU M 89 -32.00 -54.66 -28.67
N LEU M 90 -33.20 -54.45 -28.16
CA LEU M 90 -34.30 -53.91 -28.93
C LEU M 90 -34.65 -52.52 -28.39
N HIS M 91 -34.13 -51.48 -29.03
CA HIS M 91 -34.35 -50.12 -28.56
C HIS M 91 -35.77 -49.67 -28.93
N ALA M 92 -36.50 -49.19 -27.94
CA ALA M 92 -37.91 -48.91 -28.11
C ALA M 92 -38.12 -47.75 -29.09
N PRO M 93 -39.24 -47.75 -29.82
CA PRO M 93 -39.50 -46.64 -30.73
C PRO M 93 -39.95 -45.39 -30.00
N SER M 94 -40.39 -44.38 -30.74
CA SER M 94 -40.88 -43.14 -30.17
C SER M 94 -42.35 -42.95 -30.52
N TYR M 95 -43.08 -42.28 -29.64
CA TYR M 95 -44.49 -42.04 -29.85
C TYR M 95 -44.81 -40.58 -29.60
N PRO M 96 -45.78 -40.02 -30.33
CA PRO M 96 -46.16 -38.62 -30.10
C PRO M 96 -46.90 -38.45 -28.77
N TRP M 97 -46.17 -38.57 -27.67
CA TRP M 97 -46.80 -38.52 -26.36
C TRP M 97 -47.46 -37.17 -26.13
N SER M 98 -48.56 -37.19 -25.38
CA SER M 98 -49.37 -35.98 -25.26
C SER M 98 -48.69 -34.92 -24.41
N HIS M 99 -47.63 -35.28 -23.69
CA HIS M 99 -46.89 -34.36 -22.85
C HIS M 99 -45.46 -34.14 -23.32
N ARG M 100 -45.17 -34.47 -24.58
CA ARG M 100 -43.80 -34.49 -25.07
C ARG M 100 -43.25 -33.13 -25.45
N GLY M 101 -44.09 -32.11 -25.57
CA GLY M 101 -43.63 -30.83 -26.08
C GLY M 101 -42.80 -30.08 -25.05
N LEU M 102 -42.42 -28.85 -25.44
CA LEU M 102 -41.74 -27.96 -24.51
C LEU M 102 -42.73 -27.20 -23.66
N LEU M 103 -43.86 -26.79 -24.22
CA LEU M 103 -44.81 -25.91 -23.57
C LEU M 103 -46.15 -26.60 -23.36
N SER M 104 -46.12 -27.91 -23.17
CA SER M 104 -47.31 -28.73 -23.06
C SER M 104 -47.61 -29.00 -21.57
N SER M 105 -48.56 -29.90 -21.33
CA SER M 105 -49.05 -30.15 -19.97
C SER M 105 -49.30 -31.64 -19.80
N LEU M 106 -50.02 -31.98 -18.73
CA LEU M 106 -50.40 -33.35 -18.40
C LEU M 106 -51.91 -33.50 -18.46
N ASP M 107 -52.37 -34.53 -19.17
CA ASP M 107 -53.77 -34.89 -19.14
C ASP M 107 -54.12 -35.38 -17.75
N HIS M 108 -54.90 -34.60 -17.01
CA HIS M 108 -55.22 -34.90 -15.62
C HIS M 108 -56.45 -35.79 -15.47
N THR M 109 -56.87 -36.46 -16.53
CA THR M 109 -57.89 -37.49 -16.45
C THR M 109 -57.32 -38.89 -16.66
N SER M 110 -56.14 -39.00 -17.24
CA SER M 110 -55.53 -40.32 -17.43
C SER M 110 -54.95 -40.85 -16.13
N ILE M 111 -54.39 -39.97 -15.29
CA ILE M 111 -53.75 -40.41 -14.06
C ILE M 111 -54.78 -40.94 -13.07
N ARG M 112 -55.91 -40.23 -12.96
CA ARG M 112 -57.03 -40.68 -12.13
C ARG M 112 -57.42 -42.11 -12.47
N ARG M 113 -57.57 -42.39 -13.75
CA ARG M 113 -57.98 -43.73 -14.17
C ARG M 113 -56.84 -44.74 -14.05
N GLY M 114 -55.58 -44.31 -14.10
CA GLY M 114 -54.48 -45.21 -13.87
C GLY M 114 -54.31 -45.62 -12.43
N PHE M 115 -54.79 -44.81 -11.50
CA PHE M 115 -54.67 -45.18 -10.08
C PHE M 115 -55.46 -46.45 -9.75
N GLN M 116 -56.70 -46.57 -10.23
CA GLN M 116 -57.47 -47.79 -9.98
C GLN M 116 -56.79 -48.99 -10.61
N VAL M 117 -56.24 -48.82 -11.81
CA VAL M 117 -55.52 -49.92 -12.45
C VAL M 117 -54.40 -50.39 -11.56
N TYR M 118 -53.56 -49.45 -11.08
CA TYR M 118 -52.48 -49.84 -10.19
C TYR M 118 -53.02 -50.58 -8.97
N LYS M 119 -54.05 -50.03 -8.32
CA LYS M 119 -54.51 -50.60 -7.06
C LYS M 119 -55.10 -52.00 -7.26
N GLN M 120 -56.16 -52.11 -8.06
CA GLN M 120 -56.82 -53.40 -8.24
C GLN M 120 -55.92 -54.42 -8.94
N VAL M 121 -55.30 -54.03 -10.06
CA VAL M 121 -54.58 -54.99 -10.88
C VAL M 121 -53.22 -55.32 -10.28
N CYS M 122 -52.37 -54.31 -10.14
CA CYS M 122 -50.94 -54.56 -9.98
C CYS M 122 -50.41 -54.24 -8.60
N SER M 123 -51.19 -53.69 -7.68
CA SER M 123 -50.56 -53.19 -6.47
C SER M 123 -50.25 -54.28 -5.43
N SER M 124 -49.40 -55.23 -5.81
CA SER M 124 -48.91 -56.24 -4.88
C SER M 124 -47.38 -56.42 -4.78
N CYS M 125 -46.69 -56.25 -5.90
CA CYS M 125 -45.28 -56.66 -6.02
C CYS M 125 -44.18 -55.62 -5.78
N HIS M 126 -44.56 -54.39 -5.47
CA HIS M 126 -43.61 -53.29 -5.34
C HIS M 126 -44.03 -52.51 -4.10
N SER M 127 -43.26 -51.48 -3.73
CA SER M 127 -43.53 -50.79 -2.47
C SER M 127 -44.35 -49.50 -2.59
N MET M 128 -43.95 -48.64 -3.52
CA MET M 128 -44.61 -47.35 -3.68
C MET M 128 -44.55 -46.59 -2.35
N ASP M 129 -43.44 -46.76 -1.64
CA ASP M 129 -43.28 -46.22 -0.29
C ASP M 129 -43.30 -44.69 -0.20
N TYR M 130 -42.66 -44.01 -1.15
CA TYR M 130 -42.45 -42.58 -1.07
C TYR M 130 -43.71 -41.78 -1.34
N VAL M 131 -44.77 -42.42 -1.81
CA VAL M 131 -46.01 -41.74 -2.18
C VAL M 131 -47.03 -41.98 -1.07
N ALA M 132 -47.37 -40.94 -0.34
CA ALA M 132 -48.33 -41.04 0.74
C ALA M 132 -49.75 -40.95 0.16
N TYR M 133 -50.74 -40.80 1.02
CA TYR M 133 -52.12 -40.64 0.58
C TYR M 133 -52.51 -39.17 0.41
N ARG M 134 -51.62 -38.25 0.74
CA ARG M 134 -51.88 -36.82 0.58
C ARG M 134 -51.51 -36.29 -0.78
N HIS M 135 -50.82 -37.08 -1.61
CA HIS M 135 -50.23 -36.59 -2.83
C HIS M 135 -51.16 -36.69 -4.04
N LEU M 136 -52.36 -37.23 -3.87
CA LEU M 136 -53.27 -37.41 -4.99
C LEU M 136 -54.40 -36.40 -5.00
N VAL M 137 -54.58 -35.64 -3.91
CA VAL M 137 -55.71 -34.72 -3.80
C VAL M 137 -55.59 -33.57 -4.79
N GLY M 138 -54.38 -33.10 -5.05
CA GLY M 138 -54.19 -32.06 -6.04
C GLY M 138 -54.02 -32.54 -7.46
N VAL M 139 -54.05 -33.85 -7.67
CA VAL M 139 -53.77 -34.46 -8.97
C VAL M 139 -54.97 -35.25 -9.47
N CYS M 140 -55.48 -36.18 -8.66
CA CYS M 140 -56.43 -37.19 -9.14
C CYS M 140 -57.80 -37.12 -8.48
N TYR M 141 -57.88 -36.89 -7.17
CA TYR M 141 -59.12 -37.02 -6.43
C TYR M 141 -59.37 -35.80 -5.57
N THR M 142 -60.60 -35.66 -5.11
CA THR M 142 -60.96 -34.65 -4.12
C THR M 142 -60.81 -35.24 -2.72
N GLU M 143 -60.61 -34.35 -1.73
CA GLU M 143 -60.20 -34.79 -0.39
C GLU M 143 -61.25 -35.71 0.24
N GLU M 144 -62.52 -35.27 0.26
CA GLU M 144 -63.57 -36.12 0.78
C GLU M 144 -63.78 -37.34 -0.10
N GLU M 145 -63.37 -37.27 -1.37
CA GLU M 145 -63.32 -38.45 -2.22
C GLU M 145 -62.07 -39.28 -1.97
N ALA M 146 -61.05 -38.70 -1.34
CA ALA M 146 -59.77 -39.36 -1.20
C ALA M 146 -59.64 -40.14 0.10
N LYS M 147 -60.24 -39.65 1.20
CA LYS M 147 -60.08 -40.32 2.48
C LYS M 147 -60.66 -41.73 2.46
N ALA M 148 -61.75 -41.93 1.72
CA ALA M 148 -62.42 -43.23 1.71
C ALA M 148 -61.61 -44.31 1.02
N LEU M 149 -60.60 -43.94 0.24
CA LEU M 149 -59.75 -44.96 -0.39
C LEU M 149 -58.85 -45.62 0.64
N ALA M 150 -58.26 -44.85 1.55
CA ALA M 150 -57.32 -45.41 2.51
C ALA M 150 -58.02 -46.27 3.56
N GLU M 151 -59.30 -46.01 3.81
CA GLU M 151 -60.01 -46.72 4.88
C GLU M 151 -60.10 -48.21 4.62
N GLU M 152 -60.29 -48.60 3.36
CA GLU M 152 -60.55 -50.00 3.03
C GLU M 152 -59.40 -50.90 3.46
N VAL M 153 -58.16 -50.47 3.21
CA VAL M 153 -56.98 -51.26 3.56
C VAL M 153 -56.58 -50.86 4.98
N GLU M 154 -56.83 -51.75 5.93
CA GLU M 154 -56.42 -51.55 7.30
C GLU M 154 -55.06 -52.20 7.55
N VAL M 155 -54.26 -51.57 8.43
CA VAL M 155 -52.88 -51.95 8.65
C VAL M 155 -52.60 -51.98 10.13
N GLN M 156 -51.53 -52.70 10.50
CA GLN M 156 -51.08 -52.72 11.88
C GLN M 156 -50.58 -51.34 12.29
N ASP M 157 -50.73 -51.02 13.56
CA ASP M 157 -50.22 -49.78 14.13
C ASP M 157 -49.12 -50.09 15.13
N GLY M 158 -48.58 -49.04 15.73
CA GLY M 158 -47.39 -49.14 16.54
C GLY M 158 -47.69 -49.51 17.97
N PRO M 159 -46.63 -49.82 18.71
CA PRO M 159 -46.79 -50.18 20.12
C PRO M 159 -47.26 -49.00 20.95
N ASN M 160 -48.03 -49.30 21.99
CA ASN M 160 -48.49 -48.32 22.96
C ASN M 160 -48.92 -49.08 24.22
N GLU M 161 -49.53 -48.37 25.16
CA GLU M 161 -49.83 -48.94 26.46
C GLU M 161 -51.18 -49.66 26.40
N ASP M 162 -51.24 -50.87 26.94
CA ASP M 162 -52.49 -51.62 26.98
C ASP M 162 -53.11 -51.86 25.61
N GLY M 163 -52.34 -52.50 24.72
CA GLY M 163 -52.78 -52.76 23.37
C GLY M 163 -51.77 -52.33 22.32
N GLU M 164 -50.50 -52.59 22.61
CA GLU M 164 -49.42 -52.34 21.67
C GLU M 164 -49.57 -53.25 20.44
N MET M 165 -49.22 -52.70 19.28
CA MET M 165 -49.38 -53.39 17.99
C MET M 165 -50.82 -53.88 17.79
N PHE M 166 -51.71 -52.90 17.73
CA PHE M 166 -53.14 -53.12 17.56
C PHE M 166 -53.56 -52.65 16.18
N MET M 167 -54.67 -53.20 15.70
CA MET M 167 -55.20 -52.83 14.39
C MET M 167 -55.95 -51.50 14.48
N ARG M 168 -56.00 -50.80 13.36
CA ARG M 168 -56.54 -49.45 13.32
C ARG M 168 -57.02 -49.18 11.89
N PRO M 169 -58.03 -48.31 11.71
CA PRO M 169 -58.54 -48.08 10.35
C PRO M 169 -57.53 -47.46 9.39
N GLY M 170 -56.91 -46.34 9.78
CA GLY M 170 -55.94 -45.69 8.92
C GLY M 170 -56.21 -44.21 8.76
N LYS M 171 -55.17 -43.46 8.41
CA LYS M 171 -55.24 -42.01 8.29
C LYS M 171 -54.61 -41.58 6.97
N LEU M 172 -54.71 -40.28 6.68
CA LEU M 172 -54.27 -39.72 5.40
C LEU M 172 -52.76 -39.80 5.16
N SER M 173 -51.99 -39.51 6.19
CA SER M 173 -50.54 -39.39 6.08
C SER M 173 -49.83 -40.67 5.67
N ASP M 174 -50.28 -41.79 6.22
CA ASP M 174 -49.55 -43.05 6.12
C ASP M 174 -49.17 -43.33 4.66
N TYR M 175 -48.11 -44.10 4.50
CA TYR M 175 -47.58 -44.45 3.19
C TYR M 175 -48.31 -45.67 2.65
N PHE M 176 -48.11 -45.95 1.36
CA PHE M 176 -48.82 -47.05 0.73
C PHE M 176 -48.42 -48.38 1.36
N PRO M 177 -49.39 -49.19 1.81
CA PRO M 177 -49.07 -50.40 2.57
C PRO M 177 -48.22 -51.38 1.77
N LYS M 178 -47.14 -51.82 2.39
CA LYS M 178 -46.23 -52.76 1.75
C LYS M 178 -46.91 -54.12 1.58
N PRO M 179 -46.61 -54.84 0.51
CA PRO M 179 -47.23 -56.15 0.30
C PRO M 179 -46.56 -57.27 1.06
N TYR M 180 -45.24 -57.20 1.18
CA TYR M 180 -44.42 -58.32 1.65
C TYR M 180 -43.74 -57.97 2.97
N PRO M 181 -43.41 -58.98 3.78
CA PRO M 181 -42.69 -58.70 5.04
C PRO M 181 -41.27 -58.17 4.82
N ASN M 182 -40.45 -58.94 4.12
CA ASN M 182 -39.01 -58.71 4.13
C ASN M 182 -38.34 -59.30 2.89
N PRO M 183 -37.05 -59.04 2.66
CA PRO M 183 -36.41 -59.55 1.44
C PRO M 183 -36.45 -61.06 1.29
N GLU M 184 -36.36 -61.82 2.38
CA GLU M 184 -36.23 -63.27 2.26
C GLU M 184 -37.53 -63.91 1.77
N ALA M 185 -38.67 -63.49 2.32
CA ALA M 185 -39.95 -64.03 1.87
C ALA M 185 -40.21 -63.63 0.42
N ALA M 186 -39.85 -62.40 0.06
CA ALA M 186 -40.01 -61.96 -1.32
C ALA M 186 -39.17 -62.82 -2.26
N ARG M 187 -37.93 -63.12 -1.88
CA ARG M 187 -37.10 -64.00 -2.70
C ARG M 187 -37.73 -65.39 -2.81
N ALA M 188 -38.22 -65.92 -1.68
CA ALA M 188 -38.74 -67.28 -1.67
C ALA M 188 -39.98 -67.41 -2.54
N ALA M 189 -40.89 -66.43 -2.46
CA ALA M 189 -42.18 -66.57 -3.15
C ALA M 189 -42.07 -66.42 -4.66
N ASN M 190 -41.06 -65.72 -5.16
CA ASN M 190 -40.98 -65.34 -6.57
C ASN M 190 -39.60 -65.63 -7.15
N ASN M 191 -39.11 -66.86 -6.94
CA ASN M 191 -37.93 -67.38 -7.62
C ASN M 191 -36.67 -66.58 -7.27
N GLY M 192 -36.46 -66.36 -5.97
CA GLY M 192 -35.21 -65.80 -5.47
C GLY M 192 -34.82 -64.46 -6.03
N ALA M 193 -35.68 -63.85 -6.86
CA ALA M 193 -35.37 -62.58 -7.51
C ALA M 193 -36.27 -61.50 -6.90
N LEU M 194 -35.67 -60.43 -6.40
CA LEU M 194 -36.44 -59.36 -5.81
C LEU M 194 -37.24 -58.62 -6.88
N PRO M 195 -38.47 -58.22 -6.58
CA PRO M 195 -39.20 -57.32 -7.45
C PRO M 195 -38.87 -55.88 -7.14
N PRO M 196 -38.40 -55.11 -8.11
CA PRO M 196 -38.09 -53.70 -7.85
C PRO M 196 -39.30 -52.92 -7.36
N ASP M 197 -39.06 -52.02 -6.41
CA ASP M 197 -40.10 -51.14 -5.89
C ASP M 197 -40.26 -49.98 -6.85
N LEU M 198 -41.46 -49.78 -7.36
CA LEU M 198 -41.66 -48.80 -8.41
C LEU M 198 -41.86 -47.40 -7.85
N SER M 199 -40.80 -46.77 -7.37
CA SER M 199 -40.84 -45.35 -7.08
C SER M 199 -39.89 -44.54 -7.96
N TYR M 200 -38.74 -45.11 -8.30
CA TYR M 200 -37.84 -44.53 -9.31
C TYR M 200 -37.65 -45.46 -10.49
N ILE M 201 -38.65 -46.30 -10.79
CA ILE M 201 -38.48 -47.28 -11.86
C ILE M 201 -38.48 -46.60 -13.23
N VAL M 202 -39.09 -45.42 -13.33
CA VAL M 202 -39.16 -44.75 -14.62
C VAL M 202 -37.88 -43.97 -14.92
N ARG M 203 -37.43 -43.11 -14.00
CA ARG M 203 -36.25 -42.30 -14.26
C ARG M 203 -34.99 -43.14 -14.43
N ALA M 204 -34.98 -44.36 -13.93
CA ALA M 204 -33.76 -45.18 -13.86
C ALA M 204 -33.74 -46.22 -14.96
N ARG M 205 -34.27 -45.86 -16.13
CA ARG M 205 -34.27 -46.74 -17.28
C ARG M 205 -33.85 -45.96 -18.51
N HIS M 206 -32.84 -46.47 -19.22
CA HIS M 206 -32.39 -45.83 -20.44
C HIS M 206 -33.51 -45.88 -21.47
N GLY M 207 -34.11 -44.73 -21.73
CA GLY M 207 -35.39 -44.68 -22.40
C GLY M 207 -36.35 -43.85 -21.57
N GLY M 208 -37.42 -44.47 -21.06
CA GLY M 208 -38.33 -43.77 -20.20
C GLY M 208 -39.76 -44.24 -20.33
N GLU M 209 -40.70 -43.30 -20.43
CA GLU M 209 -42.11 -43.68 -20.57
C GLU M 209 -42.38 -44.49 -21.83
N ASP M 210 -41.61 -44.26 -22.90
CA ASP M 210 -41.84 -45.00 -24.15
C ASP M 210 -41.42 -46.46 -24.04
N TYR M 211 -40.26 -46.70 -23.41
CA TYR M 211 -39.80 -48.05 -23.16
C TYR M 211 -40.77 -48.79 -22.26
N VAL M 212 -41.29 -48.09 -21.25
CA VAL M 212 -42.26 -48.67 -20.33
C VAL M 212 -43.53 -49.04 -21.07
N PHE M 213 -43.99 -48.18 -21.99
CA PHE M 213 -45.17 -48.51 -22.75
C PHE M 213 -44.94 -49.71 -23.67
N SER M 214 -43.75 -49.84 -24.24
CA SER M 214 -43.50 -50.97 -25.13
C SER M 214 -43.41 -52.28 -24.36
N LEU M 215 -42.68 -52.29 -23.23
CA LEU M 215 -42.46 -53.52 -22.49
C LEU M 215 -43.76 -54.18 -22.06
N LEU M 216 -44.83 -53.40 -21.92
CA LEU M 216 -46.10 -53.94 -21.45
C LEU M 216 -47.08 -54.23 -22.58
N THR M 217 -46.65 -54.17 -23.83
CA THR M 217 -47.49 -54.57 -24.94
C THR M 217 -46.89 -55.71 -25.75
N GLY M 218 -45.65 -55.58 -26.19
CA GLY M 218 -45.11 -56.51 -27.17
C GLY M 218 -44.53 -57.79 -26.63
N TYR M 219 -45.40 -58.69 -26.14
CA TYR M 219 -44.97 -60.04 -25.78
C TYR M 219 -45.12 -60.95 -26.98
N CYS M 220 -44.22 -61.94 -27.08
CA CYS M 220 -44.27 -62.89 -28.18
C CYS M 220 -43.86 -64.27 -27.68
N GLU M 221 -44.37 -65.28 -28.39
CA GLU M 221 -44.02 -66.66 -28.12
C GLU M 221 -42.54 -66.90 -28.44
N PRO M 222 -41.90 -67.87 -27.79
CA PRO M 222 -40.46 -68.03 -27.97
C PRO M 222 -40.12 -68.60 -29.33
N PRO M 223 -38.96 -68.27 -29.86
CA PRO M 223 -38.57 -68.81 -31.18
C PRO M 223 -38.26 -70.30 -31.14
N THR M 224 -37.82 -70.84 -32.27
CA THR M 224 -37.43 -72.24 -32.33
C THR M 224 -35.99 -72.43 -31.90
N GLY M 225 -35.73 -73.58 -31.28
CA GLY M 225 -34.38 -73.95 -30.92
C GLY M 225 -33.79 -73.23 -29.73
N VAL M 226 -34.60 -72.54 -28.94
CA VAL M 226 -34.13 -71.80 -27.77
C VAL M 226 -34.67 -72.47 -26.52
N SER M 227 -33.78 -72.71 -25.56
CA SER M 227 -34.15 -73.29 -24.27
C SER M 227 -34.59 -72.18 -23.33
N LEU M 228 -35.45 -72.53 -22.37
CA LEU M 228 -35.95 -71.55 -21.42
C LEU M 228 -36.27 -72.24 -20.11
N ARG M 229 -36.30 -71.44 -19.04
CA ARG M 229 -36.62 -71.96 -17.72
C ARG M 229 -38.13 -72.21 -17.60
N GLU M 230 -38.48 -73.10 -16.67
CA GLU M 230 -39.89 -73.42 -16.44
C GLU M 230 -40.67 -72.21 -15.94
N GLY M 231 -40.09 -71.46 -15.01
CA GLY M 231 -40.73 -70.26 -14.51
C GLY M 231 -40.52 -69.02 -15.34
N LEU M 232 -39.82 -69.15 -16.46
CA LEU M 232 -39.45 -68.01 -17.29
C LEU M 232 -40.33 -67.94 -18.53
N TYR M 233 -40.69 -66.72 -18.91
CA TYR M 233 -41.58 -66.47 -20.03
C TYR M 233 -40.91 -65.53 -21.03
N PHE M 234 -41.13 -65.79 -22.32
CA PHE M 234 -40.36 -65.10 -23.34
C PHE M 234 -40.82 -63.66 -23.51
N ASN M 235 -39.85 -62.74 -23.53
CA ASN M 235 -40.06 -61.31 -23.75
C ASN M 235 -38.89 -60.74 -24.54
N PRO M 236 -39.13 -60.07 -25.66
CA PRO M 236 -38.03 -59.56 -26.48
C PRO M 236 -37.50 -58.20 -26.05
N TYR M 237 -38.07 -57.55 -25.04
CA TYR M 237 -37.61 -56.24 -24.62
C TYR M 237 -36.61 -56.30 -23.46
N PHE M 238 -36.22 -57.49 -23.04
CA PHE M 238 -35.36 -57.65 -21.87
C PHE M 238 -33.92 -57.94 -22.27
N PRO M 239 -32.93 -57.41 -21.54
CA PRO M 239 -31.53 -57.72 -21.84
C PRO M 239 -31.23 -59.21 -21.82
N GLY M 240 -31.81 -59.94 -20.88
CA GLY M 240 -31.71 -61.39 -20.88
C GLY M 240 -32.66 -62.07 -21.81
N GLN M 241 -33.58 -61.32 -22.44
CA GLN M 241 -34.55 -61.82 -23.41
C GLN M 241 -35.59 -62.73 -22.76
N ALA M 242 -35.67 -62.71 -21.44
CA ALA M 242 -36.64 -63.50 -20.69
C ALA M 242 -36.68 -62.97 -19.27
N ILE M 243 -37.88 -62.91 -18.69
CA ILE M 243 -38.05 -62.41 -17.33
C ILE M 243 -39.23 -63.11 -16.68
N ALA M 244 -39.19 -63.19 -15.35
CA ALA M 244 -40.17 -63.84 -14.48
C ALA M 244 -41.53 -63.16 -14.49
N MET M 245 -41.75 -62.15 -15.33
CA MET M 245 -43.04 -61.48 -15.36
C MET M 245 -44.16 -62.32 -16.03
N ALA M 246 -44.95 -63.04 -15.22
CA ALA M 246 -46.12 -63.71 -15.73
C ALA M 246 -47.11 -62.66 -16.20
N PRO M 247 -47.55 -62.69 -17.46
CA PRO M 247 -48.29 -61.55 -18.03
C PRO M 247 -49.45 -61.13 -17.12
N PRO M 248 -49.37 -59.93 -16.56
CA PRO M 248 -50.45 -59.44 -15.68
C PRO M 248 -51.47 -58.50 -16.33
N ILE M 249 -51.30 -58.16 -17.60
CA ILE M 249 -52.12 -57.14 -18.23
C ILE M 249 -52.68 -57.69 -19.53
N TYR M 250 -54.00 -57.69 -19.66
CA TYR M 250 -54.67 -58.04 -20.91
C TYR M 250 -56.08 -57.47 -20.87
N ASN M 251 -56.87 -57.81 -21.88
CA ASN M 251 -58.15 -57.17 -22.10
C ASN M 251 -59.13 -57.50 -20.97
N GLU M 252 -59.84 -56.47 -20.51
CA GLU M 252 -60.96 -56.61 -19.58
C GLU M 252 -60.58 -57.37 -18.31
N VAL M 253 -59.41 -57.05 -17.78
CA VAL M 253 -59.07 -57.50 -16.44
C VAL M 253 -59.70 -56.59 -15.38
N LEU M 254 -60.03 -55.37 -15.76
CA LEU M 254 -60.54 -54.35 -14.85
C LEU M 254 -61.89 -53.84 -15.39
N GLU M 255 -62.40 -52.79 -14.75
CA GLU M 255 -63.57 -52.07 -15.23
C GLU M 255 -63.37 -50.59 -14.91
N PHE M 256 -63.33 -49.76 -15.93
CA PHE M 256 -63.16 -48.31 -15.75
C PHE M 256 -64.49 -47.69 -15.38
N ASP M 257 -64.55 -47.11 -14.18
CA ASP M 257 -65.80 -46.61 -13.63
C ASP M 257 -66.34 -45.42 -14.42
N ASP M 258 -65.52 -44.78 -15.24
CA ASP M 258 -65.94 -43.56 -15.93
C ASP M 258 -66.79 -43.83 -17.16
N GLY M 259 -66.91 -45.09 -17.59
CA GLY M 259 -67.70 -45.41 -18.77
C GLY M 259 -66.85 -45.54 -20.01
N THR M 260 -65.75 -46.27 -19.90
CA THR M 260 -64.77 -46.40 -20.96
C THR M 260 -64.63 -47.85 -21.38
N PRO M 261 -64.70 -48.16 -22.68
CA PRO M 261 -64.41 -49.53 -23.12
C PRO M 261 -62.96 -49.88 -22.92
N ALA M 262 -62.69 -50.74 -21.94
CA ALA M 262 -61.33 -50.97 -21.43
C ALA M 262 -60.58 -51.92 -22.37
N THR M 263 -59.78 -51.33 -23.24
CA THR M 263 -58.89 -52.12 -24.07
C THR M 263 -57.48 -52.11 -23.48
N MET M 264 -56.73 -53.17 -23.78
CA MET M 264 -55.38 -53.32 -23.24
C MET M 264 -54.52 -52.08 -23.49
N SER M 265 -54.57 -51.54 -24.71
CA SER M 265 -53.75 -50.38 -25.04
C SER M 265 -54.12 -49.19 -24.16
N GLN M 266 -55.41 -48.94 -23.98
CA GLN M 266 -55.81 -47.74 -23.23
C GLN M 266 -55.41 -47.84 -21.76
N VAL M 267 -55.60 -49.02 -21.17
CA VAL M 267 -55.24 -49.17 -19.76
C VAL M 267 -53.73 -49.07 -19.58
N ALA M 268 -52.95 -49.66 -20.49
CA ALA M 268 -51.51 -49.52 -20.40
C ALA M 268 -51.08 -48.05 -20.52
N LYS M 269 -51.71 -47.32 -21.45
CA LYS M 269 -51.38 -45.92 -21.61
C LYS M 269 -51.68 -45.11 -20.36
N ASP M 270 -52.86 -45.33 -19.76
CA ASP M 270 -53.21 -44.63 -18.52
C ASP M 270 -52.24 -44.97 -17.40
N VAL M 271 -51.82 -46.24 -17.32
CA VAL M 271 -50.85 -46.66 -16.32
C VAL M 271 -49.54 -45.91 -16.49
N CYS M 272 -49.03 -45.82 -17.73
CA CYS M 272 -47.77 -45.16 -17.96
C CYS M 272 -47.84 -43.67 -17.62
N THR M 273 -48.94 -43.02 -18.01
CA THR M 273 -49.10 -41.61 -17.69
C THR M 273 -49.17 -41.39 -16.19
N PHE M 274 -49.78 -42.31 -15.45
CA PHE M 274 -49.74 -42.24 -13.99
C PHE M 274 -48.32 -42.40 -13.45
N LEU M 275 -47.60 -43.40 -13.96
CA LEU M 275 -46.32 -43.75 -13.36
C LEU M 275 -45.30 -42.63 -13.51
N ARG M 276 -45.20 -42.03 -14.70
CA ARG M 276 -44.19 -40.98 -14.84
C ARG M 276 -44.48 -39.85 -13.86
N TRP M 277 -45.77 -39.48 -13.74
CA TRP M 277 -46.12 -38.39 -12.82
C TRP M 277 -45.70 -38.74 -11.41
N ALA M 278 -45.86 -40.00 -11.03
CA ALA M 278 -45.39 -40.41 -9.70
C ALA M 278 -43.88 -40.29 -9.58
N SER M 279 -43.16 -40.50 -10.68
CA SER M 279 -41.70 -40.45 -10.62
C SER M 279 -41.17 -39.02 -10.57
N GLU M 280 -41.95 -38.03 -11.00
CA GLU M 280 -41.50 -36.64 -11.01
C GLU M 280 -42.66 -35.66 -11.10
N PRO M 281 -43.25 -35.25 -9.97
CA PRO M 281 -44.47 -34.45 -10.01
C PRO M 281 -44.27 -32.96 -10.33
N GLU M 282 -43.04 -32.45 -10.37
CA GLU M 282 -42.77 -31.04 -10.59
C GLU M 282 -42.84 -30.62 -12.06
N HIS M 283 -43.33 -31.51 -12.94
CA HIS M 283 -43.45 -31.20 -14.35
C HIS M 283 -44.31 -29.97 -14.59
N ASP M 284 -45.49 -29.93 -13.98
CA ASP M 284 -46.47 -28.90 -14.32
C ASP M 284 -46.15 -27.55 -13.71
N HIS M 285 -45.48 -27.52 -12.57
CA HIS M 285 -45.07 -26.28 -11.92
C HIS M 285 -43.75 -25.76 -12.45
N ARG M 286 -43.10 -26.50 -13.37
CA ARG M 286 -41.81 -26.13 -13.95
C ARG M 286 -41.96 -25.33 -15.22
N LYS M 287 -42.72 -25.85 -16.17
CA LYS M 287 -42.95 -25.26 -17.48
C LYS M 287 -43.75 -23.97 -17.44
N ARG M 288 -44.11 -23.47 -16.26
CA ARG M 288 -44.76 -22.16 -16.16
C ARG M 288 -43.81 -21.06 -15.71
N MET M 289 -42.95 -21.32 -14.72
CA MET M 289 -41.88 -20.38 -14.46
C MET M 289 -40.87 -20.37 -15.59
N GLY M 290 -40.64 -21.51 -16.24
CA GLY M 290 -39.85 -21.50 -17.45
C GLY M 290 -40.43 -20.69 -18.57
N LEU M 291 -41.66 -20.20 -18.44
CA LEU M 291 -42.28 -19.31 -19.41
C LEU M 291 -42.37 -17.87 -18.94
N LYS M 292 -42.65 -17.64 -17.65
CA LYS M 292 -42.54 -16.28 -17.11
C LYS M 292 -41.12 -15.87 -16.82
N MET M 293 -40.12 -16.66 -17.21
CA MET M 293 -38.74 -16.18 -17.23
C MET M 293 -38.35 -15.55 -18.57
N LEU M 294 -38.81 -16.11 -19.67
CA LEU M 294 -38.40 -15.64 -20.99
C LEU M 294 -39.03 -14.29 -21.33
N MET M 295 -40.32 -14.14 -21.09
CA MET M 295 -40.97 -12.90 -21.47
C MET M 295 -40.40 -11.68 -20.73
N MET M 296 -40.20 -11.80 -19.42
CA MET M 296 -39.64 -10.70 -18.65
C MET M 296 -38.19 -10.34 -18.99
N MET M 297 -37.35 -11.37 -19.12
CA MET M 297 -35.94 -11.19 -19.47
C MET M 297 -35.74 -10.65 -20.88
N GLY M 298 -36.55 -11.18 -21.78
CA GLY M 298 -36.44 -10.95 -23.20
C GLY M 298 -36.75 -9.53 -23.59
N LEU M 299 -37.06 -8.67 -22.61
CA LEU M 299 -37.27 -7.25 -22.87
C LEU M 299 -36.43 -6.35 -21.99
N LEU M 300 -36.00 -6.81 -20.81
CA LEU M 300 -35.03 -6.04 -20.02
C LEU M 300 -33.64 -6.09 -20.67
N LEU M 301 -33.20 -7.27 -21.11
CA LEU M 301 -31.88 -7.39 -21.70
C LEU M 301 -31.67 -6.50 -22.91
N PRO M 302 -32.65 -6.28 -23.81
CA PRO M 302 -32.42 -5.31 -24.88
C PRO M 302 -32.30 -3.87 -24.39
N LEU M 303 -32.35 -3.64 -23.08
CA LEU M 303 -32.15 -2.28 -22.58
C LEU M 303 -30.68 -1.97 -22.31
N VAL M 304 -30.05 -2.89 -21.58
CA VAL M 304 -28.67 -2.86 -21.14
C VAL M 304 -27.69 -2.60 -22.27
N TYR M 305 -27.84 -3.31 -23.35
CA TYR M 305 -27.28 -2.99 -24.64
C TYR M 305 -27.29 -1.55 -25.03
N ALA M 306 -28.44 -0.90 -25.01
CA ALA M 306 -28.49 0.53 -25.31
C ALA M 306 -27.68 1.40 -24.34
N MET M 307 -27.84 1.22 -23.02
CA MET M 307 -26.98 1.99 -22.14
C MET M 307 -25.50 1.72 -22.48
N LYS M 308 -25.13 0.50 -22.79
CA LYS M 308 -23.76 0.20 -23.22
C LYS M 308 -23.31 1.09 -24.33
N ARG M 309 -24.01 0.98 -25.46
CA ARG M 309 -23.67 1.73 -26.66
C ARG M 309 -23.38 3.19 -26.34
N HIS M 310 -24.15 3.77 -25.43
CA HIS M 310 -23.92 5.18 -25.08
C HIS M 310 -22.52 5.37 -24.62
N LYS M 311 -22.24 4.86 -23.45
CA LYS M 311 -20.84 4.87 -23.02
C LYS M 311 -19.70 4.57 -24.12
N TRP M 312 -19.77 3.50 -24.89
CA TRP M 312 -18.69 3.16 -25.82
C TRP M 312 -18.72 3.99 -27.07
N SER M 313 -19.61 4.91 -27.11
CA SER M 313 -19.83 5.73 -28.26
C SER M 313 -19.11 6.99 -28.08
N VAL M 314 -18.54 7.25 -26.92
CA VAL M 314 -17.55 8.31 -26.83
C VAL M 314 -16.27 8.03 -27.67
N LEU M 315 -15.80 6.78 -27.66
CA LEU M 315 -14.49 6.43 -28.20
C LEU M 315 -14.32 5.92 -29.65
N LYS M 316 -15.40 5.71 -30.39
CA LYS M 316 -15.33 5.20 -31.75
C LYS M 316 -15.37 6.32 -32.77
N SER M 317 -15.17 7.56 -32.33
CA SER M 317 -15.27 8.77 -33.12
C SER M 317 -14.07 9.67 -32.91
N ARG M 318 -12.86 9.20 -33.12
CA ARG M 318 -11.72 10.02 -32.90
C ARG M 318 -10.80 9.77 -34.11
N LYS M 319 -9.92 10.75 -34.51
CA LYS M 319 -9.29 10.93 -35.82
C LYS M 319 -7.77 10.76 -35.85
N LEU M 320 -7.03 11.25 -34.84
CA LEU M 320 -5.64 10.83 -34.65
C LEU M 320 -4.63 11.21 -35.75
N ALA M 321 -4.23 12.48 -35.84
CA ALA M 321 -3.22 12.99 -36.78
C ALA M 321 -1.87 13.26 -36.14
N TYR M 322 -0.82 13.26 -36.98
CA TYR M 322 0.58 13.35 -36.55
C TYR M 322 1.27 14.51 -37.24
N ARG M 323 2.00 15.32 -36.48
CA ARG M 323 2.68 16.51 -37.01
C ARG M 323 4.02 16.70 -36.32
N PRO M 324 5.12 16.23 -36.92
CA PRO M 324 6.44 16.37 -36.31
C PRO M 324 7.03 17.77 -36.43
N SER N 1 2.53 26.14 -38.60
CA SER N 1 2.34 24.92 -37.84
C SER N 1 1.36 25.15 -36.69
N HIS N 2 0.78 26.34 -36.63
CA HIS N 2 -0.06 26.72 -35.50
C HIS N 2 -1.43 27.25 -35.91
N THR N 3 -1.42 28.26 -36.76
CA THR N 3 -2.65 28.88 -37.22
C THR N 3 -3.48 27.85 -37.98
N ASP N 4 -2.79 27.06 -38.78
CA ASP N 4 -3.45 26.02 -39.55
C ASP N 4 -4.07 24.96 -38.65
N ILE N 5 -5.27 24.55 -39.02
CA ILE N 5 -5.99 23.45 -38.38
C ILE N 5 -7.47 23.56 -38.72
N ARG N 6 -8.04 22.48 -39.24
CA ARG N 6 -9.48 22.36 -39.41
C ARG N 6 -9.87 21.01 -38.83
N VAL N 7 -10.86 21.00 -37.96
CA VAL N 7 -11.41 19.76 -37.45
C VAL N 7 -12.06 19.08 -38.66
N PRO N 8 -11.70 17.83 -38.98
CA PRO N 8 -12.31 17.18 -40.14
C PRO N 8 -13.81 16.99 -39.98
N ASP N 9 -14.48 16.46 -40.99
CA ASP N 9 -15.93 16.53 -41.05
C ASP N 9 -16.57 15.38 -40.27
N PHE N 10 -17.46 15.73 -39.36
CA PHE N 10 -18.28 14.78 -38.59
C PHE N 10 -19.72 14.80 -39.09
N SER N 11 -19.90 14.96 -40.39
CA SER N 11 -21.22 15.19 -40.98
C SER N 11 -22.06 13.92 -41.04
N ASP N 12 -21.44 12.76 -41.32
CA ASP N 12 -22.19 11.52 -41.50
C ASP N 12 -22.50 10.82 -40.18
N TYR N 13 -22.02 11.33 -39.05
CA TYR N 13 -22.36 10.77 -37.75
C TYR N 13 -23.40 11.56 -36.98
N ARG N 14 -23.66 12.80 -37.37
CA ARG N 14 -24.51 13.68 -36.57
C ARG N 14 -25.94 13.17 -36.52
N ARG N 15 -26.70 13.71 -35.57
CA ARG N 15 -28.15 13.59 -35.61
C ARG N 15 -28.69 14.37 -36.80
N ALA N 16 -29.80 13.89 -37.35
CA ALA N 16 -30.39 14.57 -38.49
C ALA N 16 -30.98 15.91 -38.12
N GLU N 17 -31.25 16.15 -36.84
CA GLU N 17 -31.82 17.40 -36.38
C GLU N 17 -30.78 18.47 -36.06
N VAL N 18 -29.50 18.10 -35.98
CA VAL N 18 -28.41 19.04 -35.80
C VAL N 18 -27.37 18.94 -36.92
N LEU N 19 -27.70 18.25 -38.01
CA LEU N 19 -26.77 18.07 -39.11
C LEU N 19 -26.65 19.33 -39.97
N ASP N 20 -27.66 20.20 -39.95
CA ASP N 20 -27.52 21.50 -40.59
C ASP N 20 -26.64 22.41 -39.75
N SER N 21 -25.64 23.03 -40.39
CA SER N 21 -24.71 23.91 -39.71
C SER N 21 -25.15 25.37 -39.73
N THR N 22 -26.35 25.64 -40.24
CA THR N 22 -26.89 26.99 -40.31
C THR N 22 -27.50 27.44 -38.99
N LYS N 23 -28.32 26.61 -38.37
CA LYS N 23 -29.07 27.00 -37.19
C LYS N 23 -28.48 26.38 -35.94
N SER N 24 -28.83 26.94 -34.79
CA SER N 24 -28.20 26.59 -33.54
C SER N 24 -28.73 25.25 -33.03
N SER N 25 -28.25 24.86 -31.85
CA SER N 25 -28.66 23.62 -31.21
C SER N 25 -29.41 23.84 -29.90
N LYS N 26 -29.52 25.08 -29.42
CA LYS N 26 -30.29 25.34 -28.20
C LYS N 26 -31.76 24.99 -28.40
N GLU N 27 -32.26 25.06 -29.64
CA GLU N 27 -33.59 24.54 -29.91
C GLU N 27 -33.60 23.01 -29.97
N SER N 28 -32.53 22.43 -30.51
CA SER N 28 -32.41 20.98 -30.63
C SER N 28 -31.64 20.38 -29.47
N SER N 29 -32.05 20.71 -28.24
CA SER N 29 -31.34 20.28 -27.04
C SER N 29 -32.17 19.46 -26.08
N ASP N 30 -33.49 19.61 -26.07
CA ASP N 30 -34.34 18.89 -25.14
C ASP N 30 -34.75 17.52 -25.65
N ALA N 31 -34.97 17.38 -26.96
CA ALA N 31 -35.37 16.09 -27.50
C ALA N 31 -34.28 15.03 -27.30
N ARG N 32 -33.02 15.40 -27.53
CA ARG N 32 -31.93 14.45 -27.37
C ARG N 32 -31.85 13.92 -25.95
N LYS N 33 -31.90 14.82 -24.96
CA LYS N 33 -31.74 14.43 -23.57
C LYS N 33 -33.03 13.85 -22.98
N GLY N 34 -34.17 14.04 -23.64
CA GLY N 34 -35.36 13.30 -23.26
C GLY N 34 -35.43 11.94 -23.92
N PHE N 35 -34.70 11.73 -25.01
CA PHE N 35 -34.66 10.43 -25.65
C PHE N 35 -33.64 9.51 -24.99
N SER N 36 -32.40 9.96 -24.84
CA SER N 36 -31.32 9.08 -24.41
C SER N 36 -31.40 8.68 -22.94
N TYR N 37 -32.27 9.29 -22.15
CA TYR N 37 -32.43 8.95 -20.75
C TYR N 37 -33.55 7.97 -20.47
N LEU N 38 -34.45 7.75 -21.43
CA LEU N 38 -35.55 6.81 -21.24
C LEU N 38 -35.10 5.37 -21.27
N ILE N 39 -33.99 5.08 -21.96
CA ILE N 39 -33.36 3.77 -21.86
C ILE N 39 -32.98 3.47 -20.41
N THR N 40 -32.29 4.40 -19.75
CA THR N 40 -31.97 4.23 -18.34
C THR N 40 -33.23 4.20 -17.49
N ALA N 41 -34.17 5.10 -17.79
CA ALA N 41 -35.38 5.23 -16.98
C ALA N 41 -36.23 3.97 -17.02
N THR N 42 -36.19 3.28 -18.16
CA THR N 42 -36.74 1.93 -18.29
C THR N 42 -35.90 0.94 -17.50
N THR N 43 -34.58 1.11 -17.58
CA THR N 43 -33.63 0.18 -17.00
C THR N 43 -33.74 0.09 -15.49
N THR N 44 -33.90 1.24 -14.84
CA THR N 44 -34.03 1.29 -13.40
C THR N 44 -35.28 0.54 -12.94
N VAL N 45 -36.35 0.70 -13.70
CA VAL N 45 -37.61 0.02 -13.41
C VAL N 45 -37.44 -1.47 -13.59
N GLY N 46 -36.74 -1.86 -14.65
CA GLY N 46 -36.50 -3.26 -14.92
C GLY N 46 -35.70 -3.91 -13.80
N VAL N 47 -34.68 -3.21 -13.32
CA VAL N 47 -33.87 -3.71 -12.22
C VAL N 47 -34.71 -3.87 -10.97
N ALA N 48 -35.58 -2.88 -10.74
CA ALA N 48 -36.43 -2.85 -9.56
C ALA N 48 -37.42 -4.00 -9.49
N TYR N 49 -38.00 -4.37 -10.63
CA TYR N 49 -39.07 -5.36 -10.62
C TYR N 49 -38.51 -6.78 -10.73
N ALA N 50 -37.31 -6.93 -11.30
CA ALA N 50 -36.69 -8.25 -11.39
C ALA N 50 -36.18 -8.74 -10.05
N ALA N 51 -35.67 -7.84 -9.20
CA ALA N 51 -35.04 -8.21 -7.94
C ALA N 51 -36.06 -8.48 -6.83
N LYS N 52 -37.34 -8.58 -7.18
CA LYS N 52 -38.39 -8.77 -6.16
C LYS N 52 -38.63 -10.24 -5.87
N ASN N 53 -38.96 -11.02 -6.91
CA ASN N 53 -39.29 -12.43 -6.73
C ASN N 53 -38.12 -13.24 -6.17
N ALA N 54 -36.91 -12.93 -6.63
CA ALA N 54 -35.74 -13.71 -6.24
C ALA N 54 -35.42 -13.59 -4.75
N VAL N 55 -36.02 -12.62 -4.06
CA VAL N 55 -35.88 -12.53 -2.61
C VAL N 55 -37.18 -12.90 -1.90
N SER N 56 -38.34 -12.63 -2.50
CA SER N 56 -39.59 -13.08 -1.90
C SER N 56 -39.63 -14.60 -1.77
N GLN N 57 -39.01 -15.31 -2.71
CA GLN N 57 -39.01 -16.77 -2.62
C GLN N 57 -38.04 -17.26 -1.55
N PHE N 58 -36.85 -16.66 -1.47
CA PHE N 58 -35.90 -17.02 -0.42
C PHE N 58 -36.46 -16.74 0.97
N VAL N 59 -37.32 -15.72 1.10
CA VAL N 59 -37.90 -15.43 2.42
C VAL N 59 -38.76 -16.60 2.90
N SER N 60 -39.46 -17.26 1.98
CA SER N 60 -40.38 -18.33 2.35
C SER N 60 -39.80 -19.73 2.18
N SER N 61 -38.59 -19.87 1.63
CA SER N 61 -38.06 -21.21 1.35
C SER N 61 -37.92 -22.04 2.63
N MET N 62 -37.36 -21.45 3.68
CA MET N 62 -37.11 -22.15 4.91
C MET N 62 -38.16 -21.88 5.99
N SER N 63 -39.27 -21.25 5.62
CA SER N 63 -40.25 -20.77 6.60
C SER N 63 -41.64 -20.84 5.97
N ALA N 64 -42.58 -20.08 6.53
CA ALA N 64 -43.98 -20.04 6.08
C ALA N 64 -44.63 -21.42 6.23
N SER N 65 -44.73 -21.85 7.49
CA SER N 65 -45.21 -23.13 8.01
C SER N 65 -44.15 -24.21 7.86
N ALA N 66 -42.99 -23.92 7.29
CA ALA N 66 -41.82 -24.78 7.25
C ALA N 66 -42.04 -26.08 6.48
N ASP N 67 -43.26 -26.31 5.97
CA ASP N 67 -43.67 -27.47 5.18
C ASP N 67 -43.86 -28.74 5.97
N VAL N 68 -43.50 -28.72 7.26
CA VAL N 68 -43.80 -29.82 8.16
C VAL N 68 -44.96 -29.54 9.12
N LEU N 69 -45.54 -28.34 9.01
CA LEU N 69 -46.57 -27.89 9.96
C LEU N 69 -48.01 -28.18 9.54
N ALA N 70 -48.16 -28.78 8.38
CA ALA N 70 -49.49 -29.03 7.79
C ALA N 70 -50.39 -29.98 8.59
N MET N 71 -49.80 -31.00 9.19
CA MET N 71 -50.51 -32.20 9.63
C MET N 71 -51.61 -32.06 10.70
N SER N 72 -51.41 -31.26 11.74
CA SER N 72 -52.36 -31.30 12.84
C SER N 72 -53.04 -29.97 13.10
N LYS N 73 -52.58 -28.89 12.48
CA LYS N 73 -53.39 -27.68 12.42
C LYS N 73 -54.62 -27.88 11.54
N ILE N 74 -54.49 -28.77 10.56
CA ILE N 74 -55.57 -29.15 9.66
C ILE N 74 -55.96 -30.61 9.91
N GLU N 75 -55.48 -31.14 11.02
CA GLU N 75 -55.59 -32.55 11.34
C GLU N 75 -57.02 -32.97 11.65
N ILE N 76 -57.29 -34.27 11.54
CA ILE N 76 -58.62 -34.80 11.79
C ILE N 76 -58.49 -35.90 12.83
N LYS N 77 -58.26 -35.45 14.06
CA LYS N 77 -58.12 -36.29 15.24
C LYS N 77 -59.33 -36.21 16.15
N LEU N 78 -59.85 -35.01 16.40
CA LEU N 78 -60.97 -34.86 17.34
C LEU N 78 -60.66 -35.42 18.72
N SER N 79 -59.68 -34.81 19.38
CA SER N 79 -59.40 -35.19 20.78
C SER N 79 -59.10 -36.66 21.03
N ASP N 80 -57.93 -37.15 20.60
CA ASP N 80 -57.45 -38.47 20.97
C ASP N 80 -57.25 -38.59 22.47
N ILE N 81 -57.08 -37.46 23.16
CA ILE N 81 -57.04 -37.37 24.61
C ILE N 81 -58.37 -37.85 25.17
N PRO N 82 -58.40 -38.57 26.29
CA PRO N 82 -59.69 -38.95 26.89
C PRO N 82 -60.35 -37.83 27.68
N GLU N 83 -61.45 -38.15 28.34
CA GLU N 83 -62.29 -37.17 29.02
C GLU N 83 -61.70 -36.79 30.37
N GLY N 84 -61.51 -35.49 30.61
CA GLY N 84 -61.05 -34.97 31.88
C GLY N 84 -59.55 -34.87 32.04
N LYS N 85 -58.79 -35.32 31.05
CA LYS N 85 -57.33 -35.29 31.10
C LYS N 85 -56.79 -34.32 30.05
N ASN N 86 -55.54 -33.88 30.25
CA ASN N 86 -54.89 -32.92 29.36
C ASN N 86 -53.61 -33.56 28.83
N MET N 87 -53.73 -34.35 27.77
CA MET N 87 -52.58 -35.04 27.20
C MET N 87 -51.85 -34.13 26.21
N ALA N 88 -50.54 -34.27 26.16
CA ALA N 88 -49.67 -33.38 25.39
C ALA N 88 -49.37 -34.02 24.03
N PHE N 89 -49.52 -33.25 22.96
CA PHE N 89 -49.17 -33.71 21.63
C PHE N 89 -47.95 -32.95 21.10
N LYS N 90 -47.10 -33.64 20.34
CA LYS N 90 -45.92 -33.02 19.74
C LYS N 90 -46.30 -32.42 18.39
N TRP N 91 -47.16 -31.40 18.48
CA TRP N 91 -47.57 -30.58 17.35
C TRP N 91 -47.81 -29.18 17.85
N ARG N 92 -47.80 -28.21 16.94
CA ARG N 92 -47.83 -26.78 17.24
C ARG N 92 -46.55 -26.31 17.92
N GLY N 93 -45.46 -27.08 17.82
CA GLY N 93 -44.21 -26.72 18.46
C GLY N 93 -44.23 -27.00 19.95
N LYS N 94 -44.97 -26.21 20.68
CA LYS N 94 -45.27 -26.57 22.06
C LYS N 94 -46.42 -27.56 22.08
N PRO N 95 -46.52 -28.40 23.11
CA PRO N 95 -47.52 -29.48 23.08
C PRO N 95 -48.93 -28.96 22.90
N LEU N 96 -49.70 -29.67 22.07
CA LEU N 96 -51.10 -29.34 21.86
C LEU N 96 -51.94 -30.08 22.89
N PHE N 97 -52.94 -29.39 23.46
CA PHE N 97 -53.82 -29.96 24.47
C PHE N 97 -55.26 -29.86 23.97
N VAL N 98 -56.00 -30.97 24.04
CA VAL N 98 -57.43 -30.95 23.77
C VAL N 98 -58.13 -31.75 24.87
N ARG N 99 -59.18 -31.18 25.44
CA ARG N 99 -59.96 -31.85 26.47
C ARG N 99 -61.44 -31.88 26.10
N HIS N 100 -62.04 -33.06 26.31
CA HIS N 100 -63.49 -33.29 26.26
C HIS N 100 -64.07 -32.91 27.62
N ARG N 101 -64.29 -31.62 27.85
CA ARG N 101 -64.52 -31.10 29.18
C ARG N 101 -65.88 -31.52 29.74
N THR N 102 -65.93 -31.69 31.06
CA THR N 102 -67.17 -31.98 31.75
C THR N 102 -67.88 -30.69 32.13
N LYS N 103 -69.21 -30.67 31.96
CA LYS N 103 -69.97 -29.44 32.19
C LYS N 103 -69.81 -28.92 33.62
N LYS N 104 -69.59 -29.82 34.58
CA LYS N 104 -69.36 -29.39 35.95
C LYS N 104 -68.11 -28.51 36.04
N GLU N 105 -67.10 -28.79 35.23
CA GLU N 105 -65.92 -27.94 35.22
C GLU N 105 -66.17 -26.61 34.53
N ILE N 106 -67.04 -26.56 33.52
CA ILE N 106 -67.45 -25.27 32.98
C ILE N 106 -68.17 -24.45 34.04
N ASP N 107 -69.02 -25.08 34.85
CA ASP N 107 -69.68 -24.32 35.91
C ASP N 107 -68.69 -23.91 37.00
N GLN N 108 -67.68 -24.73 37.27
CA GLN N 108 -66.59 -24.32 38.14
C GLN N 108 -65.90 -23.07 37.60
N GLU N 109 -65.71 -23.01 36.27
CA GLU N 109 -65.08 -21.86 35.65
C GLU N 109 -65.99 -20.63 35.71
N ALA N 110 -67.29 -20.83 35.49
CA ALA N 110 -68.22 -19.72 35.44
C ALA N 110 -68.59 -19.21 36.82
N ALA N 111 -68.31 -19.99 37.87
CA ALA N 111 -68.52 -19.51 39.23
C ALA N 111 -67.50 -18.48 39.67
N VAL N 112 -66.46 -18.24 38.87
CA VAL N 112 -65.42 -17.28 39.22
C VAL N 112 -65.99 -15.87 39.17
N GLU N 113 -65.62 -15.04 40.15
CA GLU N 113 -66.03 -13.64 40.16
C GLU N 113 -65.07 -12.84 39.29
N VAL N 114 -65.64 -11.98 38.43
CA VAL N 114 -64.86 -11.38 37.34
C VAL N 114 -63.75 -10.47 37.87
N SER N 115 -64.09 -9.62 38.85
CA SER N 115 -63.21 -8.50 39.18
C SER N 115 -61.85 -8.96 39.68
N GLN N 116 -61.81 -10.03 40.48
CA GLN N 116 -60.55 -10.47 41.05
C GLN N 116 -59.55 -10.91 39.98
N LEU N 117 -60.02 -11.22 38.78
CA LEU N 117 -59.20 -11.86 37.76
C LEU N 117 -58.14 -10.90 37.23
N ARG N 118 -56.94 -11.45 36.99
CA ARG N 118 -55.81 -10.63 36.57
C ARG N 118 -55.96 -10.17 35.12
N ASP N 119 -56.35 -11.07 34.22
CA ASP N 119 -56.54 -10.77 32.80
C ASP N 119 -57.96 -11.15 32.40
N PRO N 120 -58.79 -10.23 31.91
CA PRO N 120 -60.17 -10.58 31.54
C PRO N 120 -60.23 -11.40 30.28
N GLN N 121 -60.44 -12.72 30.44
CA GLN N 121 -60.64 -13.64 29.31
C GLN N 121 -61.62 -14.69 29.77
N HIS N 122 -62.91 -14.49 29.48
CA HIS N 122 -63.91 -15.47 29.86
C HIS N 122 -63.96 -16.61 28.85
N ASP N 123 -64.12 -17.83 29.36
CA ASP N 123 -63.99 -19.01 28.50
C ASP N 123 -65.16 -19.15 27.54
N LEU N 124 -66.32 -18.62 27.89
CA LEU N 124 -67.49 -18.74 27.02
C LEU N 124 -67.30 -18.02 25.69
N GLU N 125 -66.38 -17.05 25.62
CA GLU N 125 -65.98 -16.47 24.34
C GLU N 125 -64.66 -17.02 23.83
N ARG N 126 -63.85 -17.63 24.69
CA ARG N 126 -62.57 -18.18 24.26
C ARG N 126 -62.76 -19.35 23.32
N VAL N 127 -63.58 -20.32 23.71
CA VAL N 127 -63.86 -21.50 22.91
C VAL N 127 -65.34 -21.55 22.63
N LYS N 128 -65.71 -21.68 21.36
CA LYS N 128 -67.12 -21.75 21.00
C LYS N 128 -67.80 -22.96 21.66
N LYS N 129 -67.01 -23.96 22.05
CA LYS N 129 -67.51 -25.13 22.75
C LYS N 129 -67.11 -25.03 24.20
N PRO N 130 -68.03 -24.78 25.13
CA PRO N 130 -67.67 -24.88 26.56
C PRO N 130 -67.16 -26.27 26.94
N GLU N 131 -67.73 -27.33 26.35
CA GLU N 131 -67.41 -28.69 26.73
C GLU N 131 -66.16 -29.24 26.04
N TRP N 132 -65.54 -28.47 25.15
CA TRP N 132 -64.24 -28.78 24.58
C TRP N 132 -63.26 -27.66 24.90
N VAL N 133 -61.98 -27.99 24.95
CA VAL N 133 -60.98 -26.95 25.16
C VAL N 133 -59.70 -27.32 24.42
N ILE N 134 -59.03 -26.30 23.89
CA ILE N 134 -57.77 -26.42 23.17
C ILE N 134 -56.76 -25.48 23.82
N LEU N 135 -55.57 -25.99 24.11
CA LEU N 135 -54.64 -25.30 25.00
C LEU N 135 -53.20 -25.43 24.51
N ILE N 136 -52.42 -24.40 24.81
CA ILE N 136 -50.99 -24.37 24.55
C ILE N 136 -50.26 -24.36 25.90
N GLY N 137 -49.21 -25.17 26.00
CA GLY N 137 -48.52 -25.41 27.25
C GLY N 137 -47.88 -24.20 27.92
N VAL N 138 -47.29 -23.32 27.12
CA VAL N 138 -46.48 -22.23 27.66
C VAL N 138 -47.23 -21.25 28.58
N CYS N 139 -46.55 -20.85 29.64
CA CYS N 139 -47.05 -19.91 30.63
C CYS N 139 -46.54 -18.51 30.28
N THR N 140 -47.42 -17.52 30.47
CA THR N 140 -47.21 -16.20 29.91
C THR N 140 -45.96 -15.53 30.49
N HIS N 141 -45.63 -15.86 31.74
CA HIS N 141 -44.46 -15.23 32.35
C HIS N 141 -43.16 -15.83 31.83
N LEU N 142 -42.96 -17.14 32.00
CA LEU N 142 -41.72 -17.74 31.51
C LEU N 142 -41.94 -18.89 30.54
N GLY N 143 -42.87 -19.81 30.84
CA GLY N 143 -43.19 -20.90 29.93
C GLY N 143 -43.28 -22.28 30.54
N CYS N 144 -42.83 -22.50 31.78
CA CYS N 144 -42.70 -23.87 32.29
C CYS N 144 -44.05 -24.56 32.40
N VAL N 145 -44.05 -25.87 32.23
CA VAL N 145 -45.26 -26.67 32.04
C VAL N 145 -45.49 -27.54 33.26
N PRO N 146 -46.70 -27.57 33.83
CA PRO N 146 -46.92 -28.30 35.08
C PRO N 146 -46.89 -29.82 34.89
N ILE N 147 -46.89 -30.51 36.03
CA ILE N 147 -47.18 -31.94 36.04
C ILE N 147 -48.69 -32.14 35.85
N ALA N 148 -49.05 -33.19 35.10
CA ALA N 148 -50.45 -33.43 34.80
C ALA N 148 -51.24 -33.76 36.06
N ASN N 149 -52.51 -33.35 36.07
CA ASN N 149 -53.43 -33.56 37.19
C ASN N 149 -52.88 -32.93 38.48
N ALA N 150 -52.75 -31.61 38.45
CA ALA N 150 -52.30 -30.84 39.60
C ALA N 150 -53.14 -29.58 39.70
N GLY N 151 -53.24 -29.03 40.91
CA GLY N 151 -53.98 -27.79 41.11
C GLY N 151 -54.98 -27.88 42.23
N ASP N 152 -54.96 -26.90 43.14
CA ASP N 152 -55.96 -26.85 44.20
C ASP N 152 -57.32 -26.46 43.65
N PHE N 153 -57.36 -25.48 42.75
CA PHE N 153 -58.61 -24.97 42.20
C PHE N 153 -59.13 -25.79 41.02
N GLY N 154 -58.35 -26.75 40.54
CA GLY N 154 -58.77 -27.59 39.43
C GLY N 154 -58.13 -27.27 38.09
N GLY N 155 -57.03 -26.52 38.08
CA GLY N 155 -56.37 -26.18 36.83
C GLY N 155 -54.99 -26.77 36.67
N TYR N 156 -53.97 -25.91 36.75
CA TYR N 156 -52.57 -26.30 36.59
C TYR N 156 -51.74 -25.55 37.62
N TYR N 157 -50.67 -26.19 38.10
CA TYR N 157 -49.82 -25.62 39.14
C TYR N 157 -48.36 -25.70 38.70
N CYS N 158 -47.76 -24.52 38.46
CA CYS N 158 -46.35 -24.43 38.13
C CYS N 158 -45.59 -24.02 39.39
N PRO N 159 -44.78 -24.89 39.98
CA PRO N 159 -43.98 -24.50 41.15
C PRO N 159 -42.80 -23.60 40.82
N CYS N 160 -42.69 -23.12 39.57
CA CYS N 160 -41.58 -22.26 39.20
C CYS N 160 -41.48 -21.04 40.11
N HIS N 161 -42.60 -20.34 40.32
CA HIS N 161 -42.67 -19.24 41.26
C HIS N 161 -43.95 -19.29 42.08
N GLY N 162 -44.48 -20.48 42.34
CA GLY N 162 -45.76 -20.61 43.00
C GLY N 162 -46.92 -20.12 42.16
N SER N 163 -46.88 -20.35 40.85
CA SER N 163 -47.91 -19.84 39.95
C SER N 163 -48.99 -20.88 39.74
N HIS N 164 -50.24 -20.41 39.64
CA HIS N 164 -51.39 -21.26 39.41
C HIS N 164 -52.17 -20.75 38.22
N TYR N 165 -52.35 -21.61 37.22
CA TYR N 165 -53.12 -21.28 36.03
C TYR N 165 -54.47 -21.99 36.07
N ASP N 166 -55.51 -21.34 35.54
CA ASP N 166 -56.84 -21.90 35.60
C ASP N 166 -57.01 -22.99 34.54
N ALA N 167 -58.13 -23.72 34.64
CA ALA N 167 -58.35 -24.88 33.80
C ALA N 167 -58.44 -24.51 32.32
N SER N 168 -59.14 -23.43 31.99
CA SER N 168 -59.37 -23.07 30.60
C SER N 168 -58.28 -22.19 30.02
N GLY N 169 -57.23 -21.89 30.78
CA GLY N 169 -56.15 -21.07 30.29
C GLY N 169 -56.13 -19.65 30.85
N ARG N 170 -56.34 -19.52 32.16
CA ARG N 170 -56.41 -18.24 32.83
C ARG N 170 -55.38 -18.19 33.95
N ILE N 171 -55.00 -16.97 34.35
CA ILE N 171 -54.08 -16.76 35.45
C ILE N 171 -54.82 -16.09 36.60
N ARG N 172 -54.53 -16.54 37.82
CA ARG N 172 -55.12 -16.01 39.04
C ARG N 172 -54.10 -15.42 40.00
N LYS N 173 -52.85 -15.86 39.94
CA LYS N 173 -51.79 -15.41 40.83
C LYS N 173 -50.57 -15.05 40.00
N GLY N 174 -49.77 -14.09 40.47
CA GLY N 174 -48.62 -13.62 39.74
C GLY N 174 -47.46 -14.60 39.78
N PRO N 175 -46.32 -14.22 39.17
CA PRO N 175 -46.07 -12.97 38.45
C PRO N 175 -46.50 -13.03 37.00
N ALA N 176 -47.22 -14.09 36.64
CA ALA N 176 -47.63 -14.31 35.27
C ALA N 176 -48.50 -13.15 34.79
N PRO N 177 -48.17 -12.51 33.68
CA PRO N 177 -48.87 -11.28 33.27
C PRO N 177 -50.34 -11.51 32.94
N LEU N 178 -50.61 -12.41 32.01
CA LEU N 178 -51.95 -12.57 31.50
C LEU N 178 -52.36 -14.04 31.38
N ASN N 179 -53.48 -14.29 30.73
CA ASN N 179 -54.03 -15.63 30.59
C ASN N 179 -53.44 -16.35 29.39
N LEU N 180 -53.70 -17.65 29.32
CA LEU N 180 -53.07 -18.50 28.31
C LEU N 180 -53.56 -18.13 26.91
N GLU N 181 -52.62 -18.08 25.97
CA GLU N 181 -52.94 -17.72 24.60
C GLU N 181 -53.87 -18.76 23.98
N VAL N 182 -54.84 -18.29 23.20
CA VAL N 182 -55.86 -19.15 22.60
C VAL N 182 -55.34 -19.62 21.25
N PRO N 183 -55.21 -20.93 21.03
CA PRO N 183 -54.71 -21.40 19.73
C PRO N 183 -55.67 -21.06 18.60
N THR N 184 -55.08 -20.79 17.44
CA THR N 184 -55.88 -20.60 16.23
C THR N 184 -56.60 -21.90 15.91
N TYR N 185 -57.88 -21.78 15.54
CA TYR N 185 -58.69 -22.97 15.34
C TYR N 185 -59.92 -22.63 14.50
N GLU N 186 -60.62 -23.67 14.08
CA GLU N 186 -61.89 -23.52 13.37
C GLU N 186 -62.69 -24.80 13.53
N PHE N 187 -63.81 -24.72 14.25
CA PHE N 187 -64.65 -25.89 14.52
C PHE N 187 -65.57 -26.11 13.33
N THR N 188 -64.96 -26.61 12.24
CA THR N 188 -65.67 -26.81 10.98
C THR N 188 -66.45 -28.13 10.95
N SER N 189 -65.81 -29.22 11.31
CA SER N 189 -66.44 -30.54 11.34
C SER N 189 -66.75 -30.94 12.77
N ASP N 190 -67.93 -31.54 12.97
CA ASP N 190 -68.38 -31.93 14.29
C ASP N 190 -67.55 -33.07 14.88
N ASP N 191 -66.92 -33.89 14.04
CA ASP N 191 -66.13 -35.00 14.51
C ASP N 191 -64.70 -35.05 13.96
N LEU N 192 -64.34 -34.13 13.07
CA LEU N 192 -62.98 -34.05 12.51
C LEU N 192 -62.53 -32.60 12.65
N VAL N 193 -62.01 -32.24 13.82
CA VAL N 193 -61.79 -30.84 14.15
C VAL N 193 -60.52 -30.32 13.48
N ILE N 194 -60.60 -29.08 13.00
CA ILE N 194 -59.46 -28.39 12.42
C ILE N 194 -59.00 -27.31 13.39
N VAL N 195 -58.03 -27.64 14.22
CA VAL N 195 -57.51 -26.70 15.21
C VAL N 195 -56.23 -26.03 14.70
N GLY N 196 -56.40 -25.05 13.83
CA GLY N 196 -55.27 -24.33 13.27
C GLY N 196 -55.43 -24.07 11.78
N THR O 35 -22.03 66.96 1.26
CA THR O 35 -21.04 66.45 0.32
C THR O 35 -21.70 65.53 -0.70
N ALA O 36 -21.06 65.36 -1.85
CA ALA O 36 -21.64 64.58 -2.93
C ALA O 36 -21.71 63.12 -2.54
N THR O 37 -22.88 62.52 -2.70
CA THR O 37 -23.07 61.10 -2.49
C THR O 37 -23.00 60.37 -3.83
N TYR O 38 -22.66 59.08 -3.75
CA TYR O 38 -22.51 58.24 -4.92
C TYR O 38 -23.73 58.26 -5.83
N ALA O 39 -24.89 58.67 -5.31
CA ALA O 39 -26.11 58.74 -6.11
C ALA O 39 -26.27 60.08 -6.82
N GLN O 40 -25.95 61.18 -6.14
CA GLN O 40 -26.05 62.50 -6.76
C GLN O 40 -24.77 62.91 -7.46
N ALA O 41 -23.76 62.03 -7.52
CA ALA O 41 -22.59 62.27 -8.32
C ALA O 41 -22.58 61.45 -9.61
N LEU O 42 -23.49 60.49 -9.75
CA LEU O 42 -23.56 59.66 -10.95
C LEU O 42 -24.35 60.31 -12.06
N GLN O 43 -25.06 61.40 -11.78
CA GLN O 43 -25.85 62.10 -12.78
C GLN O 43 -25.25 63.44 -13.17
N SER O 44 -24.13 63.83 -12.57
CA SER O 44 -23.44 65.07 -12.94
C SER O 44 -22.48 64.88 -14.10
N VAL O 45 -22.33 63.66 -14.60
CA VAL O 45 -21.45 63.44 -15.76
C VAL O 45 -22.05 64.12 -16.98
N PRO O 46 -21.27 64.87 -17.75
CA PRO O 46 -21.83 65.55 -18.93
C PRO O 46 -22.31 64.58 -20.00
N GLU O 47 -23.28 65.05 -20.78
CA GLU O 47 -24.04 64.23 -21.72
C GLU O 47 -23.27 63.89 -22.98
N THR O 48 -23.95 63.32 -23.96
CA THR O 48 -23.34 62.82 -25.20
C THR O 48 -24.19 63.24 -26.38
N GLN O 49 -23.72 64.22 -27.15
CA GLN O 49 -24.43 64.68 -28.35
C GLN O 49 -24.27 63.68 -29.48
N VAL O 50 -25.24 63.64 -30.38
CA VAL O 50 -25.19 62.78 -31.56
C VAL O 50 -25.74 63.54 -32.76
N SER O 51 -25.14 63.33 -33.93
CA SER O 51 -25.54 63.97 -35.18
C SER O 51 -25.67 62.92 -36.28
N GLN O 52 -25.88 63.39 -37.51
CA GLN O 52 -25.89 62.52 -38.68
C GLN O 52 -25.70 63.35 -39.95
N LEU O 53 -25.29 62.67 -41.01
CA LEU O 53 -25.02 63.25 -42.32
C LEU O 53 -26.05 62.76 -43.33
N ASP O 54 -25.86 63.14 -44.60
CA ASP O 54 -26.75 62.65 -45.65
C ASP O 54 -26.40 61.23 -46.07
N ASN O 55 -25.10 60.90 -46.13
CA ASN O 55 -24.72 59.51 -46.36
C ASN O 55 -25.19 58.63 -45.23
N GLY O 56 -25.02 59.09 -44.00
CA GLY O 56 -25.43 58.31 -42.85
C GLY O 56 -24.42 58.24 -41.73
N LEU O 57 -23.26 58.89 -41.84
CA LEU O 57 -22.32 58.85 -40.71
C LEU O 57 -22.94 59.42 -39.45
N ARG O 58 -22.63 58.78 -38.34
CA ARG O 58 -23.01 59.26 -37.03
C ARG O 58 -21.80 59.94 -36.40
N VAL O 59 -22.03 61.08 -35.78
CA VAL O 59 -20.99 61.89 -35.19
C VAL O 59 -21.33 62.07 -33.72
N ALA O 60 -20.50 61.52 -32.84
CA ALA O 60 -20.72 61.60 -31.41
C ALA O 60 -19.49 62.19 -30.74
N SER O 61 -19.65 62.67 -29.52
CA SER O 61 -18.56 63.30 -28.79
C SER O 61 -19.05 63.60 -27.38
N GLU O 62 -18.11 63.96 -26.51
CA GLU O 62 -18.46 64.61 -25.26
C GLU O 62 -17.30 65.50 -24.82
N GLN O 63 -17.61 66.64 -24.28
CA GLN O 63 -16.62 67.64 -24.03
C GLN O 63 -16.33 67.85 -22.57
N SER O 64 -15.10 67.66 -22.15
CA SER O 64 -14.76 67.80 -20.76
C SER O 64 -13.90 68.98 -20.27
N SER O 65 -13.65 70.00 -21.06
CA SER O 65 -12.76 71.12 -20.65
C SER O 65 -11.28 70.91 -20.26
N GLN O 66 -10.48 70.21 -21.04
CA GLN O 66 -9.05 70.05 -20.75
C GLN O 66 -8.15 70.71 -21.78
N PRO O 67 -7.02 70.10 -22.12
CA PRO O 67 -6.14 70.51 -23.22
C PRO O 67 -5.73 69.37 -24.14
N THR O 68 -6.43 68.24 -24.06
CA THR O 68 -6.04 67.02 -24.76
C THR O 68 -7.27 66.41 -25.40
N CYS O 69 -7.06 65.65 -26.48
CA CYS O 69 -8.18 65.01 -27.16
C CYS O 69 -7.72 63.71 -27.80
N THR O 70 -8.68 62.83 -28.07
CA THR O 70 -8.47 61.59 -28.81
C THR O 70 -9.51 61.53 -29.91
N VAL O 71 -9.10 61.13 -31.11
CA VAL O 71 -10.04 61.10 -32.23
C VAL O 71 -9.85 59.81 -33.02
N GLY O 72 -10.94 59.16 -33.40
CA GLY O 72 -10.78 57.92 -34.13
C GLY O 72 -11.98 57.53 -34.95
N VAL O 73 -11.80 56.43 -35.69
CA VAL O 73 -12.84 55.85 -36.53
C VAL O 73 -12.90 54.35 -36.30
N TRP O 74 -14.11 53.85 -36.02
CA TRP O 74 -14.41 52.44 -35.78
C TRP O 74 -15.28 51.94 -36.91
N ILE O 75 -14.86 50.87 -37.56
CA ILE O 75 -15.58 50.35 -38.71
C ILE O 75 -16.22 49.01 -38.34
N ASP O 76 -17.04 48.49 -39.25
CA ASP O 76 -17.89 47.34 -38.98
C ASP O 76 -17.60 46.17 -39.91
N ALA O 77 -16.33 45.82 -40.07
CA ALA O 77 -15.94 44.66 -40.85
C ALA O 77 -14.92 43.86 -40.05
N GLY O 78 -14.76 42.60 -40.40
CA GLY O 78 -13.86 41.76 -39.65
C GLY O 78 -13.71 40.40 -40.28
N SER O 79 -12.98 39.53 -39.59
CA SER O 79 -12.72 38.18 -40.08
C SER O 79 -13.98 37.35 -40.24
N ARG O 80 -15.07 37.73 -39.59
CA ARG O 80 -16.34 37.01 -39.67
C ARG O 80 -17.06 37.22 -40.99
N TYR O 81 -16.69 38.23 -41.76
CA TYR O 81 -17.34 38.55 -43.02
C TYR O 81 -16.61 37.93 -44.21
N GLU O 82 -15.70 37.01 -43.98
CA GLU O 82 -14.78 36.55 -45.02
C GLU O 82 -14.94 35.05 -45.26
N ASN O 83 -15.01 34.67 -46.53
CA ASN O 83 -15.19 33.26 -46.87
C ASN O 83 -13.86 32.55 -46.76
N GLU O 84 -13.77 31.33 -47.29
CA GLU O 84 -12.52 30.59 -47.23
C GLU O 84 -11.51 31.05 -48.25
N LYS O 85 -11.93 31.83 -49.27
CA LYS O 85 -11.02 32.17 -50.35
C LYS O 85 -10.02 33.24 -49.96
N ASN O 86 -10.36 34.11 -49.00
CA ASN O 86 -9.44 35.15 -48.59
C ASN O 86 -9.67 35.44 -47.10
N ASN O 87 -8.97 34.71 -46.25
CA ASN O 87 -9.20 34.76 -44.82
C ASN O 87 -8.32 35.79 -44.11
N GLY O 88 -7.12 36.02 -44.61
CA GLY O 88 -6.27 36.99 -43.96
C GLY O 88 -6.30 38.38 -44.54
N ALA O 89 -7.22 38.66 -45.46
CA ALA O 89 -7.14 39.89 -46.25
C ALA O 89 -7.19 41.13 -45.37
N GLY O 90 -8.09 41.16 -44.41
CA GLY O 90 -8.21 42.33 -43.56
C GLY O 90 -7.03 42.57 -42.67
N TYR O 91 -6.10 41.62 -42.61
CA TYR O 91 -4.88 41.82 -41.84
C TYR O 91 -3.75 42.42 -42.66
N PHE O 92 -3.95 42.67 -43.96
CA PHE O 92 -2.99 43.55 -44.65
C PHE O 92 -3.46 45.00 -44.68
N VAL O 93 -4.74 45.25 -44.81
CA VAL O 93 -5.19 46.61 -45.09
C VAL O 93 -4.78 47.55 -43.96
N GLU O 94 -4.82 47.08 -42.72
CA GLU O 94 -4.38 47.91 -41.59
C GLU O 94 -2.94 47.64 -41.21
N HIS O 95 -2.31 46.66 -41.85
CA HIS O 95 -0.88 46.43 -41.82
C HIS O 95 -0.15 47.18 -42.92
N LEU O 96 -0.88 47.96 -43.72
CA LEU O 96 -0.36 48.65 -44.88
C LEU O 96 -0.96 50.05 -45.01
N ALA O 97 -1.62 50.56 -43.97
CA ALA O 97 -2.39 51.78 -44.10
C ALA O 97 -1.51 53.01 -43.88
N PHE O 98 -0.48 52.88 -43.06
CA PHE O 98 0.39 54.00 -42.72
C PHE O 98 1.59 54.13 -43.63
N LYS O 99 1.53 53.62 -44.86
CA LYS O 99 2.67 53.60 -45.76
C LYS O 99 2.42 54.38 -47.04
N GLY O 100 1.60 55.43 -46.97
CA GLY O 100 1.56 56.38 -48.06
C GLY O 100 0.29 56.45 -48.87
N THR O 101 -0.40 57.59 -48.80
CA THR O 101 -1.60 57.84 -49.58
C THR O 101 -1.21 58.35 -50.97
N LYS O 102 -2.18 58.90 -51.69
CA LYS O 102 -1.94 59.39 -53.04
C LYS O 102 -1.46 60.84 -53.05
N ASN O 103 -1.62 61.56 -51.94
CA ASN O 103 -1.12 62.92 -51.81
C ASN O 103 0.15 62.99 -50.98
N ARG O 104 0.28 62.15 -49.97
CA ARG O 104 1.42 62.18 -49.06
C ARG O 104 2.03 60.79 -48.93
N PRO O 105 3.21 60.53 -49.49
CA PRO O 105 3.86 59.23 -49.29
C PRO O 105 4.17 58.97 -47.82
N GLY O 106 4.52 57.71 -47.54
CA GLY O 106 4.49 57.23 -46.16
C GLY O 106 5.50 57.91 -45.25
N SER O 107 6.74 58.08 -45.73
CA SER O 107 7.73 58.78 -44.94
C SER O 107 7.29 60.20 -44.67
N ALA O 108 6.73 60.86 -45.69
CA ALA O 108 6.20 62.22 -45.50
C ALA O 108 5.08 62.23 -44.47
N LEU O 109 4.17 61.27 -44.56
CA LEU O 109 3.05 61.20 -43.62
C LEU O 109 3.55 61.12 -42.19
N GLU O 110 4.44 60.15 -41.92
CA GLU O 110 4.90 60.01 -40.54
C GLU O 110 5.70 61.24 -40.11
N LYS O 111 6.69 61.67 -40.91
CA LYS O 111 7.45 62.86 -40.56
C LYS O 111 6.53 64.02 -40.17
N GLU O 112 5.44 64.20 -40.92
CA GLU O 112 4.46 65.22 -40.57
C GLU O 112 3.83 64.96 -39.21
N VAL O 113 3.48 63.71 -38.91
CA VAL O 113 2.73 63.49 -37.67
C VAL O 113 3.65 63.57 -36.44
N GLU O 114 4.90 63.08 -36.52
CA GLU O 114 5.81 63.35 -35.41
C GLU O 114 6.18 64.82 -35.28
N SER O 115 6.14 65.59 -36.38
CA SER O 115 6.42 67.02 -36.24
C SER O 115 5.49 67.69 -35.24
N MET O 116 4.24 67.23 -35.14
CA MET O 116 3.32 67.77 -34.15
C MET O 116 3.61 67.24 -32.75
N GLY O 117 4.03 65.98 -32.64
CA GLY O 117 4.16 65.32 -31.36
C GLY O 117 2.94 64.53 -30.93
N ALA O 118 2.48 63.62 -31.79
CA ALA O 118 1.24 62.88 -31.60
C ALA O 118 1.52 61.39 -31.76
N HIS O 119 0.50 60.57 -31.51
CA HIS O 119 0.63 59.12 -31.63
C HIS O 119 -0.47 58.56 -32.52
N LEU O 120 -0.19 57.40 -33.13
CA LEU O 120 -1.13 56.67 -33.98
C LEU O 120 -1.26 55.23 -33.49
N ASN O 121 -2.43 54.63 -33.72
CA ASN O 121 -2.63 53.25 -33.31
C ASN O 121 -3.77 52.62 -34.10
N ALA O 122 -3.77 51.28 -34.16
CA ALA O 122 -4.76 50.52 -34.91
C ALA O 122 -4.84 49.08 -34.40
N TYR O 123 -6.05 48.51 -34.40
CA TYR O 123 -6.25 47.10 -34.05
C TYR O 123 -7.44 46.53 -34.82
N SER O 124 -7.58 45.20 -34.77
CA SER O 124 -8.69 44.49 -35.40
C SER O 124 -9.00 43.20 -34.65
N THR O 125 -10.26 42.77 -34.60
CA THR O 125 -10.67 41.52 -33.97
C THR O 125 -11.60 40.76 -34.88
N ARG O 126 -12.31 39.77 -34.36
CA ARG O 126 -13.17 38.93 -35.18
C ARG O 126 -14.27 39.78 -35.80
N GLU O 127 -14.79 40.71 -35.00
CA GLU O 127 -15.92 41.52 -35.41
C GLU O 127 -15.79 43.06 -35.61
N HIS O 128 -14.64 43.73 -35.32
CA HIS O 128 -14.45 45.16 -35.35
C HIS O 128 -13.05 45.50 -35.82
N THR O 129 -12.87 46.76 -36.24
CA THR O 129 -11.60 47.30 -36.69
C THR O 129 -11.54 48.78 -36.34
N ALA O 130 -10.36 49.28 -35.96
CA ALA O 130 -10.29 50.67 -35.50
C ALA O 130 -8.99 51.33 -35.95
N TYR O 131 -9.04 52.67 -36.09
CA TYR O 131 -7.84 53.48 -36.28
C TYR O 131 -7.99 54.76 -35.48
N TYR O 132 -6.96 55.18 -34.76
CA TYR O 132 -7.15 56.41 -34.00
C TYR O 132 -5.83 57.11 -33.70
N ILE O 133 -5.94 58.40 -33.39
CA ILE O 133 -4.78 59.26 -33.15
C ILE O 133 -5.00 60.09 -31.90
N LYS O 134 -3.87 60.43 -31.26
CA LYS O 134 -3.86 61.17 -30.01
C LYS O 134 -2.96 62.37 -30.15
N ALA O 135 -3.50 63.55 -29.89
CA ALA O 135 -2.89 64.82 -30.28
C ALA O 135 -3.14 65.84 -29.18
N LEU O 136 -2.98 67.12 -29.52
CA LEU O 136 -3.24 68.21 -28.60
C LEU O 136 -4.34 69.09 -29.19
N SER O 137 -5.16 69.67 -28.30
CA SER O 137 -6.50 70.14 -28.68
C SER O 137 -6.49 71.15 -29.82
N LYS O 138 -5.44 71.98 -29.93
CA LYS O 138 -5.41 73.00 -30.97
C LYS O 138 -5.32 72.41 -32.37
N ASP O 139 -4.94 71.15 -32.51
CA ASP O 139 -4.58 70.57 -33.80
C ASP O 139 -5.67 69.67 -34.36
N LEU O 140 -6.92 69.88 -33.94
CA LEU O 140 -8.01 69.09 -34.50
C LEU O 140 -8.15 69.23 -36.01
N PRO O 141 -8.14 70.44 -36.61
CA PRO O 141 -8.29 70.51 -38.07
C PRO O 141 -7.23 69.74 -38.83
N LYS O 142 -5.97 69.77 -38.37
CA LYS O 142 -4.94 68.97 -39.02
C LYS O 142 -5.14 67.48 -38.78
N ALA O 143 -5.86 67.11 -37.72
CA ALA O 143 -6.04 65.71 -37.38
C ALA O 143 -7.16 65.08 -38.20
N VAL O 144 -8.34 65.71 -38.17
CA VAL O 144 -9.49 65.19 -38.91
C VAL O 144 -9.18 65.05 -40.40
N GLU O 145 -8.34 65.95 -40.94
CA GLU O 145 -7.94 65.84 -42.34
C GLU O 145 -7.09 64.60 -42.60
N LEU O 146 -6.18 64.25 -41.69
CA LEU O 146 -5.35 63.06 -41.89
C LEU O 146 -6.22 61.81 -41.90
N LEU O 147 -7.12 61.69 -40.92
CA LEU O 147 -7.94 60.48 -40.79
C LEU O 147 -8.76 60.23 -42.05
N ALA O 148 -9.47 61.26 -42.52
CA ALA O 148 -10.27 61.10 -43.73
C ALA O 148 -9.41 60.72 -44.92
N ASP O 149 -8.13 61.10 -44.90
CA ASP O 149 -7.25 60.75 -45.99
C ASP O 149 -6.84 59.29 -45.95
N ILE O 150 -6.85 58.67 -44.78
CA ILE O 150 -6.41 57.28 -44.67
C ILE O 150 -7.52 56.33 -45.09
N VAL O 151 -8.72 56.52 -44.56
CA VAL O 151 -9.78 55.56 -44.83
C VAL O 151 -10.27 55.66 -46.27
N GLN O 152 -10.26 56.85 -46.86
CA GLN O 152 -10.98 57.06 -48.11
C GLN O 152 -10.20 56.58 -49.32
N ASN O 153 -8.95 57.01 -49.48
CA ASN O 153 -8.16 56.58 -50.62
C ASN O 153 -6.70 56.41 -50.22
N CYS O 154 -6.15 55.23 -50.54
CA CYS O 154 -4.74 54.92 -50.33
C CYS O 154 -4.30 54.00 -51.45
N SER O 155 -2.99 53.92 -51.66
CA SER O 155 -2.45 53.11 -52.74
C SER O 155 -1.76 51.86 -52.19
N LEU O 156 -1.78 50.82 -53.01
CA LEU O 156 -1.20 49.53 -52.65
C LEU O 156 0.03 49.34 -53.55
N GLU O 157 1.21 49.40 -52.94
CA GLU O 157 2.45 49.43 -53.71
C GLU O 157 3.07 48.03 -53.76
N ASP O 158 3.33 47.56 -54.98
CA ASP O 158 3.75 46.17 -55.15
C ASP O 158 5.08 45.89 -54.47
N SER O 159 6.02 46.83 -54.56
CA SER O 159 7.26 46.69 -53.81
C SER O 159 6.99 46.64 -52.32
N GLN O 160 6.06 47.46 -51.85
CA GLN O 160 5.67 47.43 -50.45
C GLN O 160 4.98 46.12 -50.09
N ILE O 161 4.25 45.51 -51.03
CA ILE O 161 3.70 44.17 -50.80
C ILE O 161 4.81 43.16 -50.61
N GLU O 162 5.82 43.21 -51.48
CA GLU O 162 6.93 42.28 -51.35
C GLU O 162 7.62 42.45 -50.01
N LYS O 163 7.85 43.68 -49.58
CA LYS O 163 8.44 43.89 -48.27
C LYS O 163 7.54 43.41 -47.14
N GLU O 164 6.22 43.59 -47.25
CA GLU O 164 5.24 43.32 -46.21
C GLU O 164 4.99 41.83 -45.95
N ARG O 165 4.96 41.04 -47.03
CA ARG O 165 4.59 39.65 -46.91
C ARG O 165 5.50 38.91 -45.95
N ASP O 166 6.82 39.15 -46.05
CA ASP O 166 7.76 38.40 -45.21
C ASP O 166 7.69 38.82 -43.75
N VAL O 167 7.36 40.09 -43.48
CA VAL O 167 7.13 40.50 -42.10
C VAL O 167 5.96 39.74 -41.50
N ILE O 168 4.88 39.57 -42.29
CA ILE O 168 3.76 38.78 -41.80
C ILE O 168 4.19 37.34 -41.52
N LEU O 169 4.94 36.76 -42.46
CA LEU O 169 5.34 35.37 -42.33
C LEU O 169 6.24 35.14 -41.13
N GLN O 170 7.00 36.17 -40.73
CA GLN O 170 7.80 36.03 -39.51
C GLN O 170 6.99 36.24 -38.24
N GLU O 171 5.99 37.12 -38.26
CA GLU O 171 5.17 37.30 -37.07
C GLU O 171 4.38 36.05 -36.73
N LEU O 172 3.99 35.26 -37.75
CA LEU O 172 3.31 34.00 -37.46
C LEU O 172 4.14 33.12 -36.52
N GLN O 173 5.41 32.88 -36.87
CA GLN O 173 6.28 32.10 -36.00
C GLN O 173 6.60 32.82 -34.70
N GLU O 174 6.63 34.15 -34.74
CA GLU O 174 6.80 34.93 -33.51
C GLU O 174 5.79 34.52 -32.45
N ASN O 175 4.51 34.52 -32.82
CA ASN O 175 3.48 34.24 -31.82
C ASN O 175 3.02 32.78 -31.82
N ASP O 176 3.68 31.91 -32.60
CA ASP O 176 3.37 30.51 -32.34
C ASP O 176 4.04 29.97 -31.11
N SER O 177 4.57 30.82 -30.23
CA SER O 177 5.25 30.38 -29.02
C SER O 177 4.63 30.95 -27.75
N SER O 178 3.50 31.65 -27.86
CA SER O 178 2.74 32.09 -26.70
C SER O 178 1.59 31.12 -26.48
N MET O 179 1.55 30.50 -25.30
CA MET O 179 0.64 29.38 -25.07
C MET O 179 -0.73 29.82 -24.57
N ARG O 180 -0.88 31.06 -24.14
CA ARG O 180 -2.19 31.62 -23.83
C ARG O 180 -2.88 32.17 -25.07
N ASP O 181 -2.29 31.98 -26.24
CA ASP O 181 -2.90 32.42 -27.48
C ASP O 181 -3.18 31.28 -28.44
N VAL O 182 -2.57 30.11 -28.27
CA VAL O 182 -2.88 28.97 -29.12
C VAL O 182 -4.09 28.22 -28.59
N VAL O 183 -4.37 28.32 -27.29
CA VAL O 183 -5.42 27.53 -26.68
C VAL O 183 -6.76 28.23 -26.83
N PHE O 184 -6.79 29.56 -26.74
CA PHE O 184 -7.93 30.38 -27.21
C PHE O 184 -8.08 30.41 -28.66
N ASP O 185 -7.40 29.57 -29.42
CA ASP O 185 -7.69 29.41 -30.83
C ASP O 185 -8.13 27.99 -31.15
N TYR O 186 -7.50 26.98 -30.54
CA TYR O 186 -8.07 25.64 -30.55
C TYR O 186 -9.50 25.66 -30.01
N LEU O 187 -9.75 26.41 -28.94
CA LEU O 187 -11.08 26.44 -28.36
C LEU O 187 -12.10 26.98 -29.34
N HIS O 188 -11.80 28.10 -29.99
CA HIS O 188 -12.70 28.62 -31.00
C HIS O 188 -12.85 27.66 -32.16
N ALA O 189 -11.82 26.86 -32.45
CA ALA O 189 -11.88 25.96 -33.59
C ALA O 189 -12.77 24.75 -33.35
N THR O 190 -12.86 24.25 -32.12
CA THR O 190 -13.63 23.04 -31.87
C THR O 190 -15.07 23.32 -31.42
N ALA O 191 -15.38 24.55 -31.02
CA ALA O 191 -16.71 24.91 -30.55
C ALA O 191 -17.56 25.61 -31.60
N PHE O 192 -17.05 25.83 -32.80
CA PHE O 192 -17.82 26.48 -33.86
C PHE O 192 -17.51 25.81 -35.19
N GLN O 193 -17.50 24.48 -35.20
CA GLN O 193 -16.78 23.70 -36.22
C GLN O 193 -17.11 24.09 -37.65
N GLY O 194 -18.35 24.39 -37.96
CA GLY O 194 -18.71 24.56 -39.35
C GLY O 194 -19.12 25.94 -39.80
N THR O 195 -18.80 26.96 -39.03
CA THR O 195 -19.29 28.31 -39.25
C THR O 195 -18.19 29.21 -39.76
N PRO O 196 -18.53 30.46 -40.16
CA PRO O 196 -17.50 31.48 -40.39
C PRO O 196 -16.96 32.11 -39.12
N LEU O 197 -17.42 31.71 -37.94
CA LEU O 197 -16.93 32.30 -36.71
C LEU O 197 -15.82 31.47 -36.08
N ALA O 198 -15.31 30.45 -36.79
CA ALA O 198 -14.26 29.58 -36.26
C ALA O 198 -12.97 29.67 -37.06
N GLN O 199 -12.78 30.72 -37.84
CA GLN O 199 -11.52 30.92 -38.55
C GLN O 199 -10.73 32.05 -37.89
N SER O 200 -9.43 32.05 -38.14
CA SER O 200 -8.50 32.90 -37.42
C SER O 200 -8.33 34.27 -38.08
N VAL O 201 -7.87 35.23 -37.28
CA VAL O 201 -7.72 36.60 -37.74
C VAL O 201 -6.65 36.69 -38.82
N GLU O 202 -5.51 36.04 -38.59
CA GLU O 202 -4.36 36.20 -39.46
C GLU O 202 -4.41 35.27 -40.68
N GLY O 203 -4.80 34.03 -40.48
CA GLY O 203 -5.02 33.13 -41.58
C GLY O 203 -4.04 31.97 -41.63
N PRO O 204 -4.36 30.96 -42.44
CA PRO O 204 -3.39 29.90 -42.70
C PRO O 204 -2.21 30.44 -43.49
N SER O 205 -1.07 29.77 -43.34
CA SER O 205 0.15 30.25 -43.96
C SER O 205 0.04 30.22 -45.48
N GLU O 206 -0.54 29.16 -46.04
CA GLU O 206 -0.60 29.00 -47.48
C GLU O 206 -1.43 30.10 -48.14
N ASN O 207 -2.29 30.76 -47.38
CA ASN O 207 -3.22 31.73 -47.95
C ASN O 207 -2.63 33.14 -47.95
N VAL O 208 -1.61 33.40 -47.13
CA VAL O 208 -0.98 34.70 -47.00
C VAL O 208 0.18 34.76 -47.98
N ARG O 209 0.17 33.84 -48.94
CA ARG O 209 1.21 33.73 -49.95
C ARG O 209 0.68 33.94 -51.37
N LYS O 210 -0.62 34.09 -51.54
CA LYS O 210 -1.18 34.16 -52.87
C LYS O 210 -2.04 35.40 -53.09
N LEU O 211 -2.75 35.85 -52.06
CA LEU O 211 -3.74 36.91 -52.24
C LEU O 211 -3.06 38.22 -52.62
N SER O 212 -3.50 38.81 -53.72
CA SER O 212 -2.80 39.86 -54.45
C SER O 212 -3.64 41.13 -54.55
N ARG O 213 -3.20 42.06 -55.41
CA ARG O 213 -3.68 43.44 -55.34
C ARG O 213 -5.18 43.55 -55.58
N ALA O 214 -5.68 42.77 -56.53
CA ALA O 214 -7.09 42.79 -56.90
C ALA O 214 -8.00 42.33 -55.77
N ASP O 215 -7.57 41.29 -55.06
CA ASP O 215 -8.36 40.75 -53.95
C ASP O 215 -8.50 41.80 -52.85
N LEU O 216 -7.41 42.52 -52.62
CA LEU O 216 -7.41 43.56 -51.60
C LEU O 216 -8.21 44.79 -52.00
N THR O 217 -8.16 45.20 -53.27
CA THR O 217 -8.86 46.42 -53.65
C THR O 217 -10.38 46.23 -53.62
N GLU O 218 -10.89 45.07 -54.07
CA GLU O 218 -12.32 44.91 -53.88
C GLU O 218 -12.72 44.71 -52.43
N TYR O 219 -11.87 44.12 -51.58
CA TYR O 219 -12.20 44.09 -50.16
C TYR O 219 -12.40 45.51 -49.64
N VAL O 220 -11.44 46.39 -49.94
CA VAL O 220 -11.52 47.77 -49.46
C VAL O 220 -12.73 48.49 -50.02
N SER O 221 -13.13 48.15 -51.25
CA SER O 221 -14.30 48.80 -51.85
C SER O 221 -15.61 48.29 -51.22
N GLN O 222 -15.70 46.98 -50.99
CA GLN O 222 -16.97 46.38 -50.58
C GLN O 222 -17.25 46.48 -49.09
N HIS O 223 -16.24 46.65 -48.24
CA HIS O 223 -16.54 46.72 -46.82
C HIS O 223 -16.38 48.10 -46.22
N TYR O 224 -15.38 48.87 -46.62
CA TYR O 224 -15.16 50.21 -46.08
C TYR O 224 -16.16 51.16 -46.74
N LYS O 225 -17.27 51.40 -46.06
CA LYS O 225 -18.30 52.29 -46.58
C LYS O 225 -19.25 52.67 -45.45
N ALA O 226 -19.97 53.75 -45.65
CA ALA O 226 -21.04 54.14 -44.74
C ALA O 226 -22.33 53.47 -45.13
N PRO O 227 -23.30 53.35 -44.21
CA PRO O 227 -23.33 53.72 -42.79
C PRO O 227 -22.77 52.67 -41.84
N ARG O 228 -21.66 52.03 -42.18
CA ARG O 228 -21.00 51.10 -41.27
C ARG O 228 -19.94 51.76 -40.40
N MET O 229 -19.82 53.08 -40.44
CA MET O 229 -18.70 53.80 -39.85
C MET O 229 -19.19 54.76 -38.77
N VAL O 230 -18.33 55.01 -37.79
CA VAL O 230 -18.61 55.97 -36.73
C VAL O 230 -17.37 56.85 -36.53
N LEU O 231 -17.59 58.15 -36.40
CA LEU O 231 -16.53 59.13 -36.18
C LEU O 231 -16.62 59.60 -34.73
N ALA O 232 -15.70 59.14 -33.89
CA ALA O 232 -15.82 59.39 -32.46
C ALA O 232 -14.67 60.26 -31.95
N ALA O 233 -14.96 61.09 -30.96
CA ALA O 233 -13.97 62.00 -30.43
C ALA O 233 -14.26 62.28 -28.97
N ALA O 234 -13.21 62.49 -28.19
CA ALA O 234 -13.43 62.84 -26.78
C ALA O 234 -12.31 63.70 -26.27
N GLY O 235 -12.60 64.43 -25.19
CA GLY O 235 -11.64 65.35 -24.61
C GLY O 235 -12.15 66.77 -24.53
N GLY O 236 -11.46 67.70 -25.20
CA GLY O 236 -11.87 69.09 -25.22
C GLY O 236 -12.47 69.52 -26.54
N VAL O 237 -13.20 68.62 -27.18
CA VAL O 237 -13.74 68.88 -28.51
C VAL O 237 -15.03 69.67 -28.40
N GLU O 238 -15.37 70.39 -29.47
CA GLU O 238 -16.63 71.11 -29.60
C GLU O 238 -17.49 70.43 -30.66
N HIS O 239 -18.76 70.21 -30.35
CA HIS O 239 -19.59 69.38 -31.22
C HIS O 239 -19.86 70.06 -32.57
N ARG O 240 -20.19 71.35 -32.54
CA ARG O 240 -20.52 72.05 -33.78
C ARG O 240 -19.28 72.14 -34.69
N GLN O 241 -18.13 72.46 -34.10
CA GLN O 241 -16.91 72.51 -34.90
C GLN O 241 -16.57 71.14 -35.48
N LEU O 242 -16.78 70.08 -34.70
CA LEU O 242 -16.52 68.73 -35.18
C LEU O 242 -17.43 68.39 -36.35
N LEU O 243 -18.71 68.77 -36.27
CA LEU O 243 -19.64 68.48 -37.36
C LEU O 243 -19.30 69.28 -38.61
N ASP O 244 -18.91 70.54 -38.44
CA ASP O 244 -18.48 71.35 -39.58
C ASP O 244 -17.28 70.74 -40.26
N LEU O 245 -16.28 70.35 -39.48
CA LEU O 245 -15.07 69.72 -40.04
C LEU O 245 -15.37 68.37 -40.65
N ALA O 246 -16.37 67.65 -40.14
CA ALA O 246 -16.74 66.38 -40.73
C ALA O 246 -17.36 66.57 -42.11
N GLN O 247 -18.21 67.61 -42.26
CA GLN O 247 -18.91 67.80 -43.52
C GLN O 247 -17.98 68.13 -44.67
N LYS O 248 -16.80 68.68 -44.41
CA LYS O 248 -15.89 69.10 -45.48
C LYS O 248 -15.09 67.93 -46.03
N HIS O 249 -14.48 67.14 -45.17
CA HIS O 249 -13.54 66.11 -45.60
C HIS O 249 -14.21 64.78 -45.90
N PHE O 250 -15.45 64.57 -45.46
CA PHE O 250 -16.09 63.26 -45.55
C PHE O 250 -17.23 63.17 -46.54
N SER O 251 -17.93 64.27 -46.81
CA SER O 251 -19.18 64.19 -47.55
C SER O 251 -19.01 63.69 -48.98
N SER O 252 -17.80 63.75 -49.54
CA SER O 252 -17.53 63.17 -50.86
C SER O 252 -17.41 61.66 -50.71
N LEU O 253 -18.55 61.03 -50.44
CA LEU O 253 -18.57 59.64 -50.02
C LEU O 253 -19.82 58.95 -50.55
N SER O 254 -19.66 57.69 -50.95
CA SER O 254 -20.73 56.94 -51.61
C SER O 254 -21.72 56.41 -50.58
N GLY O 255 -22.92 56.98 -50.58
CA GLY O 255 -23.93 56.62 -49.59
C GLY O 255 -24.85 55.50 -49.98
N THR O 256 -25.02 55.27 -51.28
CA THR O 256 -25.88 54.21 -51.77
C THR O 256 -25.09 52.92 -51.86
N TYR O 257 -25.67 51.83 -51.33
CA TYR O 257 -24.98 50.56 -51.27
C TYR O 257 -24.48 50.12 -52.63
N VAL O 258 -23.21 49.73 -52.68
CA VAL O 258 -22.58 49.21 -53.88
C VAL O 258 -22.81 47.71 -53.93
N GLU O 259 -23.30 47.21 -55.06
CA GLU O 259 -23.44 45.78 -55.35
C GLU O 259 -24.55 45.13 -54.52
N ASP O 260 -25.15 45.88 -53.59
CA ASP O 260 -26.25 45.36 -52.75
C ASP O 260 -25.84 44.07 -52.04
N ALA O 261 -24.60 44.03 -51.55
CA ALA O 261 -24.05 42.83 -50.91
C ALA O 261 -24.46 42.85 -49.45
N VAL O 262 -25.66 42.34 -49.17
CA VAL O 262 -26.23 42.31 -47.83
C VAL O 262 -26.21 40.86 -47.34
N PRO O 263 -25.35 40.52 -46.39
CA PRO O 263 -25.35 39.15 -45.86
C PRO O 263 -26.46 38.94 -44.84
N ALA O 264 -26.86 37.68 -44.70
CA ALA O 264 -27.91 37.28 -43.77
C ALA O 264 -27.27 36.59 -42.57
N PHE O 265 -27.66 37.03 -41.37
CA PHE O 265 -27.06 36.48 -40.16
C PHE O 265 -27.54 35.06 -39.92
N THR O 266 -26.60 34.19 -39.57
CA THR O 266 -26.90 32.81 -39.22
C THR O 266 -26.67 32.64 -37.72
N PRO O 267 -27.71 32.35 -36.95
CA PRO O 267 -27.50 32.10 -35.52
C PRO O 267 -26.52 30.94 -35.36
N CYS O 268 -25.56 31.09 -34.47
CA CYS O 268 -24.44 30.15 -34.35
C CYS O 268 -24.78 28.78 -33.78
N ARG O 269 -24.23 27.75 -34.41
CA ARG O 269 -24.25 26.38 -33.88
C ARG O 269 -23.24 26.26 -32.73
N PHE O 270 -23.46 25.32 -31.83
CA PHE O 270 -22.55 25.14 -30.70
C PHE O 270 -22.47 23.65 -30.43
N THR O 271 -21.29 23.06 -30.58
CA THR O 271 -21.13 21.63 -30.42
C THR O 271 -20.25 21.30 -29.21
N GLY O 272 -20.39 20.07 -28.76
CA GLY O 272 -19.59 19.50 -27.68
C GLY O 272 -18.40 18.68 -28.08
N SER O 273 -17.31 19.28 -28.53
CA SER O 273 -16.16 18.49 -28.95
C SER O 273 -15.04 18.57 -27.91
N GLU O 274 -13.86 18.01 -28.25
CA GLU O 274 -12.69 18.11 -27.40
C GLU O 274 -11.41 17.84 -28.19
N ILE O 275 -10.39 18.68 -27.98
CA ILE O 275 -9.12 18.63 -28.70
C ILE O 275 -7.99 18.33 -27.73
N ARG O 276 -7.02 17.51 -28.15
CA ARG O 276 -5.89 17.14 -27.30
C ARG O 276 -4.58 17.10 -28.07
N HIS O 277 -3.60 17.88 -27.60
CA HIS O 277 -2.27 17.99 -28.21
C HIS O 277 -1.22 17.66 -27.15
N ARG O 278 -0.27 16.78 -27.46
CA ARG O 278 0.48 16.08 -26.41
C ARG O 278 1.77 16.78 -25.97
N ASP O 279 2.77 16.82 -26.83
CA ASP O 279 3.97 17.67 -26.70
C ASP O 279 4.54 17.64 -25.26
N ASP O 280 5.15 16.51 -24.93
CA ASP O 280 5.55 16.08 -23.60
C ASP O 280 6.73 16.84 -22.98
N ALA O 281 7.42 17.71 -23.72
CA ALA O 281 8.65 18.31 -23.23
C ALA O 281 8.49 19.72 -22.68
N LEU O 282 7.27 20.25 -22.61
CA LEU O 282 7.04 21.55 -21.97
C LEU O 282 6.99 21.39 -20.46
N PRO O 283 7.23 22.46 -19.71
CA PRO O 283 7.21 22.35 -18.25
C PRO O 283 5.81 22.30 -17.65
N LEU O 284 4.87 23.05 -18.20
CA LEU O 284 3.56 23.25 -17.59
C LEU O 284 2.46 22.98 -18.61
N ALA O 285 1.23 22.81 -18.12
CA ALA O 285 0.08 22.42 -18.92
C ALA O 285 -0.99 23.50 -18.89
N HIS O 286 -1.62 23.74 -20.03
CA HIS O 286 -2.71 24.72 -20.12
C HIS O 286 -4.03 24.02 -20.42
N VAL O 287 -5.11 24.50 -19.79
CA VAL O 287 -6.44 23.91 -20.01
C VAL O 287 -7.50 25.00 -19.97
N ALA O 288 -8.53 24.89 -20.83
CA ALA O 288 -9.69 25.77 -20.81
C ALA O 288 -10.97 25.00 -21.09
N ILE O 289 -12.06 25.42 -20.44
CA ILE O 289 -13.37 24.76 -20.57
C ILE O 289 -14.50 25.77 -20.60
N ALA O 290 -15.50 25.55 -21.47
CA ALA O 290 -16.56 26.54 -21.63
C ALA O 290 -17.86 25.94 -22.15
N VAL O 291 -18.97 26.66 -21.91
CA VAL O 291 -20.31 26.37 -22.44
C VAL O 291 -20.83 27.58 -23.21
N GLU O 292 -22.09 27.51 -23.65
CA GLU O 292 -22.74 28.56 -24.42
C GLU O 292 -23.33 29.65 -23.53
N GLY O 293 -23.44 30.86 -24.07
CA GLY O 293 -23.92 32.00 -23.33
C GLY O 293 -24.86 32.89 -24.11
N PRO O 294 -25.18 34.06 -23.54
CA PRO O 294 -26.09 35.00 -24.21
C PRO O 294 -25.43 35.79 -25.34
N GLY O 295 -26.17 36.75 -25.90
CA GLY O 295 -25.65 37.68 -26.87
C GLY O 295 -25.42 39.06 -26.29
N TRP O 296 -25.17 40.01 -27.18
CA TRP O 296 -24.85 41.36 -26.72
C TRP O 296 -26.05 42.03 -26.07
N ALA O 297 -27.22 41.95 -26.69
CA ALA O 297 -28.38 42.72 -26.25
C ALA O 297 -29.29 41.96 -25.29
N ASN O 298 -28.95 40.73 -24.95
CA ASN O 298 -29.75 39.93 -24.03
C ASN O 298 -29.69 40.50 -22.62
N PRO O 299 -30.82 40.65 -21.93
CA PRO O 299 -30.80 41.20 -20.57
C PRO O 299 -30.32 40.23 -19.50
N ASP O 300 -29.79 39.08 -19.89
CA ASP O 300 -29.31 38.10 -18.93
C ASP O 300 -27.83 38.26 -18.60
N ASN O 301 -27.17 39.32 -19.08
CA ASN O 301 -25.74 39.45 -18.88
C ASN O 301 -25.39 39.87 -17.46
N VAL O 302 -26.17 40.79 -16.88
CA VAL O 302 -25.81 41.33 -15.57
C VAL O 302 -25.76 40.27 -14.48
N PRO O 303 -26.78 39.41 -14.32
CA PRO O 303 -26.67 38.33 -13.31
C PRO O 303 -25.52 37.36 -13.55
N LEU O 304 -25.16 37.09 -14.81
CA LEU O 304 -24.00 36.26 -15.05
C LEU O 304 -22.70 36.95 -14.64
N GLN O 305 -22.60 38.27 -14.81
CA GLN O 305 -21.45 38.99 -14.27
C GLN O 305 -21.39 38.87 -12.75
N VAL O 306 -22.53 39.07 -12.09
CA VAL O 306 -22.57 38.98 -10.63
C VAL O 306 -22.22 37.57 -10.17
N ALA O 307 -22.54 36.55 -10.95
CA ALA O 307 -22.22 35.18 -10.60
C ALA O 307 -20.76 34.82 -10.82
N ASN O 308 -20.17 35.28 -11.93
CA ASN O 308 -18.75 35.00 -12.17
C ASN O 308 -17.84 35.78 -11.24
N ALA O 309 -18.29 36.90 -10.68
CA ALA O 309 -17.42 37.58 -9.74
C ALA O 309 -17.29 36.87 -8.40
N ILE O 310 -18.05 35.79 -8.17
CA ILE O 310 -17.98 35.07 -6.90
C ILE O 310 -16.92 33.96 -6.94
N ILE O 311 -16.62 33.42 -8.12
CA ILE O 311 -15.55 32.44 -8.24
C ILE O 311 -14.20 33.09 -8.02
N GLY O 312 -13.85 34.09 -8.84
CA GLY O 312 -12.72 34.97 -8.60
C GLY O 312 -11.54 34.70 -9.51
N HIS O 313 -10.37 35.16 -9.06
CA HIS O 313 -9.11 34.88 -9.74
C HIS O 313 -7.97 34.81 -8.72
N TYR O 314 -6.85 34.21 -9.15
CA TYR O 314 -5.72 33.96 -8.27
C TYR O 314 -4.46 33.75 -9.09
N ASP O 315 -3.35 34.36 -8.65
CA ASP O 315 -2.03 34.03 -9.15
C ASP O 315 -1.04 33.95 -8.01
N SER O 316 0.03 33.19 -8.22
CA SER O 316 0.92 32.76 -7.14
C SER O 316 1.83 33.87 -6.64
N THR O 317 1.55 35.12 -6.98
CA THR O 317 2.26 36.27 -6.42
C THR O 317 1.36 37.24 -5.69
N TYR O 318 0.11 36.86 -5.39
CA TYR O 318 -0.78 37.76 -4.66
C TYR O 318 -0.37 37.85 -3.20
N GLY O 319 -0.77 38.94 -2.57
CA GLY O 319 -0.33 39.20 -1.22
C GLY O 319 -0.89 38.27 -0.17
N GLY O 320 -2.19 38.32 0.07
CA GLY O 320 -2.74 37.66 1.22
C GLY O 320 -3.44 36.34 0.98
N GLY O 321 -2.86 35.48 0.16
CA GLY O 321 -3.47 34.19 -0.12
C GLY O 321 -3.64 33.35 1.13
N THR O 322 -4.36 32.26 0.93
CA THR O 322 -4.58 31.24 1.96
C THR O 322 -5.46 31.71 3.03
N HIS O 323 -6.03 32.86 2.89
CA HIS O 323 -7.28 33.07 3.44
C HIS O 323 -7.96 34.30 2.91
N MET O 324 -8.36 34.20 1.65
CA MET O 324 -8.96 35.18 0.82
C MET O 324 -10.25 34.55 0.62
N SER O 325 -11.34 35.30 0.43
CA SER O 325 -12.72 34.79 0.46
C SER O 325 -13.24 33.74 -0.48
N SER O 326 -12.68 33.54 -1.63
CA SER O 326 -13.20 32.53 -2.52
C SER O 326 -12.82 31.15 -2.00
N THR O 327 -13.70 30.19 -2.24
CA THR O 327 -13.43 28.85 -1.74
C THR O 327 -12.48 28.08 -2.64
N LEU O 328 -12.23 28.57 -3.86
CA LEU O 328 -11.30 27.92 -4.76
C LEU O 328 -9.90 28.50 -4.65
N ALA O 329 -9.79 29.81 -4.44
CA ALA O 329 -8.49 30.43 -4.29
C ALA O 329 -7.81 30.01 -2.99
N SER O 330 -8.60 29.93 -1.92
CA SER O 330 -8.08 29.61 -0.59
C SER O 330 -7.56 28.19 -0.47
N VAL O 331 -7.99 27.29 -1.35
CA VAL O 331 -7.52 25.90 -1.33
C VAL O 331 -6.28 25.72 -2.19
N ALA O 332 -6.25 26.37 -3.35
CA ALA O 332 -5.05 26.34 -4.20
C ALA O 332 -3.88 26.99 -3.49
N ALA O 333 -4.14 28.08 -2.77
CA ALA O 333 -3.05 28.71 -2.03
C ALA O 333 -2.44 27.80 -0.98
N THR O 334 -3.25 26.96 -0.33
CA THR O 334 -2.75 26.18 0.80
C THR O 334 -2.28 24.78 0.44
N ARG O 335 -2.73 24.19 -0.66
CA ARG O 335 -2.16 22.94 -1.12
C ARG O 335 -1.17 23.11 -2.26
N LYS O 336 -1.10 24.30 -2.86
CA LYS O 336 -0.17 24.64 -3.94
C LYS O 336 -0.37 23.74 -5.16
N LEU O 337 -1.54 23.92 -5.77
CA LEU O 337 -1.88 23.23 -7.01
C LEU O 337 -1.75 24.12 -8.24
N CYS O 338 -1.90 25.43 -8.10
CA CYS O 338 -2.01 26.36 -9.21
C CYS O 338 -0.74 27.17 -9.41
N GLN O 339 -0.52 27.55 -10.67
CA GLN O 339 0.13 28.82 -10.96
C GLN O 339 -0.91 29.94 -11.06
N SER O 340 -1.97 29.72 -11.84
CA SER O 340 -3.05 30.71 -11.94
C SER O 340 -4.28 30.11 -12.61
N PHE O 341 -5.40 30.81 -12.45
CA PHE O 341 -6.68 30.53 -13.11
C PHE O 341 -7.48 31.83 -13.25
N GLN O 342 -8.47 31.81 -14.15
CA GLN O 342 -9.38 32.95 -14.31
C GLN O 342 -10.65 32.53 -15.03
N THR O 343 -11.63 33.47 -15.07
CA THR O 343 -12.95 33.29 -15.66
C THR O 343 -13.21 34.29 -16.78
N PHE O 344 -13.91 33.86 -17.85
CA PHE O 344 -14.16 34.70 -19.01
C PHE O 344 -15.60 34.64 -19.49
N ASN O 345 -16.01 35.69 -20.22
CA ASN O 345 -17.39 35.95 -20.60
C ASN O 345 -17.51 36.56 -22.00
N ILE O 346 -16.84 35.98 -22.99
CA ILE O 346 -16.86 36.54 -24.35
C ILE O 346 -18.26 36.58 -24.93
N CYS O 347 -18.62 37.68 -25.59
CA CYS O 347 -19.96 37.85 -26.13
C CYS O 347 -19.93 38.44 -27.53
N TYR O 348 -20.77 37.89 -28.40
CA TYR O 348 -20.93 38.24 -29.81
C TYR O 348 -22.35 38.78 -30.01
N ALA O 349 -22.76 38.94 -31.26
CA ALA O 349 -24.07 39.49 -31.53
C ALA O 349 -25.19 38.53 -31.15
N GLU O 350 -24.93 37.23 -31.18
CA GLU O 350 -25.95 36.22 -30.95
C GLU O 350 -25.59 35.17 -29.91
N THR O 351 -24.34 34.72 -29.86
CA THR O 351 -23.86 33.63 -29.02
C THR O 351 -22.84 34.15 -28.02
N GLY O 352 -22.16 33.24 -27.35
CA GLY O 352 -21.15 33.62 -26.39
C GLY O 352 -20.30 32.45 -25.98
N LEU O 353 -19.65 32.59 -24.83
CA LEU O 353 -18.90 31.53 -24.19
C LEU O 353 -18.83 31.86 -22.70
N LEU O 354 -18.99 30.86 -21.85
CA LEU O 354 -18.76 31.01 -20.40
C LEU O 354 -17.83 29.91 -19.92
N GLY O 355 -16.86 30.25 -19.09
CA GLY O 355 -15.94 29.21 -18.68
C GLY O 355 -14.77 29.62 -17.82
N ALA O 356 -13.65 28.90 -17.96
CA ALA O 356 -12.50 29.16 -17.13
C ALA O 356 -11.24 28.58 -17.75
N HIS O 357 -10.10 29.19 -17.38
CA HIS O 357 -8.77 28.86 -17.87
C HIS O 357 -7.86 28.63 -16.68
N PHE O 358 -7.02 27.60 -16.74
CA PHE O 358 -6.03 27.41 -15.69
C PHE O 358 -4.74 26.80 -16.24
N VAL O 359 -3.62 27.17 -15.60
CA VAL O 359 -2.29 26.69 -15.97
C VAL O 359 -1.64 26.03 -14.76
N CYS O 360 -1.06 24.84 -14.96
CA CYS O 360 -0.82 23.96 -13.83
C CYS O 360 0.33 22.99 -14.14
N ASP O 361 0.67 22.20 -13.13
CA ASP O 361 1.70 21.17 -13.20
C ASP O 361 1.15 19.93 -13.90
N ASN O 362 1.84 18.79 -13.80
CA ASN O 362 1.40 17.60 -14.50
C ASN O 362 0.76 16.54 -13.62
N MET O 363 0.70 16.75 -12.31
CA MET O 363 0.07 15.79 -11.40
C MET O 363 -1.11 16.38 -10.62
N SER O 364 -1.58 17.58 -10.96
CA SER O 364 -2.60 18.27 -10.19
C SER O 364 -3.75 18.74 -11.05
N ILE O 365 -4.08 18.00 -12.12
CA ILE O 365 -5.13 18.43 -13.04
C ILE O 365 -6.52 17.98 -12.60
N ASP O 366 -6.68 16.70 -12.25
CA ASP O 366 -8.02 16.25 -11.88
C ASP O 366 -8.44 16.80 -10.53
N ASP O 367 -7.49 17.11 -9.65
CA ASP O 367 -7.83 17.83 -8.42
C ASP O 367 -8.44 19.19 -8.74
N MET O 368 -7.85 19.89 -9.71
CA MET O 368 -8.37 21.18 -10.14
C MET O 368 -9.76 21.05 -10.74
N MET O 369 -9.96 20.05 -11.60
CA MET O 369 -11.27 19.93 -12.24
C MET O 369 -12.35 19.51 -11.26
N PHE O 370 -12.05 18.60 -10.32
CA PHE O 370 -12.97 18.25 -9.27
C PHE O 370 -13.38 19.48 -8.47
N PHE O 371 -12.39 20.23 -7.97
CA PHE O 371 -12.72 21.38 -7.14
C PHE O 371 -13.33 22.52 -7.94
N LEU O 372 -13.17 22.53 -9.26
CA LEU O 372 -13.80 23.56 -10.06
C LEU O 372 -15.27 23.26 -10.28
N GLN O 373 -15.59 22.04 -10.73
CA GLN O 373 -16.99 21.70 -10.98
C GLN O 373 -17.81 21.75 -9.70
N GLY O 374 -17.18 21.45 -8.55
CA GLY O 374 -17.91 21.54 -7.29
C GLY O 374 -18.48 22.91 -7.02
N GLN O 375 -17.73 23.96 -7.37
CA GLN O 375 -18.16 25.33 -7.06
C GLN O 375 -19.29 25.81 -7.97
N TRP O 376 -19.35 25.32 -9.20
CA TRP O 376 -20.51 25.59 -10.02
C TRP O 376 -21.75 24.91 -9.48
N MET O 377 -21.62 23.65 -9.05
CA MET O 377 -22.81 22.96 -8.54
C MET O 377 -23.28 23.53 -7.21
N ARG O 378 -22.36 24.02 -6.39
CA ARG O 378 -22.77 24.60 -5.13
C ARG O 378 -23.56 25.88 -5.39
N LEU O 379 -23.55 26.36 -6.62
CA LEU O 379 -24.11 27.66 -6.94
C LEU O 379 -25.35 27.58 -7.83
N CYS O 380 -25.49 26.51 -8.61
CA CYS O 380 -26.77 26.21 -9.27
C CYS O 380 -27.88 26.07 -8.24
N THR O 381 -27.53 25.44 -7.12
CA THR O 381 -28.47 25.22 -6.04
C THR O 381 -28.36 26.38 -5.05
N SER O 382 -28.25 26.10 -3.76
CA SER O 382 -28.29 27.17 -2.78
C SER O 382 -27.16 28.18 -2.97
N ALA O 383 -27.53 29.45 -2.85
CA ALA O 383 -26.61 30.59 -2.93
C ALA O 383 -27.07 31.63 -1.93
N THR O 384 -26.24 31.88 -0.92
CA THR O 384 -26.67 32.65 0.24
C THR O 384 -26.88 34.12 -0.12
N GLU O 385 -27.26 34.92 0.86
CA GLU O 385 -27.51 36.34 0.65
C GLU O 385 -26.37 37.21 1.15
N SER O 386 -25.20 36.64 1.35
CA SER O 386 -24.00 37.42 1.59
C SER O 386 -22.95 37.22 0.51
N GLU O 387 -23.05 36.15 -0.26
CA GLU O 387 -22.25 35.96 -1.46
C GLU O 387 -22.76 36.79 -2.63
N VAL O 388 -23.85 37.54 -2.46
CA VAL O 388 -24.43 38.30 -3.55
C VAL O 388 -24.21 39.80 -3.38
N VAL O 389 -24.22 40.30 -2.14
CA VAL O 389 -23.89 41.71 -1.94
C VAL O 389 -22.43 41.98 -2.29
N ARG O 390 -21.55 41.02 -2.00
CA ARG O 390 -20.14 41.20 -2.34
C ARG O 390 -19.92 41.26 -3.85
N GLY O 391 -20.51 40.31 -4.60
CA GLY O 391 -20.41 40.35 -6.04
C GLY O 391 -21.00 41.60 -6.64
N LYS O 392 -22.12 42.08 -6.09
CA LYS O 392 -22.70 43.31 -6.57
C LYS O 392 -21.74 44.47 -6.39
N ASN O 393 -21.11 44.57 -5.22
CA ASN O 393 -20.15 45.65 -4.99
C ASN O 393 -18.96 45.55 -5.93
N ILE O 394 -18.45 44.34 -6.17
CA ILE O 394 -17.29 44.17 -7.03
C ILE O 394 -17.59 44.64 -8.45
N LEU O 395 -18.74 44.26 -9.00
CA LEU O 395 -19.07 44.70 -10.35
C LEU O 395 -19.31 46.20 -10.41
N ARG O 396 -20.04 46.73 -9.44
CA ARG O 396 -20.32 48.16 -9.39
C ARG O 396 -19.04 48.98 -9.29
N ASN O 397 -17.98 48.41 -8.71
CA ASN O 397 -16.76 49.16 -8.49
C ASN O 397 -15.71 48.91 -9.58
N ALA O 398 -15.81 47.81 -10.32
CA ALA O 398 -14.99 47.62 -11.51
C ALA O 398 -15.58 48.28 -12.74
N LEU O 399 -16.83 48.73 -12.68
CA LEU O 399 -17.41 49.42 -13.83
C LEU O 399 -16.89 50.84 -13.99
N VAL O 400 -16.47 51.50 -12.92
CA VAL O 400 -16.16 52.93 -12.96
C VAL O 400 -14.67 53.17 -13.19
N SER O 401 -13.81 52.27 -12.73
CA SER O 401 -12.37 52.51 -12.87
C SER O 401 -11.90 52.26 -14.29
N HIS O 402 -12.58 51.38 -15.02
CA HIS O 402 -12.22 51.09 -16.40
C HIS O 402 -12.56 52.25 -17.34
N LEU O 403 -13.11 53.34 -16.82
CA LEU O 403 -13.64 54.42 -17.64
C LEU O 403 -13.09 55.77 -17.22
N ASP O 404 -11.93 55.78 -16.56
CA ASP O 404 -11.28 57.01 -16.13
C ASP O 404 -10.06 57.23 -17.01
N GLY O 405 -10.04 58.37 -17.70
CA GLY O 405 -9.03 58.68 -18.69
C GLY O 405 -9.69 59.35 -19.88
N THR O 406 -9.00 59.29 -21.03
CA THR O 406 -9.49 59.83 -22.29
C THR O 406 -9.51 58.87 -23.47
N THR O 407 -8.55 57.98 -23.58
CA THR O 407 -8.57 56.94 -24.61
C THR O 407 -9.62 55.90 -24.45
N PRO O 408 -9.87 55.45 -23.14
CA PRO O 408 -10.94 54.48 -23.03
C PRO O 408 -12.30 55.02 -23.42
N VAL O 409 -12.61 56.24 -23.06
CA VAL O 409 -13.94 56.81 -23.27
C VAL O 409 -14.28 56.81 -24.76
N CYS O 410 -13.31 57.10 -25.61
CA CYS O 410 -13.56 57.12 -27.05
C CYS O 410 -13.86 55.72 -27.59
N GLU O 411 -12.97 54.80 -27.24
CA GLU O 411 -13.06 53.40 -27.59
C GLU O 411 -14.37 52.87 -27.01
N ASP O 412 -14.81 53.30 -25.85
CA ASP O 412 -16.14 52.98 -25.44
C ASP O 412 -17.13 53.59 -26.40
N ILE O 413 -17.12 54.87 -26.70
CA ILE O 413 -18.23 55.51 -27.40
C ILE O 413 -18.37 54.88 -28.71
N GLY O 414 -17.31 54.46 -29.35
CA GLY O 414 -17.38 53.76 -30.60
C GLY O 414 -18.00 52.40 -30.66
N ARG O 415 -17.78 51.53 -29.70
CA ARG O 415 -18.48 50.24 -29.74
C ARG O 415 -19.90 50.35 -29.17
N SER O 416 -20.05 51.00 -28.03
CA SER O 416 -21.34 51.21 -27.38
C SER O 416 -22.34 51.89 -28.30
N LEU O 417 -21.91 52.35 -29.47
CA LEU O 417 -22.78 52.92 -30.47
C LEU O 417 -22.84 52.10 -31.74
N LEU O 418 -21.83 51.27 -31.99
CA LEU O 418 -21.86 50.34 -33.10
C LEU O 418 -22.50 49.00 -32.77
N THR O 419 -22.97 48.80 -31.53
CA THR O 419 -23.61 47.56 -31.16
C THR O 419 -25.01 47.71 -30.56
N TYR O 420 -25.38 48.88 -30.05
CA TYR O 420 -26.78 49.18 -29.76
C TYR O 420 -27.26 50.44 -30.45
N GLY O 421 -26.47 51.51 -30.37
CA GLY O 421 -26.97 52.86 -30.25
C GLY O 421 -26.90 53.28 -28.80
N ARG O 422 -27.39 54.48 -28.52
CA ARG O 422 -27.81 54.85 -27.16
C ARG O 422 -26.80 54.52 -26.06
N ARG O 423 -25.77 55.35 -25.89
CA ARG O 423 -24.61 55.05 -25.05
C ARG O 423 -24.88 54.59 -23.61
N ILE O 424 -26.11 54.64 -23.10
CA ILE O 424 -26.41 54.02 -21.80
C ILE O 424 -25.62 54.65 -20.64
N PRO O 425 -26.05 55.80 -20.12
CA PRO O 425 -25.33 56.42 -18.99
C PRO O 425 -25.09 55.50 -17.79
N LEU O 426 -24.28 55.98 -16.83
CA LEU O 426 -23.92 55.17 -15.67
C LEU O 426 -25.11 54.90 -14.76
N ALA O 427 -26.05 55.85 -14.66
CA ALA O 427 -27.21 55.65 -13.80
C ALA O 427 -28.08 54.50 -14.29
N GLU O 428 -28.21 54.35 -15.60
CA GLU O 428 -29.01 53.25 -16.13
C GLU O 428 -28.36 51.90 -15.88
N TRP O 429 -27.03 51.80 -15.95
CA TRP O 429 -26.41 50.56 -15.51
C TRP O 429 -26.66 50.33 -14.03
N GLU O 430 -26.58 51.39 -13.23
CA GLU O 430 -26.68 51.21 -11.79
C GLU O 430 -28.06 50.70 -11.39
N SER O 431 -29.11 51.18 -12.05
CA SER O 431 -30.44 50.72 -11.67
C SER O 431 -30.70 49.27 -12.05
N ARG O 432 -29.90 48.68 -12.94
CA ARG O 432 -30.02 47.25 -13.20
C ARG O 432 -29.26 46.40 -12.22
N ILE O 433 -28.50 47.01 -11.30
CA ILE O 433 -27.78 46.25 -10.30
C ILE O 433 -28.47 46.30 -8.94
N ALA O 434 -29.51 47.12 -8.80
CA ALA O 434 -30.30 47.15 -7.58
C ALA O 434 -31.41 46.10 -7.58
N GLU O 435 -31.54 45.29 -8.63
CA GLU O 435 -32.61 44.31 -8.71
C GLU O 435 -32.11 42.89 -9.02
N VAL O 436 -30.92 42.54 -8.56
CA VAL O 436 -30.45 41.16 -8.61
C VAL O 436 -30.51 40.59 -7.19
N ASP O 437 -30.96 39.35 -7.07
CA ASP O 437 -31.24 38.75 -5.78
C ASP O 437 -30.78 37.30 -5.82
N ALA O 438 -30.87 36.59 -4.69
CA ALA O 438 -30.36 35.22 -4.64
C ALA O 438 -31.17 34.29 -5.55
N SER O 439 -32.48 34.49 -5.63
CA SER O 439 -33.31 33.64 -6.48
C SER O 439 -32.98 33.83 -7.95
N VAL O 440 -32.71 35.08 -8.36
CA VAL O 440 -32.40 35.34 -9.77
C VAL O 440 -31.13 34.61 -10.17
N VAL O 441 -30.10 34.68 -9.33
CA VAL O 441 -28.86 33.98 -9.61
C VAL O 441 -29.10 32.49 -9.67
N ARG O 442 -29.92 31.96 -8.75
CA ARG O 442 -30.26 30.53 -8.78
C ARG O 442 -30.88 30.13 -10.11
N GLU O 443 -31.88 30.87 -10.57
CA GLU O 443 -32.60 30.49 -11.79
C GLU O 443 -31.69 30.53 -13.00
N VAL O 444 -30.93 31.62 -13.18
CA VAL O 444 -30.12 31.71 -14.40
C VAL O 444 -29.00 30.69 -14.38
N CYS O 445 -28.36 30.49 -13.21
CA CYS O 445 -27.34 29.47 -13.11
C CYS O 445 -27.88 28.10 -13.44
N SER O 446 -29.10 27.79 -13.00
CA SER O 446 -29.69 26.51 -13.35
C SER O 446 -29.96 26.40 -14.84
N LYS O 447 -30.36 27.51 -15.46
CA LYS O 447 -30.70 27.46 -16.88
C LYS O 447 -29.48 27.19 -17.74
N TYR O 448 -28.35 27.86 -17.48
CA TYR O 448 -27.24 27.85 -18.43
C TYR O 448 -26.14 26.82 -18.14
N PHE O 449 -26.14 26.20 -16.97
CA PHE O 449 -25.03 25.35 -16.51
C PHE O 449 -25.39 23.90 -16.30
N TYR O 450 -26.58 23.62 -15.79
CA TYR O 450 -26.93 22.34 -15.18
C TYR O 450 -27.29 21.33 -16.26
N ASP O 451 -26.49 20.27 -16.38
CA ASP O 451 -26.73 19.19 -17.35
C ASP O 451 -26.63 19.69 -18.79
N GLN O 452 -25.49 20.26 -19.13
CA GLN O 452 -25.18 20.69 -20.48
C GLN O 452 -23.83 20.13 -20.90
N CYS O 453 -23.57 20.15 -22.21
CA CYS O 453 -22.37 19.55 -22.78
C CYS O 453 -21.32 20.61 -23.03
N PRO O 454 -20.14 20.55 -22.39
CA PRO O 454 -19.14 21.61 -22.57
C PRO O 454 -18.17 21.39 -23.71
N ALA O 455 -17.23 22.31 -23.88
CA ALA O 455 -16.12 22.20 -24.82
C ALA O 455 -14.82 22.36 -24.05
N VAL O 456 -13.82 21.56 -24.40
CA VAL O 456 -12.61 21.40 -23.60
C VAL O 456 -11.38 21.41 -24.49
N ALA O 457 -10.37 22.23 -24.15
CA ALA O 457 -9.10 22.28 -24.88
C ALA O 457 -7.90 22.21 -23.94
N GLY O 458 -6.89 21.42 -24.32
CA GLY O 458 -5.72 21.26 -23.47
C GLY O 458 -4.39 21.09 -24.18
N LEU O 459 -3.32 21.70 -23.66
CA LEU O 459 -2.01 21.70 -24.32
C LEU O 459 -0.91 21.29 -23.36
N GLY O 460 -0.02 20.41 -23.84
CA GLY O 460 0.74 19.44 -23.06
C GLY O 460 1.50 19.98 -21.87
N PRO O 461 1.91 19.09 -20.93
CA PRO O 461 1.81 17.63 -20.76
C PRO O 461 0.52 17.15 -20.07
N ILE O 462 -0.41 16.55 -20.81
CA ILE O 462 -1.79 16.37 -20.36
C ILE O 462 -2.15 14.89 -20.50
N GLU O 463 -1.93 14.13 -19.43
CA GLU O 463 -2.28 12.72 -19.36
C GLU O 463 -3.15 12.37 -18.16
N GLN O 464 -3.17 13.20 -17.12
CA GLN O 464 -4.14 13.13 -16.05
C GLN O 464 -5.43 13.88 -16.36
N LEU O 465 -5.63 14.33 -17.57
CA LEU O 465 -6.89 14.98 -17.88
C LEU O 465 -7.98 13.93 -17.94
N PRO O 466 -9.02 14.02 -17.09
CA PRO O 466 -10.07 12.99 -17.10
C PRO O 466 -10.85 12.98 -18.41
N ASP O 467 -11.46 11.83 -18.70
CA ASP O 467 -12.05 11.58 -20.01
C ASP O 467 -13.30 12.42 -20.23
N TYR O 468 -13.92 12.26 -21.41
CA TYR O 468 -15.15 13.00 -21.66
C TYR O 468 -16.32 12.43 -20.89
N ASN O 469 -16.34 11.11 -20.66
CA ASN O 469 -17.41 10.52 -19.86
C ASN O 469 -17.39 11.05 -18.43
N ARG O 470 -16.23 11.07 -17.80
CA ARG O 470 -16.09 11.44 -16.41
C ARG O 470 -16.10 12.94 -16.19
N ILE O 471 -15.97 13.73 -17.25
CA ILE O 471 -16.16 15.17 -17.21
C ILE O 471 -17.62 15.53 -17.42
N ARG O 472 -18.28 14.83 -18.35
CA ARG O 472 -19.69 15.04 -18.59
C ARG O 472 -20.52 14.65 -17.38
N SER O 473 -20.17 13.55 -16.71
CA SER O 473 -20.89 13.10 -15.52
C SER O 473 -20.58 13.92 -14.28
N GLY O 474 -19.80 14.98 -14.38
CA GLY O 474 -19.66 15.91 -13.28
C GLY O 474 -20.55 17.11 -13.39
N MET O 475 -21.40 17.13 -14.42
CA MET O 475 -22.27 18.25 -14.76
C MET O 475 -23.67 18.13 -14.17
N PHE O 476 -23.89 17.19 -13.25
CA PHE O 476 -25.12 17.14 -12.46
C PHE O 476 -24.87 16.29 -11.21
N TRP O 477 -25.23 16.82 -10.05
CA TRP O 477 -25.32 15.97 -8.87
C TRP O 477 -26.33 14.83 -9.08
N LEU O 478 -26.28 13.88 -8.15
CA LEU O 478 -27.24 12.79 -8.13
C LEU O 478 -28.15 12.85 -6.91
N ARG O 479 -27.72 13.51 -5.82
CA ARG O 479 -28.62 13.75 -4.69
C ARG O 479 -29.74 14.70 -5.08
N PHE O 480 -29.37 15.81 -5.73
CA PHE O 480 -30.34 16.76 -6.27
C PHE O 480 -30.09 16.90 -7.78
N PRO P 35 -11.77 73.14 -9.39
CA PRO P 35 -12.03 73.95 -8.20
C PRO P 35 -10.94 73.81 -7.15
N GLN P 36 -10.35 74.91 -6.68
CA GLN P 36 -9.33 74.75 -5.65
C GLN P 36 -8.23 73.80 -6.13
N ASP P 37 -7.45 74.24 -7.11
CA ASP P 37 -6.61 73.34 -7.88
C ASP P 37 -5.68 72.54 -6.99
N LEU P 38 -5.12 73.17 -5.96
CA LEU P 38 -4.69 72.37 -4.82
C LEU P 38 -4.70 73.28 -3.60
N GLU P 39 -4.66 72.68 -2.42
CA GLU P 39 -4.68 73.43 -1.16
C GLU P 39 -3.58 72.87 -0.26
N PHE P 40 -2.40 73.48 -0.33
CA PHE P 40 -1.30 73.08 0.53
C PHE P 40 -1.51 73.55 1.97
N THR P 41 -0.82 72.87 2.87
CA THR P 41 -0.77 73.25 4.28
C THR P 41 0.40 72.51 4.92
N ARG P 42 1.36 73.26 5.45
CA ARG P 42 2.47 72.72 6.21
C ARG P 42 1.99 72.41 7.63
N LEU P 43 2.81 71.66 8.36
CA LEU P 43 2.46 71.33 9.74
C LEU P 43 3.67 71.59 10.64
N PRO P 44 3.47 71.64 11.96
CA PRO P 44 4.61 71.92 12.86
C PRO P 44 5.75 70.90 12.78
N ASN P 45 5.56 69.75 12.14
CA ASN P 45 6.62 68.78 11.95
C ASN P 45 6.61 68.22 10.53
N GLY P 46 6.59 69.11 9.54
CA GLY P 46 6.59 68.68 8.15
C GLY P 46 5.24 68.15 7.72
N LEU P 47 5.22 67.08 6.93
CA LEU P 47 3.99 66.41 6.52
C LEU P 47 3.06 67.37 5.78
N VAL P 48 3.47 67.72 4.56
CA VAL P 48 2.60 68.49 3.70
C VAL P 48 1.31 67.69 3.47
N ILE P 49 0.18 68.37 3.57
CA ILE P 49 -1.12 67.81 3.26
C ILE P 49 -1.70 68.60 2.09
N ALA P 50 -2.12 67.91 1.04
CA ALA P 50 -2.64 68.55 -0.15
C ALA P 50 -3.89 67.82 -0.61
N SER P 51 -5.02 68.54 -0.67
CA SER P 51 -6.31 67.96 -0.99
C SER P 51 -6.96 68.71 -2.14
N LEU P 52 -7.38 67.96 -3.17
CA LEU P 52 -8.22 68.50 -4.23
C LEU P 52 -9.62 67.93 -4.09
N GLU P 53 -10.62 68.79 -4.26
CA GLU P 53 -12.01 68.39 -4.13
C GLU P 53 -12.67 68.36 -5.50
N ASN P 54 -13.36 67.27 -5.79
CA ASN P 54 -13.96 67.04 -7.09
C ASN P 54 -15.31 66.36 -6.87
N TYR P 55 -15.95 65.93 -7.96
CA TYR P 55 -17.26 65.30 -7.89
C TYR P 55 -17.28 64.03 -8.72
N ALA P 56 -16.26 63.20 -8.54
CA ALA P 56 -16.19 61.90 -9.18
C ALA P 56 -16.79 60.84 -8.27
N PRO P 57 -17.27 59.73 -8.84
CA PRO P 57 -17.84 58.67 -7.99
C PRO P 57 -16.81 57.89 -7.17
N ALA P 58 -15.55 57.81 -7.59
CA ALA P 58 -14.52 57.04 -6.89
C ALA P 58 -13.52 57.98 -6.24
N SER P 59 -12.66 57.43 -5.38
CA SER P 59 -11.66 58.24 -4.71
C SER P 59 -10.46 57.41 -4.25
N ARG P 60 -9.30 58.09 -4.21
CA ARG P 60 -8.00 57.49 -3.96
C ARG P 60 -7.25 58.27 -2.89
N ILE P 61 -6.44 57.57 -2.10
CA ILE P 61 -5.58 58.21 -1.11
C ILE P 61 -4.20 57.59 -1.21
N GLY P 62 -3.17 58.37 -0.88
CA GLY P 62 -1.81 57.88 -0.97
C GLY P 62 -0.89 58.52 0.06
N LEU P 63 0.09 57.74 0.52
CA LEU P 63 1.09 58.19 1.47
C LEU P 63 2.47 57.98 0.86
N PHE P 64 3.35 58.97 0.99
CA PHE P 64 4.62 59.03 0.29
C PHE P 64 5.76 59.21 1.29
N ILE P 65 6.80 58.39 1.18
CA ILE P 65 7.86 58.26 2.17
C ILE P 65 9.20 58.29 1.46
N LYS P 66 10.24 58.68 2.20
CA LYS P 66 11.61 58.89 1.71
C LYS P 66 12.55 57.74 2.07
N ALA P 67 12.12 56.50 1.94
CA ALA P 67 12.94 55.34 2.22
C ALA P 67 13.10 54.48 0.96
N GLY P 68 14.28 53.93 0.78
CA GLY P 68 14.55 53.14 -0.41
C GLY P 68 15.78 52.27 -0.23
N SER P 69 16.15 51.57 -1.30
CA SER P 69 17.30 50.67 -1.21
C SER P 69 18.61 51.41 -1.00
N ARG P 70 18.61 52.71 -1.25
CA ARG P 70 19.76 53.59 -1.13
C ARG P 70 20.20 53.80 0.31
N TYR P 71 19.38 53.43 1.29
CA TYR P 71 19.54 53.86 2.68
C TYR P 71 19.99 52.74 3.61
N GLU P 72 20.63 51.71 3.09
CA GLU P 72 21.11 50.62 3.92
C GLU P 72 22.61 50.43 3.73
N ASP P 73 23.27 49.96 4.78
CA ASP P 73 24.70 49.72 4.77
C ASP P 73 24.96 48.26 4.41
N SER P 74 26.17 47.77 4.66
CA SER P 74 26.64 46.49 4.14
C SER P 74 26.14 45.27 4.92
N ASN P 75 25.56 45.45 6.09
CA ASN P 75 25.22 44.31 6.94
C ASN P 75 23.78 43.84 6.82
N ASN P 76 22.92 44.69 6.28
CA ASN P 76 21.51 44.36 6.16
C ASN P 76 21.04 44.70 4.76
N LEU P 77 21.50 43.91 3.80
CA LEU P 77 21.07 44.13 2.43
C LEU P 77 19.91 43.19 2.19
N GLY P 78 18.73 43.77 2.04
CA GLY P 78 17.55 42.99 1.72
C GLY P 78 16.34 43.36 2.54
N THR P 79 16.51 44.29 3.48
CA THR P 79 15.44 44.62 4.39
C THR P 79 14.25 45.26 3.68
N SER P 80 14.52 46.16 2.71
CA SER P 80 13.42 46.90 2.08
C SER P 80 12.64 46.06 1.08
N HIS P 81 13.25 45.06 0.45
CA HIS P 81 12.49 44.17 -0.40
C HIS P 81 11.64 43.16 0.36
N LEU P 82 11.89 42.93 1.67
CA LEU P 82 10.92 42.22 2.49
C LEU P 82 9.91 43.15 3.14
N LEU P 83 10.30 44.38 3.45
CA LEU P 83 9.32 45.32 3.97
C LEU P 83 8.25 45.63 2.94
N ARG P 84 8.60 45.60 1.66
CA ARG P 84 7.61 45.77 0.61
C ARG P 84 6.68 44.58 0.47
N LEU P 85 7.10 43.39 0.90
CA LEU P 85 6.32 42.17 0.75
C LEU P 85 5.34 41.91 1.87
N ALA P 86 5.39 42.67 2.95
CA ALA P 86 4.71 42.33 4.20
C ALA P 86 3.63 43.32 4.57
N SER P 87 2.80 43.70 3.60
CA SER P 87 1.79 44.74 3.79
C SER P 87 0.47 44.21 4.32
N SER P 88 0.38 42.92 4.66
CA SER P 88 -0.88 42.29 5.05
C SER P 88 -0.72 41.41 6.27
N LEU P 89 0.23 41.73 7.15
CA LEU P 89 0.47 40.95 8.35
C LEU P 89 -0.32 41.54 9.51
N THR P 90 -0.15 40.96 10.69
CA THR P 90 -0.96 41.31 11.85
C THR P 90 -0.48 42.61 12.49
N THR P 91 -1.43 43.43 12.92
CA THR P 91 -1.15 44.79 13.38
C THR P 91 -1.73 44.94 14.79
N LYS P 92 -1.18 45.89 15.53
CA LYS P 92 -1.72 46.17 16.87
C LYS P 92 -3.12 46.73 16.84
N GLY P 93 -3.80 46.75 15.70
CA GLY P 93 -5.18 47.21 15.66
C GLY P 93 -6.09 46.31 14.86
N ALA P 94 -5.53 45.29 14.23
CA ALA P 94 -6.30 44.35 13.44
C ALA P 94 -5.41 43.18 13.09
N SER P 95 -6.03 42.02 12.87
CA SER P 95 -5.27 40.84 12.49
C SER P 95 -5.31 40.66 10.98
N SER P 96 -4.47 39.75 10.49
CA SER P 96 -4.40 39.54 9.05
C SER P 96 -5.63 38.85 8.50
N PHE P 97 -6.54 38.37 9.34
CA PHE P 97 -7.85 37.92 8.89
C PHE P 97 -8.82 39.08 8.77
N LYS P 98 -8.66 40.11 9.59
CA LYS P 98 -9.54 41.26 9.51
C LYS P 98 -9.22 42.13 8.29
N ILE P 99 -7.94 42.32 7.99
CA ILE P 99 -7.53 43.15 6.86
C ILE P 99 -8.00 42.54 5.54
N THR P 100 -7.55 41.33 5.25
CA THR P 100 -7.82 40.76 3.93
C THR P 100 -9.29 40.55 3.66
N ARG P 101 -10.14 40.59 4.68
CA ARG P 101 -11.58 40.38 4.53
C ARG P 101 -12.36 41.68 4.54
N GLY P 102 -11.98 42.63 5.38
CA GLY P 102 -12.64 43.93 5.35
C GLY P 102 -12.32 44.71 4.10
N ILE P 103 -11.16 44.47 3.48
CA ILE P 103 -10.87 45.12 2.21
C ILE P 103 -11.75 44.54 1.10
N GLU P 104 -11.79 43.21 0.98
CA GLU P 104 -12.54 42.56 -0.08
C GLU P 104 -14.05 42.68 0.09
N ALA P 105 -14.55 42.96 1.29
CA ALA P 105 -16.00 43.06 1.47
C ALA P 105 -16.59 44.20 0.63
N VAL P 106 -16.00 45.40 0.73
CA VAL P 106 -16.57 46.54 0.02
C VAL P 106 -16.05 46.61 -1.42
N GLY P 107 -14.78 46.29 -1.64
CA GLY P 107 -14.27 46.23 -3.00
C GLY P 107 -12.92 46.85 -3.27
N GLY P 108 -12.39 47.62 -2.31
CA GLY P 108 -11.24 48.47 -2.54
C GLY P 108 -9.96 47.72 -2.90
N LYS P 109 -8.87 48.49 -2.96
CA LYS P 109 -7.56 47.95 -3.31
C LYS P 109 -6.46 48.66 -2.51
N LEU P 110 -5.43 47.89 -2.15
CA LEU P 110 -4.19 48.36 -1.54
C LEU P 110 -3.00 48.02 -2.44
N SER P 111 -2.01 48.91 -2.49
CA SER P 111 -0.83 48.62 -3.29
C SER P 111 0.36 49.42 -2.78
N VAL P 112 1.56 48.90 -3.05
CA VAL P 112 2.82 49.51 -2.62
C VAL P 112 3.78 49.55 -3.81
N THR P 113 4.45 50.69 -4.01
CA THR P 113 5.39 50.85 -5.11
C THR P 113 6.65 51.59 -4.65
N SER P 114 7.80 51.16 -5.19
CA SER P 114 9.09 51.60 -4.68
C SER P 114 10.07 51.89 -5.80
N THR P 115 10.98 52.84 -5.52
CA THR P 115 12.13 53.14 -6.37
C THR P 115 13.39 53.14 -5.50
N ARG P 116 14.52 53.61 -6.01
CA ARG P 116 15.71 53.70 -5.16
C ARG P 116 15.69 54.90 -4.23
N GLU P 117 14.70 55.79 -4.36
CA GLU P 117 14.66 57.03 -3.60
C GLU P 117 13.43 57.21 -2.72
N SER P 118 12.34 56.48 -2.93
CA SER P 118 11.13 56.72 -2.16
C SER P 118 10.18 55.53 -2.28
N MET P 119 9.16 55.53 -1.41
CA MET P 119 8.13 54.50 -1.36
C MET P 119 6.76 55.15 -1.31
N ALA P 120 5.74 54.43 -1.79
CA ALA P 120 4.38 54.93 -1.79
C ALA P 120 3.40 53.82 -1.49
N TYR P 121 2.52 54.07 -0.51
CA TYR P 121 1.42 53.19 -0.13
C TYR P 121 0.10 53.82 -0.54
N THR P 122 -0.70 53.12 -1.35
CA THR P 122 -1.90 53.72 -1.93
C THR P 122 -3.12 52.83 -1.72
N VAL P 123 -4.28 53.48 -1.46
CA VAL P 123 -5.55 52.81 -1.23
C VAL P 123 -6.61 53.44 -2.13
N GLU P 124 -7.60 52.65 -2.56
CA GLU P 124 -8.45 53.07 -3.66
C GLU P 124 -9.82 52.41 -3.59
N CYS P 125 -10.91 53.21 -3.52
CA CYS P 125 -12.27 52.63 -3.51
C CYS P 125 -13.31 53.73 -3.76
N LEU P 126 -14.58 53.40 -3.58
CA LEU P 126 -15.69 54.28 -3.93
C LEU P 126 -15.81 55.42 -2.91
N ARG P 127 -16.86 56.22 -3.07
CA ARG P 127 -16.97 57.51 -2.39
C ARG P 127 -17.70 57.44 -1.07
N ASP P 128 -18.51 56.40 -0.84
CA ASP P 128 -19.22 56.26 0.43
C ASP P 128 -18.55 55.27 1.38
N ASP P 129 -17.48 54.60 0.96
CA ASP P 129 -16.80 53.59 1.75
C ASP P 129 -15.40 54.02 2.15
N ILE P 130 -15.15 55.33 2.24
CA ILE P 130 -13.78 55.83 2.30
C ILE P 130 -13.29 56.05 3.73
N GLU P 131 -14.19 56.16 4.70
CA GLU P 131 -13.76 56.26 6.10
C GLU P 131 -13.21 54.94 6.62
N ILE P 132 -13.43 53.84 5.91
CA ILE P 132 -13.08 52.51 6.41
C ILE P 132 -11.66 52.12 6.00
N LEU P 133 -11.35 52.19 4.70
CA LEU P 133 -10.04 51.78 4.22
C LEU P 133 -8.93 52.65 4.79
N MET P 134 -9.26 53.88 5.18
CA MET P 134 -8.25 54.81 5.68
C MET P 134 -7.78 54.42 7.08
N GLU P 135 -8.65 53.85 7.92
CA GLU P 135 -8.19 53.36 9.21
C GLU P 135 -7.28 52.14 9.05
N PHE P 136 -7.49 51.33 8.02
CA PHE P 136 -6.57 50.23 7.75
C PHE P 136 -5.22 50.75 7.27
N LEU P 137 -5.24 51.68 6.31
CA LEU P 137 -4.01 52.21 5.76
C LEU P 137 -3.18 52.93 6.81
N LEU P 138 -3.82 53.75 7.64
CA LEU P 138 -3.06 54.56 8.58
C LEU P 138 -2.47 53.74 9.71
N ASN P 139 -2.86 52.48 9.85
CA ASN P 139 -2.40 51.65 10.95
C ASN P 139 -1.48 50.53 10.47
N VAL P 140 -1.56 50.16 9.19
CA VAL P 140 -0.55 49.29 8.58
C VAL P 140 0.83 49.93 8.58
N THR P 141 0.90 51.25 8.65
CA THR P 141 2.16 51.98 8.57
C THR P 141 2.64 52.54 9.90
N ALA P 142 1.73 52.77 10.85
CA ALA P 142 2.10 53.41 12.11
C ALA P 142 2.67 52.42 13.13
N ALA P 143 1.89 51.40 13.49
CA ALA P 143 2.23 50.53 14.63
C ALA P 143 2.10 49.06 14.26
N PRO P 144 3.12 48.49 13.62
CA PRO P 144 3.09 47.05 13.32
C PRO P 144 3.75 46.19 14.39
N GLU P 145 3.46 44.90 14.30
CA GLU P 145 4.13 43.84 15.07
C GLU P 145 4.73 42.84 14.09
N PHE P 146 5.93 42.37 14.39
CA PHE P 146 6.57 41.36 13.58
C PHE P 146 6.76 40.10 14.42
N ARG P 147 5.77 39.20 14.34
CA ARG P 147 5.83 37.91 15.02
C ARG P 147 6.72 36.95 14.25
N ARG P 148 7.53 36.19 14.96
CA ARG P 148 8.59 35.45 14.31
C ARG P 148 8.16 34.12 13.75
N TRP P 149 6.89 33.87 13.48
CA TRP P 149 6.52 32.69 12.71
C TRP P 149 5.81 33.02 11.40
N GLU P 150 5.38 34.28 11.19
CA GLU P 150 5.01 34.74 9.86
C GLU P 150 6.23 35.19 9.05
N VAL P 151 7.13 35.96 9.67
CA VAL P 151 8.35 36.37 9.01
C VAL P 151 9.12 35.15 8.52
N ALA P 152 9.16 34.10 9.34
CA ALA P 152 9.87 32.88 8.99
C ALA P 152 9.21 32.12 7.85
N ALA P 153 8.00 32.49 7.45
CA ALA P 153 7.34 31.89 6.30
C ALA P 153 7.29 32.80 5.09
N LEU P 154 7.50 34.10 5.26
CA LEU P 154 7.62 35.02 4.15
C LEU P 154 8.98 34.99 3.47
N GLN P 155 9.81 33.99 3.72
CA GLN P 155 11.13 33.97 3.10
C GLN P 155 11.30 32.88 2.06
N SER P 156 10.21 32.28 1.59
CA SER P 156 10.22 31.58 0.31
C SER P 156 9.61 32.41 -0.79
N GLN P 157 8.98 33.52 -0.46
CA GLN P 157 8.39 34.42 -1.44
C GLN P 157 9.47 35.13 -2.25
N LEU P 158 10.55 35.55 -1.58
CA LEU P 158 11.61 36.30 -2.23
C LEU P 158 12.13 35.57 -3.47
N ARG P 159 12.30 34.25 -3.38
CA ARG P 159 12.83 33.50 -4.50
C ARG P 159 11.89 33.54 -5.70
N ILE P 160 10.58 33.38 -5.45
CA ILE P 160 9.60 33.39 -6.53
C ILE P 160 9.55 34.77 -7.20
N ASP P 161 9.52 35.83 -6.38
CA ASP P 161 9.46 37.17 -6.94
C ASP P 161 10.69 37.47 -7.78
N LYS P 162 11.87 37.13 -7.29
CA LYS P 162 13.09 37.45 -8.03
C LYS P 162 13.25 36.59 -9.28
N ALA P 163 12.69 35.38 -9.30
CA ALA P 163 12.71 34.59 -10.53
C ALA P 163 11.72 35.08 -11.58
N VAL P 164 10.61 35.67 -11.13
CA VAL P 164 9.65 36.25 -12.08
C VAL P 164 10.20 37.54 -12.69
N ALA P 165 10.70 38.45 -11.86
CA ALA P 165 11.14 39.75 -12.38
C ALA P 165 12.30 39.63 -13.36
N PHE P 166 13.04 38.51 -13.34
CA PHE P 166 14.25 38.36 -14.15
C PHE P 166 14.02 37.59 -15.44
N GLN P 167 12.81 37.54 -15.97
CA GLN P 167 12.57 36.88 -17.25
C GLN P 167 12.65 37.81 -18.44
N ASN P 168 12.92 39.10 -18.23
CA ASN P 168 13.21 40.02 -19.31
C ASN P 168 14.62 40.57 -19.17
N PRO P 169 15.43 40.54 -20.21
CA PRO P 169 16.87 40.71 -20.04
C PRO P 169 17.31 42.15 -19.90
N GLN P 170 16.55 42.98 -19.20
CA GLN P 170 17.01 44.34 -18.99
C GLN P 170 16.70 44.83 -17.58
N ALA P 171 16.14 43.99 -16.73
CA ALA P 171 16.29 44.15 -15.30
C ALA P 171 17.66 43.69 -14.83
N GLN P 172 18.22 42.65 -15.47
CA GLN P 172 19.55 42.17 -15.15
C GLN P 172 20.62 43.18 -15.53
N VAL P 173 20.59 43.67 -16.77
CA VAL P 173 21.62 44.56 -17.30
C VAL P 173 21.56 45.94 -16.63
N LEU P 174 20.43 46.31 -16.06
CA LEU P 174 20.28 47.59 -15.37
C LEU P 174 20.62 47.51 -13.89
N GLU P 175 20.89 46.33 -13.35
CA GLU P 175 21.44 46.20 -12.01
C GLU P 175 22.96 46.18 -11.99
N ASN P 176 23.58 45.64 -13.03
CA ASN P 176 25.03 45.67 -13.17
C ASN P 176 25.55 47.03 -13.62
N LEU P 177 24.67 47.91 -14.09
CA LEU P 177 25.07 49.24 -14.53
C LEU P 177 25.12 50.24 -13.40
N HIS P 178 24.33 50.06 -12.34
CA HIS P 178 24.46 50.94 -11.20
C HIS P 178 25.63 50.53 -10.31
N ALA P 179 25.91 49.24 -10.21
CA ALA P 179 27.06 48.77 -9.45
C ALA P 179 28.37 49.09 -10.14
N ALA P 180 28.40 49.05 -11.47
CA ALA P 180 29.61 49.35 -12.22
C ALA P 180 29.95 50.84 -12.25
N ALA P 181 29.04 51.72 -11.84
CA ALA P 181 29.24 53.15 -11.95
C ALA P 181 29.34 53.88 -10.61
N TYR P 182 28.99 53.25 -9.50
CA TYR P 182 29.02 53.92 -8.21
C TYR P 182 29.83 53.09 -7.22
N ARG P 183 29.96 53.60 -6.00
CA ARG P 183 30.71 52.94 -4.93
C ARG P 183 29.86 52.54 -3.74
N ASN P 184 29.02 53.45 -3.27
CA ASN P 184 28.34 53.25 -2.03
C ASN P 184 26.82 53.44 -1.85
N ALA P 185 26.21 54.56 -2.23
CA ALA P 185 24.78 54.77 -1.91
C ALA P 185 23.90 54.17 -2.92
N LEU P 186 24.06 54.51 -4.18
CA LEU P 186 23.16 54.13 -5.24
C LEU P 186 23.58 52.87 -5.97
N ALA P 187 24.50 52.10 -5.39
CA ALA P 187 24.95 50.84 -5.99
C ALA P 187 24.11 49.64 -5.58
N ASN P 188 23.35 49.73 -4.48
CA ASN P 188 22.56 48.61 -4.01
C ASN P 188 21.45 48.29 -5.00
N SER P 189 21.04 47.03 -5.04
CA SER P 189 19.98 46.61 -5.96
C SER P 189 18.60 46.88 -5.36
N LEU P 190 17.55 46.49 -6.09
CA LEU P 190 16.18 46.57 -5.60
C LEU P 190 15.62 45.23 -5.17
N TYR P 191 16.40 44.16 -5.28
CA TYR P 191 16.03 42.81 -4.87
C TYR P 191 17.01 42.34 -3.79
N CYS P 192 16.94 41.06 -3.44
CA CYS P 192 17.73 40.51 -2.35
C CYS P 192 18.79 39.57 -2.86
N PRO P 193 20.05 39.71 -2.43
CA PRO P 193 21.09 38.76 -2.85
C PRO P 193 20.78 37.33 -2.41
N ASP P 194 21.21 36.38 -3.24
CA ASP P 194 20.85 34.98 -3.03
C ASP P 194 21.37 34.43 -1.71
N TYR P 195 22.62 34.73 -1.37
CA TYR P 195 23.27 34.21 -0.16
C TYR P 195 22.59 34.68 1.11
N ARG P 196 21.55 35.49 0.97
CA ARG P 196 21.00 36.30 2.04
C ARG P 196 19.55 35.99 2.31
N ILE P 197 18.95 35.08 1.54
CA ILE P 197 17.50 34.93 1.52
C ILE P 197 16.97 34.45 2.87
N GLY P 198 17.57 33.40 3.43
CA GLY P 198 16.95 32.88 4.63
C GLY P 198 17.29 33.57 5.93
N LYS P 199 18.07 34.65 5.93
CA LYS P 199 18.63 35.19 7.17
C LYS P 199 18.04 36.52 7.61
N VAL P 200 17.08 37.10 6.89
CA VAL P 200 16.46 38.34 7.36
C VAL P 200 15.70 38.05 8.64
N THR P 201 15.88 38.92 9.64
CA THR P 201 15.49 38.64 11.00
C THR P 201 14.60 39.75 11.55
N PRO P 202 13.73 39.46 12.52
CA PRO P 202 12.72 40.44 12.92
C PRO P 202 13.22 41.56 13.82
N ASP P 203 14.52 41.71 14.04
CA ASP P 203 15.01 42.90 14.72
C ASP P 203 15.40 44.00 13.76
N GLN P 204 15.92 43.62 12.60
CA GLN P 204 16.31 44.56 11.57
C GLN P 204 15.11 45.32 11.00
N LEU P 205 13.95 44.67 10.89
CA LEU P 205 12.76 45.36 10.41
C LEU P 205 12.31 46.44 11.37
N HIS P 206 12.24 46.11 12.67
CA HIS P 206 11.97 47.11 13.68
C HIS P 206 12.96 48.27 13.60
N TYR P 207 14.24 47.96 13.50
CA TYR P 207 15.27 48.99 13.44
C TYR P 207 15.05 49.92 12.24
N TYR P 208 14.86 49.33 11.06
CA TYR P 208 14.69 50.10 9.84
C TYR P 208 13.50 51.04 9.94
N VAL P 209 12.34 50.49 10.31
CA VAL P 209 11.12 51.28 10.34
C VAL P 209 11.25 52.40 11.36
N GLN P 210 11.84 52.11 12.53
CA GLN P 210 11.99 53.15 13.53
C GLN P 210 12.88 54.28 13.03
N ASN P 211 13.99 53.96 12.39
CA ASN P 211 14.91 55.00 11.95
C ASN P 211 14.33 55.86 10.84
N HIS P 212 13.66 55.26 9.85
CA HIS P 212 13.41 55.98 8.61
C HIS P 212 11.97 56.45 8.38
N PHE P 213 10.96 55.79 8.95
CA PHE P 213 9.57 56.21 8.72
C PHE P 213 9.21 57.38 9.65
N THR P 214 9.99 58.44 9.53
CA THR P 214 9.92 59.60 10.41
C THR P 214 8.90 60.62 9.91
N SER P 215 8.32 61.39 10.84
CA SER P 215 7.19 62.25 10.50
C SER P 215 7.54 63.29 9.45
N ALA P 216 8.72 63.89 9.53
CA ALA P 216 9.09 65.01 8.68
C ALA P 216 9.64 64.59 7.32
N ARG P 217 9.33 63.38 6.87
CA ARG P 217 9.78 62.90 5.56
C ARG P 217 8.62 62.35 4.75
N MET P 218 7.39 62.62 5.16
CA MET P 218 6.22 61.98 4.58
C MET P 218 5.23 63.01 4.08
N ALA P 219 4.45 62.61 3.07
CA ALA P 219 3.42 63.44 2.48
C ALA P 219 2.14 62.64 2.29
N LEU P 220 1.00 63.24 2.62
CA LEU P 220 -0.31 62.59 2.49
C LEU P 220 -1.13 63.33 1.44
N ILE P 221 -1.54 62.62 0.39
CA ILE P 221 -2.26 63.23 -0.73
C ILE P 221 -3.56 62.48 -0.98
N GLY P 222 -4.66 63.22 -1.03
CA GLY P 222 -5.98 62.65 -1.31
C GLY P 222 -6.68 63.38 -2.44
N LEU P 223 -7.37 62.63 -3.30
CA LEU P 223 -7.78 63.13 -4.60
C LEU P 223 -9.24 63.52 -4.70
N GLY P 224 -10.15 62.89 -3.96
CA GLY P 224 -11.55 63.25 -4.09
C GLY P 224 -12.26 63.54 -2.78
N VAL P 225 -11.57 64.18 -1.84
CA VAL P 225 -12.08 64.44 -0.51
C VAL P 225 -11.78 65.88 -0.12
N SER P 226 -12.44 66.39 0.90
CA SER P 226 -12.24 67.78 1.32
C SER P 226 -11.11 67.97 2.33
N HIS P 227 -10.71 69.21 2.59
CA HIS P 227 -9.54 69.49 3.45
C HIS P 227 -9.45 69.13 4.96
N PRO P 228 -10.51 69.37 5.72
CA PRO P 228 -10.55 69.12 7.18
C PRO P 228 -10.60 67.66 7.55
N VAL P 229 -11.23 66.80 6.73
CA VAL P 229 -11.27 65.38 7.03
C VAL P 229 -9.85 64.80 7.04
N LEU P 230 -9.08 65.07 5.99
CA LEU P 230 -7.70 64.58 5.93
C LEU P 230 -6.87 65.16 7.07
N LYS P 231 -7.02 66.46 7.35
CA LYS P 231 -6.25 67.08 8.41
C LYS P 231 -6.52 66.40 9.75
N GLN P 232 -7.80 66.17 10.06
CA GLN P 232 -8.17 65.47 11.29
C GLN P 232 -7.56 64.08 11.34
N VAL P 233 -7.76 63.29 10.30
CA VAL P 233 -7.35 61.88 10.38
C VAL P 233 -5.83 61.74 10.41
N ALA P 234 -5.11 62.69 9.81
CA ALA P 234 -3.65 62.63 9.88
C ALA P 234 -3.09 63.31 11.11
N GLU P 235 -3.91 64.04 11.88
CA GLU P 235 -3.40 64.59 13.13
C GLU P 235 -3.16 63.51 14.18
N ARG P 236 -3.77 62.33 14.02
CA ARG P 236 -3.52 61.17 14.88
C ARG P 236 -2.29 60.39 14.47
N PHE P 237 -1.52 60.96 13.55
CA PHE P 237 -0.44 60.25 12.90
C PHE P 237 0.90 60.86 13.23
N LEU P 238 0.92 61.90 14.07
CA LEU P 238 2.11 62.63 14.48
C LEU P 238 2.60 62.22 15.86
N ASN P 239 1.76 61.56 16.67
CA ASN P 239 2.19 61.02 17.95
C ASN P 239 3.48 60.23 17.82
N MET P 240 3.70 59.64 16.66
CA MET P 240 4.87 58.81 16.37
C MET P 240 6.01 59.65 15.82
N ARG P 241 7.10 59.70 16.55
CA ARG P 241 8.36 60.24 16.06
C ARG P 241 8.37 61.63 15.42
N GLY P 242 8.90 62.64 16.11
CA GLY P 242 9.11 64.00 15.58
C GLY P 242 10.09 64.49 14.48
N GLY P 243 11.32 63.99 14.45
CA GLY P 243 12.31 64.43 13.48
C GLY P 243 13.30 63.37 13.02
N LEU P 244 13.80 63.52 11.80
CA LEU P 244 14.36 62.48 10.93
C LEU P 244 15.59 61.63 11.24
N GLY P 245 15.51 60.36 10.88
CA GLY P 245 16.51 59.40 11.25
C GLY P 245 17.98 59.34 10.85
N LEU P 246 18.37 59.44 9.59
CA LEU P 246 19.82 59.37 9.38
C LEU P 246 20.35 60.15 8.18
N SER P 247 20.06 59.60 7.02
CA SER P 247 20.33 60.25 5.72
C SER P 247 21.84 60.51 5.49
N GLY P 248 22.59 59.44 5.25
CA GLY P 248 24.00 59.52 4.92
C GLY P 248 24.30 59.27 3.46
N ALA P 249 25.57 58.90 3.19
CA ALA P 249 25.97 58.28 1.93
C ALA P 249 25.81 59.12 0.67
N LYS P 250 26.69 60.10 0.46
CA LYS P 250 26.64 61.07 -0.64
C LYS P 250 26.84 60.47 -2.05
N ALA P 251 27.25 59.20 -2.20
CA ALA P 251 27.25 58.48 -3.49
C ALA P 251 28.25 59.06 -4.51
N LYS P 252 29.53 58.81 -4.22
CA LYS P 252 30.60 59.20 -5.13
C LYS P 252 30.80 58.19 -6.27
N TYR P 253 31.47 58.65 -7.33
CA TYR P 253 31.48 58.06 -8.67
C TYR P 253 32.77 57.30 -8.96
N ARG P 254 32.65 56.25 -9.77
CA ARG P 254 33.79 55.44 -10.17
C ARG P 254 33.49 54.83 -11.54
N GLY P 255 34.54 54.39 -12.24
CA GLY P 255 34.34 53.74 -13.52
C GLY P 255 34.43 52.23 -13.35
N GLY P 256 33.33 51.56 -13.68
CA GLY P 256 33.24 50.12 -13.53
C GLY P 256 32.82 49.39 -14.78
N GLU P 257 33.52 48.30 -15.09
CA GLU P 257 33.15 47.44 -16.21
C GLU P 257 32.74 46.07 -15.67
N ILE P 258 31.56 45.61 -16.06
CA ILE P 258 31.05 44.31 -15.54
C ILE P 258 30.48 43.61 -16.77
N ARG P 259 31.03 42.49 -17.26
CA ARG P 259 30.46 41.68 -18.37
C ARG P 259 29.96 40.30 -17.87
N ASP P 260 28.84 39.79 -18.36
CA ASP P 260 28.19 38.61 -17.82
C ASP P 260 27.80 37.79 -19.02
N GLN P 261 28.26 36.57 -19.16
CA GLN P 261 28.11 35.79 -20.37
C GLN P 261 27.16 34.63 -20.12
N ASN P 262 26.28 34.30 -21.08
CA ASN P 262 25.22 33.32 -20.90
C ASN P 262 24.74 32.90 -22.29
N GLY P 263 23.58 32.26 -22.33
CA GLY P 263 23.12 31.64 -23.55
C GLY P 263 22.01 32.33 -24.33
N ASP P 264 21.83 33.63 -24.14
CA ASP P 264 20.87 34.36 -24.95
C ASP P 264 21.44 34.59 -26.35
N SER P 265 20.54 34.92 -27.28
CA SER P 265 20.91 35.05 -28.68
C SER P 265 21.09 36.49 -29.14
N LEU P 266 20.94 37.46 -28.25
CA LEU P 266 21.03 38.87 -28.59
C LEU P 266 21.81 39.59 -27.51
N VAL P 267 22.68 40.51 -27.91
CA VAL P 267 23.54 41.23 -26.98
C VAL P 267 22.91 42.57 -26.64
N HIS P 268 22.83 42.84 -25.34
CA HIS P 268 22.38 44.10 -24.76
C HIS P 268 23.61 44.88 -24.32
N ALA P 269 23.62 46.20 -24.54
CA ALA P 269 24.78 46.99 -24.14
C ALA P 269 24.36 48.37 -23.68
N ALA P 270 25.29 49.11 -23.08
CA ALA P 270 24.99 50.43 -22.52
C ALA P 270 26.26 51.24 -22.31
N LEU P 271 26.34 52.44 -22.88
CA LEU P 271 27.40 53.40 -22.53
C LEU P 271 26.79 54.64 -21.90
N VAL P 272 27.25 54.99 -20.70
CA VAL P 272 26.73 56.15 -19.99
C VAL P 272 27.89 57.06 -19.60
N ALA P 273 27.54 58.21 -19.07
CA ALA P 273 28.52 59.11 -18.48
C ALA P 273 27.78 59.99 -17.49
N GLU P 274 28.56 60.56 -16.57
CA GLU P 274 27.99 61.37 -15.50
C GLU P 274 27.49 62.70 -16.06
N SER P 275 26.45 63.21 -15.46
CA SER P 275 25.76 64.33 -15.97
C SER P 275 25.05 65.07 -14.88
N ALA P 276 24.09 65.92 -15.20
CA ALA P 276 23.40 66.76 -14.19
C ALA P 276 22.31 66.23 -13.17
N ALA P 277 22.28 66.76 -11.95
CA ALA P 277 21.27 66.43 -10.93
C ALA P 277 19.97 67.10 -11.21
N THR P 278 18.80 66.59 -10.79
CA THR P 278 17.54 67.34 -11.06
C THR P 278 17.43 68.55 -10.22
N GLY P 279 16.58 69.48 -10.63
CA GLY P 279 16.50 70.75 -9.95
C GLY P 279 17.55 71.76 -10.35
N SER P 280 18.13 71.62 -11.54
CA SER P 280 19.09 72.64 -11.97
C SER P 280 18.78 73.05 -13.40
N ALA P 281 19.55 74.03 -13.90
CA ALA P 281 19.28 74.62 -15.19
C ALA P 281 19.81 73.81 -16.36
N GLU P 282 20.64 72.79 -16.11
CA GLU P 282 21.27 72.01 -17.17
C GLU P 282 20.51 70.72 -17.48
N ALA P 283 19.67 70.26 -16.54
CA ALA P 283 18.89 69.05 -16.76
C ALA P 283 17.90 69.22 -17.90
N ASN P 284 17.33 70.41 -18.07
CA ASN P 284 16.45 70.65 -19.19
C ASN P 284 17.20 70.60 -20.53
N ALA P 285 18.44 71.09 -20.53
CA ALA P 285 19.25 70.96 -21.73
C ALA P 285 19.52 69.50 -22.06
N PHE P 286 19.79 68.68 -21.04
CA PHE P 286 20.01 67.26 -21.30
C PHE P 286 18.73 66.55 -21.74
N SER P 287 17.56 66.97 -21.24
CA SER P 287 16.29 66.40 -21.72
C SER P 287 16.02 66.76 -23.18
N VAL P 288 16.25 68.02 -23.55
CA VAL P 288 16.05 68.40 -24.95
C VAL P 288 17.05 67.68 -25.84
N LEU P 289 18.28 67.48 -25.37
CA LEU P 289 19.24 66.68 -26.13
C LEU P 289 18.73 65.26 -26.31
N GLN P 290 18.17 64.66 -25.25
CA GLN P 290 17.63 63.31 -25.35
C GLN P 290 16.55 63.21 -26.41
N HIS P 291 15.65 64.21 -26.46
CA HIS P 291 14.58 64.15 -27.44
C HIS P 291 15.03 64.49 -28.86
N VAL P 292 16.08 65.29 -29.02
CA VAL P 292 16.68 65.43 -30.35
C VAL P 292 17.23 64.09 -30.81
N LEU P 293 17.94 63.39 -29.92
CA LEU P 293 18.66 62.19 -30.35
C LEU P 293 17.75 61.02 -30.71
N GLY P 294 16.53 60.95 -30.17
CA GLY P 294 15.64 59.88 -30.63
C GLY P 294 15.10 58.86 -29.65
N ALA P 295 14.75 59.27 -28.43
CA ALA P 295 14.26 58.35 -27.42
C ALA P 295 12.79 58.04 -27.61
N GLY P 296 12.49 56.94 -28.32
CA GLY P 296 11.15 56.40 -28.35
C GLY P 296 10.38 56.65 -29.64
N PRO P 297 9.50 55.72 -30.00
CA PRO P 297 8.72 55.84 -31.23
C PRO P 297 7.37 56.51 -31.04
N HIS P 298 6.77 56.89 -32.18
CA HIS P 298 5.45 57.50 -32.20
C HIS P 298 4.45 56.70 -33.01
N VAL P 299 4.75 56.37 -34.24
CA VAL P 299 3.82 55.69 -35.12
C VAL P 299 3.94 54.19 -34.95
N LYS P 300 2.81 53.50 -34.99
CA LYS P 300 2.79 52.06 -34.81
C LYS P 300 3.49 51.37 -35.99
N ARG P 301 4.45 50.50 -35.66
CA ARG P 301 5.08 49.61 -36.64
C ARG P 301 5.79 50.42 -37.74
N GLY P 302 6.38 51.55 -37.36
CA GLY P 302 6.98 52.47 -38.30
C GLY P 302 8.50 52.40 -38.32
N SER P 303 9.06 53.09 -39.31
CA SER P 303 10.50 53.22 -39.45
C SER P 303 10.91 54.63 -39.05
N ASN P 304 11.63 54.75 -37.95
CA ASN P 304 11.86 56.05 -37.31
C ASN P 304 12.66 56.93 -38.26
N ALA P 305 12.01 57.94 -38.83
CA ALA P 305 12.63 58.82 -39.80
C ALA P 305 12.95 60.21 -39.24
N THR P 306 12.62 60.47 -37.96
CA THR P 306 12.93 61.75 -37.33
C THR P 306 13.89 61.59 -36.15
N SER P 307 14.55 60.45 -36.03
CA SER P 307 15.59 60.23 -35.04
C SER P 307 16.93 60.11 -35.75
N SER P 308 17.91 60.91 -35.30
CA SER P 308 19.16 61.03 -36.03
C SER P 308 19.99 59.76 -35.95
N LEU P 309 20.17 59.22 -34.75
CA LEU P 309 21.11 58.12 -34.58
C LEU P 309 20.58 56.80 -35.12
N TYR P 310 19.26 56.61 -35.15
CA TYR P 310 18.73 55.44 -35.84
C TYR P 310 19.11 55.44 -37.32
N GLN P 311 18.93 56.59 -37.99
CA GLN P 311 19.27 56.70 -39.39
C GLN P 311 20.78 56.62 -39.61
N ALA P 312 21.58 57.16 -38.69
CA ALA P 312 23.02 57.05 -38.79
C ALA P 312 23.47 55.59 -38.72
N VAL P 313 22.91 54.83 -37.78
CA VAL P 313 23.28 53.43 -37.65
C VAL P 313 22.86 52.65 -38.89
N ALA P 314 21.65 52.90 -39.40
CA ALA P 314 21.10 52.05 -40.46
C ALA P 314 21.74 52.28 -41.82
N LYS P 315 22.86 52.99 -41.92
CA LYS P 315 23.51 53.19 -43.22
C LYS P 315 24.30 51.97 -43.69
N GLY P 316 24.77 51.14 -42.76
CA GLY P 316 25.59 50.00 -43.13
C GLY P 316 25.31 48.74 -42.34
N VAL P 317 24.18 48.73 -41.62
CA VAL P 317 23.78 47.61 -40.78
C VAL P 317 22.40 47.18 -41.25
N HIS P 318 22.34 46.19 -42.14
CA HIS P 318 21.07 45.68 -42.67
C HIS P 318 20.75 44.35 -41.99
N GLN P 319 20.17 44.45 -40.80
CA GLN P 319 19.85 43.38 -39.86
C GLN P 319 18.81 43.93 -38.90
N PRO P 320 18.13 43.09 -38.11
CA PRO P 320 17.33 43.62 -37.00
C PRO P 320 18.21 44.13 -35.88
N PHE P 321 17.74 45.17 -35.20
CA PHE P 321 18.48 45.84 -34.13
C PHE P 321 17.59 46.91 -33.52
N ASP P 322 18.08 47.55 -32.45
CA ASP P 322 17.34 48.63 -31.83
C ASP P 322 18.28 49.52 -31.03
N VAL P 323 18.03 50.84 -31.05
CA VAL P 323 18.90 51.81 -30.40
C VAL P 323 18.03 52.88 -29.75
N SER P 324 18.51 53.45 -28.64
CA SER P 324 17.84 54.60 -28.06
C SER P 324 18.82 55.35 -27.14
N ALA P 325 18.40 56.52 -26.68
CA ALA P 325 19.11 57.30 -25.68
C ALA P 325 18.65 56.89 -24.28
N PHE P 326 19.34 57.42 -23.27
CA PHE P 326 19.16 56.98 -21.90
C PHE P 326 19.38 58.15 -20.94
N ASN P 327 18.44 58.32 -20.00
CA ASN P 327 18.48 59.42 -19.05
C ASN P 327 17.90 58.97 -17.71
N ALA P 328 18.56 59.35 -16.61
CA ALA P 328 18.10 59.12 -15.24
C ALA P 328 18.65 60.22 -14.35
N SER P 329 17.80 60.76 -13.48
CA SER P 329 18.04 62.10 -12.92
C SER P 329 17.78 62.15 -11.41
N TYR P 330 18.46 61.29 -10.65
CA TYR P 330 18.31 61.29 -9.20
C TYR P 330 18.70 62.63 -8.58
N SER P 331 18.42 62.75 -7.28
CA SER P 331 18.44 64.05 -6.61
C SER P 331 19.83 64.59 -6.35
N ASP P 332 20.87 63.83 -6.64
CA ASP P 332 22.25 64.27 -6.43
C ASP P 332 23.14 64.09 -7.65
N SER P 333 22.80 63.19 -8.57
CA SER P 333 23.60 62.94 -9.75
C SER P 333 22.70 62.32 -10.80
N GLY P 334 23.27 62.01 -11.96
CA GLY P 334 22.51 61.44 -13.05
C GLY P 334 23.42 60.75 -14.03
N LEU P 335 22.81 60.12 -15.03
CA LEU P 335 23.57 59.32 -15.97
C LEU P 335 22.93 59.46 -17.34
N PHE P 336 23.66 60.02 -18.31
CA PHE P 336 23.15 60.18 -19.68
C PHE P 336 23.95 59.27 -20.61
N GLY P 337 23.29 58.69 -21.60
CA GLY P 337 24.01 57.83 -22.52
C GLY P 337 23.19 57.14 -23.58
N ILE P 338 23.63 55.99 -24.07
CA ILE P 338 22.92 55.26 -25.13
C ILE P 338 22.80 53.78 -24.76
N TYR P 339 21.77 53.15 -25.33
CA TYR P 339 21.41 51.75 -25.10
C TYR P 339 21.18 51.08 -26.44
N THR P 340 21.79 49.92 -26.67
CA THR P 340 21.66 49.22 -27.94
C THR P 340 21.37 47.74 -27.73
N ILE P 341 20.58 47.18 -28.67
CA ILE P 341 20.28 45.76 -28.74
C ILE P 341 20.62 45.28 -30.15
N SER P 342 21.46 44.26 -30.23
CA SER P 342 21.92 43.81 -31.54
C SER P 342 22.26 42.33 -31.48
N GLN P 343 22.84 41.83 -32.56
CA GLN P 343 23.12 40.42 -32.74
C GLN P 343 24.57 40.11 -32.38
N ALA P 344 25.01 38.90 -32.73
CA ALA P 344 26.25 38.36 -32.19
C ALA P 344 27.49 38.85 -32.96
N ALA P 345 27.53 38.62 -34.26
CA ALA P 345 28.70 38.96 -35.05
C ALA P 345 28.67 40.38 -35.59
N SER P 346 27.79 41.23 -35.07
CA SER P 346 27.74 42.61 -35.53
C SER P 346 27.54 43.57 -34.35
N ALA P 347 28.03 43.21 -33.18
CA ALA P 347 27.82 44.05 -32.01
C ALA P 347 28.70 45.29 -32.04
N GLY P 348 29.96 45.13 -32.42
CA GLY P 348 30.88 46.28 -32.40
C GLY P 348 30.47 47.36 -33.38
N ASP P 349 30.15 46.96 -34.61
CA ASP P 349 29.83 47.92 -35.67
C ASP P 349 28.71 48.86 -35.24
N VAL P 350 27.69 48.34 -34.58
CA VAL P 350 26.60 49.19 -34.11
C VAL P 350 27.11 50.21 -33.11
N ILE P 351 27.83 49.75 -32.08
CA ILE P 351 28.18 50.65 -30.98
C ILE P 351 29.07 51.78 -31.49
N LYS P 352 30.23 51.42 -32.02
CA LYS P 352 31.11 52.46 -32.54
C LYS P 352 30.64 52.87 -33.92
N SER P 353 29.33 53.10 -34.04
CA SER P 353 28.77 53.93 -35.09
C SER P 353 27.70 54.86 -34.56
N ALA P 354 27.08 54.55 -33.43
CA ALA P 354 26.21 55.50 -32.76
C ALA P 354 26.99 56.40 -31.82
N TYR P 355 28.29 56.14 -31.65
CA TYR P 355 29.16 57.01 -30.89
C TYR P 355 29.75 58.12 -31.75
N ASP P 356 29.85 57.91 -33.06
CA ASP P 356 30.33 58.97 -33.95
C ASP P 356 29.31 60.09 -34.05
N GLN P 357 28.02 59.75 -34.19
CA GLN P 357 26.99 60.76 -34.36
C GLN P 357 26.97 61.73 -33.19
N VAL P 358 27.04 61.21 -31.96
CA VAL P 358 27.01 62.06 -30.79
C VAL P 358 28.19 63.00 -30.76
N LYS P 359 29.28 62.65 -31.44
CA LYS P 359 30.41 63.57 -31.53
C LYS P 359 30.09 64.76 -32.42
N ALA P 360 29.40 64.54 -33.53
CA ALA P 360 29.17 65.60 -34.51
C ALA P 360 28.35 66.74 -33.90
N ILE P 361 27.32 66.42 -33.13
CA ILE P 361 26.51 67.46 -32.49
C ILE P 361 27.38 68.29 -31.55
N ALA P 362 28.38 67.68 -30.91
CA ALA P 362 29.24 68.41 -30.00
C ALA P 362 30.20 69.32 -30.73
N GLN P 363 30.22 69.27 -32.06
CA GLN P 363 31.19 69.97 -32.88
C GLN P 363 30.57 71.18 -33.56
N GLY P 364 29.36 71.55 -33.18
CA GLY P 364 28.68 72.69 -33.74
C GLY P 364 27.68 72.38 -34.84
N ASN P 365 27.66 71.14 -35.33
CA ASN P 365 26.76 70.75 -36.41
C ASN P 365 25.37 70.48 -35.84
N LEU P 366 24.60 71.56 -35.69
CA LEU P 366 23.25 71.47 -35.16
C LEU P 366 22.39 72.56 -35.79
N SER P 367 21.23 72.19 -36.31
CA SER P 367 20.32 73.14 -36.93
C SER P 367 19.58 73.93 -35.86
N ASN P 368 18.54 74.65 -36.27
CA ASN P 368 17.67 75.33 -35.33
C ASN P 368 16.19 75.05 -35.56
N THR P 369 15.85 74.23 -36.56
CA THR P 369 14.47 73.79 -36.79
C THR P 369 14.17 72.46 -36.09
N ASP P 370 15.14 71.54 -36.09
CA ASP P 370 14.96 70.28 -35.39
C ASP P 370 14.88 70.49 -33.88
N VAL P 371 15.54 71.53 -33.36
CA VAL P 371 15.36 71.90 -31.96
C VAL P 371 13.92 72.30 -31.69
N GLN P 372 13.33 73.08 -32.60
CA GLN P 372 11.92 73.44 -32.47
C GLN P 372 11.05 72.19 -32.50
N ALA P 373 11.34 71.27 -33.42
CA ALA P 373 10.54 70.04 -33.51
C ALA P 373 10.67 69.18 -32.27
N ALA P 374 11.84 69.18 -31.63
CA ALA P 374 12.02 68.41 -30.41
C ALA P 374 11.38 69.07 -29.20
N LYS P 375 11.25 70.40 -29.20
CA LYS P 375 10.59 71.06 -28.08
C LYS P 375 9.11 70.77 -28.00
N ASN P 376 8.50 70.27 -29.07
CA ASN P 376 7.07 69.96 -29.05
C ASN P 376 6.80 68.59 -28.42
N LYS P 377 7.75 67.66 -28.54
CA LYS P 377 7.59 66.34 -27.95
C LYS P 377 7.50 66.42 -26.43
N LEU P 378 8.34 67.26 -25.81
CA LEU P 378 8.29 67.41 -24.36
C LEU P 378 6.93 67.94 -23.91
N LYS P 379 6.44 69.00 -24.55
CA LYS P 379 5.16 69.57 -24.15
C LYS P 379 4.06 68.53 -24.29
N ALA P 380 3.98 67.87 -25.44
CA ALA P 380 2.93 66.88 -25.66
C ALA P 380 3.00 65.77 -24.62
N GLY P 381 4.18 65.15 -24.46
CA GLY P 381 4.31 64.04 -23.55
C GLY P 381 4.01 64.43 -22.11
N TYR P 382 4.51 65.58 -21.67
CA TYR P 382 4.27 65.99 -20.30
C TYR P 382 2.78 66.23 -20.05
N LEU P 383 2.10 66.88 -20.99
CA LEU P 383 0.68 67.15 -20.78
C LEU P 383 -0.13 65.87 -20.77
N MET P 384 0.26 64.87 -21.58
CA MET P 384 -0.46 63.61 -21.54
C MET P 384 -0.13 62.78 -20.31
N SER P 385 1.02 63.02 -19.67
CA SER P 385 1.42 62.19 -18.54
C SER P 385 0.52 62.38 -17.33
N VAL P 386 -0.31 63.41 -17.31
CA VAL P 386 -1.11 63.72 -16.13
C VAL P 386 -2.59 63.83 -16.46
N GLU P 387 -3.06 63.16 -17.52
CA GLU P 387 -4.48 63.19 -17.86
C GLU P 387 -5.28 62.28 -16.94
N SER P 388 -4.71 61.16 -16.52
CA SER P 388 -5.40 60.17 -15.72
C SER P 388 -5.58 60.72 -14.29
N SER P 389 -6.16 59.91 -13.41
CA SER P 389 -6.23 60.24 -12.00
C SER P 389 -5.22 59.45 -11.18
N GLU P 390 -4.40 58.63 -11.84
CA GLU P 390 -3.30 57.93 -11.20
C GLU P 390 -1.96 58.58 -11.44
N GLY P 391 -1.78 59.23 -12.60
CA GLY P 391 -0.58 60.01 -12.85
C GLY P 391 -0.56 61.33 -12.12
N PHE P 392 -1.74 61.91 -11.89
CA PHE P 392 -1.84 63.15 -11.13
C PHE P 392 -1.29 62.98 -9.71
N LEU P 393 -1.66 61.89 -9.04
CA LEU P 393 -1.15 61.61 -7.70
C LEU P 393 0.37 61.50 -7.70
N ASP P 394 0.93 60.72 -8.62
CA ASP P 394 2.38 60.54 -8.58
C ASP P 394 3.10 61.86 -8.88
N GLU P 395 2.59 62.65 -9.82
CA GLU P 395 3.23 63.93 -10.12
C GLU P 395 3.22 64.85 -8.91
N VAL P 396 2.09 64.94 -8.22
CA VAL P 396 2.05 65.84 -7.06
C VAL P 396 2.91 65.31 -5.92
N GLY P 397 2.81 64.01 -5.63
CA GLY P 397 3.56 63.44 -4.53
C GLY P 397 5.06 63.46 -4.73
N SER P 398 5.51 63.31 -5.98
CA SER P 398 6.94 63.35 -6.25
C SER P 398 7.54 64.69 -5.88
N GLN P 399 6.96 65.78 -6.37
CA GLN P 399 7.53 67.10 -6.13
C GLN P 399 7.02 67.76 -4.86
N ALA P 400 6.18 67.08 -4.07
CA ALA P 400 5.90 67.59 -2.74
C ALA P 400 6.94 67.15 -1.70
N LEU P 401 7.93 66.37 -2.09
CA LEU P 401 9.00 65.92 -1.19
C LEU P 401 10.32 66.63 -1.44
N VAL P 402 10.73 66.74 -2.71
CA VAL P 402 12.01 67.35 -3.02
C VAL P 402 11.97 68.87 -3.02
N ALA P 403 10.79 69.49 -3.14
CA ALA P 403 10.67 70.93 -3.11
C ALA P 403 9.85 71.43 -1.93
N GLY P 404 8.62 70.95 -1.78
CA GLY P 404 7.74 71.40 -0.73
C GLY P 404 6.60 72.30 -1.16
N SER P 405 6.40 72.49 -2.46
CA SER P 405 5.34 73.37 -2.95
C SER P 405 4.91 72.90 -4.33
N TYR P 406 3.81 73.46 -4.82
CA TYR P 406 3.23 73.07 -6.10
C TYR P 406 3.49 74.15 -7.14
N MET P 407 3.47 73.72 -8.41
CA MET P 407 3.63 74.64 -9.54
C MET P 407 2.91 74.06 -10.74
N GLN P 408 2.08 74.88 -11.40
CA GLN P 408 1.17 74.45 -12.44
C GLN P 408 1.91 74.21 -13.76
N PRO P 409 1.28 73.47 -14.70
CA PRO P 409 1.95 73.16 -15.96
C PRO P 409 2.33 74.37 -16.79
N SER P 410 1.60 75.48 -16.66
CA SER P 410 1.89 76.67 -17.46
C SER P 410 3.30 77.18 -17.19
N THR P 411 3.72 77.19 -15.94
CA THR P 411 5.10 77.56 -15.62
C THR P 411 6.11 76.56 -16.19
N VAL P 412 5.77 75.27 -16.20
CA VAL P 412 6.68 74.26 -16.72
C VAL P 412 6.94 74.50 -18.20
N LEU P 413 5.88 74.79 -18.96
CA LEU P 413 6.06 75.00 -20.40
C LEU P 413 6.94 76.21 -20.69
N GLN P 414 6.76 77.29 -19.94
CA GLN P 414 7.62 78.46 -20.10
C GLN P 414 9.07 78.13 -19.73
N GLN P 415 9.28 77.38 -18.64
CA GLN P 415 10.64 77.03 -18.26
C GLN P 415 11.32 76.17 -19.31
N ILE P 416 10.58 75.28 -19.97
CA ILE P 416 11.20 74.42 -20.97
C ILE P 416 11.25 75.08 -22.34
N ASP P 417 10.62 76.23 -22.52
CA ASP P 417 10.73 76.98 -23.76
C ASP P 417 11.64 78.20 -23.64
N SER P 418 12.49 78.27 -22.62
CA SER P 418 13.47 79.33 -22.48
C SER P 418 14.90 78.82 -22.52
N VAL P 419 15.13 77.68 -23.16
CA VAL P 419 16.46 77.13 -23.33
C VAL P 419 16.96 77.48 -24.72
N ALA P 420 18.24 77.80 -24.85
CA ALA P 420 18.80 78.32 -26.08
C ALA P 420 19.46 77.20 -26.90
N ASP P 421 20.17 77.59 -27.95
CA ASP P 421 20.78 76.65 -28.87
C ASP P 421 22.23 76.31 -28.51
N ALA P 422 22.93 77.21 -27.81
CA ALA P 422 24.30 76.91 -27.41
C ALA P 422 24.37 75.92 -26.27
N ASP P 423 23.32 75.83 -25.45
CA ASP P 423 23.32 74.92 -24.31
C ASP P 423 23.19 73.47 -24.75
N VAL P 424 22.37 73.21 -25.76
CA VAL P 424 22.29 71.86 -26.31
C VAL P 424 23.62 71.44 -26.89
N ILE P 425 24.37 72.40 -27.44
CA ILE P 425 25.66 72.07 -28.05
C ILE P 425 26.71 71.80 -26.98
N ASN P 426 26.77 72.64 -25.96
CA ASN P 426 27.81 72.41 -24.97
C ASN P 426 27.50 71.28 -24.01
N ALA P 427 26.22 70.86 -23.91
CA ALA P 427 25.89 69.67 -23.14
C ALA P 427 26.49 68.42 -23.77
N ALA P 428 26.47 68.32 -25.09
CA ALA P 428 27.07 67.18 -25.76
C ALA P 428 28.59 67.16 -25.66
N LYS P 429 29.25 68.26 -25.29
CA LYS P 429 30.68 68.23 -25.08
C LYS P 429 31.07 67.67 -23.72
N LYS P 430 30.18 67.78 -22.73
CA LYS P 430 30.43 67.12 -21.46
C LYS P 430 30.42 65.61 -21.60
N PHE P 431 29.57 65.08 -22.48
CA PHE P 431 29.52 63.63 -22.70
C PHE P 431 30.81 63.11 -23.32
N VAL P 432 31.32 63.80 -24.34
CA VAL P 432 32.47 63.27 -25.09
C VAL P 432 33.76 63.33 -24.28
N SER P 433 33.91 64.32 -23.41
CA SER P 433 35.13 64.46 -22.61
C SER P 433 34.78 64.07 -21.17
N GLY P 434 34.87 62.77 -20.88
CA GLY P 434 34.52 62.27 -19.57
C GLY P 434 34.83 60.80 -19.48
N ARG P 435 34.66 60.27 -18.28
CA ARG P 435 35.00 58.87 -18.00
C ARG P 435 33.76 58.01 -18.18
N LYS P 436 33.83 56.85 -18.83
CA LYS P 436 32.67 55.92 -19.07
C LYS P 436 32.28 54.69 -18.10
N SER P 437 31.18 53.93 -18.33
CA SER P 437 30.72 52.71 -17.58
C SER P 437 30.11 52.04 -18.73
N MET P 438 30.27 50.75 -18.85
CA MET P 438 29.68 49.92 -19.89
C MET P 438 29.02 48.74 -18.89
N ALA P 439 28.43 47.68 -19.46
CA ALA P 439 27.76 46.52 -18.81
C ALA P 439 27.41 45.89 -20.24
N ALA P 440 27.16 44.60 -20.35
CA ALA P 440 26.88 43.96 -21.63
C ALA P 440 26.39 42.74 -20.80
N SER P 441 25.98 41.72 -21.54
CA SER P 441 25.47 40.47 -21.05
C SER P 441 25.07 39.82 -22.47
N GLY P 442 25.15 38.50 -22.72
CA GLY P 442 25.01 37.74 -23.94
C GLY P 442 26.28 36.98 -24.29
N ASN P 443 26.42 36.58 -25.55
CA ASN P 443 27.61 35.87 -26.02
C ASN P 443 28.64 36.91 -26.46
N LEU P 444 29.52 37.30 -25.53
CA LEU P 444 30.43 38.43 -25.74
C LEU P 444 31.65 38.08 -26.58
N GLY P 445 31.43 37.45 -27.74
CA GLY P 445 32.56 37.04 -28.56
C GLY P 445 33.22 38.19 -29.30
N HIS P 446 32.41 39.05 -29.94
CA HIS P 446 32.91 40.11 -30.80
C HIS P 446 32.46 41.45 -30.22
N THR P 447 33.13 41.93 -29.18
CA THR P 447 32.62 43.10 -28.48
C THR P 447 33.81 43.88 -27.93
N PRO P 448 33.77 45.21 -27.96
CA PRO P 448 34.92 45.99 -27.51
C PRO P 448 34.92 46.28 -26.01
N PHE P 449 36.10 46.17 -25.43
CA PHE P 449 36.31 46.67 -24.08
C PHE P 449 36.29 48.19 -24.08
N VAL P 450 35.99 48.77 -22.92
CA VAL P 450 36.24 50.20 -22.77
C VAL P 450 37.74 50.42 -22.86
N ASP P 451 38.11 51.68 -23.14
CA ASP P 451 39.48 52.02 -23.53
C ASP P 451 39.85 51.35 -24.85
N GLU P 452 38.96 51.43 -25.81
CA GLU P 452 39.18 50.83 -27.13
C GLU P 452 38.23 51.43 -28.17
N ASP Q 28 -58.19 -54.24 -29.22
CA ASP Q 28 -58.71 -54.74 -30.49
C ASP Q 28 -58.29 -53.85 -31.67
N PRO Q 29 -58.27 -52.51 -31.50
CA PRO Q 29 -57.68 -51.66 -32.55
C PRO Q 29 -56.24 -52.00 -32.85
N LEU Q 30 -55.46 -52.39 -31.83
CA LEU Q 30 -54.03 -52.63 -32.05
C LEU Q 30 -53.80 -53.86 -32.92
N THR Q 31 -54.57 -54.93 -32.73
CA THR Q 31 -54.43 -56.10 -33.59
C THR Q 31 -54.75 -55.76 -35.03
N THR Q 32 -55.82 -54.98 -35.24
CA THR Q 32 -56.18 -54.57 -36.60
C THR Q 32 -55.06 -53.74 -37.23
N VAL Q 33 -54.51 -52.77 -36.50
CA VAL Q 33 -53.49 -51.91 -37.10
C VAL Q 33 -52.20 -52.68 -37.31
N ARG Q 34 -51.89 -53.66 -36.46
CA ARG Q 34 -50.74 -54.52 -36.70
C ARG Q 34 -50.94 -55.34 -37.98
N GLU Q 35 -52.16 -55.85 -38.18
CA GLU Q 35 -52.46 -56.54 -39.44
C GLU Q 35 -52.25 -55.64 -40.64
N GLN Q 36 -52.79 -54.42 -40.59
CA GLN Q 36 -52.64 -53.49 -41.70
C GLN Q 36 -51.18 -53.12 -41.95
N CYS Q 37 -50.40 -52.96 -40.88
CA CYS Q 37 -49.00 -52.58 -41.01
C CYS Q 37 -48.09 -53.77 -41.30
N GLU Q 38 -48.63 -54.99 -41.34
CA GLU Q 38 -47.81 -56.13 -41.75
C GLU Q 38 -47.62 -56.17 -43.27
N GLN Q 39 -48.57 -55.65 -44.04
CA GLN Q 39 -48.57 -55.90 -45.48
C GLN Q 39 -47.51 -55.11 -46.25
N ILE Q 40 -46.66 -54.34 -45.58
CA ILE Q 40 -45.69 -53.53 -46.32
C ILE Q 40 -44.51 -54.38 -46.74
N GLU Q 41 -43.66 -53.84 -47.61
CA GLU Q 41 -42.52 -54.60 -48.15
C GLU Q 41 -41.55 -55.01 -47.05
N LYS Q 42 -41.28 -54.13 -46.09
CA LYS Q 42 -40.34 -54.46 -45.02
C LYS Q 42 -40.77 -55.71 -44.27
N CYS Q 43 -42.02 -55.74 -43.82
CA CYS Q 43 -42.49 -56.85 -43.00
C CYS Q 43 -42.54 -58.15 -43.78
N ILE Q 44 -42.97 -58.11 -45.05
CA ILE Q 44 -43.08 -59.34 -45.81
C ILE Q 44 -41.71 -59.89 -46.16
N LYS Q 45 -40.78 -59.02 -46.56
CA LYS Q 45 -39.42 -59.49 -46.82
C LYS Q 45 -38.70 -59.92 -45.56
N ALA Q 46 -39.13 -59.42 -44.40
CA ALA Q 46 -38.59 -59.91 -43.14
C ALA Q 46 -39.18 -61.27 -42.77
N ARG Q 47 -40.46 -61.47 -43.04
CA ARG Q 47 -41.09 -62.74 -42.70
C ARG Q 47 -40.57 -63.87 -43.58
N GLU Q 48 -40.34 -63.58 -44.86
CA GLU Q 48 -39.77 -64.62 -45.72
C GLU Q 48 -38.38 -65.02 -45.23
N ARG Q 49 -37.57 -64.04 -44.81
CA ARG Q 49 -36.26 -64.32 -44.25
C ARG Q 49 -36.38 -65.16 -42.98
N LEU Q 50 -37.32 -64.80 -42.11
CA LEU Q 50 -37.49 -65.52 -40.85
C LEU Q 50 -37.89 -66.96 -41.08
N GLU Q 51 -38.84 -67.20 -41.99
CA GLU Q 51 -39.29 -68.57 -42.22
C GLU Q 51 -38.24 -69.37 -42.99
N LEU Q 52 -37.44 -68.71 -43.83
CA LEU Q 52 -36.32 -69.39 -44.46
C LEU Q 52 -35.29 -69.83 -43.41
N CYS Q 53 -34.99 -68.96 -42.45
CA CYS Q 53 -34.06 -69.33 -41.39
C CYS Q 53 -34.62 -70.45 -40.53
N ASP Q 54 -35.93 -70.41 -40.25
CA ASP Q 54 -36.55 -71.49 -39.49
C ASP Q 54 -36.55 -72.80 -40.27
N GLN Q 55 -36.69 -72.71 -41.59
CA GLN Q 55 -36.53 -73.89 -42.44
C GLN Q 55 -35.13 -74.46 -42.31
N ARG Q 56 -34.11 -73.58 -42.30
CA ARG Q 56 -32.74 -74.03 -42.07
C ARG Q 56 -32.63 -74.75 -40.72
N VAL Q 57 -33.10 -74.10 -39.65
CA VAL Q 57 -32.82 -74.58 -38.30
C VAL Q 57 -33.58 -75.87 -38.01
N SER Q 58 -34.83 -75.96 -38.47
CA SER Q 58 -35.67 -77.11 -38.13
C SER Q 58 -35.11 -78.43 -38.65
N SER Q 59 -34.24 -78.40 -39.66
CA SER Q 59 -33.67 -79.63 -40.21
C SER Q 59 -32.65 -80.26 -39.29
N ARG Q 60 -32.04 -79.48 -38.39
CA ARG Q 60 -30.96 -79.96 -37.54
C ARG Q 60 -31.23 -79.58 -36.09
N SER Q 61 -30.34 -80.02 -35.20
CA SER Q 61 -30.51 -79.83 -33.76
C SER Q 61 -29.31 -79.21 -33.06
N GLN Q 62 -28.09 -79.39 -33.55
CA GLN Q 62 -26.90 -78.84 -32.92
C GLN Q 62 -26.52 -77.46 -33.46
N THR Q 63 -27.29 -76.93 -34.41
CA THR Q 63 -26.89 -75.71 -35.09
C THR Q 63 -26.88 -74.51 -34.14
N GLU Q 64 -26.04 -73.53 -34.47
CA GLU Q 64 -25.88 -72.35 -33.64
C GLU Q 64 -27.06 -71.39 -33.75
N GLU Q 65 -27.90 -71.54 -34.76
CA GLU Q 65 -28.89 -70.51 -35.08
C GLU Q 65 -30.17 -70.67 -34.28
N ASP Q 66 -30.52 -69.62 -33.56
CA ASP Q 66 -31.87 -69.35 -33.12
C ASP Q 66 -32.46 -68.31 -34.07
N CYS Q 67 -33.63 -67.77 -33.71
CA CYS Q 67 -34.20 -66.64 -34.45
C CYS Q 67 -33.80 -65.31 -33.83
N THR Q 68 -32.63 -65.23 -33.21
CA THR Q 68 -32.26 -64.06 -32.42
C THR Q 68 -32.14 -62.80 -33.28
N GLU Q 69 -31.80 -62.94 -34.56
CA GLU Q 69 -31.44 -61.80 -35.39
C GLU Q 69 -32.53 -61.37 -36.35
N GLU Q 70 -33.01 -62.28 -37.22
CA GLU Q 70 -34.03 -61.92 -38.19
C GLU Q 70 -35.33 -61.50 -37.50
N LEU Q 71 -35.62 -62.08 -36.33
CA LEU Q 71 -36.80 -61.67 -35.58
C LEU Q 71 -36.71 -60.21 -35.17
N PHE Q 72 -35.52 -59.75 -34.75
CA PHE Q 72 -35.35 -58.32 -34.49
C PHE Q 72 -35.62 -57.48 -35.73
N ASP Q 73 -35.14 -57.92 -36.89
CA ASP Q 73 -35.42 -57.19 -38.12
C ASP Q 73 -36.92 -57.07 -38.34
N PHE Q 74 -37.64 -58.17 -38.11
CA PHE Q 74 -39.10 -58.18 -38.24
C PHE Q 74 -39.75 -57.17 -37.29
N LEU Q 75 -39.31 -57.18 -36.03
CA LEU Q 75 -39.89 -56.26 -35.04
C LEU Q 75 -39.59 -54.80 -35.36
N HIS Q 76 -38.37 -54.49 -35.79
CA HIS Q 76 -38.07 -53.11 -36.18
C HIS Q 76 -38.95 -52.69 -37.36
N ALA Q 77 -39.07 -53.57 -38.36
CA ALA Q 77 -39.84 -53.22 -39.55
C ALA Q 77 -41.29 -52.95 -39.20
N ARG Q 78 -41.87 -53.77 -38.31
CA ARG Q 78 -43.22 -53.47 -37.84
C ARG Q 78 -43.29 -52.15 -37.08
N ASP Q 79 -42.50 -52.04 -36.00
CA ASP Q 79 -42.67 -50.93 -35.06
C ASP Q 79 -42.40 -49.57 -35.69
N HIS Q 80 -41.45 -49.47 -36.63
CA HIS Q 80 -41.20 -48.20 -37.29
C HIS Q 80 -42.50 -47.59 -37.83
N CYS Q 81 -43.28 -48.39 -38.56
CA CYS Q 81 -44.52 -47.89 -39.13
C CYS Q 81 -45.66 -47.90 -38.13
N VAL Q 82 -45.68 -48.85 -37.20
CA VAL Q 82 -46.78 -48.92 -36.24
C VAL Q 82 -46.79 -47.71 -35.33
N ALA Q 83 -45.61 -47.20 -34.97
CA ALA Q 83 -45.51 -46.14 -33.97
C ALA Q 83 -46.15 -44.83 -34.41
N HIS Q 84 -46.44 -44.66 -35.70
CA HIS Q 84 -46.94 -43.38 -36.19
C HIS Q 84 -48.45 -43.25 -36.03
N LYS Q 85 -49.22 -44.14 -36.66
CA LYS Q 85 -50.65 -43.99 -36.76
C LYS Q 85 -51.42 -44.64 -35.63
N LEU Q 86 -50.74 -45.32 -34.70
CA LEU Q 86 -51.42 -46.03 -33.62
C LEU Q 86 -52.21 -45.05 -32.75
N PHE Q 87 -51.53 -44.04 -32.21
CA PHE Q 87 -52.14 -43.13 -31.25
C PHE Q 87 -53.30 -42.35 -31.86
N ASN Q 88 -53.32 -42.17 -33.18
CA ASN Q 88 -54.43 -41.50 -33.83
C ASN Q 88 -55.73 -42.29 -33.67
N SER Q 89 -55.66 -43.61 -33.82
CA SER Q 89 -56.87 -44.43 -33.83
C SER Q 89 -57.56 -44.53 -32.48
N LEU Q 90 -57.06 -43.83 -31.45
CA LEU Q 90 -57.73 -43.86 -30.17
C LEU Q 90 -59.05 -43.09 -30.24
N LYS Q 91 -59.90 -43.33 -29.24
CA LYS Q 91 -61.16 -42.60 -29.10
C LYS Q 91 -60.91 -41.16 -28.71
N ALA R 6 23.35 -23.95 -48.78
CA ALA R 6 23.72 -25.16 -49.50
C ALA R 6 23.55 -24.97 -51.00
N VAL R 7 22.30 -24.90 -51.45
CA VAL R 7 21.99 -24.74 -52.87
C VAL R 7 21.94 -23.25 -53.21
N ALA R 8 22.19 -22.94 -54.48
CA ALA R 8 22.10 -21.57 -54.97
C ALA R 8 21.07 -21.43 -56.08
N ALA R 9 21.09 -22.31 -57.08
CA ALA R 9 20.16 -22.21 -58.19
C ALA R 9 18.72 -22.41 -57.73
N SER R 10 18.49 -23.39 -56.86
CA SER R 10 17.16 -23.64 -56.31
C SER R 10 16.79 -22.65 -55.20
N SER R 11 17.76 -21.87 -54.71
CA SER R 11 17.45 -20.87 -53.69
C SER R 11 16.54 -19.78 -54.23
N LYS R 12 16.52 -19.59 -55.55
CA LYS R 12 15.55 -18.68 -56.14
C LYS R 12 14.13 -19.17 -55.91
N TRP R 13 13.94 -20.48 -55.83
CA TRP R 13 12.69 -21.03 -55.32
C TRP R 13 12.47 -20.59 -53.87
N LEU R 14 13.51 -20.71 -53.04
CA LEU R 14 13.37 -20.43 -51.62
C LEU R 14 13.03 -18.96 -51.38
N GLU R 15 13.66 -18.05 -52.13
CA GLU R 15 13.29 -16.65 -52.01
C GLU R 15 11.79 -16.46 -52.21
N GLY R 16 11.21 -17.24 -53.12
CA GLY R 16 9.77 -17.14 -53.35
C GLY R 16 8.97 -17.39 -52.10
N ILE R 17 9.32 -18.43 -51.33
CA ILE R 17 8.53 -18.72 -50.14
C ILE R 17 8.77 -17.62 -49.10
N ARG R 18 9.90 -16.94 -49.16
CA ARG R 18 10.10 -15.80 -48.27
C ARG R 18 9.11 -14.69 -48.56
N LYS R 19 8.66 -14.56 -49.81
CA LYS R 19 7.60 -13.62 -50.09
C LYS R 19 6.25 -14.14 -49.62
N TRP R 20 6.08 -15.47 -49.56
CA TRP R 20 4.81 -16.04 -49.16
C TRP R 20 4.53 -15.77 -47.69
N TYR R 21 5.50 -16.07 -46.83
CA TYR R 21 5.29 -15.91 -45.39
C TYR R 21 5.06 -14.45 -45.04
N TYR R 22 5.78 -13.53 -45.68
CA TYR R 22 5.57 -12.13 -45.38
C TYR R 22 4.14 -11.69 -45.75
N ASN R 23 3.49 -12.41 -46.65
CA ASN R 23 2.10 -12.12 -46.97
C ASN R 23 1.14 -12.88 -46.08
N ALA R 24 1.58 -13.97 -45.46
CA ALA R 24 0.71 -14.75 -44.59
C ALA R 24 0.51 -14.05 -43.25
N ALA R 25 1.59 -13.89 -42.48
CA ALA R 25 1.50 -13.07 -41.29
C ALA R 25 1.04 -11.69 -41.69
N GLY R 26 0.18 -11.10 -40.88
CA GLY R 26 -0.45 -9.87 -41.29
C GLY R 26 -0.03 -8.65 -40.52
N PHE R 27 1.26 -8.48 -40.26
CA PHE R 27 1.67 -7.23 -39.65
C PHE R 27 1.87 -6.12 -40.66
N ASN R 28 1.94 -6.44 -41.96
CA ASN R 28 1.94 -5.36 -42.94
C ASN R 28 0.55 -4.80 -43.16
N LYS R 29 -0.49 -5.61 -42.96
CA LYS R 29 -1.85 -5.16 -43.20
C LYS R 29 -2.28 -4.08 -42.23
N LEU R 30 -1.76 -4.10 -41.02
CA LEU R 30 -2.10 -3.12 -40.00
C LEU R 30 -1.19 -1.92 -40.02
N GLY R 31 -0.28 -1.83 -40.99
CA GLY R 31 0.59 -0.68 -41.14
C GLY R 31 1.88 -0.72 -40.38
N LEU R 32 2.41 -1.89 -40.06
CA LEU R 32 3.61 -2.02 -39.26
C LEU R 32 4.79 -2.44 -40.11
N MET R 33 5.99 -2.32 -39.53
CA MET R 33 7.23 -2.91 -40.00
C MET R 33 7.58 -4.10 -39.11
N ARG R 34 8.59 -4.86 -39.52
CA ARG R 34 8.84 -6.11 -38.81
C ARG R 34 9.29 -5.87 -37.37
N ASP R 35 10.21 -4.93 -37.16
CA ASP R 35 10.81 -4.76 -35.83
C ASP R 35 9.87 -4.15 -34.82
N ASP R 36 8.64 -3.83 -35.21
CA ASP R 36 7.64 -3.33 -34.28
C ASP R 36 7.01 -4.44 -33.45
N THR R 37 7.24 -5.70 -33.82
CA THR R 37 6.53 -6.85 -33.26
C THR R 37 7.49 -7.81 -32.56
N ILE R 38 8.36 -7.29 -31.72
CA ILE R 38 9.32 -8.12 -31.02
C ILE R 38 8.94 -8.11 -29.55
N TYR R 39 9.17 -9.24 -28.88
CA TYR R 39 8.81 -9.36 -27.47
C TYR R 39 9.94 -8.80 -26.61
N GLU R 40 9.60 -7.83 -25.75
CA GLU R 40 10.61 -7.03 -25.06
C GLU R 40 10.96 -7.62 -23.71
N ASP R 41 11.90 -8.55 -23.70
CA ASP R 41 12.53 -8.97 -22.46
C ASP R 41 13.65 -7.99 -22.11
N ASP R 42 14.50 -8.34 -21.15
CA ASP R 42 15.39 -7.34 -20.57
C ASP R 42 16.63 -7.06 -21.40
N ASP R 43 16.87 -7.78 -22.49
CA ASP R 43 17.89 -7.39 -23.44
C ASP R 43 17.38 -6.42 -24.48
N VAL R 44 16.07 -6.35 -24.68
CA VAL R 44 15.47 -5.45 -25.63
C VAL R 44 14.86 -4.22 -24.95
N LYS R 45 14.94 -4.16 -23.63
CA LYS R 45 14.54 -2.97 -22.90
C LYS R 45 15.67 -1.96 -22.78
N GLU R 46 16.88 -2.33 -23.17
CA GLU R 46 18.04 -1.44 -23.11
C GLU R 46 18.51 -0.98 -24.48
N ALA R 47 18.29 -1.78 -25.51
CA ALA R 47 18.55 -1.37 -26.88
C ALA R 47 17.40 -0.60 -27.51
N ILE R 48 16.47 -0.12 -26.70
CA ILE R 48 15.40 0.77 -27.16
C ILE R 48 15.68 2.14 -26.58
N ARG R 49 16.32 2.17 -25.42
CA ARG R 49 16.73 3.40 -24.76
C ARG R 49 17.98 4.00 -25.37
N ARG R 50 18.49 3.42 -26.44
CA ARG R 50 19.62 3.94 -27.19
C ARG R 50 19.22 4.46 -28.56
N LEU R 51 17.96 4.73 -28.78
CA LEU R 51 17.60 5.16 -30.12
C LEU R 51 17.74 6.68 -30.24
N PRO R 52 18.03 7.19 -31.43
CA PRO R 52 17.91 8.63 -31.64
C PRO R 52 16.46 9.07 -31.62
N GLU R 53 16.22 10.30 -31.18
CA GLU R 53 14.85 10.78 -30.96
C GLU R 53 14.16 11.26 -32.22
N ASN R 54 14.60 10.89 -33.41
CA ASN R 54 13.74 10.95 -34.58
C ASN R 54 13.31 9.58 -35.07
N LEU R 55 13.88 8.51 -34.51
CA LEU R 55 13.39 7.16 -34.73
C LEU R 55 12.58 6.63 -33.57
N TYR R 56 12.74 7.17 -32.37
CA TYR R 56 11.93 6.71 -31.25
C TYR R 56 10.48 7.14 -31.40
N ASN R 57 10.24 8.37 -31.87
CA ASN R 57 8.90 8.91 -31.96
C ASN R 57 8.08 8.26 -33.08
N ASP R 58 8.72 7.89 -34.17
CA ASP R 58 8.04 7.20 -35.26
C ASP R 58 7.46 5.87 -34.80
N ARG R 59 8.23 5.11 -34.04
CA ARG R 59 7.75 3.84 -33.52
C ARG R 59 6.57 4.01 -32.57
N VAL R 60 6.48 5.15 -31.88
CA VAL R 60 5.33 5.38 -31.01
C VAL R 60 4.09 5.70 -31.84
N PHE R 61 4.22 6.53 -32.87
CA PHE R 61 3.02 6.83 -33.65
C PHE R 61 2.55 5.65 -34.47
N ARG R 62 3.46 4.82 -34.97
CA ARG R 62 2.98 3.68 -35.75
C ARG R 62 2.16 2.73 -34.89
N ILE R 63 2.62 2.47 -33.67
CA ILE R 63 1.97 1.51 -32.79
C ILE R 63 0.63 2.05 -32.28
N LYS R 64 0.56 3.34 -31.95
CA LYS R 64 -0.70 3.83 -31.43
C LYS R 64 -1.80 3.90 -32.49
N ARG R 65 -1.45 4.12 -33.75
CA ARG R 65 -2.45 4.04 -34.81
C ARG R 65 -2.82 2.60 -35.15
N ALA R 66 -1.83 1.69 -35.17
CA ALA R 66 -2.01 0.30 -35.56
C ALA R 66 -2.42 -0.59 -34.40
N LEU R 67 -3.06 -0.01 -33.40
CA LEU R 67 -3.60 -0.70 -32.26
C LEU R 67 -5.04 -0.29 -31.97
N ASP R 68 -5.47 0.86 -32.46
CA ASP R 68 -6.85 1.29 -32.41
C ASP R 68 -7.63 0.86 -33.63
N LEU R 69 -6.99 0.30 -34.63
CA LEU R 69 -7.70 -0.34 -35.72
C LEU R 69 -8.39 -1.61 -35.23
N THR R 70 -7.74 -2.35 -34.34
CA THR R 70 -8.23 -3.65 -33.90
C THR R 70 -9.30 -3.57 -32.80
N MET R 71 -9.48 -2.42 -32.15
CA MET R 71 -10.69 -2.24 -31.35
C MET R 71 -11.83 -1.66 -32.16
N ARG R 72 -11.58 -1.34 -33.42
CA ARG R 72 -12.61 -0.92 -34.36
C ARG R 72 -12.89 -1.97 -35.41
N GLN R 73 -11.92 -2.84 -35.68
CA GLN R 73 -12.07 -4.04 -36.50
C GLN R 73 -12.24 -3.74 -37.99
N GLN R 74 -11.52 -2.76 -38.49
CA GLN R 74 -11.25 -2.67 -39.92
C GLN R 74 -9.76 -2.88 -40.15
N ILE R 75 -9.36 -2.73 -41.40
CA ILE R 75 -7.97 -2.59 -41.77
C ILE R 75 -7.84 -1.39 -42.70
N LEU R 76 -6.66 -1.18 -43.19
CA LEU R 76 -6.31 0.06 -43.84
C LEU R 76 -6.25 -0.14 -45.36
N PRO R 77 -6.44 0.90 -46.16
CA PRO R 77 -6.56 0.71 -47.61
C PRO R 77 -5.34 0.04 -48.24
N LYS R 78 -5.61 -0.76 -49.28
CA LYS R 78 -4.62 -1.69 -49.83
C LYS R 78 -3.42 -0.96 -50.44
N GLU R 79 -3.60 0.27 -50.93
CA GLU R 79 -2.45 1.04 -51.39
C GLU R 79 -1.52 1.42 -50.25
N GLN R 80 -2.00 1.37 -49.01
CA GLN R 80 -1.28 1.84 -47.84
C GLN R 80 -0.44 0.74 -47.18
N TRP R 81 -0.56 -0.51 -47.63
CA TRP R 81 0.22 -1.58 -47.03
C TRP R 81 1.71 -1.33 -47.21
N THR R 82 2.46 -1.47 -46.11
CA THR R 82 3.91 -1.43 -46.17
C THR R 82 4.42 -2.43 -47.19
N LYS R 83 5.10 -1.93 -48.23
CA LYS R 83 5.60 -2.81 -49.27
C LYS R 83 6.75 -3.65 -48.73
N TYR R 84 7.02 -4.75 -49.43
CA TYR R 84 7.89 -5.78 -48.89
C TYR R 84 9.33 -5.31 -48.78
N GLU R 85 9.85 -4.66 -49.82
CA GLU R 85 11.29 -4.44 -49.92
C GLU R 85 11.76 -3.14 -49.26
N GLU R 86 10.89 -2.19 -48.98
CA GLU R 86 11.30 -0.98 -48.29
C GLU R 86 11.20 -1.09 -46.77
N ASP R 87 10.79 -2.23 -46.25
CA ASP R 87 10.86 -2.48 -44.82
C ASP R 87 12.28 -2.22 -44.30
N LYS R 88 12.38 -1.78 -43.05
CA LYS R 88 13.64 -1.33 -42.48
C LYS R 88 13.94 -2.11 -41.20
N PHE R 89 15.19 -2.57 -41.09
CA PHE R 89 15.68 -3.27 -39.90
C PHE R 89 16.40 -2.33 -38.94
N TYR R 90 15.77 -1.25 -38.58
CA TYR R 90 16.41 -0.16 -37.86
C TYR R 90 16.84 -0.52 -36.49
N LEU R 91 16.76 -1.77 -36.03
CA LEU R 91 17.05 -2.11 -34.65
C LEU R 91 17.97 -3.31 -34.50
N GLU R 92 18.29 -4.01 -35.57
CA GLU R 92 19.32 -5.05 -35.51
C GLU R 92 20.66 -4.53 -35.00
N PRO R 93 21.18 -3.37 -35.44
CA PRO R 93 22.51 -2.95 -34.97
C PRO R 93 22.56 -2.49 -33.53
N TYR R 94 21.49 -1.90 -33.01
CA TYR R 94 21.50 -1.51 -31.61
C TYR R 94 21.28 -2.69 -30.68
N LEU R 95 20.89 -3.85 -31.20
CA LEU R 95 20.69 -5.04 -30.37
C LEU R 95 21.82 -6.05 -30.48
N LYS R 96 22.50 -6.16 -31.61
CA LYS R 96 23.63 -7.07 -31.61
C LYS R 96 24.83 -6.30 -31.06
N GLU R 97 24.64 -5.60 -29.96
CA GLU R 97 25.72 -5.16 -29.10
C GLU R 97 25.43 -5.37 -27.62
N VAL R 98 24.18 -5.26 -27.19
CA VAL R 98 23.82 -5.53 -25.81
C VAL R 98 24.05 -7.00 -25.49
N ILE R 99 23.66 -7.89 -26.41
CA ILE R 99 23.90 -9.32 -26.24
C ILE R 99 25.39 -9.61 -26.22
N ARG R 100 26.14 -8.99 -27.13
CA ARG R 100 27.57 -9.27 -27.23
C ARG R 100 28.32 -8.82 -25.99
N GLU R 101 27.83 -7.79 -25.30
CA GLU R 101 28.48 -7.47 -24.04
C GLU R 101 27.95 -8.29 -22.87
N ARG R 102 26.75 -8.85 -22.78
CA ARG R 102 26.48 -9.80 -21.65
C ARG R 102 27.40 -11.03 -21.58
N LYS R 103 27.47 -11.75 -22.66
CA LYS R 103 28.32 -12.87 -22.77
C LYS R 103 29.66 -12.65 -22.21
N GLU R 104 30.13 -11.42 -22.22
CA GLU R 104 31.44 -11.10 -21.66
C GLU R 104 31.53 -11.04 -20.16
N ARG R 105 30.64 -10.37 -19.49
CA ARG R 105 30.57 -10.42 -18.08
C ARG R 105 30.49 -11.87 -17.64
N GLU R 106 29.86 -12.70 -18.49
CA GLU R 106 29.79 -14.13 -18.12
C GLU R 106 31.07 -14.95 -18.25
N GLU R 107 31.79 -14.91 -19.38
CA GLU R 107 33.09 -15.58 -19.32
C GLU R 107 33.94 -15.03 -18.23
N TRP R 108 33.78 -13.76 -17.84
CA TRP R 108 34.61 -13.26 -16.74
C TRP R 108 34.27 -14.10 -15.57
N ALA R 109 33.07 -13.98 -15.00
CA ALA R 109 32.78 -14.69 -13.74
C ALA R 109 33.19 -16.12 -13.75
N LYS R 110 33.05 -16.78 -14.90
CA LYS R 110 33.30 -18.23 -14.91
C LYS R 110 34.72 -18.34 -14.72
N LYS R 111 35.46 -18.10 -15.76
CA LYS R 111 36.78 -18.67 -15.84
C LYS R 111 37.97 -17.72 -15.56
N GLY S 2 2.34 2.05 -7.79
CA GLY S 2 3.07 3.26 -8.12
C GLY S 2 3.18 3.48 -9.61
N ARG S 3 2.19 2.97 -10.34
CA ARG S 3 2.14 3.09 -11.80
C ARG S 3 0.75 3.57 -12.23
N GLU S 4 0.31 4.69 -11.65
CA GLU S 4 -0.95 5.33 -11.99
C GLU S 4 -0.86 6.18 -13.25
N PHE S 5 -1.82 7.07 -13.47
CA PHE S 5 -1.96 7.78 -14.74
C PHE S 5 -0.99 8.94 -14.94
N GLY S 6 -0.11 9.24 -13.98
CA GLY S 6 0.84 10.32 -14.20
C GLY S 6 2.10 9.88 -14.93
N HIS S 7 2.70 8.75 -14.50
CA HIS S 7 4.01 8.32 -14.98
C HIS S 7 3.87 7.05 -15.80
N LEU S 8 3.98 7.18 -17.11
CA LEU S 8 4.17 6.07 -18.03
C LEU S 8 5.02 6.58 -19.19
N THR S 9 4.91 5.92 -20.34
CA THR S 9 5.71 6.17 -21.52
C THR S 9 5.73 7.65 -21.89
N ARG S 10 6.66 8.05 -22.76
CA ARG S 10 6.80 9.42 -23.23
C ARG S 10 6.56 9.48 -24.73
N MET S 11 5.73 10.43 -25.16
CA MET S 11 5.33 10.57 -26.55
C MET S 11 5.19 12.05 -26.88
N ARG S 12 5.30 12.40 -28.15
CA ARG S 12 5.35 13.82 -28.45
C ARG S 12 4.94 14.08 -29.91
N HIS S 13 4.29 15.23 -30.13
CA HIS S 13 3.88 15.77 -31.43
C HIS S 13 2.61 15.17 -32.06
N VAL S 14 1.69 14.63 -31.26
CA VAL S 14 0.54 13.89 -31.78
C VAL S 14 -0.73 14.60 -31.31
N ILE S 15 -1.86 14.31 -31.98
CA ILE S 15 -3.11 15.02 -31.70
C ILE S 15 -4.30 14.13 -32.05
N THR S 16 -5.41 14.28 -31.28
CA THR S 16 -6.64 13.51 -31.48
C THR S 16 -7.88 14.38 -31.25
N TYR S 17 -8.97 14.05 -31.95
CA TYR S 17 -10.23 14.78 -31.92
C TYR S 17 -11.38 13.87 -31.48
N SER S 18 -12.49 14.46 -31.01
CA SER S 18 -13.65 13.65 -30.62
C SER S 18 -14.87 14.53 -30.32
N LEU S 19 -16.06 13.99 -30.59
CA LEU S 19 -17.34 14.58 -30.21
C LEU S 19 -17.85 14.06 -28.87
N SER S 20 -19.08 14.39 -28.58
CA SER S 20 -19.82 13.90 -27.41
C SER S 20 -20.70 12.74 -27.84
N PRO S 21 -21.41 12.08 -26.91
CA PRO S 21 -22.39 11.08 -27.36
C PRO S 21 -23.76 11.67 -27.67
N PHE S 22 -24.10 12.79 -27.04
CA PHE S 22 -25.44 13.36 -27.20
C PHE S 22 -25.64 14.06 -28.53
N GLU S 23 -24.56 14.38 -29.25
CA GLU S 23 -24.65 14.95 -30.59
C GLU S 23 -24.42 13.93 -31.69
N GLN S 24 -24.71 12.66 -31.45
CA GLN S 24 -24.60 11.67 -32.51
C GLN S 24 -25.63 10.58 -32.29
N ARG S 25 -25.89 9.83 -33.36
CA ARG S 25 -26.68 8.62 -33.32
C ARG S 25 -25.76 7.40 -33.29
N ALA S 26 -26.22 6.34 -32.66
CA ALA S 26 -25.37 5.19 -32.36
C ALA S 26 -25.59 4.02 -33.32
N PHE S 27 -26.30 4.21 -34.42
CA PHE S 27 -26.51 3.17 -35.43
C PHE S 27 -26.21 3.71 -36.82
N PRO S 28 -24.92 3.89 -37.16
CA PRO S 28 -24.57 4.30 -38.52
C PRO S 28 -24.48 3.15 -39.50
N HIS S 29 -25.62 2.77 -40.09
CA HIS S 29 -25.68 1.75 -41.15
C HIS S 29 -25.24 0.38 -40.63
N TYR S 30 -25.81 -0.05 -39.51
CA TYR S 30 -25.44 -1.34 -38.92
C TYR S 30 -25.74 -2.48 -39.89
N PHE S 31 -26.94 -2.47 -40.49
CA PHE S 31 -27.32 -3.54 -41.39
C PHE S 31 -26.40 -3.59 -42.61
N THR S 32 -26.05 -2.43 -43.17
CA THR S 32 -25.32 -2.41 -44.43
C THR S 32 -23.80 -2.37 -44.23
N LYS S 33 -23.30 -2.59 -43.00
CA LYS S 33 -21.87 -2.81 -42.82
C LYS S 33 -21.55 -4.03 -41.97
N GLY S 34 -22.53 -4.62 -41.28
CA GLY S 34 -22.26 -5.82 -40.52
C GLY S 34 -21.89 -7.00 -41.41
N ILE S 35 -22.66 -7.22 -42.48
CA ILE S 35 -22.46 -8.41 -43.31
C ILE S 35 -21.11 -8.43 -44.02
N PRO S 36 -20.68 -7.36 -44.71
CA PRO S 36 -19.40 -7.45 -45.44
C PRO S 36 -18.18 -7.76 -44.58
N ASN S 37 -18.13 -7.27 -43.34
CA ASN S 37 -17.02 -7.59 -42.45
C ASN S 37 -16.92 -9.09 -42.23
N VAL S 38 -18.04 -9.72 -41.87
CA VAL S 38 -18.05 -11.17 -41.69
C VAL S 38 -17.72 -11.89 -42.98
N LEU S 39 -18.25 -11.40 -44.10
CA LEU S 39 -17.95 -12.01 -45.38
C LEU S 39 -16.45 -12.03 -45.65
N ARG S 40 -15.76 -10.92 -45.36
CA ARG S 40 -14.33 -10.85 -45.64
C ARG S 40 -13.49 -11.60 -44.61
N ARG S 41 -13.97 -11.72 -43.36
CA ARG S 41 -13.13 -12.33 -42.33
C ARG S 41 -13.33 -13.83 -42.18
N THR S 42 -14.55 -14.33 -42.38
CA THR S 42 -14.80 -15.76 -42.23
C THR S 42 -13.99 -16.56 -43.22
N ARG S 43 -13.89 -16.08 -44.46
CA ARG S 43 -13.10 -16.74 -45.48
C ARG S 43 -11.67 -16.99 -45.00
N ALA S 44 -11.07 -16.00 -44.33
CA ALA S 44 -9.67 -16.10 -43.95
C ALA S 44 -9.44 -17.22 -42.93
N CYS S 45 -10.33 -17.37 -41.95
CA CYS S 45 -10.13 -18.33 -40.87
C CYS S 45 -11.12 -19.48 -40.90
N ILE S 46 -12.00 -19.57 -41.90
CA ILE S 46 -12.74 -20.80 -42.11
C ILE S 46 -11.79 -21.93 -42.49
N LEU S 47 -10.67 -21.58 -43.13
CA LEU S 47 -9.65 -22.52 -43.54
C LEU S 47 -8.67 -22.86 -42.44
N ARG S 48 -8.70 -22.14 -41.32
CA ARG S 48 -7.72 -22.33 -40.26
C ARG S 48 -8.29 -22.97 -39.00
N VAL S 49 -9.58 -23.27 -38.96
CA VAL S 49 -10.17 -23.94 -37.81
C VAL S 49 -10.81 -25.23 -38.29
N ALA S 50 -11.25 -25.26 -39.55
CA ALA S 50 -11.98 -26.44 -40.03
C ALA S 50 -11.07 -27.65 -40.26
N PRO S 51 -10.05 -27.59 -41.13
CA PRO S 51 -9.36 -28.84 -41.55
C PRO S 51 -8.78 -29.64 -40.39
N PRO S 52 -8.23 -29.02 -39.34
CA PRO S 52 -7.85 -29.85 -38.16
C PRO S 52 -9.02 -30.61 -37.57
N PHE S 53 -10.19 -29.98 -37.52
CA PHE S 53 -11.38 -30.62 -36.96
C PHE S 53 -12.00 -31.61 -37.93
N VAL S 54 -11.70 -31.48 -39.23
CA VAL S 54 -12.36 -32.31 -40.24
C VAL S 54 -11.92 -33.76 -40.13
N VAL S 55 -10.65 -33.99 -39.80
CA VAL S 55 -10.28 -35.38 -39.53
C VAL S 55 -10.53 -35.64 -38.04
N PHE S 56 -11.80 -35.67 -37.69
CA PHE S 56 -12.38 -36.49 -36.63
C PHE S 56 -13.70 -37.09 -37.05
N TYR S 57 -14.43 -36.42 -37.95
CA TYR S 57 -15.68 -36.95 -38.49
C TYR S 57 -15.44 -38.29 -39.17
N LEU S 58 -14.36 -38.38 -39.96
CA LEU S 58 -14.07 -39.61 -40.69
C LEU S 58 -13.79 -40.77 -39.73
N VAL S 59 -12.90 -40.57 -38.77
CA VAL S 59 -12.54 -41.68 -37.89
C VAL S 59 -13.72 -42.07 -37.02
N TYR S 60 -14.50 -41.09 -36.56
CA TYR S 60 -15.66 -41.39 -35.73
C TYR S 60 -16.69 -42.20 -36.50
N THR S 61 -17.00 -41.80 -37.75
CA THR S 61 -17.99 -42.54 -38.52
C THR S 61 -17.47 -43.92 -38.89
N TRP S 62 -16.18 -44.03 -39.24
CA TRP S 62 -15.59 -45.33 -39.57
C TRP S 62 -15.74 -46.29 -38.40
N GLY S 63 -15.30 -45.86 -37.22
CA GLY S 63 -15.38 -46.73 -36.06
C GLY S 63 -16.80 -47.07 -35.67
N THR S 64 -17.69 -46.08 -35.71
CA THR S 64 -19.08 -46.32 -35.35
C THR S 64 -19.70 -47.37 -36.27
N GLN S 65 -19.58 -47.19 -37.59
CA GLN S 65 -20.25 -48.11 -38.50
C GLN S 65 -19.60 -49.49 -38.47
N GLU S 66 -18.28 -49.56 -38.31
CA GLU S 66 -17.63 -50.86 -38.25
C GLU S 66 -18.04 -51.62 -37.00
N PHE S 67 -18.05 -50.96 -35.84
CA PHE S 67 -18.48 -51.63 -34.63
C PHE S 67 -19.95 -52.04 -34.72
N GLU S 68 -20.78 -51.19 -35.33
CA GLU S 68 -22.18 -51.56 -35.53
C GLU S 68 -22.31 -52.82 -36.36
N LYS S 69 -21.46 -52.95 -37.39
CA LYS S 69 -21.47 -54.18 -38.18
C LYS S 69 -21.18 -55.40 -37.31
N SER S 70 -20.04 -55.40 -36.63
CA SER S 70 -19.60 -56.51 -35.80
C SER S 70 -20.33 -56.60 -34.48
N LYS S 71 -21.46 -55.92 -34.34
CA LYS S 71 -22.37 -56.10 -33.22
C LYS S 71 -23.77 -56.49 -33.65
N ARG S 72 -24.27 -55.90 -34.73
CA ARG S 72 -25.60 -56.21 -35.25
C ARG S 72 -25.58 -57.29 -36.31
N LYS S 73 -24.40 -57.57 -36.89
CA LYS S 73 -24.24 -58.57 -37.95
C LYS S 73 -23.13 -59.57 -37.64
N ASN S 74 -22.99 -59.95 -36.37
CA ASN S 74 -22.14 -61.10 -36.04
C ASN S 74 -22.62 -62.40 -36.67
N PRO S 75 -23.92 -62.74 -36.67
CA PRO S 75 -24.34 -64.02 -37.28
C PRO S 75 -23.98 -64.17 -38.76
N ALA S 76 -23.37 -63.16 -39.38
CA ALA S 76 -22.84 -63.36 -40.73
C ALA S 76 -21.64 -64.29 -40.73
N ALA S 77 -20.68 -64.04 -39.84
CA ALA S 77 -19.47 -64.87 -39.77
C ALA S 77 -19.58 -65.93 -38.67
N TYR S 78 -20.72 -66.02 -37.99
CA TYR S 78 -20.98 -67.11 -37.03
C TYR S 78 -21.47 -68.33 -37.82
N GLU S 79 -20.57 -68.86 -38.63
CA GLU S 79 -20.93 -69.88 -39.61
C GLU S 79 -21.31 -71.19 -38.91
N ASN S 80 -22.37 -71.83 -39.41
CA ASN S 80 -22.82 -73.11 -38.89
C ASN S 80 -22.06 -74.27 -39.51
N ALA T 2 -40.13 22.59 -37.14
CA ALA T 2 -39.47 21.50 -36.45
C ALA T 2 -40.25 21.11 -35.19
N ALA T 3 -41.30 20.31 -35.38
CA ALA T 3 -42.18 19.96 -34.27
C ALA T 3 -41.43 19.08 -33.27
N PRO T 4 -41.47 19.40 -31.98
CA PRO T 4 -40.82 18.55 -30.98
C PRO T 4 -41.49 17.19 -30.87
N THR T 5 -40.71 16.21 -30.44
CA THR T 5 -41.19 14.85 -30.25
C THR T 5 -41.65 14.69 -28.80
N LEU T 6 -42.10 13.49 -28.43
CA LEU T 6 -42.47 13.21 -27.05
C LEU T 6 -41.30 13.38 -26.10
N THR T 7 -40.07 13.17 -26.60
CA THR T 7 -38.92 13.16 -25.72
C THR T 7 -38.64 14.52 -25.11
N ALA T 8 -38.76 15.60 -25.91
CA ALA T 8 -38.45 16.93 -25.41
C ALA T 8 -39.41 17.35 -24.31
N ARG T 9 -40.70 17.14 -24.52
CA ARG T 9 -41.68 17.47 -23.49
C ARG T 9 -41.54 16.55 -22.28
N LEU T 10 -41.16 15.29 -22.48
CA LEU T 10 -40.95 14.41 -21.34
C LEU T 10 -39.77 14.87 -20.49
N TYR T 11 -38.69 15.29 -21.13
CA TYR T 11 -37.53 15.81 -20.39
C TYR T 11 -37.83 17.14 -19.73
N SER T 12 -38.69 17.96 -20.35
CA SER T 12 -39.13 19.18 -19.68
C SER T 12 -40.04 18.87 -18.49
N LEU T 13 -40.79 17.77 -18.56
CA LEU T 13 -41.75 17.43 -17.51
C LEU T 13 -41.08 16.79 -16.28
N LEU T 14 -40.42 15.64 -16.47
CA LEU T 14 -40.10 14.80 -15.32
C LEU T 14 -38.73 14.12 -15.33
N PHE T 15 -37.80 14.55 -16.18
CA PHE T 15 -36.53 13.83 -16.25
C PHE T 15 -35.33 14.63 -15.77
N ARG T 16 -35.37 15.95 -15.90
CA ARG T 16 -34.26 16.80 -15.47
C ARG T 16 -34.50 17.36 -14.08
N ARG T 17 -34.66 16.46 -13.11
CA ARG T 17 -34.78 16.88 -11.73
C ARG T 17 -33.87 16.08 -10.81
N THR T 18 -33.62 14.82 -11.16
CA THR T 18 -32.80 13.89 -10.39
C THR T 18 -33.45 13.60 -9.02
N SER T 19 -34.59 14.23 -8.77
CA SER T 19 -35.43 13.96 -7.61
C SER T 19 -36.80 13.42 -8.01
N THR T 20 -37.16 13.69 -9.28
CA THR T 20 -38.24 13.03 -10.07
C THR T 20 -37.88 11.73 -10.84
N PHE T 21 -36.68 11.70 -11.42
CA PHE T 21 -36.24 10.64 -12.34
C PHE T 21 -36.23 9.28 -11.64
N ALA T 22 -35.51 9.23 -10.53
CA ALA T 22 -35.44 8.03 -9.72
C ALA T 22 -36.87 7.58 -9.45
N LEU T 23 -37.83 8.39 -9.06
CA LEU T 23 -39.20 7.81 -8.86
C LEU T 23 -39.93 6.91 -9.98
N THR T 24 -40.14 7.49 -11.15
CA THR T 24 -40.94 6.84 -12.18
C THR T 24 -40.42 5.47 -12.63
N ILE T 25 -39.19 5.14 -12.23
CA ILE T 25 -38.65 3.79 -12.33
C ILE T 25 -39.42 2.89 -11.38
N ALA T 26 -39.68 3.42 -10.19
CA ALA T 26 -40.51 2.78 -9.20
C ALA T 26 -41.83 2.47 -9.90
N VAL T 27 -42.32 3.40 -10.71
CA VAL T 27 -43.69 3.32 -11.24
C VAL T 27 -44.00 2.11 -12.13
N GLY T 28 -43.05 1.73 -12.98
CA GLY T 28 -43.29 0.69 -13.96
C GLY T 28 -43.62 -0.65 -13.32
N ALA T 29 -42.93 -0.99 -12.25
CA ALA T 29 -43.19 -2.23 -11.53
C ALA T 29 -44.61 -2.21 -10.98
N LEU T 30 -45.11 -1.07 -10.53
CA LEU T 30 -46.50 -1.10 -10.10
C LEU T 30 -47.37 -1.47 -11.30
N PHE T 31 -47.11 -0.80 -12.43
CA PHE T 31 -47.83 -1.08 -13.67
C PHE T 31 -47.56 -2.47 -14.22
N PHE T 32 -46.29 -2.87 -14.18
CA PHE T 32 -45.90 -4.19 -14.67
C PHE T 32 -46.56 -5.28 -13.83
N GLU T 33 -46.54 -5.07 -12.51
CA GLU T 33 -47.14 -6.02 -11.59
C GLU T 33 -48.62 -6.12 -11.89
N ARG T 34 -49.24 -4.99 -12.17
CA ARG T 34 -50.66 -4.97 -12.54
C ARG T 34 -50.98 -5.72 -13.84
N ALA T 35 -50.15 -5.55 -14.86
CA ALA T 35 -50.48 -6.02 -16.21
C ALA T 35 -49.80 -7.29 -16.75
N PHE T 36 -49.10 -8.03 -15.90
CA PHE T 36 -48.21 -9.09 -16.38
C PHE T 36 -48.69 -10.48 -15.98
N ASP T 37 -49.20 -10.63 -14.75
CA ASP T 37 -49.79 -11.92 -14.37
C ASP T 37 -50.87 -12.33 -15.35
N GLN T 38 -51.78 -11.41 -15.69
CA GLN T 38 -52.84 -11.73 -16.64
C GLN T 38 -52.27 -12.06 -18.01
N GLY T 39 -51.32 -11.24 -18.48
CA GLY T 39 -50.77 -11.43 -19.81
C GLY T 39 -50.08 -12.76 -20.00
N ALA T 40 -49.48 -13.30 -18.93
CA ALA T 40 -48.87 -14.62 -19.06
C ALA T 40 -49.86 -15.74 -18.79
N ASP T 41 -50.72 -15.59 -17.77
CA ASP T 41 -51.63 -16.66 -17.40
C ASP T 41 -52.66 -16.93 -18.49
N ALA T 42 -53.20 -15.89 -19.12
CA ALA T 42 -54.18 -16.11 -20.16
C ALA T 42 -53.60 -16.91 -21.33
N ILE T 43 -52.39 -16.55 -21.77
CA ILE T 43 -51.80 -17.25 -22.90
C ILE T 43 -51.45 -18.69 -22.52
N TYR T 44 -50.91 -18.90 -21.32
CA TYR T 44 -50.57 -20.27 -20.94
C TYR T 44 -51.81 -21.13 -20.85
N GLU T 45 -52.89 -20.60 -20.28
CA GLU T 45 -54.11 -21.40 -20.13
C GLU T 45 -54.79 -21.64 -21.47
N HIS T 46 -54.71 -20.69 -22.39
CA HIS T 46 -55.31 -20.89 -23.70
C HIS T 46 -54.51 -21.88 -24.53
N ILE T 47 -53.20 -22.01 -24.28
CA ILE T 47 -52.40 -22.95 -25.06
C ILE T 47 -52.92 -24.37 -24.90
N ASN T 48 -53.26 -24.75 -23.68
CA ASN T 48 -53.70 -26.11 -23.37
C ASN T 48 -54.98 -26.05 -22.53
N GLN T 49 -56.12 -26.27 -23.19
CA GLN T 49 -57.42 -26.17 -22.55
C GLN T 49 -58.06 -27.54 -22.39
N GLY T 50 -59.02 -27.62 -21.48
CA GLY T 50 -59.70 -28.87 -21.19
C GLY T 50 -58.79 -29.96 -20.71
N LYS T 51 -57.68 -29.61 -20.07
CA LYS T 51 -56.66 -30.58 -19.73
C LYS T 51 -56.12 -30.46 -18.30
N LEU T 52 -56.47 -29.43 -17.55
CA LEU T 52 -56.03 -29.31 -16.17
C LEU T 52 -57.25 -29.28 -15.25
N TRP T 53 -57.01 -29.58 -13.97
CA TRP T 53 -58.11 -29.89 -13.06
C TRP T 53 -59.17 -28.80 -13.04
N LYS T 54 -58.77 -27.52 -13.14
CA LYS T 54 -59.76 -26.45 -13.15
C LYS T 54 -60.73 -26.57 -14.32
N HIS T 55 -60.32 -27.22 -15.41
CA HIS T 55 -61.23 -27.49 -16.51
C HIS T 55 -62.03 -28.76 -16.31
N ILE T 56 -61.68 -29.58 -15.33
CA ILE T 56 -62.39 -30.82 -15.05
C ILE T 56 -63.16 -30.78 -13.74
N LYS T 57 -62.82 -29.85 -12.84
CA LYS T 57 -63.50 -29.77 -11.54
C LYS T 57 -64.99 -29.51 -11.67
N HIS T 58 -65.44 -28.98 -12.80
CA HIS T 58 -66.85 -28.64 -12.95
C HIS T 58 -67.76 -29.86 -12.91
N LYS T 59 -67.20 -31.07 -13.06
CA LYS T 59 -67.99 -32.27 -12.80
C LYS T 59 -68.31 -32.41 -11.33
N TYR T 60 -67.31 -32.26 -10.46
CA TYR T 60 -67.46 -32.38 -9.02
C TYR T 60 -67.07 -31.06 -8.38
N GLU T 61 -68.03 -30.14 -8.24
CA GLU T 61 -67.81 -28.92 -7.47
C GLU T 61 -69.15 -28.39 -7.00
N ASN T 62 -69.30 -28.20 -5.68
CA ASN T 62 -70.54 -27.76 -5.06
C ASN T 62 -71.71 -28.68 -5.42
N LYS T 63 -71.41 -29.99 -5.46
CA LYS T 63 -72.41 -31.00 -5.80
C LYS T 63 -73.10 -30.72 -7.13
N LEU U 2 -23.32 23.09 22.62
CA LEU U 2 -22.16 23.38 21.78
C LEU U 2 -22.26 24.76 21.13
N SER U 3 -21.18 25.17 20.48
CA SER U 3 -21.12 26.49 19.84
C SER U 3 -20.48 26.50 18.46
N ARG U 4 -19.73 25.45 18.09
CA ARG U 4 -19.12 25.43 16.75
C ARG U 4 -20.17 25.36 15.65
N PHE U 5 -21.32 24.74 15.95
CA PHE U 5 -22.35 24.51 14.95
C PHE U 5 -23.51 25.48 15.06
N LEU U 6 -23.52 26.34 16.07
CA LEU U 6 -24.61 27.30 16.26
C LEU U 6 -24.48 28.40 15.22
N GLY U 7 -25.60 28.72 14.57
CA GLY U 7 -25.65 29.82 13.64
C GLY U 7 -26.89 29.76 12.77
N PRO U 8 -27.00 30.69 11.82
CA PRO U 8 -28.08 30.59 10.85
C PRO U 8 -27.74 29.72 9.67
N ARG U 9 -26.45 29.52 9.39
CA ARG U 9 -26.08 28.81 8.17
C ARG U 9 -26.31 27.31 8.29
N TYR U 10 -26.10 26.74 9.48
CA TYR U 10 -26.37 25.31 9.67
C TYR U 10 -27.87 25.04 9.72
N ARG U 11 -28.65 25.97 10.30
CA ARG U 11 -30.10 25.84 10.23
C ARG U 11 -30.60 26.00 8.81
N GLU U 12 -29.95 26.85 8.02
CA GLU U 12 -30.32 27.01 6.61
C GLU U 12 -29.98 25.77 5.81
N LEU U 13 -28.80 25.17 6.05
CA LEU U 13 -28.48 23.91 5.40
C LEU U 13 -29.43 22.81 5.84
N ALA U 14 -29.85 22.84 7.11
CA ALA U 14 -30.82 21.85 7.60
C ALA U 14 -32.16 22.00 6.88
N ARG U 15 -32.65 23.24 6.74
CA ARG U 15 -33.93 23.42 6.06
C ARG U 15 -33.79 23.25 4.55
N ASN U 16 -32.56 23.38 4.03
CA ASN U 16 -32.28 23.12 2.63
C ASN U 16 -32.22 21.64 2.30
N TRP U 17 -31.76 20.82 3.25
CA TRP U 17 -31.56 19.39 3.02
C TRP U 17 -32.54 18.53 3.79
N ILE U 18 -33.52 19.12 4.47
CA ILE U 18 -34.69 18.35 4.91
C ILE U 18 -35.44 17.80 3.71
N PRO U 19 -35.35 18.38 2.50
CA PRO U 19 -35.71 17.57 1.32
C PRO U 19 -34.86 16.31 1.21
N THR U 20 -33.55 16.42 1.40
CA THR U 20 -32.70 15.24 1.29
C THR U 20 -33.04 14.22 2.37
N ALA U 21 -33.15 14.68 3.63
CA ALA U 21 -33.48 13.77 4.72
C ALA U 21 -34.86 13.18 4.55
N SER U 22 -35.83 13.98 4.09
CA SER U 22 -37.20 13.49 3.95
C SER U 22 -37.32 12.47 2.82
N MET U 23 -36.69 12.73 1.67
CA MET U 23 -36.72 11.73 0.60
C MET U 23 -35.93 10.49 0.99
N TRP U 24 -34.79 10.67 1.66
CA TRP U 24 -33.98 9.54 2.10
C TRP U 24 -34.77 8.63 3.04
N GLY U 25 -35.41 9.22 4.04
CA GLY U 25 -36.25 8.50 4.96
C GLY U 25 -37.47 7.89 4.33
N ALA U 26 -38.11 8.59 3.38
CA ALA U 26 -39.29 8.04 2.72
C ALA U 26 -38.92 6.81 1.90
N VAL U 27 -37.85 6.92 1.10
CA VAL U 27 -37.41 5.79 0.29
C VAL U 27 -36.98 4.63 1.19
N GLY U 28 -36.23 4.93 2.26
CA GLY U 28 -35.83 3.87 3.18
C GLY U 28 -36.99 3.17 3.84
N ALA U 29 -37.98 3.94 4.31
CA ALA U 29 -39.13 3.35 4.97
C ALA U 29 -39.94 2.48 4.01
N VAL U 30 -40.22 3.00 2.81
CA VAL U 30 -40.97 2.20 1.84
C VAL U 30 -40.19 0.97 1.39
N GLY U 31 -38.86 1.08 1.22
CA GLY U 31 -38.07 -0.09 0.86
C GLY U 31 -38.05 -1.12 1.97
N LEU U 32 -38.06 -0.68 3.23
CA LEU U 32 -38.08 -1.61 4.34
C LEU U 32 -39.37 -2.43 4.36
N VAL U 33 -40.40 -2.00 3.62
CA VAL U 33 -41.62 -2.79 3.51
C VAL U 33 -41.43 -3.92 2.51
N TRP U 34 -40.88 -3.61 1.33
CA TRP U 34 -40.66 -4.64 0.32
C TRP U 34 -39.64 -5.68 0.77
N ALA U 35 -38.57 -5.24 1.45
CA ALA U 35 -37.43 -6.11 1.70
C ALA U 35 -37.80 -7.30 2.59
N THR U 36 -38.56 -7.06 3.66
CA THR U 36 -38.85 -8.09 4.65
C THR U 36 -40.22 -8.73 4.44
N ASP U 37 -40.77 -8.64 3.23
CA ASP U 37 -42.12 -9.14 2.93
C ASP U 37 -43.12 -8.60 3.95
N TRP U 38 -43.06 -7.29 4.19
CA TRP U 38 -43.87 -6.62 5.18
C TRP U 38 -45.31 -6.51 4.69
N ARG U 39 -46.14 -7.49 5.05
CA ARG U 39 -47.53 -7.49 4.62
C ARG U 39 -48.33 -6.36 5.25
N LEU U 40 -47.92 -5.89 6.42
CA LEU U 40 -48.69 -4.94 7.21
C LEU U 40 -48.79 -3.56 6.56
N ILE U 41 -47.92 -3.24 5.60
CA ILE U 41 -48.02 -1.99 4.85
C ILE U 41 -48.21 -2.33 3.38
N LEU U 42 -47.87 -3.57 3.01
CA LEU U 42 -48.24 -4.08 1.70
C LEU U 42 -49.74 -4.02 1.48
N ASP U 43 -50.53 -4.05 2.55
CA ASP U 43 -51.98 -3.95 2.43
C ASP U 43 -52.48 -2.50 2.44
N TRP U 44 -51.71 -1.57 3.02
CA TRP U 44 -52.14 -0.17 3.04
C TRP U 44 -52.37 0.36 1.64
N VAL U 45 -51.67 -0.18 0.65
CA VAL U 45 -51.99 0.00 -0.75
C VAL U 45 -52.38 -1.35 -1.33
N PRO U 46 -53.61 -1.52 -1.82
CA PRO U 46 -54.00 -2.81 -2.40
C PRO U 46 -53.47 -3.03 -3.82
N TYR U 47 -52.51 -2.21 -4.26
CA TYR U 47 -52.09 -2.24 -5.66
C TYR U 47 -50.94 -3.21 -5.90
N ILE U 48 -50.15 -3.49 -4.86
CA ILE U 48 -49.08 -4.49 -4.95
C ILE U 48 -49.64 -5.79 -4.40
N ASN U 49 -50.13 -6.64 -5.29
CA ASN U 49 -50.57 -7.99 -4.95
C ASN U 49 -49.45 -9.00 -5.22
N GLY U 50 -48.31 -8.75 -4.58
CA GLY U 50 -47.17 -9.64 -4.74
C GLY U 50 -47.23 -10.90 -3.92
N LYS U 51 -48.20 -11.02 -3.02
CA LYS U 51 -48.36 -12.21 -2.19
C LYS U 51 -49.16 -13.25 -2.96
N PHE U 52 -48.53 -13.78 -4.01
CA PHE U 52 -49.15 -14.80 -4.87
C PHE U 52 -50.50 -14.36 -5.42
N MET V 1 8.00 69.12 -12.69
CA MET V 1 8.50 67.92 -13.33
C MET V 1 9.78 67.44 -12.64
N LEU V 2 9.62 66.60 -11.62
CA LEU V 2 10.71 66.32 -10.70
C LEU V 2 10.83 64.85 -10.28
N SER V 3 10.25 63.91 -11.03
CA SER V 3 10.26 62.50 -10.66
C SER V 3 11.36 61.76 -11.41
N VAL V 4 11.30 60.43 -11.38
CA VAL V 4 12.17 59.60 -12.20
C VAL V 4 11.40 58.93 -13.33
N ALA V 5 10.08 59.00 -13.34
CA ALA V 5 9.29 58.45 -14.44
C ALA V 5 8.92 59.51 -15.48
N SER V 6 8.89 60.79 -15.07
CA SER V 6 8.67 61.85 -16.05
C SER V 6 9.82 61.92 -17.05
N ARG V 7 11.00 61.43 -16.68
CA ARG V 7 12.10 61.18 -17.61
C ARG V 7 12.26 59.67 -17.69
N SER V 8 11.84 59.09 -18.83
CA SER V 8 11.78 57.64 -18.97
C SER V 8 13.16 57.04 -18.75
N GLY V 9 13.20 55.86 -18.13
CA GLY V 9 14.47 55.29 -17.74
C GLY V 9 14.39 54.22 -16.67
N PRO V 10 15.13 54.42 -15.58
CA PRO V 10 15.35 53.33 -14.61
C PRO V 10 14.06 52.85 -13.97
N PHE V 11 14.04 51.56 -13.64
CA PHE V 11 12.81 50.87 -13.29
C PHE V 11 12.34 51.20 -11.88
N ALA V 12 11.12 50.75 -11.58
CA ALA V 12 10.41 50.93 -10.32
C ALA V 12 9.45 49.78 -10.07
N PRO V 13 9.82 48.79 -9.24
CA PRO V 13 8.90 47.69 -8.92
C PRO V 13 7.63 48.10 -8.21
N VAL V 14 6.57 47.32 -8.46
CA VAL V 14 5.29 47.45 -7.78
C VAL V 14 4.83 46.04 -7.36
N LEU V 15 3.87 46.00 -6.44
CA LEU V 15 3.45 44.73 -5.86
C LEU V 15 2.18 44.93 -5.06
N SER V 16 1.21 44.03 -5.24
CA SER V 16 -0.16 44.28 -4.80
C SER V 16 -0.76 43.06 -4.11
N ALA V 17 -1.72 43.32 -3.23
CA ALA V 17 -2.46 42.29 -2.49
C ALA V 17 -3.76 41.88 -3.18
N THR V 18 -3.96 42.26 -4.44
CA THR V 18 -5.09 41.78 -5.23
C THR V 18 -4.75 41.47 -6.68
N SER V 19 -3.66 42.01 -7.24
CA SER V 19 -3.28 41.89 -8.64
C SER V 19 -1.83 41.41 -8.75
N ARG V 20 -1.39 41.19 -9.98
CA ARG V 20 -0.05 40.70 -10.24
C ARG V 20 0.99 41.81 -10.06
N GLY V 21 2.22 41.41 -9.84
CA GLY V 21 3.33 42.35 -9.72
C GLY V 21 3.94 42.67 -11.07
N VAL V 22 4.35 43.92 -11.23
CA VAL V 22 4.83 44.41 -12.51
C VAL V 22 6.27 44.90 -12.32
N ALA V 23 7.05 44.78 -13.40
CA ALA V 23 8.46 45.17 -13.41
C ALA V 23 8.57 46.54 -14.08
N GLY V 24 8.40 47.59 -13.27
CA GLY V 24 8.69 48.95 -13.66
C GLY V 24 8.14 49.39 -15.01
N ALA V 25 8.83 50.34 -15.65
CA ALA V 25 8.52 50.66 -17.02
C ALA V 25 8.85 49.47 -17.91
N LEU V 26 8.64 49.62 -19.22
CA LEU V 26 9.18 48.65 -20.18
C LEU V 26 10.49 49.15 -20.77
N ARG V 27 10.41 50.28 -21.47
CA ARG V 27 11.39 50.92 -22.33
C ARG V 27 10.55 52.16 -22.67
N PRO V 28 11.04 53.22 -23.33
CA PRO V 28 10.10 54.26 -23.73
C PRO V 28 8.93 53.68 -24.52
N LEU V 29 9.22 52.83 -25.52
CA LEU V 29 8.20 51.98 -26.15
C LEU V 29 8.90 50.77 -26.77
N VAL V 30 8.19 50.08 -27.66
CA VAL V 30 8.47 48.69 -27.99
C VAL V 30 9.17 48.46 -29.33
N GLN V 31 9.91 49.46 -29.85
CA GLN V 31 10.48 49.34 -31.19
C GLN V 31 11.19 48.03 -31.45
N ALA V 32 11.70 47.37 -30.41
CA ALA V 32 12.63 46.25 -30.59
C ALA V 32 12.01 45.06 -31.30
N ALA V 33 10.68 45.00 -31.41
CA ALA V 33 10.00 43.86 -32.00
C ALA V 33 9.52 44.10 -33.43
N LEU V 34 9.60 45.34 -33.95
CA LEU V 34 9.07 45.61 -35.28
C LEU V 34 9.86 44.90 -36.37
N PRO V 35 11.19 44.97 -36.41
CA PRO V 35 11.95 43.96 -37.17
C PRO V 35 11.77 42.57 -36.54
N ALA V 36 11.83 41.56 -37.40
CA ALA V 36 11.50 40.20 -36.98
C ALA V 36 12.59 39.62 -36.09
N THR V 37 12.34 38.39 -35.63
CA THR V 37 13.26 37.60 -34.81
C THR V 37 13.49 38.23 -33.44
N SER V 38 12.42 38.30 -32.65
CA SER V 38 12.54 38.47 -31.20
C SER V 38 11.65 37.41 -30.57
N GLU V 39 12.20 36.21 -30.39
CA GLU V 39 11.42 35.03 -30.06
C GLU V 39 10.75 35.11 -28.69
N SER V 40 11.19 36.03 -27.82
CA SER V 40 10.63 36.18 -26.48
C SER V 40 10.79 34.88 -25.71
N PRO V 41 12.02 34.53 -25.30
CA PRO V 41 12.30 33.21 -24.69
C PRO V 41 11.31 32.77 -23.62
N VAL V 42 11.16 31.45 -23.49
CA VAL V 42 10.09 30.82 -22.73
C VAL V 42 10.65 29.55 -22.09
N LEU V 43 9.78 28.78 -21.43
CA LEU V 43 10.09 27.49 -20.82
C LEU V 43 10.95 27.64 -19.56
N ASP V 44 10.48 28.49 -18.64
CA ASP V 44 11.20 28.79 -17.41
C ASP V 44 10.24 28.91 -16.22
N ALA V 45 9.26 28.01 -16.13
CA ALA V 45 8.13 28.19 -15.22
C ALA V 45 7.50 29.57 -15.44
N LYS V 46 6.95 29.72 -16.64
CA LYS V 46 6.74 31.00 -17.31
C LYS V 46 5.60 31.82 -16.66
N ARG V 47 5.53 33.10 -17.06
CA ARG V 47 4.52 34.04 -16.59
C ARG V 47 3.52 34.38 -17.71
N SER V 48 2.24 34.26 -17.42
CA SER V 48 1.21 34.32 -18.46
C SER V 48 1.06 35.74 -19.02
N PHE V 49 0.06 35.91 -19.88
CA PHE V 49 0.01 37.05 -20.78
C PHE V 49 -1.23 37.92 -20.56
N LEU V 50 -1.16 39.11 -21.16
CA LEU V 50 -2.27 40.06 -21.36
C LEU V 50 -2.65 40.76 -20.06
N CYS V 51 -2.08 40.30 -18.94
CA CYS V 51 -2.21 40.98 -17.65
C CYS V 51 -3.67 41.20 -17.28
N ARG V 52 -4.37 40.09 -17.07
CA ARG V 52 -5.79 40.10 -16.71
C ARG V 52 -5.98 40.55 -15.26
N GLU V 53 -5.92 41.84 -15.03
CA GLU V 53 -5.97 42.42 -13.69
C GLU V 53 -7.18 43.30 -13.47
N SER V 54 -7.49 44.18 -14.41
CA SER V 54 -8.60 45.13 -14.29
C SER V 54 -9.48 45.00 -15.51
N LEU V 55 -10.77 44.86 -15.29
CA LEU V 55 -11.75 44.65 -16.35
C LEU V 55 -12.70 45.84 -16.43
N SER V 56 -13.69 45.72 -17.31
CA SER V 56 -14.91 46.53 -17.26
C SER V 56 -16.09 45.73 -16.75
N GLY V 57 -16.34 44.56 -17.32
CA GLY V 57 -17.40 43.69 -16.87
C GLY V 57 -16.98 42.24 -16.73
#